data_2P88
#
_entry.id   2P88
#
_cell.length_a   135.953
_cell.length_b   94.610
_cell.length_c   135.956
_cell.angle_alpha   90.00
_cell.angle_beta   90.16
_cell.angle_gamma   90.00
#
_symmetry.space_group_name_H-M   'P 1 21 1'
#
loop_
_entity.id
_entity.type
_entity.pdbx_description
1 polymer 'Mandelate racemase/muconate lactonizing enzyme family protein'
2 non-polymer 'MAGNESIUM ION'
3 water water
#
_entity_poly.entity_id   1
_entity_poly.type   'polypeptide(L)'
_entity_poly.pdbx_seq_one_letter_code
;MKITAIHLYAIRLPLRNPFVISYGSYSDMPSIIVKMETDEGIIGYGEGVADDHVTGESWESTFHTLKHTLTPALIGQNPM
NIEKIHDMMDNTIYGVPTAKAAIDIACFDIMGKKLNQPVYQLIGGRYHEEFPVTHVLSIADPENMAEEAASMIQKGYQSF
KMKVGTNVKEDVKRIEAVRERVGNDIAIRVDVNQGWKNSANTLTALRSLGHLNIDWIEQPVIADDIDAMAHIRSKTDLPL
MIDEGLKSSREMRQIIKLEAADKVNIKLMKCGGIYPAVKLAHQAEMAGIECQVGSMVESSVASSAGFHVAFSKKIITSVE
LTGPLKFTKDIGNLHYDVPFIRLNEKPGLGIEINEDTLQELTVFQDIVR
;
_entity_poly.pdbx_strand_id   A,B,C,D,E,F,G,H
#
# COMPACT_ATOMS: atom_id res chain seq x y z
N MET A 1 -2.20 -32.15 40.60
CA MET A 1 -0.73 -32.15 40.88
C MET A 1 -0.28 -30.76 41.31
N LYS A 2 0.75 -30.70 42.15
CA LYS A 2 1.26 -29.41 42.62
C LYS A 2 2.78 -29.37 42.69
N ILE A 3 3.35 -28.24 42.32
CA ILE A 3 4.79 -28.07 42.38
C ILE A 3 5.12 -27.83 43.84
N THR A 4 6.03 -28.62 44.39
CA THR A 4 6.40 -28.49 45.80
C THR A 4 7.73 -27.78 46.00
N ALA A 5 8.64 -27.95 45.05
CA ALA A 5 9.94 -27.31 45.14
C ALA A 5 10.62 -27.23 43.79
N ILE A 6 11.53 -26.28 43.66
CA ILE A 6 12.27 -26.10 42.42
C ILE A 6 13.73 -25.84 42.77
N HIS A 7 14.62 -26.71 42.28
CA HIS A 7 16.04 -26.58 42.52
C HIS A 7 16.66 -25.86 41.33
N LEU A 8 17.58 -24.94 41.61
CA LEU A 8 18.24 -24.19 40.55
C LEU A 8 19.73 -24.48 40.59
N TYR A 9 20.28 -24.93 39.47
CA TYR A 9 21.70 -25.25 39.39
C TYR A 9 22.37 -24.39 38.33
N ALA A 10 23.29 -23.53 38.75
CA ALA A 10 24.03 -22.71 37.80
C ALA A 10 25.27 -23.52 37.44
N ILE A 11 25.25 -24.18 36.29
CA ILE A 11 26.38 -25.02 35.89
C ILE A 11 27.17 -24.45 34.72
N ARG A 12 28.23 -25.15 34.37
CA ARG A 12 29.08 -24.77 33.26
C ARG A 12 29.45 -26.02 32.47
N LEU A 13 28.99 -26.09 31.23
CA LEU A 13 29.26 -27.23 30.37
C LEU A 13 30.57 -27.00 29.60
N PRO A 14 31.58 -27.85 29.84
CA PRO A 14 32.89 -27.75 29.17
C PRO A 14 32.86 -28.08 27.68
N LEU A 15 33.50 -27.24 26.87
CA LEU A 15 33.55 -27.43 25.42
C LEU A 15 34.88 -27.98 24.95
N ARG A 16 34.81 -28.95 24.03
CA ARG A 16 36.01 -29.57 23.48
C ARG A 16 36.89 -28.52 22.79
N ASN A 17 36.25 -27.57 22.10
CA ASN A 17 36.97 -26.51 21.40
C ASN A 17 36.18 -25.20 21.50
N PRO A 18 36.87 -24.05 21.41
CA PRO A 18 36.19 -22.75 21.48
C PRO A 18 35.17 -22.57 20.35
N PHE A 19 33.94 -22.20 20.71
CA PHE A 19 32.87 -21.97 19.73
C PHE A 19 32.95 -20.50 19.28
N VAL A 20 33.27 -20.28 18.00
CA VAL A 20 33.41 -18.91 17.49
C VAL A 20 32.36 -18.45 16.48
N ILE A 21 31.72 -17.32 16.78
CA ILE A 21 30.71 -16.75 15.90
C ILE A 21 30.97 -15.27 15.67
N SER A 22 30.10 -14.61 14.93
CA SER A 22 30.25 -13.19 14.60
C SER A 22 30.46 -12.23 15.77
N TYR A 23 29.66 -12.37 16.84
CA TYR A 23 29.75 -11.47 17.97
C TYR A 23 30.36 -12.02 19.27
N GLY A 24 31.25 -13.00 19.16
CA GLY A 24 31.88 -13.54 20.36
C GLY A 24 32.48 -14.93 20.26
N SER A 25 33.37 -15.24 21.20
CA SER A 25 34.03 -16.54 21.26
C SER A 25 33.69 -17.19 22.60
N TYR A 26 33.42 -18.50 22.58
CA TYR A 26 33.05 -19.24 23.79
C TYR A 26 33.98 -20.42 24.11
N SER A 27 34.54 -20.41 25.32
CA SER A 27 35.45 -21.48 25.75
C SER A 27 34.65 -22.58 26.42
N ASP A 28 33.47 -22.23 26.93
CA ASP A 28 32.56 -23.19 27.59
C ASP A 28 31.16 -22.59 27.53
N MET A 29 30.18 -23.24 28.15
CA MET A 29 28.83 -22.72 28.09
C MET A 29 28.05 -22.70 29.40
N PRO A 30 27.86 -21.51 29.99
CA PRO A 30 27.12 -21.37 31.25
C PRO A 30 25.68 -21.78 31.01
N SER A 31 25.06 -22.41 32.00
CA SER A 31 23.69 -22.85 31.85
C SER A 31 22.99 -22.93 33.19
N ILE A 32 21.67 -22.81 33.18
CA ILE A 32 20.89 -22.91 34.39
C ILE A 32 20.02 -24.14 34.26
N ILE A 33 20.11 -25.05 35.23
CA ILE A 33 19.32 -26.27 35.21
C ILE A 33 18.27 -26.19 36.31
N VAL A 34 17.07 -26.70 36.03
CA VAL A 34 16.03 -26.69 37.04
C VAL A 34 15.50 -28.09 37.29
N LYS A 35 15.28 -28.42 38.57
CA LYS A 35 14.71 -29.72 38.92
C LYS A 35 13.42 -29.34 39.60
N MET A 36 12.31 -29.78 39.03
CA MET A 36 10.99 -29.47 39.56
C MET A 36 10.39 -30.65 40.29
N GLU A 37 10.06 -30.47 41.56
CA GLU A 37 9.46 -31.52 42.37
C GLU A 37 7.96 -31.29 42.54
N THR A 38 7.20 -32.37 42.52
CA THR A 38 5.75 -32.31 42.65
C THR A 38 5.26 -33.12 43.85
N ASP A 39 4.06 -32.81 44.32
CA ASP A 39 3.50 -33.53 45.46
C ASP A 39 3.30 -35.00 45.13
N GLU A 40 3.36 -35.35 43.84
CA GLU A 40 3.18 -36.74 43.44
C GLU A 40 4.51 -37.48 43.27
N GLY A 41 5.59 -36.88 43.76
CA GLY A 41 6.89 -37.53 43.66
C GLY A 41 7.54 -37.52 42.30
N ILE A 42 6.79 -37.09 41.29
CA ILE A 42 7.32 -37.02 39.93
C ILE A 42 8.21 -35.81 39.78
N ILE A 43 9.40 -35.99 39.19
CA ILE A 43 10.29 -34.86 39.01
C ILE A 43 10.63 -34.59 37.54
N GLY A 44 10.79 -33.31 37.22
CA GLY A 44 11.11 -32.92 35.86
C GLY A 44 12.34 -32.03 35.78
N TYR A 45 13.07 -32.14 34.67
CA TYR A 45 14.25 -31.32 34.48
C TYR A 45 14.04 -30.33 33.35
N GLY A 46 14.52 -29.11 33.57
CA GLY A 46 14.41 -28.09 32.55
C GLY A 46 15.76 -27.42 32.44
N GLU A 47 15.94 -26.62 31.40
CA GLU A 47 17.21 -25.94 31.21
C GLU A 47 17.04 -24.58 30.55
N GLY A 48 17.90 -23.67 30.96
CA GLY A 48 17.90 -22.34 30.41
C GLY A 48 19.33 -21.93 30.12
N VAL A 49 19.65 -21.74 28.85
CA VAL A 49 20.99 -21.31 28.49
C VAL A 49 20.80 -19.96 27.82
N ALA A 50 21.22 -18.92 28.53
CA ALA A 50 21.09 -17.56 28.08
C ALA A 50 22.18 -17.06 27.14
N ASP A 51 21.75 -16.23 26.18
CA ASP A 51 22.66 -15.61 25.24
C ASP A 51 22.43 -14.11 25.38
N ASP A 52 23.33 -13.46 26.11
CA ASP A 52 23.26 -12.04 26.38
C ASP A 52 23.03 -11.21 25.12
N HIS A 53 23.65 -11.62 24.03
CA HIS A 53 23.55 -10.89 22.78
C HIS A 53 22.24 -11.03 22.01
N VAL A 54 21.40 -11.98 22.41
CA VAL A 54 20.15 -12.20 21.70
C VAL A 54 18.89 -11.83 22.46
N THR A 55 18.75 -12.30 23.68
CA THR A 55 17.56 -12.00 24.47
C THR A 55 17.82 -11.08 25.65
N GLY A 56 19.06 -10.64 25.80
CA GLY A 56 19.37 -9.76 26.91
C GLY A 56 19.24 -10.43 28.27
N GLU A 57 19.46 -11.73 28.32
CA GLU A 57 19.41 -12.48 29.56
C GLU A 57 20.82 -13.01 29.75
N SER A 58 21.27 -13.09 31.00
CA SER A 58 22.60 -13.60 31.27
C SER A 58 22.47 -14.80 32.19
N TRP A 59 23.58 -15.51 32.36
CA TRP A 59 23.65 -16.69 33.20
C TRP A 59 23.15 -16.37 34.60
N GLU A 60 23.79 -15.40 35.24
CA GLU A 60 23.40 -15.01 36.59
C GLU A 60 22.02 -14.37 36.65
N SER A 61 21.71 -13.50 35.68
CA SER A 61 20.41 -12.83 35.68
C SER A 61 19.27 -13.83 35.56
N THR A 62 19.46 -14.86 34.75
CA THR A 62 18.43 -15.88 34.58
C THR A 62 18.22 -16.68 35.87
N PHE A 63 19.33 -17.00 36.52
CA PHE A 63 19.28 -17.75 37.77
C PHE A 63 18.43 -16.99 38.78
N HIS A 64 18.70 -15.69 38.90
CA HIS A 64 17.97 -14.88 39.85
C HIS A 64 16.52 -14.55 39.50
N THR A 65 16.20 -14.34 38.23
CA THR A 65 14.79 -14.04 37.94
C THR A 65 14.02 -15.32 38.18
N LEU A 66 14.70 -16.46 38.06
CA LEU A 66 14.03 -17.74 38.32
C LEU A 66 13.83 -17.86 39.83
N LYS A 67 14.90 -17.58 40.58
CA LYS A 67 14.85 -17.67 42.03
C LYS A 67 13.91 -16.73 42.76
N HIS A 68 14.01 -15.44 42.48
CA HIS A 68 13.20 -14.44 43.16
C HIS A 68 11.89 -14.02 42.52
N THR A 69 11.75 -14.23 41.21
CA THR A 69 10.54 -13.81 40.51
C THR A 69 9.62 -14.91 40.02
N LEU A 70 10.13 -15.81 39.19
CA LEU A 70 9.29 -16.87 38.65
C LEU A 70 8.96 -18.05 39.58
N THR A 71 9.97 -18.69 40.17
CA THR A 71 9.68 -19.85 41.01
C THR A 71 8.77 -19.62 42.21
N PRO A 72 8.95 -18.51 42.93
CA PRO A 72 8.05 -18.33 44.08
C PRO A 72 6.58 -18.30 43.68
N ALA A 73 6.28 -17.75 42.50
CA ALA A 73 4.90 -17.68 42.02
C ALA A 73 4.40 -19.02 41.47
N LEU A 74 5.32 -19.96 41.26
CA LEU A 74 4.95 -21.25 40.70
C LEU A 74 4.72 -22.36 41.73
N ILE A 75 5.21 -22.17 42.94
CA ILE A 75 5.02 -23.17 44.00
C ILE A 75 3.53 -23.34 44.24
N GLY A 76 3.09 -24.60 44.28
CA GLY A 76 1.68 -24.87 44.49
C GLY A 76 0.90 -24.88 43.19
N GLN A 77 1.54 -24.46 42.11
CA GLN A 77 0.90 -24.42 40.80
C GLN A 77 0.97 -25.80 40.12
N ASN A 78 0.01 -26.09 39.25
CA ASN A 78 -0.05 -27.38 38.55
C ASN A 78 0.71 -27.39 37.22
N PRO A 79 1.80 -28.18 37.14
CA PRO A 79 2.62 -28.27 35.92
C PRO A 79 1.95 -28.95 34.73
N MET A 80 0.81 -29.57 34.96
CA MET A 80 0.08 -30.24 33.90
C MET A 80 -0.66 -29.24 33.01
N ASN A 81 -0.98 -28.08 33.58
CA ASN A 81 -1.70 -27.03 32.82
C ASN A 81 -0.69 -26.06 32.26
N ILE A 82 -0.07 -26.47 31.16
CA ILE A 82 0.96 -25.68 30.53
C ILE A 82 0.50 -24.26 30.13
N GLU A 83 -0.70 -24.14 29.57
CA GLU A 83 -1.24 -22.83 29.18
C GLU A 83 -1.34 -21.93 30.42
N LYS A 84 -1.80 -22.51 31.52
CA LYS A 84 -1.94 -21.81 32.79
C LYS A 84 -0.56 -21.39 33.34
N ILE A 85 0.38 -22.33 33.33
CA ILE A 85 1.74 -22.07 33.80
C ILE A 85 2.33 -20.86 33.08
N HIS A 86 2.17 -20.81 31.76
CA HIS A 86 2.68 -19.68 31.00
C HIS A 86 1.93 -18.40 31.28
N ASP A 87 0.63 -18.52 31.53
CA ASP A 87 -0.16 -17.33 31.83
C ASP A 87 0.35 -16.70 33.12
N MET A 88 0.63 -17.54 34.12
CA MET A 88 1.14 -17.08 35.40
C MET A 88 2.49 -16.39 35.20
N MET A 89 3.41 -17.04 34.51
CA MET A 89 4.73 -16.46 34.27
C MET A 89 4.65 -15.13 33.51
N ASP A 90 3.88 -15.09 32.42
CA ASP A 90 3.76 -13.86 31.65
C ASP A 90 3.17 -12.72 32.49
N ASN A 91 2.22 -13.07 33.37
CA ASN A 91 1.59 -12.08 34.22
C ASN A 91 2.56 -11.54 35.27
N THR A 92 3.46 -12.37 35.76
CA THR A 92 4.39 -11.89 36.78
C THR A 92 5.57 -11.15 36.15
N ILE A 93 5.97 -11.53 34.94
CA ILE A 93 7.07 -10.83 34.29
C ILE A 93 7.02 -10.95 32.77
N TYR A 94 7.33 -9.84 32.10
CA TYR A 94 7.34 -9.77 30.64
C TYR A 94 8.67 -10.27 30.09
N GLY A 95 8.65 -10.90 28.91
CA GLY A 95 9.87 -11.38 28.29
C GLY A 95 10.59 -12.50 29.03
N VAL A 96 11.90 -12.33 29.23
CA VAL A 96 12.67 -13.34 29.95
C VAL A 96 12.35 -14.76 29.41
N PRO A 97 12.42 -14.93 28.08
CA PRO A 97 12.12 -16.25 27.49
C PRO A 97 13.00 -17.41 27.94
N THR A 98 14.29 -17.16 28.17
CA THR A 98 15.19 -18.24 28.59
C THR A 98 14.79 -18.76 29.96
N ALA A 99 14.51 -17.87 30.88
CA ALA A 99 14.12 -18.31 32.21
C ALA A 99 12.83 -19.08 32.11
N LYS A 100 11.88 -18.57 31.34
CA LYS A 100 10.60 -19.25 31.20
C LYS A 100 10.73 -20.60 30.53
N ALA A 101 11.69 -20.72 29.62
CA ALA A 101 11.90 -21.96 28.89
C ALA A 101 12.34 -23.05 29.85
N ALA A 102 13.21 -22.69 30.77
CA ALA A 102 13.72 -23.63 31.77
C ALA A 102 12.58 -24.26 32.54
N ILE A 103 11.57 -23.45 32.86
CA ILE A 103 10.43 -23.94 33.61
C ILE A 103 9.49 -24.74 32.73
N ASP A 104 9.29 -24.25 31.51
CA ASP A 104 8.42 -24.89 30.54
C ASP A 104 8.86 -26.32 30.28
N ILE A 105 10.16 -26.49 30.07
CA ILE A 105 10.71 -27.79 29.78
C ILE A 105 10.51 -28.78 30.91
N ALA A 106 10.74 -28.35 32.14
CA ALA A 106 10.55 -29.23 33.30
C ALA A 106 9.09 -29.66 33.41
N CYS A 107 8.17 -28.75 33.11
CA CYS A 107 6.75 -29.08 33.18
C CYS A 107 6.41 -30.17 32.17
N PHE A 108 6.97 -30.09 30.96
CA PHE A 108 6.67 -31.10 29.95
C PHE A 108 7.30 -32.43 30.33
N ASP A 109 8.48 -32.37 30.93
CA ASP A 109 9.18 -33.57 31.36
C ASP A 109 8.26 -34.29 32.36
N ILE A 110 7.79 -33.54 33.36
CA ILE A 110 6.89 -34.08 34.36
C ILE A 110 5.62 -34.61 33.69
N MET A 111 5.09 -33.86 32.74
CA MET A 111 3.87 -34.26 32.06
C MET A 111 4.05 -35.61 31.37
N GLY A 112 5.14 -35.75 30.64
CA GLY A 112 5.41 -36.98 29.93
C GLY A 112 5.63 -38.15 30.87
N LYS A 113 6.40 -37.93 31.93
CA LYS A 113 6.66 -38.99 32.89
C LYS A 113 5.34 -39.38 33.54
N LYS A 114 4.54 -38.40 33.92
CA LYS A 114 3.24 -38.65 34.52
C LYS A 114 2.34 -39.52 33.63
N LEU A 115 2.31 -39.23 32.34
CA LEU A 115 1.47 -39.98 31.42
C LEU A 115 2.24 -41.14 30.77
N ASN A 116 3.46 -41.35 31.26
CA ASN A 116 4.34 -42.41 30.74
C ASN A 116 4.31 -42.31 29.22
N GLN A 117 4.79 -41.18 28.73
CA GLN A 117 4.77 -40.93 27.31
C GLN A 117 5.83 -39.89 26.97
N PRO A 118 6.42 -39.96 25.77
CA PRO A 118 7.44 -38.96 25.42
C PRO A 118 6.78 -37.60 25.17
N VAL A 119 7.53 -36.54 25.38
CA VAL A 119 7.00 -35.20 25.20
C VAL A 119 6.30 -34.97 23.86
N TYR A 120 6.91 -35.38 22.75
CA TYR A 120 6.30 -35.15 21.46
C TYR A 120 4.88 -35.67 21.37
N GLN A 121 4.57 -36.66 22.20
CA GLN A 121 3.23 -37.22 22.20
C GLN A 121 2.22 -36.24 22.80
N LEU A 122 2.71 -35.29 23.60
CA LEU A 122 1.83 -34.32 24.23
C LEU A 122 1.64 -33.07 23.37
N ILE A 123 2.39 -32.97 22.28
CA ILE A 123 2.26 -31.79 21.44
C ILE A 123 1.99 -32.08 19.98
N GLY A 124 1.28 -33.16 19.69
CA GLY A 124 0.98 -33.48 18.31
C GLY A 124 1.31 -34.89 17.86
N GLY A 125 2.06 -35.62 18.70
CA GLY A 125 2.44 -36.97 18.36
C GLY A 125 3.72 -36.99 17.55
N ARG A 126 4.17 -38.17 17.13
CA ARG A 126 5.40 -38.25 16.35
C ARG A 126 5.08 -38.09 14.88
N TYR A 127 5.83 -37.22 14.20
CA TYR A 127 5.61 -37.02 12.79
C TYR A 127 6.83 -37.46 12.00
N HIS A 128 8.01 -37.08 12.49
CA HIS A 128 9.26 -37.43 11.85
C HIS A 128 9.89 -38.69 12.45
N GLU A 129 10.64 -39.41 11.64
CA GLU A 129 11.33 -40.62 12.09
C GLU A 129 12.74 -40.23 12.50
N GLU A 130 13.36 -39.37 11.69
CA GLU A 130 14.72 -38.91 11.95
C GLU A 130 14.98 -37.61 11.18
N PHE A 131 16.06 -36.93 11.51
CA PHE A 131 16.47 -35.71 10.82
C PHE A 131 17.96 -35.85 10.58
N PRO A 132 18.46 -35.31 9.45
CA PRO A 132 19.91 -35.42 9.24
C PRO A 132 20.54 -34.37 10.16
N VAL A 133 21.78 -34.56 10.56
CA VAL A 133 22.44 -33.59 11.43
C VAL A 133 23.42 -32.82 10.58
N THR A 134 23.46 -31.49 10.72
CA THR A 134 24.41 -30.74 9.93
C THR A 134 25.53 -30.22 10.83
N HIS A 135 26.76 -30.27 10.33
CA HIS A 135 27.89 -29.84 11.13
C HIS A 135 28.20 -28.34 11.03
N VAL A 136 28.18 -27.65 12.17
CA VAL A 136 28.46 -26.21 12.19
C VAL A 136 29.95 -25.93 12.33
N LEU A 137 30.50 -25.22 11.36
CA LEU A 137 31.91 -24.87 11.34
C LEU A 137 32.09 -23.45 11.90
N SER A 138 32.72 -23.33 13.07
CA SER A 138 32.96 -22.03 13.69
C SER A 138 33.84 -21.13 12.83
N ILE A 139 33.69 -19.81 13.02
CA ILE A 139 34.47 -18.83 12.26
C ILE A 139 35.98 -19.10 12.35
N ALA A 140 36.57 -19.41 11.20
CA ALA A 140 38.00 -19.69 11.12
C ALA A 140 38.51 -19.15 9.78
N ASP A 141 39.77 -19.40 9.49
CA ASP A 141 40.36 -18.95 8.23
C ASP A 141 39.87 -19.82 7.07
N PRO A 142 39.81 -19.23 5.85
CA PRO A 142 39.37 -19.90 4.63
C PRO A 142 39.81 -21.35 4.45
N GLU A 143 41.03 -21.69 4.84
CA GLU A 143 41.46 -23.07 4.69
C GLU A 143 41.25 -23.91 5.95
N ASN A 144 41.15 -23.23 7.09
CA ASN A 144 40.92 -23.91 8.36
C ASN A 144 39.49 -24.40 8.43
N MET A 145 38.60 -23.72 7.70
CA MET A 145 37.19 -24.11 7.65
C MET A 145 36.99 -25.15 6.54
N ALA A 146 37.68 -24.97 5.42
CA ALA A 146 37.60 -25.90 4.30
C ALA A 146 38.08 -27.26 4.77
N GLU A 147 39.05 -27.23 5.68
CA GLU A 147 39.63 -28.44 6.23
C GLU A 147 38.73 -29.15 7.24
N GLU A 148 38.22 -28.41 8.23
CA GLU A 148 37.34 -29.00 9.25
C GLU A 148 36.15 -29.69 8.61
N ALA A 149 35.78 -29.24 7.41
CA ALA A 149 34.65 -29.83 6.68
C ALA A 149 35.11 -31.11 5.99
N ALA A 150 36.36 -31.10 5.54
CA ALA A 150 36.93 -32.27 4.88
C ALA A 150 36.89 -33.46 5.82
N SER A 151 37.17 -33.20 7.09
CA SER A 151 37.19 -34.23 8.14
C SER A 151 35.80 -34.83 8.38
N MET A 152 34.87 -33.98 8.80
CA MET A 152 33.51 -34.41 9.07
C MET A 152 32.88 -35.11 7.87
N ILE A 153 33.34 -34.75 6.67
CA ILE A 153 32.82 -35.35 5.45
C ILE A 153 32.95 -36.86 5.52
N GLN A 154 34.13 -37.32 5.92
CA GLN A 154 34.41 -38.76 6.03
C GLN A 154 33.95 -39.32 7.37
N LYS A 155 32.72 -39.01 7.75
CA LYS A 155 32.13 -39.47 9.00
C LYS A 155 30.63 -39.53 8.79
N GLY A 156 30.21 -39.38 7.54
CA GLY A 156 28.80 -39.44 7.19
C GLY A 156 28.10 -38.13 6.90
N TYR A 157 28.57 -37.04 7.51
CA TYR A 157 27.97 -35.73 7.32
C TYR A 157 27.66 -35.37 5.88
N GLN A 158 26.41 -34.96 5.64
CA GLN A 158 25.92 -34.60 4.32
C GLN A 158 25.72 -33.08 4.12
N SER A 159 25.64 -32.34 5.22
CA SER A 159 25.44 -30.88 5.12
C SER A 159 26.16 -30.11 6.22
N PHE A 160 26.62 -28.92 5.86
CA PHE A 160 27.34 -28.07 6.80
C PHE A 160 26.76 -26.64 6.89
N LYS A 161 27.09 -25.99 7.99
CA LYS A 161 26.66 -24.61 8.24
C LYS A 161 27.90 -23.80 8.53
N MET A 162 28.19 -22.83 7.68
CA MET A 162 29.35 -21.99 7.88
C MET A 162 28.98 -20.73 8.63
N LYS A 163 29.66 -20.49 9.76
CA LYS A 163 29.44 -19.29 10.54
C LYS A 163 30.38 -18.25 9.93
N VAL A 164 29.83 -17.13 9.45
CA VAL A 164 30.66 -16.09 8.87
C VAL A 164 30.22 -14.75 9.47
N GLY A 165 30.64 -13.65 8.84
CA GLY A 165 30.24 -12.34 9.33
C GLY A 165 31.27 -11.43 9.98
N THR A 166 32.54 -11.56 9.61
CA THR A 166 33.56 -10.68 10.19
C THR A 166 33.84 -9.61 9.15
N ASN A 167 33.93 -10.02 7.89
CA ASN A 167 34.18 -9.12 6.79
C ASN A 167 33.73 -9.74 5.48
N VAL A 168 32.75 -9.12 4.85
CA VAL A 168 32.18 -9.60 3.58
C VAL A 168 33.22 -10.16 2.60
N LYS A 169 34.28 -9.40 2.33
CA LYS A 169 35.30 -9.84 1.40
C LYS A 169 35.99 -11.11 1.90
N GLU A 170 36.06 -11.26 3.22
CA GLU A 170 36.70 -12.42 3.83
C GLU A 170 35.74 -13.60 3.95
N ASP A 171 34.53 -13.33 4.45
CA ASP A 171 33.53 -14.38 4.60
C ASP A 171 33.33 -15.10 3.27
N VAL A 172 33.26 -14.34 2.18
CA VAL A 172 33.08 -14.93 0.86
C VAL A 172 34.27 -15.84 0.57
N LYS A 173 35.45 -15.34 0.90
CA LYS A 173 36.71 -16.05 0.71
C LYS A 173 36.61 -17.46 1.29
N ARG A 174 36.01 -17.58 2.47
CA ARG A 174 35.86 -18.87 3.14
C ARG A 174 34.84 -19.79 2.47
N ILE A 175 33.77 -19.22 1.90
CA ILE A 175 32.73 -20.03 1.27
C ILE A 175 33.17 -20.91 0.10
N GLU A 176 33.58 -20.32 -1.02
CA GLU A 176 33.99 -21.14 -2.16
C GLU A 176 35.13 -22.04 -1.72
N ALA A 177 35.84 -21.60 -0.68
CA ALA A 177 36.94 -22.39 -0.14
C ALA A 177 36.41 -23.78 0.22
N VAL A 178 35.42 -23.84 1.11
CA VAL A 178 34.86 -25.13 1.53
C VAL A 178 33.97 -25.75 0.45
N ARG A 179 33.31 -24.91 -0.34
CA ARG A 179 32.45 -25.43 -1.40
C ARG A 179 33.30 -26.23 -2.38
N GLU A 180 34.42 -25.64 -2.78
CA GLU A 180 35.34 -26.27 -3.72
C GLU A 180 35.90 -27.54 -3.06
N ARG A 181 36.29 -27.40 -1.81
CA ARG A 181 36.86 -28.49 -0.99
C ARG A 181 35.95 -29.71 -0.81
N VAL A 182 34.62 -29.51 -0.82
CA VAL A 182 33.67 -30.62 -0.62
C VAL A 182 32.83 -31.05 -1.82
N GLY A 183 33.13 -30.53 -2.99
CA GLY A 183 32.35 -30.91 -4.16
C GLY A 183 31.03 -30.17 -4.24
N ASN A 184 30.13 -30.66 -5.10
CA ASN A 184 28.85 -30.00 -5.30
C ASN A 184 27.64 -30.88 -4.96
N ASP A 185 27.81 -31.76 -3.98
CA ASP A 185 26.71 -32.65 -3.56
C ASP A 185 26.48 -32.48 -2.07
N ILE A 186 27.43 -31.82 -1.41
CA ILE A 186 27.35 -31.55 0.01
C ILE A 186 26.57 -30.24 0.21
N ALA A 187 25.48 -30.30 0.97
CA ALA A 187 24.66 -29.13 1.24
C ALA A 187 25.41 -28.13 2.10
N ILE A 188 25.27 -26.86 1.78
CA ILE A 188 25.94 -25.80 2.53
C ILE A 188 25.00 -24.64 2.82
N ARG A 189 24.91 -24.26 4.10
CA ARG A 189 24.07 -23.14 4.53
C ARG A 189 24.99 -22.17 5.27
N VAL A 190 24.76 -20.87 5.12
CA VAL A 190 25.61 -19.92 5.81
C VAL A 190 24.85 -19.03 6.77
N ASP A 191 25.42 -18.84 7.95
CA ASP A 191 24.83 -18.02 8.99
C ASP A 191 25.81 -16.90 9.30
N VAL A 192 25.39 -15.65 9.11
CA VAL A 192 26.29 -14.54 9.35
C VAL A 192 26.08 -13.83 10.69
N ASN A 193 25.14 -14.33 11.48
CA ASN A 193 24.85 -13.75 12.80
C ASN A 193 24.90 -12.22 12.82
N GLN A 194 24.12 -11.60 11.93
CA GLN A 194 24.01 -10.15 11.84
C GLN A 194 25.26 -9.43 11.32
N GLY A 195 26.31 -10.19 11.04
CA GLY A 195 27.56 -9.63 10.56
C GLY A 195 27.56 -8.61 9.42
N TRP A 196 26.65 -8.71 8.45
CA TRP A 196 26.66 -7.74 7.37
C TRP A 196 25.88 -6.46 7.67
N LYS A 197 25.24 -6.43 8.84
CA LYS A 197 24.49 -5.26 9.33
C LYS A 197 23.28 -4.76 8.56
N ASN A 198 23.46 -4.41 7.29
CA ASN A 198 22.37 -3.87 6.50
C ASN A 198 22.20 -4.54 5.14
N SER A 199 21.18 -4.11 4.41
CA SER A 199 20.87 -4.68 3.11
C SER A 199 21.88 -4.35 2.01
N ALA A 200 22.54 -3.20 2.10
CA ALA A 200 23.51 -2.83 1.08
C ALA A 200 24.65 -3.84 1.10
N ASN A 201 25.29 -4.00 2.27
CA ASN A 201 26.40 -4.95 2.39
C ASN A 201 25.96 -6.35 2.01
N THR A 202 24.80 -6.75 2.51
CA THR A 202 24.25 -8.08 2.25
C THR A 202 24.06 -8.36 0.77
N LEU A 203 23.40 -7.43 0.07
CA LEU A 203 23.14 -7.61 -1.36
C LEU A 203 24.44 -7.67 -2.16
N THR A 204 25.45 -6.93 -1.70
CA THR A 204 26.74 -6.94 -2.37
C THR A 204 27.35 -8.32 -2.18
N ALA A 205 27.31 -8.83 -0.95
CA ALA A 205 27.85 -10.15 -0.66
C ALA A 205 27.14 -11.24 -1.48
N LEU A 206 25.82 -11.18 -1.52
CA LEU A 206 25.04 -12.17 -2.24
C LEU A 206 25.33 -12.30 -3.72
N ARG A 207 25.68 -11.21 -4.38
CA ARG A 207 25.95 -11.30 -5.81
C ARG A 207 27.21 -12.15 -6.07
N SER A 208 28.07 -12.23 -5.06
CA SER A 208 29.31 -13.01 -5.17
C SER A 208 29.10 -14.44 -4.68
N LEU A 209 27.87 -14.81 -4.37
CA LEU A 209 27.58 -16.16 -3.86
C LEU A 209 26.51 -16.89 -4.65
N GLY A 210 26.12 -16.35 -5.80
CA GLY A 210 25.08 -16.99 -6.58
C GLY A 210 25.47 -18.32 -7.21
N HIS A 211 26.75 -18.45 -7.56
CA HIS A 211 27.25 -19.67 -8.20
C HIS A 211 27.62 -20.80 -7.24
N LEU A 212 27.75 -20.48 -5.95
CA LEU A 212 28.14 -21.49 -4.97
C LEU A 212 27.04 -22.41 -4.46
N ASN A 213 25.81 -22.19 -4.94
CA ASN A 213 24.69 -23.03 -4.55
C ASN A 213 24.46 -23.17 -3.03
N ILE A 214 24.23 -22.04 -2.35
CA ILE A 214 23.98 -22.06 -0.91
C ILE A 214 22.51 -22.32 -0.64
N ASP A 215 22.20 -23.22 0.29
CA ASP A 215 20.82 -23.55 0.63
C ASP A 215 20.07 -22.32 1.12
N TRP A 216 20.70 -21.54 1.99
CA TRP A 216 20.09 -20.32 2.49
C TRP A 216 21.03 -19.46 3.31
N ILE A 217 20.74 -18.16 3.36
CA ILE A 217 21.54 -17.21 4.13
C ILE A 217 20.74 -16.93 5.40
N GLU A 218 21.42 -17.05 6.55
CA GLU A 218 20.78 -16.85 7.83
C GLU A 218 21.16 -15.51 8.48
N GLN A 219 20.14 -14.79 8.95
CA GLN A 219 20.28 -13.51 9.64
C GLN A 219 21.47 -12.66 9.20
N PRO A 220 21.42 -12.11 7.98
CA PRO A 220 22.56 -11.30 7.55
C PRO A 220 22.63 -9.90 8.18
N VAL A 221 21.49 -9.34 8.57
CA VAL A 221 21.44 -8.00 9.16
C VAL A 221 21.16 -7.99 10.66
N ILE A 222 21.25 -6.81 11.27
CA ILE A 222 20.98 -6.69 12.70
C ILE A 222 19.56 -7.17 13.00
N ALA A 223 19.46 -7.88 14.11
CA ALA A 223 18.21 -8.47 14.55
C ALA A 223 16.97 -7.60 14.43
N ASP A 224 17.02 -6.41 14.98
CA ASP A 224 15.86 -5.53 14.96
C ASP A 224 15.38 -5.07 13.58
N ASP A 225 16.21 -5.19 12.55
CA ASP A 225 15.79 -4.74 11.22
C ASP A 225 15.09 -5.77 10.36
N ILE A 226 13.81 -5.97 10.62
CA ILE A 226 13.03 -6.90 9.82
C ILE A 226 12.79 -6.27 8.45
N ASP A 227 12.67 -4.95 8.43
CA ASP A 227 12.44 -4.22 7.18
C ASP A 227 13.57 -4.50 6.19
N ALA A 228 14.80 -4.45 6.68
CA ALA A 228 15.95 -4.70 5.81
C ALA A 228 15.85 -6.11 5.24
N MET A 229 15.42 -7.04 6.06
CA MET A 229 15.28 -8.43 5.63
C MET A 229 14.28 -8.52 4.45
N ALA A 230 13.13 -7.84 4.56
CA ALA A 230 12.15 -7.85 3.49
C ALA A 230 12.71 -7.17 2.25
N HIS A 231 13.49 -6.12 2.44
CA HIS A 231 14.06 -5.43 1.29
C HIS A 231 15.03 -6.36 0.58
N ILE A 232 15.85 -7.06 1.36
CA ILE A 232 16.81 -7.99 0.77
C ILE A 232 16.05 -9.05 -0.02
N ARG A 233 15.02 -9.64 0.61
CA ARG A 233 14.24 -10.69 -0.03
C ARG A 233 13.61 -10.23 -1.33
N SER A 234 13.36 -8.93 -1.46
CA SER A 234 12.73 -8.43 -2.67
C SER A 234 13.71 -8.36 -3.83
N LYS A 235 15.00 -8.39 -3.54
CA LYS A 235 16.02 -8.30 -4.59
C LYS A 235 16.98 -9.48 -4.71
N THR A 236 16.64 -10.63 -4.16
CA THR A 236 17.52 -11.80 -4.25
C THR A 236 16.71 -13.08 -4.39
N ASP A 237 17.29 -14.09 -5.03
CA ASP A 237 16.59 -15.37 -5.18
C ASP A 237 17.15 -16.44 -4.24
N LEU A 238 18.03 -16.02 -3.34
CA LEU A 238 18.59 -16.94 -2.35
C LEU A 238 17.61 -17.00 -1.18
N PRO A 239 17.29 -18.21 -0.72
CA PRO A 239 16.35 -18.32 0.41
C PRO A 239 16.92 -17.61 1.62
N LEU A 240 16.07 -16.92 2.36
CA LEU A 240 16.51 -16.20 3.55
C LEU A 240 15.90 -16.74 4.83
N MET A 241 16.72 -16.82 5.88
CA MET A 241 16.25 -17.31 7.16
C MET A 241 16.47 -16.27 8.23
N ILE A 242 15.47 -16.07 9.08
CA ILE A 242 15.61 -15.12 10.16
C ILE A 242 15.83 -15.90 11.45
N ASP A 243 16.82 -15.47 12.23
CA ASP A 243 17.12 -16.10 13.50
C ASP A 243 16.97 -15.09 14.63
N GLU A 244 18.03 -14.34 14.92
CA GLU A 244 17.94 -13.37 16.02
C GLU A 244 16.79 -12.38 15.84
N GLY A 245 16.35 -12.20 14.60
CA GLY A 245 15.26 -11.29 14.35
C GLY A 245 13.93 -11.83 14.81
N LEU A 246 13.90 -13.11 15.16
CA LEU A 246 12.68 -13.77 15.62
C LEU A 246 12.82 -14.33 17.03
N LYS A 247 11.95 -13.90 17.93
CA LYS A 247 12.00 -14.42 19.29
C LYS A 247 10.62 -14.96 19.67
N SER A 248 9.63 -14.09 19.67
CA SER A 248 8.26 -14.45 20.02
C SER A 248 7.31 -14.15 18.86
N SER A 249 6.03 -14.45 19.08
CA SER A 249 5.00 -14.20 18.08
C SER A 249 4.97 -12.74 17.65
N ARG A 250 5.51 -11.86 18.49
CA ARG A 250 5.54 -10.44 18.19
C ARG A 250 6.30 -10.18 16.89
N GLU A 251 7.47 -10.78 16.73
CA GLU A 251 8.19 -10.56 15.48
C GLU A 251 7.68 -11.49 14.39
N MET A 252 7.11 -12.63 14.79
CA MET A 252 6.58 -13.56 13.80
C MET A 252 5.49 -12.80 13.02
N ARG A 253 4.65 -12.08 13.75
CA ARG A 253 3.60 -11.31 13.11
C ARG A 253 4.16 -10.34 12.09
N GLN A 254 5.22 -9.65 12.46
CA GLN A 254 5.85 -8.69 11.58
C GLN A 254 6.48 -9.37 10.36
N ILE A 255 7.13 -10.50 10.58
CA ILE A 255 7.76 -11.25 9.50
C ILE A 255 6.73 -11.67 8.46
N ILE A 256 5.55 -12.10 8.90
CA ILE A 256 4.49 -12.54 8.00
C ILE A 256 3.91 -11.35 7.23
N LYS A 257 3.65 -10.26 7.96
CA LYS A 257 3.08 -9.06 7.38
C LYS A 257 3.98 -8.45 6.28
N LEU A 258 5.28 -8.37 6.56
CA LEU A 258 6.22 -7.79 5.61
C LEU A 258 6.84 -8.80 4.65
N GLU A 259 6.53 -10.08 4.81
CA GLU A 259 7.09 -11.12 3.93
C GLU A 259 8.61 -11.02 3.99
N ALA A 260 9.14 -10.97 5.19
CA ALA A 260 10.57 -10.81 5.37
C ALA A 260 11.43 -12.06 5.30
N ALA A 261 10.82 -13.24 5.22
CA ALA A 261 11.66 -14.43 5.22
C ALA A 261 11.08 -15.68 4.59
N ASP A 262 11.97 -16.56 4.14
CA ASP A 262 11.56 -17.83 3.56
C ASP A 262 11.45 -18.86 4.67
N LYS A 263 12.27 -18.69 5.70
CA LYS A 263 12.24 -19.59 6.83
C LYS A 263 12.70 -18.92 8.12
N VAL A 264 12.28 -19.50 9.24
CA VAL A 264 12.63 -18.98 10.55
C VAL A 264 13.32 -20.02 11.41
N ASN A 265 14.18 -19.55 12.30
CA ASN A 265 14.93 -20.42 13.18
C ASN A 265 14.32 -20.25 14.58
N ILE A 266 13.50 -21.21 14.99
CA ILE A 266 12.87 -21.15 16.30
C ILE A 266 13.79 -21.76 17.34
N LYS A 267 13.95 -21.08 18.46
CA LYS A 267 14.78 -21.59 19.54
C LYS A 267 13.98 -21.45 20.83
N LEU A 268 13.88 -22.53 21.59
CA LEU A 268 13.12 -22.53 22.84
C LEU A 268 13.58 -21.39 23.74
N MET A 269 14.87 -21.11 23.76
CA MET A 269 15.41 -20.06 24.61
C MET A 269 14.99 -18.64 24.18
N LYS A 270 14.52 -18.50 22.93
CA LYS A 270 14.10 -17.18 22.47
C LYS A 270 12.61 -16.93 22.66
N CYS A 271 11.82 -18.00 22.73
CA CYS A 271 10.38 -17.84 22.88
C CYS A 271 9.77 -18.29 24.19
N GLY A 272 10.56 -18.96 25.02
CA GLY A 272 10.02 -19.39 26.29
C GLY A 272 9.66 -20.86 26.41
N GLY A 273 10.29 -21.71 25.60
CA GLY A 273 10.03 -23.12 25.71
C GLY A 273 9.22 -23.83 24.65
N ILE A 274 8.92 -25.09 24.95
CA ILE A 274 8.15 -25.97 24.08
C ILE A 274 6.80 -25.41 23.63
N TYR A 275 5.96 -25.02 24.59
CA TYR A 275 4.64 -24.52 24.25
C TYR A 275 4.68 -23.31 23.31
N PRO A 276 5.46 -22.27 23.64
CA PRO A 276 5.53 -21.10 22.76
C PRO A 276 6.11 -21.47 21.38
N ALA A 277 7.07 -22.41 21.36
CA ALA A 277 7.68 -22.84 20.11
C ALA A 277 6.65 -23.51 19.21
N VAL A 278 5.76 -24.30 19.80
CA VAL A 278 4.71 -24.96 19.04
C VAL A 278 3.80 -23.89 18.42
N LYS A 279 3.49 -22.86 19.21
CA LYS A 279 2.63 -21.79 18.71
C LYS A 279 3.28 -21.07 17.52
N LEU A 280 4.61 -20.88 17.59
CA LEU A 280 5.33 -20.24 16.49
C LEU A 280 5.25 -21.09 15.23
N ALA A 281 5.40 -22.40 15.39
CA ALA A 281 5.33 -23.32 14.25
C ALA A 281 3.97 -23.23 13.60
N HIS A 282 2.93 -23.15 14.42
CA HIS A 282 1.59 -23.07 13.85
C HIS A 282 1.38 -21.75 13.12
N GLN A 283 1.98 -20.69 13.65
CA GLN A 283 1.86 -19.39 13.03
C GLN A 283 2.61 -19.35 11.70
N ALA A 284 3.85 -19.84 11.71
CA ALA A 284 4.66 -19.87 10.51
C ALA A 284 3.95 -20.70 9.43
N GLU A 285 3.29 -21.77 9.85
CA GLU A 285 2.58 -22.63 8.91
C GLU A 285 1.49 -21.90 8.13
N MET A 286 0.79 -21.00 8.80
CA MET A 286 -0.28 -20.25 8.14
C MET A 286 0.23 -19.45 6.95
N ALA A 287 1.48 -18.98 7.01
CA ALA A 287 2.06 -18.19 5.93
C ALA A 287 2.99 -18.99 5.01
N GLY A 288 3.07 -20.29 5.24
CA GLY A 288 3.92 -21.13 4.41
C GLY A 288 5.39 -20.84 4.63
N ILE A 289 5.74 -20.46 5.84
CA ILE A 289 7.13 -20.18 6.18
C ILE A 289 7.72 -21.45 6.79
N GLU A 290 8.77 -22.00 6.19
CA GLU A 290 9.37 -23.21 6.73
C GLU A 290 10.10 -22.91 8.02
N CYS A 291 10.06 -23.86 8.96
CA CYS A 291 10.71 -23.68 10.24
C CYS A 291 11.86 -24.61 10.53
N GLN A 292 12.75 -24.14 11.38
CA GLN A 292 13.88 -24.92 11.82
C GLN A 292 13.91 -24.75 13.32
N VAL A 293 14.31 -25.79 14.05
CA VAL A 293 14.45 -25.66 15.47
C VAL A 293 15.96 -25.68 15.69
N GLY A 294 16.50 -24.52 16.07
CA GLY A 294 17.92 -24.43 16.33
C GLY A 294 18.09 -24.34 17.83
N SER A 295 19.20 -23.75 18.29
CA SER A 295 19.40 -23.63 19.72
C SER A 295 20.67 -22.87 20.06
N MET A 296 20.85 -22.66 21.36
CA MET A 296 22.07 -22.03 21.86
C MET A 296 22.85 -23.32 22.14
N VAL A 297 24.12 -23.26 22.48
CA VAL A 297 24.81 -24.53 22.74
C VAL A 297 24.23 -25.05 24.05
N GLU A 298 23.36 -26.05 23.95
CA GLU A 298 22.68 -26.61 25.13
C GLU A 298 22.96 -28.06 25.50
N SER A 299 22.74 -28.41 26.77
CA SER A 299 22.95 -29.77 27.24
C SER A 299 21.82 -30.65 26.69
N SER A 300 21.87 -31.93 27.04
CA SER A 300 20.87 -32.88 26.58
C SER A 300 19.45 -32.49 26.97
N VAL A 301 19.31 -31.81 28.11
CA VAL A 301 17.99 -31.40 28.59
C VAL A 301 17.23 -30.49 27.62
N ALA A 302 17.77 -29.31 27.31
CA ALA A 302 17.09 -28.40 26.40
C ALA A 302 17.11 -28.96 24.98
N SER A 303 18.22 -29.59 24.61
CA SER A 303 18.36 -30.16 23.28
C SER A 303 17.27 -31.16 22.98
N SER A 304 16.97 -32.08 23.90
CA SER A 304 15.92 -33.04 23.62
C SER A 304 14.60 -32.31 23.54
N ALA A 305 14.42 -31.32 24.42
CA ALA A 305 13.19 -30.52 24.42
C ALA A 305 12.99 -29.97 23.01
N GLY A 306 14.06 -29.43 22.45
CA GLY A 306 13.97 -28.89 21.10
C GLY A 306 13.61 -29.93 20.06
N PHE A 307 14.22 -31.11 20.16
CA PHE A 307 13.95 -32.20 19.22
C PHE A 307 12.50 -32.68 19.30
N HIS A 308 11.95 -32.74 20.51
CA HIS A 308 10.57 -33.17 20.68
C HIS A 308 9.64 -32.25 19.91
N VAL A 309 9.94 -30.95 19.93
CA VAL A 309 9.11 -30.01 19.19
C VAL A 309 9.30 -30.31 17.70
N ALA A 310 10.55 -30.40 17.27
CA ALA A 310 10.89 -30.67 15.88
C ALA A 310 10.24 -31.94 15.33
N PHE A 311 10.39 -33.04 16.07
CA PHE A 311 9.84 -34.33 15.64
C PHE A 311 8.33 -34.40 15.54
N SER A 312 7.64 -33.46 16.18
CA SER A 312 6.19 -33.48 16.17
C SER A 312 5.54 -32.58 15.10
N LYS A 313 6.35 -31.81 14.37
CA LYS A 313 5.79 -30.89 13.38
C LYS A 313 6.27 -30.99 11.93
N LYS A 314 5.33 -31.22 11.02
CA LYS A 314 5.63 -31.30 9.60
C LYS A 314 6.27 -30.01 9.04
N ILE A 315 5.89 -28.87 9.60
CA ILE A 315 6.43 -27.59 9.14
C ILE A 315 7.90 -27.40 9.56
N ILE A 316 8.36 -28.20 10.51
CA ILE A 316 9.77 -28.10 10.93
C ILE A 316 10.55 -29.10 10.08
N THR A 317 11.34 -28.58 9.14
CA THR A 317 12.07 -29.43 8.20
C THR A 317 13.58 -29.58 8.39
N SER A 318 14.14 -28.88 9.35
CA SER A 318 15.57 -29.03 9.60
C SER A 318 15.75 -28.81 11.09
N VAL A 319 16.88 -29.27 11.61
CA VAL A 319 17.12 -29.17 13.03
C VAL A 319 18.57 -28.82 13.27
N GLU A 320 18.83 -28.03 14.31
CA GLU A 320 20.19 -27.62 14.64
C GLU A 320 20.46 -27.53 16.13
N LEU A 321 20.46 -28.69 16.79
CA LEU A 321 20.74 -28.77 18.22
C LEU A 321 21.88 -29.77 18.33
N THR A 322 23.10 -29.26 18.47
CA THR A 322 24.26 -30.14 18.55
C THR A 322 25.14 -29.88 19.77
N GLY A 323 24.58 -29.23 20.79
CA GLY A 323 25.33 -28.96 22.00
C GLY A 323 25.87 -30.24 22.66
N PRO A 324 25.02 -31.27 22.84
CA PRO A 324 25.49 -32.50 23.48
C PRO A 324 26.74 -33.10 22.86
N LEU A 325 26.97 -32.85 21.58
CA LEU A 325 28.15 -33.43 20.97
C LEU A 325 29.30 -32.43 20.75
N LYS A 326 29.27 -31.35 21.52
CA LYS A 326 30.32 -30.32 21.46
C LYS A 326 30.95 -30.24 22.85
N PHE A 327 30.24 -30.76 23.85
CA PHE A 327 30.71 -30.77 25.22
C PHE A 327 31.51 -32.03 25.52
N THR A 328 32.38 -31.95 26.52
CA THR A 328 33.18 -33.09 26.93
C THR A 328 32.48 -33.78 28.11
N LYS A 329 31.48 -33.11 28.65
CA LYS A 329 30.67 -33.62 29.78
C LYS A 329 29.25 -33.12 29.61
N ASP A 330 28.28 -34.01 29.79
CA ASP A 330 26.87 -33.65 29.63
C ASP A 330 26.16 -34.15 30.87
N ILE A 331 25.14 -33.45 31.34
CA ILE A 331 24.41 -33.92 32.52
C ILE A 331 23.32 -34.90 32.09
N GLY A 332 23.13 -35.01 30.79
CA GLY A 332 22.13 -35.91 30.26
C GLY A 332 22.75 -36.84 29.24
N ASN A 333 21.95 -37.77 28.71
CA ASN A 333 22.45 -38.75 27.76
C ASN A 333 21.67 -38.83 26.44
N LEU A 334 21.40 -37.70 25.81
CA LEU A 334 20.67 -37.72 24.55
C LEU A 334 21.59 -38.39 23.56
N HIS A 335 21.09 -39.45 22.92
CA HIS A 335 21.91 -40.18 21.97
C HIS A 335 21.78 -39.78 20.51
N TYR A 336 22.92 -39.49 19.89
CA TYR A 336 22.96 -39.13 18.48
C TYR A 336 23.53 -40.29 17.64
N ASP A 337 22.83 -40.63 16.56
CA ASP A 337 23.29 -41.68 15.65
C ASP A 337 23.89 -40.97 14.44
N VAL A 338 24.86 -40.10 14.71
CA VAL A 338 25.52 -39.31 13.67
C VAL A 338 25.68 -40.13 12.40
N PRO A 339 25.34 -39.54 11.24
CA PRO A 339 24.83 -38.19 11.04
C PRO A 339 23.31 -38.05 11.07
N PHE A 340 22.65 -38.64 12.06
CA PHE A 340 21.20 -38.53 12.20
C PHE A 340 20.79 -38.45 13.67
N ILE A 341 19.58 -37.99 13.94
CA ILE A 341 19.08 -37.97 15.31
C ILE A 341 17.75 -38.66 15.19
N ARG A 342 17.46 -39.52 16.14
CA ARG A 342 16.19 -40.24 16.16
C ARG A 342 15.87 -40.17 17.62
N LEU A 343 14.61 -39.96 17.97
CA LEU A 343 14.25 -39.89 19.37
C LEU A 343 13.77 -41.25 19.82
N ASN A 344 14.02 -41.58 21.08
CA ASN A 344 13.56 -42.86 21.59
C ASN A 344 12.09 -42.71 21.96
N GLU A 345 11.55 -43.73 22.61
CA GLU A 345 10.14 -43.77 22.99
C GLU A 345 9.95 -43.59 24.48
N LYS A 346 11.00 -43.20 25.19
CA LYS A 346 10.92 -43.04 26.63
C LYS A 346 10.06 -41.85 27.06
N PRO A 347 9.45 -41.94 28.24
CA PRO A 347 8.59 -40.88 28.76
C PRO A 347 9.32 -39.57 29.03
N GLY A 348 8.57 -38.47 28.94
CA GLY A 348 9.12 -37.15 29.17
C GLY A 348 10.17 -36.86 28.13
N LEU A 349 11.28 -36.29 28.56
CA LEU A 349 12.36 -35.96 27.66
C LEU A 349 13.10 -37.22 27.18
N GLY A 350 12.75 -38.36 27.75
CA GLY A 350 13.37 -39.63 27.38
C GLY A 350 14.87 -39.63 27.67
N ILE A 351 15.25 -38.88 28.68
CA ILE A 351 16.64 -38.73 29.08
C ILE A 351 16.88 -39.15 30.53
N GLU A 352 18.14 -39.39 30.89
CA GLU A 352 18.52 -39.75 32.25
C GLU A 352 19.55 -38.72 32.69
N ILE A 353 19.36 -38.16 33.88
CA ILE A 353 20.28 -37.17 34.39
C ILE A 353 21.30 -37.79 35.34
N ASN A 354 22.57 -37.54 35.08
CA ASN A 354 23.63 -38.07 35.93
C ASN A 354 23.86 -37.08 37.08
N GLU A 355 23.24 -37.36 38.22
CA GLU A 355 23.38 -36.50 39.39
C GLU A 355 24.82 -36.10 39.69
N ASP A 356 25.74 -37.05 39.58
CA ASP A 356 27.14 -36.76 39.86
C ASP A 356 27.71 -35.74 38.91
N THR A 357 27.41 -35.88 37.63
CA THR A 357 27.91 -34.93 36.64
C THR A 357 27.29 -33.54 36.88
N LEU A 358 26.01 -33.51 37.20
CA LEU A 358 25.32 -32.25 37.46
C LEU A 358 26.01 -31.52 38.60
N GLN A 359 26.18 -32.23 39.70
CA GLN A 359 26.79 -31.66 40.88
C GLN A 359 28.22 -31.17 40.69
N GLU A 360 29.02 -31.88 39.91
CA GLU A 360 30.39 -31.44 39.71
C GLU A 360 30.48 -30.25 38.78
N LEU A 361 29.43 -30.02 37.99
CA LEU A 361 29.42 -28.89 37.07
C LEU A 361 28.76 -27.65 37.68
N THR A 362 28.04 -27.85 38.79
CA THR A 362 27.37 -26.75 39.48
C THR A 362 28.35 -25.77 40.14
N VAL A 363 28.22 -24.48 39.84
CA VAL A 363 29.08 -23.46 40.44
C VAL A 363 28.40 -22.90 41.69
N PHE A 364 27.07 -22.83 41.65
CA PHE A 364 26.29 -22.39 42.80
C PHE A 364 24.84 -22.83 42.59
N GLN A 365 24.07 -22.90 43.66
CA GLN A 365 22.69 -23.37 43.55
C GLN A 365 21.82 -22.88 44.69
N ASP A 366 20.53 -23.18 44.58
CA ASP A 366 19.55 -22.82 45.59
C ASP A 366 18.31 -23.66 45.37
N ILE A 367 17.41 -23.64 46.35
CA ILE A 367 16.17 -24.40 46.27
C ILE A 367 15.05 -23.46 46.68
N VAL A 368 13.91 -23.55 46.02
CA VAL A 368 12.80 -22.69 46.35
C VAL A 368 11.57 -23.51 46.65
N ARG A 369 10.97 -23.25 47.82
CA ARG A 369 9.78 -23.96 48.25
C ARG A 369 8.78 -23.01 48.88
N MET B 1 0.04 -48.24 18.95
CA MET B 1 -1.43 -48.46 18.82
C MET B 1 -1.85 -48.45 17.35
N LYS B 2 -2.91 -49.20 17.03
CA LYS B 2 -3.38 -49.27 15.65
C LYS B 2 -4.90 -49.27 15.56
N ILE B 3 -5.42 -48.56 14.55
CA ILE B 3 -6.86 -48.52 14.34
C ILE B 3 -7.22 -49.84 13.68
N THR B 4 -8.17 -50.55 14.25
CA THR B 4 -8.56 -51.85 13.71
C THR B 4 -9.87 -51.79 12.93
N ALA B 5 -10.76 -50.90 13.35
CA ALA B 5 -12.04 -50.75 12.67
C ALA B 5 -12.68 -49.42 12.98
N ILE B 6 -13.55 -48.97 12.08
CA ILE B 6 -14.26 -47.71 12.26
C ILE B 6 -15.72 -47.91 11.86
N HIS B 7 -16.61 -47.68 12.83
CA HIS B 7 -18.05 -47.82 12.59
C HIS B 7 -18.60 -46.46 12.23
N LEU B 8 -19.50 -46.42 11.25
CA LEU B 8 -20.11 -45.17 10.83
C LEU B 8 -21.61 -45.24 11.05
N TYR B 9 -22.14 -44.28 11.80
CA TYR B 9 -23.57 -44.24 12.09
C TYR B 9 -24.19 -42.96 11.56
N ALA B 10 -25.09 -43.07 10.60
CA ALA B 10 -25.77 -41.91 10.07
C ALA B 10 -27.03 -41.76 10.92
N ILE B 11 -27.00 -40.85 11.88
CA ILE B 11 -28.14 -40.67 12.76
C ILE B 11 -28.88 -39.36 12.53
N ARG B 12 -29.97 -39.19 13.29
CA ARG B 12 -30.76 -37.98 13.23
C ARG B 12 -31.16 -37.59 14.64
N LEU B 13 -30.67 -36.44 15.08
CA LEU B 13 -30.97 -35.94 16.41
C LEU B 13 -32.24 -35.09 16.38
N PRO B 14 -33.29 -35.52 17.11
CA PRO B 14 -34.57 -34.82 17.17
C PRO B 14 -34.50 -33.49 17.93
N LEU B 15 -35.10 -32.45 17.35
CA LEU B 15 -35.12 -31.11 17.94
C LEU B 15 -36.45 -30.78 18.58
N ARG B 16 -36.40 -30.19 19.77
CA ARG B 16 -37.61 -29.79 20.50
C ARG B 16 -38.43 -28.79 19.67
N ASN B 17 -37.74 -27.88 18.98
CA ASN B 17 -38.40 -26.88 18.14
C ASN B 17 -37.57 -26.61 16.89
N PRO B 18 -38.22 -26.17 15.80
CA PRO B 18 -37.50 -25.89 14.55
C PRO B 18 -36.45 -24.79 14.74
N PHE B 19 -35.22 -25.07 14.30
CA PHE B 19 -34.12 -24.11 14.40
C PHE B 19 -34.12 -23.24 13.13
N VAL B 20 -34.40 -21.96 13.28
CA VAL B 20 -34.48 -21.06 12.11
C VAL B 20 -33.39 -20.00 12.00
N ILE B 21 -32.71 -19.98 10.85
CA ILE B 21 -31.67 -19.00 10.59
C ILE B 21 -31.87 -18.34 9.22
N SER B 22 -30.95 -17.47 8.84
CA SER B 22 -31.04 -16.74 7.58
C SER B 22 -31.26 -17.57 6.31
N TYR B 23 -30.48 -18.65 6.15
CA TYR B 23 -30.58 -19.48 4.95
C TYR B 23 -31.24 -20.85 5.08
N GLY B 24 -32.16 -21.01 6.03
CA GLY B 24 -32.84 -22.29 6.18
C GLY B 24 -33.48 -22.58 7.52
N SER B 25 -34.40 -23.53 7.53
CA SER B 25 -35.12 -23.94 8.74
C SER B 25 -34.83 -25.43 8.97
N TYR B 26 -34.60 -25.81 10.23
CA TYR B 26 -34.29 -27.19 10.60
C TYR B 26 -35.28 -27.80 11.61
N SER B 27 -35.87 -28.94 11.24
CA SER B 27 -36.82 -29.63 12.10
C SER B 27 -36.08 -30.62 12.99
N ASP B 28 -34.90 -31.04 12.54
CA ASP B 28 -34.05 -31.97 13.28
C ASP B 28 -32.62 -31.81 12.77
N MET B 29 -31.68 -32.63 13.23
CA MET B 29 -30.31 -32.45 12.78
C MET B 29 -29.57 -33.74 12.40
N PRO B 30 -29.36 -33.95 11.10
CA PRO B 30 -28.65 -35.14 10.61
C PRO B 30 -27.21 -35.08 11.10
N SER B 31 -26.64 -36.24 11.44
CA SER B 31 -25.28 -36.27 11.94
C SER B 31 -24.62 -37.60 11.65
N ILE B 32 -23.29 -37.60 11.56
CA ILE B 32 -22.55 -38.81 11.33
C ILE B 32 -21.72 -39.07 12.57
N ILE B 33 -21.87 -40.27 13.15
CA ILE B 33 -21.12 -40.62 14.34
C ILE B 33 -20.10 -41.69 13.97
N VAL B 34 -18.91 -41.61 14.56
CA VAL B 34 -17.90 -42.61 14.28
C VAL B 34 -17.42 -43.28 15.57
N LYS B 35 -17.25 -44.60 15.52
CA LYS B 35 -16.74 -45.34 16.67
C LYS B 35 -15.44 -45.93 16.14
N MET B 36 -14.34 -45.54 16.76
CA MET B 36 -13.03 -46.00 16.34
C MET B 36 -12.48 -47.07 17.28
N GLU B 37 -12.18 -48.25 16.74
CA GLU B 37 -11.63 -49.35 17.53
C GLU B 37 -10.14 -49.49 17.29
N THR B 38 -9.41 -49.82 18.35
CA THR B 38 -7.97 -49.98 18.30
C THR B 38 -7.53 -51.37 18.73
N ASP B 39 -6.33 -51.77 18.33
CA ASP B 39 -5.83 -53.09 18.69
C ASP B 39 -5.67 -53.21 20.21
N GLU B 40 -5.72 -52.08 20.92
CA GLU B 40 -5.57 -52.10 22.37
C GLU B 40 -6.92 -52.13 23.09
N GLY B 41 -7.99 -52.37 22.35
CA GLY B 41 -9.31 -52.43 22.97
C GLY B 41 -9.92 -51.10 23.34
N ILE B 42 -9.14 -50.02 23.24
CA ILE B 42 -9.62 -48.69 23.55
C ILE B 42 -10.49 -48.15 22.41
N ILE B 43 -11.65 -47.61 22.73
CA ILE B 43 -12.50 -47.08 21.69
C ILE B 43 -12.80 -45.58 21.84
N GLY B 44 -12.91 -44.89 20.71
CA GLY B 44 -13.18 -43.47 20.72
C GLY B 44 -14.36 -43.09 19.86
N TYR B 45 -15.06 -42.04 20.27
CA TYR B 45 -16.20 -41.57 19.52
C TYR B 45 -15.94 -40.21 18.92
N GLY B 46 -16.39 -40.04 17.67
CA GLY B 46 -16.21 -38.79 16.98
C GLY B 46 -17.52 -38.44 16.34
N GLU B 47 -17.65 -37.20 15.88
CA GLU B 47 -18.89 -36.78 15.25
C GLU B 47 -18.67 -35.77 14.15
N GLY B 48 -19.51 -35.86 13.13
CA GLY B 48 -19.44 -34.94 12.02
C GLY B 48 -20.84 -34.49 11.67
N VAL B 49 -21.12 -33.21 11.85
CA VAL B 49 -22.44 -32.70 11.51
C VAL B 49 -22.19 -31.67 10.43
N ALA B 50 -22.60 -32.04 9.22
CA ALA B 50 -22.40 -31.21 8.04
C ALA B 50 -23.45 -30.13 7.82
N ASP B 51 -22.97 -28.99 7.32
CA ASP B 51 -23.83 -27.88 6.98
C ASP B 51 -23.55 -27.58 5.50
N ASP B 52 -24.44 -28.07 4.65
CA ASP B 52 -24.33 -27.91 3.20
C ASP B 52 -24.04 -26.47 2.79
N HIS B 53 -24.65 -25.52 3.49
CA HIS B 53 -24.48 -24.13 3.16
C HIS B 53 -23.17 -23.47 3.54
N VAL B 54 -22.38 -24.15 4.36
CA VAL B 54 -21.11 -23.59 4.81
C VAL B 54 -19.86 -24.25 4.26
N THR B 55 -19.77 -25.56 4.36
CA THR B 55 -18.59 -26.26 3.87
C THR B 55 -18.85 -27.12 2.64
N GLY B 56 -20.08 -27.10 2.16
CA GLY B 56 -20.39 -27.89 0.98
C GLY B 56 -20.31 -29.39 1.22
N GLU B 57 -20.57 -29.80 2.45
CA GLU B 57 -20.58 -31.22 2.80
C GLU B 57 -22.02 -31.50 3.23
N SER B 58 -22.49 -32.70 2.92
CA SER B 58 -23.86 -33.06 3.30
C SER B 58 -23.79 -34.28 4.19
N TRP B 59 -24.93 -34.61 4.77
CA TRP B 59 -25.06 -35.76 5.66
C TRP B 59 -24.59 -37.02 4.95
N GLU B 60 -25.22 -37.33 3.82
CA GLU B 60 -24.85 -38.52 3.07
C GLU B 60 -23.44 -38.44 2.47
N SER B 61 -23.07 -37.28 1.94
CA SER B 61 -21.75 -37.12 1.33
C SER B 61 -20.65 -37.34 2.35
N THR B 62 -20.86 -36.86 3.56
CA THR B 62 -19.85 -37.03 4.62
C THR B 62 -19.70 -38.51 5.00
N PHE B 63 -20.83 -39.18 5.09
CA PHE B 63 -20.85 -40.59 5.45
C PHE B 63 -20.00 -41.38 4.45
N HIS B 64 -20.22 -41.10 3.17
CA HIS B 64 -19.50 -41.80 2.13
C HIS B 64 -18.03 -41.42 1.95
N THR B 65 -17.66 -40.14 2.13
CA THR B 65 -16.25 -39.83 1.97
C THR B 65 -15.53 -40.46 3.14
N LEU B 66 -16.24 -40.65 4.24
CA LEU B 66 -15.64 -41.30 5.41
C LEU B 66 -15.47 -42.79 5.10
N LYS B 67 -16.54 -43.39 4.58
CA LYS B 67 -16.54 -44.80 4.25
C LYS B 67 -15.57 -45.26 3.15
N HIS B 68 -15.64 -44.61 2.00
CA HIS B 68 -14.80 -45.01 0.87
C HIS B 68 -13.45 -44.32 0.70
N THR B 69 -13.30 -43.13 1.28
CA THR B 69 -12.05 -42.38 1.11
C THR B 69 -11.16 -42.26 2.32
N LEU B 70 -11.68 -41.70 3.41
CA LEU B 70 -10.87 -41.53 4.60
C LEU B 70 -10.60 -42.77 5.47
N THR B 71 -11.64 -43.49 5.89
CA THR B 71 -11.41 -44.64 6.76
C THR B 71 -10.53 -45.76 6.21
N PRO B 72 -10.70 -46.12 4.93
CA PRO B 72 -9.82 -47.18 4.46
C PRO B 72 -8.33 -46.85 4.58
N ALA B 73 -7.99 -45.58 4.40
CA ALA B 73 -6.59 -45.15 4.51
C ALA B 73 -6.13 -45.03 5.96
N LEU B 74 -7.07 -45.07 6.90
CA LEU B 74 -6.73 -44.93 8.31
C LEU B 74 -6.57 -46.23 9.08
N ILE B 75 -7.09 -47.33 8.52
CA ILE B 75 -6.96 -48.63 9.18
C ILE B 75 -5.47 -48.95 9.32
N GLY B 76 -5.08 -49.38 10.52
CA GLY B 76 -3.69 -49.70 10.75
C GLY B 76 -2.87 -48.50 11.17
N GLN B 77 -3.48 -47.32 11.06
CA GLN B 77 -2.79 -46.08 11.41
C GLN B 77 -2.90 -45.83 12.93
N ASN B 78 -1.93 -45.12 13.48
CA ASN B 78 -1.89 -44.82 14.92
C ASN B 78 -2.62 -43.54 15.31
N PRO B 79 -3.73 -43.65 16.06
CA PRO B 79 -4.53 -42.48 16.48
C PRO B 79 -3.84 -41.55 17.49
N MET B 80 -2.73 -42.00 18.05
CA MET B 80 -1.99 -41.20 19.02
C MET B 80 -1.20 -40.09 18.34
N ASN B 81 -0.85 -40.30 17.07
CA ASN B 81 -0.09 -39.30 16.31
C ASN B 81 -1.05 -38.44 15.52
N ILE B 82 -1.65 -37.48 16.21
CA ILE B 82 -2.63 -36.62 15.61
C ILE B 82 -2.11 -35.85 14.38
N GLU B 83 -0.90 -35.31 14.47
CA GLU B 83 -0.31 -34.58 13.36
C GLU B 83 -0.21 -35.51 12.12
N LYS B 84 0.20 -36.75 12.36
CA LYS B 84 0.34 -37.76 11.32
C LYS B 84 -1.04 -38.10 10.74
N ILE B 85 -2.02 -38.33 11.61
CA ILE B 85 -3.37 -38.67 11.19
C ILE B 85 -3.91 -37.61 10.22
N HIS B 86 -3.71 -36.34 10.57
CA HIS B 86 -4.17 -35.26 9.70
C HIS B 86 -3.37 -35.19 8.41
N ASP B 87 -2.09 -35.50 8.49
CA ASP B 87 -1.26 -35.48 7.28
C ASP B 87 -1.78 -36.51 6.29
N MET B 88 -2.11 -37.70 6.80
CA MET B 88 -2.64 -38.77 5.97
C MET B 88 -3.97 -38.34 5.33
N MET B 89 -4.89 -37.83 6.14
CA MET B 89 -6.17 -37.39 5.62
C MET B 89 -6.02 -36.28 4.56
N ASP B 90 -5.23 -35.25 4.86
CA ASP B 90 -5.05 -34.16 3.91
C ASP B 90 -4.45 -34.66 2.60
N ASN B 91 -3.53 -35.62 2.70
CA ASN B 91 -2.89 -36.18 1.52
C ASN B 91 -3.85 -36.99 0.68
N THR B 92 -4.81 -37.67 1.30
CA THR B 92 -5.75 -38.46 0.52
C THR B 92 -6.88 -37.60 -0.04
N ILE B 93 -7.25 -36.54 0.68
CA ILE B 93 -8.31 -35.68 0.17
C ILE B 93 -8.25 -34.25 0.72
N TYR B 94 -8.49 -33.29 -0.15
CA TYR B 94 -8.46 -31.87 0.20
C TYR B 94 -9.81 -31.44 0.81
N GLY B 95 -9.76 -30.51 1.76
CA GLY B 95 -10.99 -30.01 2.38
C GLY B 95 -11.76 -31.01 3.21
N VAL B 96 -13.07 -31.11 2.97
CA VAL B 96 -13.89 -32.07 3.69
C VAL B 96 -13.62 -31.98 5.22
N PRO B 97 -13.65 -30.75 5.77
CA PRO B 97 -13.39 -30.58 7.20
C PRO B 97 -14.32 -31.32 8.16
N THR B 98 -15.61 -31.41 7.82
CA THR B 98 -16.54 -32.09 8.70
C THR B 98 -16.20 -33.58 8.83
N ALA B 99 -15.91 -34.21 7.70
CA ALA B 99 -15.58 -35.62 7.73
C ALA B 99 -14.30 -35.80 8.55
N LYS B 100 -13.31 -34.96 8.31
CA LYS B 100 -12.06 -35.08 9.02
C LYS B 100 -12.21 -34.81 10.51
N ALA B 101 -13.16 -33.94 10.86
CA ALA B 101 -13.39 -33.59 12.26
C ALA B 101 -13.88 -34.82 13.01
N ALA B 102 -14.78 -35.56 12.37
CA ALA B 102 -15.34 -36.77 12.97
C ALA B 102 -14.24 -37.72 13.37
N ILE B 103 -13.22 -37.84 12.52
CA ILE B 103 -12.11 -38.73 12.81
C ILE B 103 -11.17 -38.15 13.85
N ASP B 104 -10.94 -36.85 13.75
CA ASP B 104 -10.05 -36.14 14.66
C ASP B 104 -10.55 -36.28 16.10
N ILE B 105 -11.85 -36.09 16.28
CA ILE B 105 -12.44 -36.17 17.61
C ILE B 105 -12.30 -37.55 18.23
N ALA B 106 -12.54 -38.60 17.46
CA ALA B 106 -12.42 -39.97 17.96
C ALA B 106 -10.97 -40.24 18.37
N CYS B 107 -10.01 -39.73 17.61
CA CYS B 107 -8.61 -39.95 17.95
C CYS B 107 -8.28 -39.30 19.30
N PHE B 108 -8.81 -38.11 19.55
CA PHE B 108 -8.52 -37.45 20.82
C PHE B 108 -9.20 -38.17 21.97
N ASP B 109 -10.39 -38.70 21.69
CA ASP B 109 -11.13 -39.43 22.70
C ASP B 109 -10.27 -40.62 23.13
N ILE B 110 -9.80 -41.37 22.14
CA ILE B 110 -8.95 -42.52 22.38
C ILE B 110 -7.69 -42.08 23.11
N MET B 111 -7.11 -40.97 22.69
CA MET B 111 -5.88 -40.48 23.29
C MET B 111 -6.09 -40.22 24.78
N GLY B 112 -7.17 -39.51 25.10
CA GLY B 112 -7.47 -39.19 26.49
C GLY B 112 -7.75 -40.41 27.32
N LYS B 113 -8.54 -41.34 26.78
CA LYS B 113 -8.86 -42.57 27.50
C LYS B 113 -7.57 -43.34 27.73
N LYS B 114 -6.75 -43.43 26.70
CA LYS B 114 -5.47 -44.13 26.80
C LYS B 114 -4.57 -43.56 27.91
N LEU B 115 -4.50 -42.24 28.01
CA LEU B 115 -3.67 -41.61 29.02
C LEU B 115 -4.46 -41.30 30.29
N ASN B 116 -5.69 -41.79 30.33
CA ASN B 116 -6.59 -41.57 31.47
C ASN B 116 -6.53 -40.10 31.81
N GLN B 117 -6.94 -39.27 30.86
CA GLN B 117 -6.89 -37.85 31.04
C GLN B 117 -7.90 -37.18 30.12
N PRO B 118 -8.46 -36.04 30.52
CA PRO B 118 -9.43 -35.37 29.64
C PRO B 118 -8.73 -34.76 28.43
N VAL B 119 -9.46 -34.62 27.33
CA VAL B 119 -8.87 -34.08 26.12
C VAL B 119 -8.12 -32.76 26.31
N TYR B 120 -8.73 -31.80 27.01
CA TYR B 120 -8.07 -30.51 27.18
C TYR B 120 -6.66 -30.64 27.76
N GLN B 121 -6.40 -31.73 28.46
CA GLN B 121 -5.08 -31.93 29.03
C GLN B 121 -4.07 -32.27 27.95
N LEU B 122 -4.53 -32.73 26.80
CA LEU B 122 -3.64 -33.08 25.69
C LEU B 122 -3.39 -31.91 24.76
N ILE B 123 -4.11 -30.80 24.95
CA ILE B 123 -3.91 -29.67 24.08
C ILE B 123 -3.61 -28.37 24.79
N GLY B 124 -2.93 -28.44 25.93
CA GLY B 124 -2.60 -27.21 26.64
C GLY B 124 -2.98 -27.18 28.11
N GLY B 125 -3.78 -28.16 28.54
CA GLY B 125 -4.19 -28.21 29.93
C GLY B 125 -5.46 -27.40 30.14
N ARG B 126 -5.93 -27.33 31.39
CA ARG B 126 -7.13 -26.57 31.67
C ARG B 126 -6.77 -25.12 31.94
N TYR B 127 -7.48 -24.21 31.30
CA TYR B 127 -7.22 -22.80 31.52
C TYR B 127 -8.44 -22.14 32.14
N HIS B 128 -9.61 -22.45 31.60
CA HIS B 128 -10.86 -21.89 32.10
C HIS B 128 -11.54 -22.81 33.10
N GLU B 129 -12.30 -22.22 34.02
CA GLU B 129 -13.04 -22.98 35.01
C GLU B 129 -14.45 -23.20 34.48
N GLU B 130 -15.01 -22.17 33.87
CA GLU B 130 -16.35 -22.22 33.33
C GLU B 130 -16.56 -21.10 32.31
N PHE B 131 -17.63 -21.19 31.54
CA PHE B 131 -17.97 -20.15 30.57
C PHE B 131 -19.47 -19.91 30.73
N PRO B 132 -19.92 -18.67 30.53
CA PRO B 132 -21.35 -18.45 30.66
C PRO B 132 -21.97 -19.01 29.37
N VAL B 133 -23.23 -19.39 29.40
CA VAL B 133 -23.88 -19.92 28.21
C VAL B 133 -24.81 -18.84 27.69
N THR B 134 -24.81 -18.60 26.37
CA THR B 134 -25.71 -17.58 25.87
C THR B 134 -26.83 -18.25 25.09
N HIS B 135 -28.04 -17.75 25.24
CA HIS B 135 -29.19 -18.35 24.56
C HIS B 135 -29.45 -17.81 23.15
N VAL B 136 -29.43 -18.69 22.16
CA VAL B 136 -29.65 -18.28 20.77
C VAL B 136 -31.14 -18.29 20.42
N LEU B 137 -31.63 -17.12 20.02
CA LEU B 137 -33.04 -16.96 19.64
C LEU B 137 -33.17 -17.07 18.11
N SER B 138 -33.84 -18.13 17.66
CA SER B 138 -34.05 -18.34 16.22
C SER B 138 -34.88 -17.23 15.59
N ILE B 139 -34.68 -17.02 14.28
CA ILE B 139 -35.41 -16.00 13.54
C ILE B 139 -36.92 -16.11 13.73
N ALA B 140 -37.49 -15.08 14.35
CA ALA B 140 -38.93 -15.03 14.59
C ALA B 140 -39.38 -13.58 14.45
N ASP B 141 -40.64 -13.32 14.76
CA ASP B 141 -41.19 -11.97 14.68
C ASP B 141 -40.70 -11.12 15.86
N PRO B 142 -40.59 -9.80 15.65
CA PRO B 142 -40.14 -8.83 16.66
C PRO B 142 -40.62 -9.07 18.09
N GLU B 143 -41.86 -9.50 18.26
CA GLU B 143 -42.34 -9.75 19.62
C GLU B 143 -42.19 -11.20 20.06
N ASN B 144 -42.10 -12.09 19.08
CA ASN B 144 -41.93 -13.52 19.36
C ASN B 144 -40.50 -13.77 19.85
N MET B 145 -39.57 -12.91 19.44
CA MET B 145 -38.19 -13.02 19.86
C MET B 145 -38.00 -12.28 21.18
N ALA B 146 -38.66 -11.13 21.32
CA ALA B 146 -38.57 -10.33 22.53
C ALA B 146 -39.11 -11.15 23.69
N GLU B 147 -40.10 -11.99 23.37
CA GLU B 147 -40.74 -12.85 24.35
C GLU B 147 -39.88 -14.05 24.76
N GLU B 148 -39.37 -14.80 23.78
CA GLU B 148 -38.54 -15.98 24.06
C GLU B 148 -37.36 -15.61 24.95
N ALA B 149 -36.95 -14.35 24.87
CA ALA B 149 -35.82 -13.85 25.68
C ALA B 149 -36.31 -13.56 27.09
N ALA B 150 -37.55 -13.08 27.19
CA ALA B 150 -38.13 -12.76 28.48
C ALA B 150 -38.17 -14.02 29.36
N SER B 151 -38.47 -15.14 28.71
CA SER B 151 -38.55 -16.44 29.39
C SER B 151 -37.19 -16.90 29.93
N MET B 152 -36.24 -17.07 29.03
CA MET B 152 -34.91 -17.52 29.40
C MET B 152 -34.27 -16.58 30.43
N ILE B 153 -34.69 -15.32 30.42
CA ILE B 153 -34.16 -14.34 31.37
C ILE B 153 -34.34 -14.84 32.79
N GLN B 154 -35.55 -15.32 33.08
CA GLN B 154 -35.87 -15.83 34.41
C GLN B 154 -35.48 -17.30 34.57
N LYS B 155 -34.24 -17.61 34.18
CA LYS B 155 -33.70 -18.96 34.29
C LYS B 155 -32.19 -18.83 34.44
N GLY B 156 -31.74 -17.61 34.68
CA GLY B 156 -30.32 -17.35 34.87
C GLY B 156 -29.57 -16.70 33.72
N TYR B 157 -30.03 -16.96 32.49
CA TYR B 157 -29.37 -16.41 31.31
C TYR B 157 -29.00 -14.94 31.38
N GLN B 158 -27.74 -14.64 31.09
CA GLN B 158 -27.21 -13.29 31.15
C GLN B 158 -26.94 -12.67 29.76
N SER B 159 -26.87 -13.50 28.72
CA SER B 159 -26.61 -12.99 27.38
C SER B 159 -27.33 -13.78 26.30
N PHE B 160 -27.75 -13.08 25.24
CA PHE B 160 -28.46 -13.70 24.15
C PHE B 160 -27.84 -13.40 22.78
N LYS B 161 -28.16 -14.25 21.81
CA LYS B 161 -27.69 -14.10 20.45
C LYS B 161 -28.91 -14.10 19.55
N MET B 162 -29.15 -12.99 18.87
CA MET B 162 -30.28 -12.91 17.97
C MET B 162 -29.89 -13.27 16.55
N LYS B 163 -30.58 -14.25 15.98
CA LYS B 163 -30.35 -14.66 14.61
C LYS B 163 -31.24 -13.73 13.77
N VAL B 164 -30.64 -12.98 12.86
CA VAL B 164 -31.42 -12.09 12.00
C VAL B 164 -30.95 -12.28 10.56
N GLY B 165 -31.31 -11.36 9.68
CA GLY B 165 -30.88 -11.45 8.31
C GLY B 165 -31.89 -11.77 7.21
N THR B 166 -33.16 -11.41 7.41
CA THR B 166 -34.15 -11.67 6.37
C THR B 166 -34.37 -10.35 5.64
N ASN B 167 -34.44 -9.28 6.40
CA ASN B 167 -34.63 -7.94 5.85
C ASN B 167 -34.17 -6.90 6.85
N VAL B 168 -33.15 -6.13 6.47
CA VAL B 168 -32.58 -5.08 7.31
C VAL B 168 -33.61 -4.27 8.10
N LYS B 169 -34.63 -3.77 7.42
CA LYS B 169 -35.63 -2.96 8.09
C LYS B 169 -36.39 -3.79 9.13
N GLU B 170 -36.49 -5.10 8.89
CA GLU B 170 -37.19 -6.00 9.82
C GLU B 170 -36.27 -6.49 10.94
N ASP B 171 -35.07 -6.92 10.55
CA ASP B 171 -34.11 -7.41 11.54
C ASP B 171 -33.90 -6.36 12.63
N VAL B 172 -33.78 -5.10 12.22
CA VAL B 172 -33.59 -4.01 13.18
C VAL B 172 -34.79 -3.95 14.10
N LYS B 173 -35.96 -4.08 13.49
CA LYS B 173 -37.24 -4.06 14.19
C LYS B 173 -37.22 -5.04 15.38
N ARG B 174 -36.64 -6.21 15.16
CA ARG B 174 -36.55 -7.23 16.20
C ARG B 174 -35.55 -6.90 17.31
N ILE B 175 -34.45 -6.23 16.95
CA ILE B 175 -33.41 -5.90 17.93
C ILE B 175 -33.85 -5.03 19.11
N GLU B 176 -34.22 -3.77 18.85
CA GLU B 176 -34.63 -2.90 19.96
C GLU B 176 -35.82 -3.54 20.67
N ALA B 177 -36.54 -4.38 19.93
CA ALA B 177 -37.67 -5.08 20.50
C ALA B 177 -37.20 -5.86 21.74
N VAL B 178 -36.24 -6.76 21.56
CA VAL B 178 -35.73 -7.55 22.69
C VAL B 178 -34.85 -6.73 23.61
N ARG B 179 -34.13 -5.75 23.06
CA ARG B 179 -33.26 -4.92 23.89
C ARG B 179 -34.11 -4.19 24.92
N GLU B 180 -35.21 -3.60 24.43
CA GLU B 180 -36.12 -2.86 25.30
C GLU B 180 -36.74 -3.83 26.30
N ARG B 181 -37.16 -4.98 25.79
CA ARG B 181 -37.78 -6.05 26.58
C ARG B 181 -36.91 -6.61 27.72
N VAL B 182 -35.58 -6.58 27.56
CA VAL B 182 -34.68 -7.14 28.59
C VAL B 182 -33.82 -6.15 29.38
N GLY B 183 -34.07 -4.86 29.20
CA GLY B 183 -33.28 -3.89 29.93
C GLY B 183 -31.93 -3.63 29.29
N ASN B 184 -31.03 -2.99 30.02
CA ASN B 184 -29.72 -2.66 29.49
C ASN B 184 -28.55 -3.27 30.27
N ASP B 185 -28.78 -4.46 30.82
CA ASP B 185 -27.73 -5.17 31.56
C ASP B 185 -27.52 -6.55 30.99
N ILE B 186 -28.47 -6.94 30.14
CA ILE B 186 -28.41 -8.22 29.46
C ILE B 186 -27.60 -8.07 28.17
N ALA B 187 -26.53 -8.85 28.04
CA ALA B 187 -25.67 -8.80 26.85
C ALA B 187 -26.41 -9.32 25.62
N ILE B 188 -26.23 -8.63 24.51
CA ILE B 188 -26.87 -9.02 23.26
C ILE B 188 -25.89 -8.99 22.08
N ARG B 189 -25.83 -10.10 21.35
CA ARG B 189 -24.96 -10.21 20.18
C ARG B 189 -25.86 -10.62 19.02
N VAL B 190 -25.58 -10.10 17.83
CA VAL B 190 -26.42 -10.45 16.70
C VAL B 190 -25.64 -11.13 15.58
N ASP B 191 -26.25 -12.19 15.04
CA ASP B 191 -25.67 -12.97 13.97
C ASP B 191 -26.61 -12.90 12.78
N VAL B 192 -26.14 -12.37 11.66
CA VAL B 192 -27.01 -12.24 10.50
C VAL B 192 -26.81 -13.33 9.44
N ASN B 193 -25.89 -14.26 9.70
CA ASN B 193 -25.63 -15.36 8.78
C ASN B 193 -25.61 -14.94 7.30
N GLN B 194 -24.80 -13.94 7.00
CA GLN B 194 -24.65 -13.43 5.63
C GLN B 194 -25.85 -12.68 5.07
N GLY B 195 -26.92 -12.60 5.84
CA GLY B 195 -28.13 -11.93 5.41
C GLY B 195 -28.07 -10.55 4.77
N TRP B 196 -27.14 -9.68 5.18
CA TRP B 196 -27.10 -8.36 4.56
C TRP B 196 -26.27 -8.31 3.26
N LYS B 197 -25.66 -9.44 2.92
CA LYS B 197 -24.88 -9.60 1.68
C LYS B 197 -23.63 -8.76 1.46
N ASN B 198 -23.77 -7.43 1.47
CA ASN B 198 -22.64 -6.56 1.22
C ASN B 198 -22.45 -5.47 2.27
N SER B 199 -21.41 -4.67 2.09
CA SER B 199 -21.09 -3.60 3.04
C SER B 199 -22.06 -2.42 3.01
N ALA B 200 -22.67 -2.15 1.87
CA ALA B 200 -23.61 -1.03 1.78
C ALA B 200 -24.79 -1.31 2.72
N ASN B 201 -25.46 -2.44 2.52
CA ASN B 201 -26.60 -2.81 3.36
C ASN B 201 -26.20 -2.86 4.81
N THR B 202 -25.06 -3.50 5.09
CA THR B 202 -24.57 -3.66 6.44
C THR B 202 -24.34 -2.32 7.14
N LEU B 203 -23.62 -1.41 6.49
CA LEU B 203 -23.33 -0.10 7.08
C LEU B 203 -24.62 0.68 7.33
N THR B 204 -25.61 0.50 6.46
CA THR B 204 -26.88 1.18 6.64
C THR B 204 -27.55 0.62 7.90
N ALA B 205 -27.56 -0.70 8.01
CA ALA B 205 -28.15 -1.34 9.18
C ALA B 205 -27.47 -0.91 10.47
N LEU B 206 -26.13 -0.89 10.46
CA LEU B 206 -25.38 -0.52 11.65
C LEU B 206 -25.63 0.88 12.20
N ARG B 207 -25.91 1.84 11.34
CA ARG B 207 -26.16 3.19 11.83
C ARG B 207 -27.44 3.23 12.68
N SER B 208 -28.32 2.26 12.45
CA SER B 208 -29.58 2.18 13.19
C SER B 208 -29.45 1.29 14.43
N LEU B 209 -28.23 0.84 14.72
CA LEU B 209 -28.00 -0.04 15.86
C LEU B 209 -26.94 0.45 16.82
N GLY B 210 -26.49 1.70 16.66
CA GLY B 210 -25.46 2.23 17.53
C GLY B 210 -25.88 2.47 18.96
N HIS B 211 -27.16 2.80 19.17
CA HIS B 211 -27.69 3.08 20.50
C HIS B 211 -28.12 1.83 21.29
N LEU B 212 -28.27 0.70 20.61
CA LEU B 212 -28.73 -0.52 21.26
C LEU B 212 -27.66 -1.30 22.02
N ASN B 213 -26.42 -0.83 21.99
CA ASN B 213 -25.34 -1.48 22.71
C ASN B 213 -25.15 -2.99 22.40
N ILE B 214 -24.92 -3.31 21.13
CA ILE B 214 -24.70 -4.71 20.74
C ILE B 214 -23.23 -5.10 20.95
N ASP B 215 -22.99 -6.25 21.55
CA ASP B 215 -21.63 -6.73 21.79
C ASP B 215 -20.84 -6.86 20.49
N TRP B 216 -21.48 -7.44 19.48
CA TRP B 216 -20.84 -7.59 18.18
C TRP B 216 -21.77 -8.09 17.10
N ILE B 217 -21.44 -7.77 15.86
CA ILE B 217 -22.21 -8.21 14.70
C ILE B 217 -21.45 -9.38 14.08
N GLU B 218 -22.16 -10.47 13.84
CA GLU B 218 -21.55 -11.66 13.29
C GLU B 218 -21.89 -11.87 11.82
N GLN B 219 -20.86 -12.15 11.02
CA GLN B 219 -20.97 -12.43 9.58
C GLN B 219 -22.12 -11.73 8.88
N PRO B 220 -22.02 -10.41 8.70
CA PRO B 220 -23.12 -9.71 8.02
C PRO B 220 -23.17 -9.91 6.49
N VAL B 221 -22.01 -10.15 5.87
CA VAL B 221 -21.94 -10.31 4.43
C VAL B 221 -21.68 -11.76 3.99
N ILE B 222 -21.73 -12.00 2.68
CA ILE B 222 -21.50 -13.35 2.16
C ILE B 222 -20.12 -13.83 2.57
N ALA B 223 -20.07 -15.11 2.93
CA ALA B 223 -18.86 -15.74 3.39
C ALA B 223 -17.59 -15.41 2.63
N ASP B 224 -17.61 -15.59 1.32
CA ASP B 224 -16.42 -15.35 0.52
C ASP B 224 -15.88 -13.92 0.49
N ASP B 225 -16.69 -12.93 0.89
CA ASP B 225 -16.23 -11.56 0.84
C ASP B 225 -15.54 -11.05 2.11
N ILE B 226 -14.26 -11.41 2.26
CA ILE B 226 -13.50 -10.94 3.39
C ILE B 226 -13.21 -9.46 3.20
N ASP B 227 -13.04 -9.05 1.95
CA ASP B 227 -12.75 -7.65 1.62
C ASP B 227 -13.86 -6.75 2.14
N ALA B 228 -15.11 -7.17 1.93
CA ALA B 228 -16.24 -6.37 2.38
C ALA B 228 -16.17 -6.22 3.90
N MET B 229 -15.80 -7.31 4.57
CA MET B 229 -15.69 -7.30 6.02
C MET B 229 -14.67 -6.24 6.48
N ALA B 230 -13.51 -6.18 5.83
CA ALA B 230 -12.49 -5.19 6.18
C ALA B 230 -13.00 -3.79 5.87
N HIS B 231 -13.76 -3.64 4.79
CA HIS B 231 -14.26 -2.32 4.46
C HIS B 231 -15.26 -1.87 5.51
N ILE B 232 -16.12 -2.78 5.93
CA ILE B 232 -17.08 -2.46 6.97
C ILE B 232 -16.34 -2.05 8.25
N ARG B 233 -15.35 -2.85 8.64
CA ARG B 233 -14.59 -2.58 9.86
C ARG B 233 -13.90 -1.22 9.82
N SER B 234 -13.59 -0.73 8.62
CA SER B 234 -12.93 0.55 8.51
C SER B 234 -13.88 1.71 8.77
N LYS B 235 -15.17 1.46 8.67
CA LYS B 235 -16.16 2.52 8.86
C LYS B 235 -17.17 2.34 9.99
N THR B 236 -16.87 1.46 10.95
CA THR B 236 -17.79 1.25 12.08
C THR B 236 -17.04 0.98 13.37
N ASP B 237 -17.64 1.31 14.50
CA ASP B 237 -16.97 1.06 15.77
C ASP B 237 -17.59 -0.13 16.51
N LEU B 238 -18.48 -0.84 15.83
CA LEU B 238 -19.10 -2.03 16.39
C LEU B 238 -18.14 -3.20 16.13
N PRO B 239 -17.88 -4.00 17.16
CA PRO B 239 -16.98 -5.14 16.97
C PRO B 239 -17.55 -6.07 15.93
N LEU B 240 -16.69 -6.63 15.08
CA LEU B 240 -17.14 -7.54 14.03
C LEU B 240 -16.59 -8.95 14.19
N MET B 241 -17.45 -9.93 13.93
CA MET B 241 -17.01 -11.32 14.04
C MET B 241 -17.23 -12.01 12.73
N ILE B 242 -16.26 -12.82 12.31
CA ILE B 242 -16.38 -13.57 11.09
C ILE B 242 -16.66 -15.02 11.44
N ASP B 243 -17.66 -15.60 10.79
CA ASP B 243 -18.02 -17.00 11.03
C ASP B 243 -17.85 -17.78 9.72
N GLU B 244 -18.89 -17.81 8.90
CA GLU B 244 -18.80 -18.57 7.64
C GLU B 244 -17.62 -18.15 6.78
N GLY B 245 -17.12 -16.93 6.99
CA GLY B 245 -16.00 -16.45 6.23
C GLY B 245 -14.69 -17.10 6.64
N LEU B 246 -14.72 -17.81 7.76
CA LEU B 246 -13.53 -18.49 8.28
C LEU B 246 -13.73 -19.99 8.39
N LYS B 247 -12.87 -20.77 7.75
CA LYS B 247 -12.98 -22.21 7.85
C LYS B 247 -11.63 -22.79 8.28
N SER B 248 -10.61 -22.56 7.47
CA SER B 248 -9.27 -23.05 7.76
C SER B 248 -8.28 -21.90 7.84
N SER B 249 -7.01 -22.23 8.08
CA SER B 249 -5.95 -21.25 8.16
C SER B 249 -5.86 -20.41 6.89
N ARG B 250 -6.38 -20.95 5.79
CA ARG B 250 -6.36 -20.23 4.53
C ARG B 250 -7.09 -18.89 4.63
N GLU B 251 -8.27 -18.87 5.24
CA GLU B 251 -8.93 -17.58 5.36
C GLU B 251 -8.43 -16.83 6.59
N MET B 252 -7.92 -17.56 7.58
CA MET B 252 -7.38 -16.91 8.77
C MET B 252 -6.26 -15.99 8.31
N ARG B 253 -5.42 -16.49 7.42
CA ARG B 253 -4.32 -15.70 6.91
C ARG B 253 -4.82 -14.41 6.26
N GLN B 254 -5.87 -14.53 5.46
CA GLN B 254 -6.45 -13.38 4.77
C GLN B 254 -7.08 -12.40 5.76
N ILE B 255 -7.75 -12.92 6.79
CA ILE B 255 -8.38 -12.08 7.79
C ILE B 255 -7.35 -11.24 8.53
N ILE B 256 -6.19 -11.83 8.83
CA ILE B 256 -5.13 -11.13 9.53
C ILE B 256 -4.49 -10.07 8.63
N LYS B 257 -4.21 -10.46 7.40
CA LYS B 257 -3.59 -9.57 6.43
C LYS B 257 -4.43 -8.33 6.14
N LEU B 258 -5.72 -8.52 5.95
CA LEU B 258 -6.61 -7.41 5.65
C LEU B 258 -7.24 -6.75 6.88
N GLU B 259 -6.98 -7.29 8.06
CA GLU B 259 -7.56 -6.74 9.30
C GLU B 259 -9.08 -6.71 9.15
N ALA B 260 -9.63 -7.83 8.73
CA ALA B 260 -11.06 -7.92 8.49
C ALA B 260 -11.95 -8.17 9.68
N ALA B 261 -11.41 -8.48 10.84
CA ALA B 261 -12.29 -8.77 11.96
C ALA B 261 -11.73 -8.58 13.35
N ASP B 262 -12.62 -8.36 14.31
CA ASP B 262 -12.25 -8.19 15.71
C ASP B 262 -12.21 -9.56 16.37
N LYS B 263 -13.04 -10.47 15.88
CA LYS B 263 -13.09 -11.81 16.43
C LYS B 263 -13.56 -12.82 15.40
N VAL B 264 -13.18 -14.08 15.63
CA VAL B 264 -13.55 -15.17 14.75
C VAL B 264 -14.30 -16.26 15.48
N ASN B 265 -15.16 -16.95 14.75
CA ASN B 265 -15.95 -18.02 15.30
C ASN B 265 -15.37 -19.32 14.74
N ILE B 266 -14.62 -20.03 15.55
CA ILE B 266 -14.01 -21.29 15.12
C ILE B 266 -14.98 -22.43 15.39
N LYS B 267 -15.14 -23.29 14.40
CA LYS B 267 -16.02 -24.45 14.56
C LYS B 267 -15.25 -25.67 14.06
N LEU B 268 -15.20 -26.72 14.89
CA LEU B 268 -14.48 -27.93 14.54
C LEU B 268 -14.91 -28.46 13.18
N MET B 269 -16.18 -28.34 12.87
CA MET B 269 -16.72 -28.81 11.60
C MET B 269 -16.23 -28.02 10.39
N LYS B 270 -15.72 -26.80 10.62
CA LYS B 270 -15.26 -25.98 9.52
C LYS B 270 -13.77 -26.14 9.25
N CYS B 271 -13.02 -26.55 10.25
CA CYS B 271 -11.57 -26.69 10.11
C CYS B 271 -11.02 -28.10 10.18
N GLY B 272 -11.84 -29.07 10.56
CA GLY B 272 -11.34 -30.43 10.61
C GLY B 272 -11.04 -30.98 11.99
N GLY B 273 -11.69 -30.43 13.01
CA GLY B 273 -11.49 -30.95 14.35
C GLY B 273 -10.68 -30.16 15.36
N ILE B 274 -10.41 -30.83 16.48
CA ILE B 274 -9.66 -30.29 17.59
C ILE B 274 -8.29 -29.75 17.21
N TYR B 275 -7.47 -30.58 16.58
CA TYR B 275 -6.11 -30.15 16.23
C TYR B 275 -6.08 -28.90 15.36
N PRO B 276 -6.84 -28.89 14.24
CA PRO B 276 -6.85 -27.70 13.38
C PRO B 276 -7.40 -26.47 14.13
N ALA B 277 -8.38 -26.70 15.02
CA ALA B 277 -8.98 -25.61 15.77
C ALA B 277 -7.95 -24.97 16.70
N VAL B 278 -7.10 -25.79 17.30
CA VAL B 278 -6.05 -25.29 18.19
C VAL B 278 -5.09 -24.42 17.38
N LYS B 279 -4.76 -24.87 16.16
CA LYS B 279 -3.85 -24.12 15.30
C LYS B 279 -4.47 -22.75 14.96
N LEU B 280 -5.78 -22.72 14.72
CA LEU B 280 -6.45 -21.46 14.40
C LEU B 280 -6.36 -20.50 15.58
N ALA B 281 -6.55 -21.03 16.79
CA ALA B 281 -6.51 -20.22 18.01
C ALA B 281 -5.13 -19.61 18.14
N HIS B 282 -4.09 -20.40 17.86
CA HIS B 282 -2.74 -19.89 17.98
C HIS B 282 -2.48 -18.81 16.94
N GLN B 283 -3.03 -19.00 15.74
CA GLN B 283 -2.85 -18.03 14.68
C GLN B 283 -3.57 -16.73 15.02
N ALA B 284 -4.83 -16.84 15.46
CA ALA B 284 -5.61 -15.67 15.82
C ALA B 284 -4.90 -14.90 16.95
N GLU B 285 -4.28 -15.64 17.85
CA GLU B 285 -3.59 -15.02 18.97
C GLU B 285 -2.45 -14.10 18.53
N MET B 286 -1.74 -14.49 17.49
CA MET B 286 -0.64 -13.69 16.99
C MET B 286 -1.08 -12.29 16.56
N ALA B 287 -2.31 -12.18 16.07
CA ALA B 287 -2.84 -10.89 15.61
C ALA B 287 -3.76 -10.20 16.61
N GLY B 288 -3.90 -10.80 17.79
CA GLY B 288 -4.76 -10.22 18.81
C GLY B 288 -6.22 -10.30 18.43
N ILE B 289 -6.59 -11.33 17.70
CA ILE B 289 -7.98 -11.52 17.30
C ILE B 289 -8.63 -12.47 18.33
N GLU B 290 -9.68 -12.01 19.00
CA GLU B 290 -10.34 -12.85 19.98
C GLU B 290 -11.09 -13.98 19.30
N CYS B 291 -11.11 -15.15 19.94
CA CYS B 291 -11.77 -16.30 19.38
C CYS B 291 -12.96 -16.81 20.16
N GLN B 292 -13.86 -17.47 19.44
CA GLN B 292 -15.04 -18.08 20.02
C GLN B 292 -15.10 -19.46 19.41
N VAL B 293 -15.55 -20.43 20.18
CA VAL B 293 -15.73 -21.76 19.64
C VAL B 293 -17.23 -21.91 19.55
N GLY B 294 -17.75 -21.93 18.34
CA GLY B 294 -19.17 -22.11 18.12
C GLY B 294 -19.38 -23.51 17.59
N SER B 295 -20.47 -23.73 16.88
CA SER B 295 -20.71 -25.06 16.34
C SER B 295 -21.96 -25.11 15.48
N MET B 296 -22.18 -26.28 14.90
CA MET B 296 -23.38 -26.53 14.12
C MET B 296 -24.21 -27.15 15.26
N VAL B 297 -25.49 -27.40 15.07
CA VAL B 297 -26.22 -28.00 16.18
C VAL B 297 -25.70 -29.44 16.31
N GLU B 298 -24.86 -29.67 17.31
CA GLU B 298 -24.23 -30.98 17.52
C GLU B 298 -24.57 -31.74 18.80
N SER B 299 -24.38 -33.06 18.76
CA SER B 299 -24.66 -33.89 19.92
C SER B 299 -23.56 -33.66 20.95
N SER B 300 -23.65 -34.37 22.07
CA SER B 300 -22.67 -34.25 23.14
C SER B 300 -21.25 -34.56 22.69
N VAL B 301 -21.11 -35.45 21.71
CA VAL B 301 -19.80 -35.83 21.22
C VAL B 301 -18.98 -34.67 20.64
N ALA B 302 -19.48 -34.02 19.59
CA ALA B 302 -18.74 -32.89 19.01
C ALA B 302 -18.74 -31.71 19.96
N SER B 303 -19.86 -31.51 20.64
CA SER B 303 -19.99 -30.40 21.57
C SER B 303 -18.92 -30.43 22.63
N SER B 304 -18.69 -31.59 23.26
CA SER B 304 -17.66 -31.64 24.28
C SER B 304 -16.31 -31.40 23.64
N ALA B 305 -16.12 -31.95 22.44
CA ALA B 305 -14.86 -31.76 21.71
C ALA B 305 -14.61 -30.27 21.60
N GLY B 306 -15.64 -29.53 21.22
CA GLY B 306 -15.51 -28.08 21.10
C GLY B 306 -15.16 -27.41 22.42
N PHE B 307 -15.82 -27.83 23.50
CA PHE B 307 -15.56 -27.26 24.82
C PHE B 307 -14.13 -27.54 25.29
N HIS B 308 -13.60 -28.72 25.02
CA HIS B 308 -12.24 -29.06 25.41
C HIS B 308 -11.25 -28.08 24.78
N VAL B 309 -11.51 -27.72 23.51
CA VAL B 309 -10.63 -26.76 22.86
C VAL B 309 -10.79 -25.42 23.59
N ALA B 310 -12.04 -24.98 23.75
CA ALA B 310 -12.34 -23.73 24.41
C ALA B 310 -11.72 -23.60 25.80
N PHE B 311 -11.93 -24.61 26.64
CA PHE B 311 -11.41 -24.59 28.01
C PHE B 311 -9.91 -24.57 28.14
N SER B 312 -9.21 -24.94 27.08
CA SER B 312 -7.75 -24.98 27.13
C SER B 312 -7.05 -23.72 26.59
N LYS B 313 -7.82 -22.76 26.07
CA LYS B 313 -7.20 -21.58 25.49
C LYS B 313 -7.64 -20.20 25.99
N LYS B 314 -6.69 -19.43 26.50
CA LYS B 314 -6.96 -18.08 26.99
C LYS B 314 -7.53 -17.16 25.89
N ILE B 315 -7.12 -17.37 24.65
CA ILE B 315 -7.61 -16.55 23.56
C ILE B 315 -9.09 -16.83 23.22
N ILE B 316 -9.61 -17.96 23.69
CA ILE B 316 -11.01 -18.27 23.43
C ILE B 316 -11.81 -17.71 24.60
N THR B 317 -12.56 -16.65 24.35
CA THR B 317 -13.29 -15.97 25.43
C THR B 317 -14.80 -16.14 25.48
N SER B 318 -15.37 -16.86 24.53
CA SER B 318 -16.81 -17.08 24.57
C SER B 318 -17.02 -18.42 23.90
N VAL B 319 -18.18 -19.02 24.17
CA VAL B 319 -18.45 -20.33 23.65
C VAL B 319 -19.89 -20.42 23.20
N GLU B 320 -20.15 -21.18 22.14
CA GLU B 320 -21.51 -21.32 21.62
C GLU B 320 -21.80 -22.72 21.09
N LEU B 321 -21.88 -23.68 22.00
CA LEU B 321 -22.18 -25.06 21.65
C LEU B 321 -23.37 -25.42 22.55
N THR B 322 -24.57 -25.36 22.00
CA THR B 322 -25.76 -25.65 22.78
C THR B 322 -26.66 -26.72 22.16
N GLY B 323 -26.10 -27.51 21.25
CA GLY B 323 -26.88 -28.56 20.64
C GLY B 323 -27.47 -29.55 21.64
N PRO B 324 -26.66 -30.06 22.58
CA PRO B 324 -27.20 -31.02 23.56
C PRO B 324 -28.45 -30.56 24.29
N LEU B 325 -28.64 -29.25 24.42
CA LEU B 325 -29.83 -28.79 25.10
C LEU B 325 -30.92 -28.25 24.19
N LYS B 326 -30.88 -28.66 22.93
CA LYS B 326 -31.89 -28.28 21.95
C LYS B 326 -32.57 -29.56 21.45
N PHE B 327 -31.89 -30.68 21.68
CA PHE B 327 -32.40 -31.99 21.26
C PHE B 327 -33.24 -32.62 22.36
N THR B 328 -34.15 -33.52 21.97
CA THR B 328 -35.00 -34.21 22.93
C THR B 328 -34.35 -35.56 23.25
N LYS B 329 -33.34 -35.93 22.47
CA LYS B 329 -32.58 -37.17 22.66
C LYS B 329 -31.13 -36.92 22.27
N ASP B 330 -30.19 -37.38 23.09
CA ASP B 330 -28.78 -37.18 22.83
C ASP B 330 -28.12 -38.53 22.98
N ILE B 331 -27.09 -38.82 22.18
CA ILE B 331 -26.41 -40.10 22.31
C ILE B 331 -25.34 -40.03 23.40
N GLY B 332 -25.11 -38.81 23.88
CA GLY B 332 -24.13 -38.60 24.94
C GLY B 332 -24.76 -37.88 26.11
N ASN B 333 -23.99 -37.67 27.16
CA ASN B 333 -24.49 -37.02 28.37
C ASN B 333 -23.68 -35.82 28.85
N LEU B 334 -23.36 -34.89 27.95
CA LEU B 334 -22.59 -33.73 28.35
C LEU B 334 -23.51 -32.93 29.27
N HIS B 335 -23.03 -32.64 30.47
CA HIS B 335 -23.85 -31.92 31.44
C HIS B 335 -23.67 -30.41 31.49
N TYR B 336 -24.78 -29.70 31.35
CA TYR B 336 -24.77 -28.25 31.43
C TYR B 336 -25.35 -27.77 32.77
N ASP B 337 -24.66 -26.85 33.43
CA ASP B 337 -25.12 -26.28 34.68
C ASP B 337 -25.66 -24.90 34.35
N VAL B 338 -26.61 -24.86 33.40
CA VAL B 338 -27.21 -23.61 32.94
C VAL B 338 -27.38 -22.63 34.09
N PRO B 339 -26.98 -21.36 33.87
CA PRO B 339 -26.41 -20.80 32.66
C PRO B 339 -24.89 -20.84 32.53
N PHE B 340 -24.28 -21.99 32.84
CA PHE B 340 -22.83 -22.13 32.73
C PHE B 340 -22.46 -23.52 32.23
N ILE B 341 -21.24 -23.69 31.74
CA ILE B 341 -20.77 -25.02 31.34
C ILE B 341 -19.47 -25.15 32.06
N ARG B 342 -19.23 -26.31 32.62
CA ARG B 342 -17.99 -26.59 33.33
C ARG B 342 -17.71 -27.98 32.84
N LEU B 343 -16.45 -28.29 32.58
CA LEU B 343 -16.12 -29.63 32.12
C LEU B 343 -15.69 -30.47 33.30
N ASN B 344 -16.00 -31.76 33.24
CA ASN B 344 -15.59 -32.63 34.32
C ASN B 344 -14.12 -32.99 34.12
N GLU B 345 -13.64 -33.94 34.92
CA GLU B 345 -12.25 -34.36 34.87
C GLU B 345 -12.09 -35.74 34.27
N LYS B 346 -13.14 -36.26 33.67
CA LYS B 346 -13.09 -37.59 33.10
C LYS B 346 -12.20 -37.69 31.86
N PRO B 347 -11.62 -38.87 31.62
CA PRO B 347 -10.74 -39.09 30.47
C PRO B 347 -11.43 -38.94 29.11
N GLY B 348 -10.63 -38.56 28.11
CA GLY B 348 -11.16 -38.38 26.77
C GLY B 348 -12.17 -37.26 26.77
N LEU B 349 -13.27 -37.47 26.07
CA LEU B 349 -14.31 -36.47 26.00
C LEU B 349 -15.07 -36.36 27.31
N GLY B 350 -14.78 -37.25 28.25
CA GLY B 350 -15.44 -37.25 29.55
C GLY B 350 -16.94 -37.46 29.43
N ILE B 351 -17.32 -38.22 28.41
CA ILE B 351 -18.71 -38.49 28.11
C ILE B 351 -19.00 -40.00 28.08
N GLU B 352 -20.28 -40.35 28.18
CA GLU B 352 -20.71 -41.74 28.11
C GLU B 352 -21.72 -41.84 26.98
N ILE B 353 -21.53 -42.81 26.09
CA ILE B 353 -22.44 -42.98 24.97
C ILE B 353 -23.50 -44.03 25.27
N ASN B 354 -24.76 -43.66 25.08
CA ASN B 354 -25.86 -44.60 25.30
C ASN B 354 -26.08 -45.40 24.03
N GLU B 355 -25.51 -46.60 23.97
CA GLU B 355 -25.64 -47.47 22.80
C GLU B 355 -27.07 -47.57 22.29
N ASP B 356 -28.02 -47.72 23.21
CA ASP B 356 -29.42 -47.87 22.82
C ASP B 356 -29.94 -46.63 22.10
N THR B 357 -29.60 -45.45 22.61
CA THR B 357 -30.04 -44.22 21.99
C THR B 357 -29.40 -44.07 20.60
N LEU B 358 -28.12 -44.41 20.51
CA LEU B 358 -27.39 -44.31 19.25
C LEU B 358 -28.07 -45.16 18.20
N GLN B 359 -28.29 -46.42 18.55
CA GLN B 359 -28.91 -47.37 17.65
C GLN B 359 -30.32 -46.99 17.20
N GLU B 360 -31.12 -46.41 18.09
CA GLU B 360 -32.48 -46.05 17.68
C GLU B 360 -32.50 -44.81 16.80
N LEU B 361 -31.44 -44.03 16.85
CA LEU B 361 -31.35 -42.82 16.04
C LEU B 361 -30.67 -43.07 14.70
N THR B 362 -29.99 -44.21 14.57
CA THR B 362 -29.31 -44.56 13.35
C THR B 362 -30.27 -44.88 12.20
N VAL B 363 -30.07 -44.23 11.05
CA VAL B 363 -30.91 -44.47 9.88
C VAL B 363 -30.24 -45.53 9.01
N PHE B 364 -28.92 -45.52 8.98
CA PHE B 364 -28.14 -46.52 8.23
C PHE B 364 -26.71 -46.50 8.75
N GLN B 365 -25.96 -47.57 8.53
CA GLN B 365 -24.60 -47.64 9.04
C GLN B 365 -23.74 -48.61 8.27
N ASP B 366 -22.46 -48.64 8.62
CA ASP B 366 -21.49 -49.54 8.00
C ASP B 366 -20.28 -49.62 8.90
N ILE B 367 -19.41 -50.58 8.63
CA ILE B 367 -18.19 -50.78 9.41
C ILE B 367 -17.06 -50.94 8.42
N VAL B 368 -15.90 -50.36 8.73
CA VAL B 368 -14.78 -50.47 7.83
C VAL B 368 -13.57 -51.04 8.56
N ARG B 369 -13.01 -52.10 7.99
CA ARG B 369 -11.84 -52.76 8.58
C ARG B 369 -10.83 -53.13 7.50
N MET C 1 -12.51 39.87 -30.76
CA MET C 1 -12.51 39.10 -32.03
C MET C 1 -13.63 38.04 -32.01
N LYS C 2 -14.17 37.72 -33.18
CA LYS C 2 -15.24 36.74 -33.28
C LYS C 2 -15.08 35.81 -34.46
N ILE C 3 -15.38 34.54 -34.25
CA ILE C 3 -15.32 33.57 -35.34
C ILE C 3 -16.57 33.80 -36.20
N THR C 4 -16.37 34.03 -37.50
CA THR C 4 -17.49 34.28 -38.40
C THR C 4 -17.88 33.07 -39.22
N ALA C 5 -16.89 32.24 -39.56
CA ALA C 5 -17.15 31.06 -40.35
C ALA C 5 -16.04 30.03 -40.22
N ILE C 6 -16.38 28.76 -40.47
CA ILE C 6 -15.41 27.69 -40.39
C ILE C 6 -15.61 26.76 -41.57
N HIS C 7 -14.57 26.62 -42.39
CA HIS C 7 -14.61 25.77 -43.57
C HIS C 7 -14.02 24.42 -43.20
N LEU C 8 -14.67 23.34 -43.64
CA LEU C 8 -14.19 22.00 -43.36
C LEU C 8 -13.83 21.30 -44.66
N TYR C 9 -12.59 20.83 -44.75
CA TYR C 9 -12.11 20.14 -45.95
C TYR C 9 -11.70 18.70 -45.62
N ALA C 10 -12.42 17.73 -46.19
CA ALA C 10 -12.06 16.34 -45.98
C ALA C 10 -11.12 15.98 -47.12
N ILE C 11 -9.82 15.99 -46.83
CA ILE C 11 -8.82 15.71 -47.86
C ILE C 11 -8.14 14.36 -47.68
N ARG C 12 -7.26 14.04 -48.62
CA ARG C 12 -6.49 12.82 -48.59
C ARG C 12 -5.07 13.12 -49.04
N LEU C 13 -4.14 12.93 -48.11
CA LEU C 13 -2.73 13.18 -48.39
C LEU C 13 -2.07 11.93 -48.95
N PRO C 14 -1.58 11.99 -50.21
CA PRO C 14 -0.93 10.85 -50.86
C PRO C 14 0.43 10.49 -50.27
N LEU C 15 0.64 9.19 -50.05
CA LEU C 15 1.90 8.70 -49.48
C LEU C 15 2.82 8.06 -50.52
N ARG C 16 4.10 8.39 -50.45
CA ARG C 16 5.10 7.86 -51.37
C ARG C 16 5.13 6.33 -51.30
N ASN C 17 5.01 5.79 -50.09
CA ASN C 17 5.01 4.35 -49.89
C ASN C 17 4.03 3.98 -48.77
N PRO C 18 3.52 2.73 -48.80
CA PRO C 18 2.56 2.31 -47.76
C PRO C 18 3.18 2.34 -46.35
N PHE C 19 2.48 2.98 -45.42
CA PHE C 19 2.94 3.08 -44.04
C PHE C 19 2.41 1.85 -43.28
N VAL C 20 3.32 0.98 -42.83
CA VAL C 20 2.91 -0.24 -42.14
C VAL C 20 3.26 -0.33 -40.65
N ILE C 21 2.25 -0.60 -39.83
CA ILE C 21 2.43 -0.74 -38.39
C ILE C 21 1.74 -2.00 -37.89
N SER C 22 1.80 -2.23 -36.58
CA SER C 22 1.22 -3.40 -35.95
C SER C 22 -0.25 -3.70 -36.27
N TYR C 23 -1.10 -2.69 -36.21
CA TYR C 23 -2.53 -2.90 -36.44
C TYR C 23 -3.11 -2.37 -37.76
N GLY C 24 -2.29 -2.29 -38.80
CA GLY C 24 -2.80 -1.81 -40.07
C GLY C 24 -1.79 -1.27 -41.07
N SER C 25 -2.20 -1.21 -42.34
CA SER C 25 -1.36 -0.70 -43.42
C SER C 25 -2.07 0.50 -44.06
N TYR C 26 -1.30 1.55 -44.37
CA TYR C 26 -1.85 2.78 -44.96
C TYR C 26 -1.25 3.14 -46.32
N SER C 27 -2.11 3.29 -47.32
CA SER C 27 -1.67 3.64 -48.67
C SER C 27 -1.65 5.16 -48.83
N ASP C 28 -2.44 5.84 -47.99
CA ASP C 28 -2.51 7.30 -48.00
C ASP C 28 -3.05 7.73 -46.63
N MET C 29 -3.28 9.03 -46.43
CA MET C 29 -3.76 9.46 -45.11
C MET C 29 -4.90 10.46 -45.12
N PRO C 30 -6.12 10.01 -44.77
CA PRO C 30 -7.30 10.87 -44.73
C PRO C 30 -7.11 11.92 -43.64
N SER C 31 -7.57 13.14 -43.90
CA SER C 31 -7.40 14.21 -42.93
C SER C 31 -8.49 15.25 -43.07
N ILE C 32 -8.77 15.96 -41.98
CA ILE C 32 -9.77 17.01 -42.00
C ILE C 32 -9.05 18.31 -41.77
N ILE C 33 -9.25 19.27 -42.67
CA ILE C 33 -8.60 20.57 -42.54
C ILE C 33 -9.67 21.61 -42.22
N VAL C 34 -9.33 22.57 -41.36
CA VAL C 34 -10.28 23.60 -41.02
C VAL C 34 -9.71 24.98 -41.31
N LYS C 35 -10.52 25.86 -41.87
CA LYS C 35 -10.11 27.22 -42.14
C LYS C 35 -11.07 28.05 -41.29
N MET C 36 -10.52 28.79 -40.33
CA MET C 36 -11.32 29.59 -39.43
C MET C 36 -11.26 31.07 -39.80
N GLU C 37 -12.42 31.67 -40.05
CA GLU C 37 -12.51 33.08 -40.41
C GLU C 37 -13.02 33.89 -39.23
N THR C 38 -12.46 35.08 -39.07
CA THR C 38 -12.82 35.97 -37.98
C THR C 38 -13.35 37.32 -38.49
N ASP C 39 -14.08 38.03 -37.65
CA ASP C 39 -14.61 39.33 -38.04
C ASP C 39 -13.49 40.32 -38.34
N GLU C 40 -12.26 39.98 -37.93
CA GLU C 40 -11.14 40.87 -38.17
C GLU C 40 -10.35 40.52 -39.43
N GLY C 41 -10.93 39.64 -40.26
CA GLY C 41 -10.27 39.27 -41.49
C GLY C 41 -9.11 38.30 -41.35
N ILE C 42 -8.70 38.03 -40.11
CA ILE C 42 -7.59 37.12 -39.86
C ILE C 42 -8.09 35.68 -39.97
N ILE C 43 -7.33 34.85 -40.69
CA ILE C 43 -7.74 33.46 -40.85
C ILE C 43 -6.70 32.46 -40.32
N GLY C 44 -7.20 31.37 -39.76
CA GLY C 44 -6.32 30.35 -39.21
C GLY C 44 -6.63 28.98 -39.74
N TYR C 45 -5.58 28.15 -39.85
CA TYR C 45 -5.75 26.79 -40.33
C TYR C 45 -5.49 25.77 -39.24
N GLY C 46 -6.33 24.76 -39.19
CA GLY C 46 -6.18 23.71 -38.20
C GLY C 46 -6.28 22.39 -38.92
N GLU C 47 -5.93 21.31 -38.24
CA GLU C 47 -6.00 19.99 -38.85
C GLU C 47 -6.33 18.89 -37.86
N GLY C 48 -7.07 17.92 -38.34
CA GLY C 48 -7.47 16.79 -37.53
C GLY C 48 -7.27 15.53 -38.34
N VAL C 49 -6.34 14.67 -37.93
CA VAL C 49 -6.11 13.42 -38.62
C VAL C 49 -6.41 12.34 -37.60
N ALA C 50 -7.55 11.67 -37.84
CA ALA C 50 -8.04 10.64 -36.96
C ALA C 50 -7.44 9.26 -37.15
N ASP C 51 -7.27 8.58 -36.03
CA ASP C 51 -6.77 7.21 -36.04
C ASP C 51 -7.82 6.38 -35.32
N ASP C 52 -8.66 5.70 -36.10
CA ASP C 52 -9.74 4.88 -35.58
C ASP C 52 -9.29 3.95 -34.47
N HIS C 53 -8.09 3.40 -34.59
CA HIS C 53 -7.58 2.45 -33.62
C HIS C 53 -7.10 3.03 -32.30
N VAL C 54 -6.94 4.35 -32.23
CA VAL C 54 -6.46 4.98 -31.01
C VAL C 54 -7.47 5.78 -30.23
N THR C 55 -8.18 6.68 -30.90
CA THR C 55 -9.14 7.53 -30.20
C THR C 55 -10.58 7.23 -30.59
N GLY C 56 -10.76 6.25 -31.46
CA GLY C 56 -12.11 5.90 -31.89
C GLY C 56 -12.79 6.99 -32.68
N GLU C 57 -12.01 7.77 -33.41
CA GLU C 57 -12.55 8.82 -34.26
C GLU C 57 -12.16 8.40 -35.68
N SER C 58 -13.01 8.68 -36.65
CA SER C 58 -12.70 8.33 -38.02
C SER C 58 -12.71 9.60 -38.84
N TRP C 59 -12.23 9.48 -40.09
CA TRP C 59 -12.17 10.59 -41.02
C TRP C 59 -13.54 11.24 -41.15
N GLU C 60 -14.53 10.46 -41.56
CA GLU C 60 -15.87 10.98 -41.73
C GLU C 60 -16.53 11.43 -40.42
N SER C 61 -16.34 10.64 -39.36
CA SER C 61 -16.94 10.96 -38.07
C SER C 61 -16.43 12.29 -37.54
N THR C 62 -15.15 12.54 -37.72
CA THR C 62 -14.55 13.79 -37.27
C THR C 62 -15.10 14.97 -38.04
N PHE C 63 -15.25 14.79 -39.35
CA PHE C 63 -15.76 15.84 -40.21
C PHE C 63 -17.15 16.26 -39.71
N HIS C 64 -17.99 15.26 -39.44
CA HIS C 64 -19.34 15.53 -38.99
C HIS C 64 -19.49 16.06 -37.56
N THR C 65 -18.69 15.57 -36.60
CA THR C 65 -18.85 16.11 -35.26
C THR C 65 -18.39 17.58 -35.30
N LEU C 66 -17.48 17.89 -36.22
CA LEU C 66 -17.02 19.26 -36.37
C LEU C 66 -18.16 20.09 -36.98
N LYS C 67 -18.75 19.55 -38.05
CA LYS C 67 -19.83 20.23 -38.74
C LYS C 67 -21.11 20.46 -37.96
N HIS C 68 -21.64 19.40 -37.37
CA HIS C 68 -22.91 19.52 -36.65
C HIS C 68 -22.84 19.76 -35.16
N THR C 69 -21.71 19.45 -34.53
CA THR C 69 -21.62 19.61 -33.07
C THR C 69 -20.71 20.72 -32.57
N LEU C 70 -19.44 20.67 -32.94
CA LEU C 70 -18.51 21.68 -32.48
C LEU C 70 -18.58 23.06 -33.14
N THR C 71 -18.47 23.14 -34.47
CA THR C 71 -18.48 24.45 -35.13
C THR C 71 -19.70 25.33 -34.89
N PRO C 72 -20.92 24.77 -34.92
CA PRO C 72 -22.04 25.66 -34.68
C PRO C 72 -21.97 26.37 -33.33
N ALA C 73 -21.44 25.68 -32.32
CA ALA C 73 -21.31 26.27 -30.98
C ALA C 73 -20.15 27.27 -30.88
N LEU C 74 -19.27 27.26 -31.87
CA LEU C 74 -18.11 28.14 -31.87
C LEU C 74 -18.29 29.45 -32.63
N ILE C 75 -19.28 29.53 -33.52
CA ILE C 75 -19.52 30.75 -34.27
C ILE C 75 -19.82 31.89 -33.29
N GLY C 76 -19.17 33.03 -33.49
CA GLY C 76 -19.37 34.16 -32.60
C GLY C 76 -18.48 34.12 -31.37
N GLN C 77 -17.79 32.99 -31.20
CA GLN C 77 -16.90 32.81 -30.05
C GLN C 77 -15.51 33.44 -30.37
N ASN C 78 -14.80 33.86 -29.33
CA ASN C 78 -13.48 34.48 -29.49
C ASN C 78 -12.33 33.48 -29.46
N PRO C 79 -11.61 33.32 -30.60
CA PRO C 79 -10.49 32.39 -30.70
C PRO C 79 -9.25 32.76 -29.89
N MET C 80 -9.23 33.98 -29.36
CA MET C 80 -8.09 34.44 -28.57
C MET C 80 -8.13 33.86 -27.16
N ASN C 81 -9.31 33.48 -26.70
CA ASN C 81 -9.47 32.89 -25.37
C ASN C 81 -9.46 31.39 -25.49
N ILE C 82 -8.27 30.84 -25.63
CA ILE C 82 -8.09 29.42 -25.79
C ILE C 82 -8.71 28.57 -24.66
N GLU C 83 -8.53 29.00 -23.41
CA GLU C 83 -9.09 28.28 -22.27
C GLU C 83 -10.62 28.23 -22.40
N LYS C 84 -11.20 29.35 -22.82
CA LYS C 84 -12.65 29.48 -23.01
C LYS C 84 -13.12 28.59 -24.16
N ILE C 85 -12.39 28.63 -25.28
CA ILE C 85 -12.72 27.83 -26.45
C ILE C 85 -12.80 26.36 -26.07
N HIS C 86 -11.82 25.88 -25.31
CA HIS C 86 -11.82 24.49 -24.87
C HIS C 86 -12.93 24.19 -23.89
N ASP C 87 -13.28 25.17 -23.05
CA ASP C 87 -14.34 24.96 -22.09
C ASP C 87 -15.65 24.74 -22.85
N MET C 88 -15.87 25.57 -23.86
CA MET C 88 -17.07 25.46 -24.68
C MET C 88 -17.15 24.10 -25.36
N MET C 89 -16.07 23.69 -26.01
CA MET C 89 -16.03 22.39 -26.68
C MET C 89 -16.26 21.23 -25.72
N ASP C 90 -15.55 21.22 -24.59
CA ASP C 90 -15.71 20.15 -23.61
C ASP C 90 -17.14 20.08 -23.09
N ASN C 91 -17.75 21.25 -22.91
CA ASN C 91 -19.12 21.30 -22.42
C ASN C 91 -20.12 20.78 -23.45
N THR C 92 -19.86 21.00 -24.73
CA THR C 92 -20.81 20.52 -25.73
C THR C 92 -20.59 19.04 -26.04
N ILE C 93 -19.36 18.57 -25.93
CA ILE C 93 -19.11 17.15 -26.18
C ILE C 93 -17.86 16.64 -25.48
N TYR C 94 -17.94 15.42 -24.95
CA TYR C 94 -16.84 14.78 -24.24
C TYR C 94 -15.91 14.07 -25.24
N GLY C 95 -14.62 14.01 -24.92
CA GLY C 95 -13.66 13.33 -25.79
C GLY C 95 -13.45 13.98 -27.14
N VAL C 96 -13.51 13.18 -28.19
CA VAL C 96 -13.33 13.69 -29.55
C VAL C 96 -12.09 14.62 -29.63
N PRO C 97 -10.95 14.14 -29.12
CA PRO C 97 -9.74 14.97 -29.16
C PRO C 97 -9.24 15.40 -30.55
N THR C 98 -9.38 14.54 -31.55
CA THR C 98 -8.92 14.90 -32.88
C THR C 98 -9.73 16.06 -33.45
N ALA C 99 -11.05 16.01 -33.29
CA ALA C 99 -11.88 17.09 -33.81
C ALA C 99 -11.54 18.38 -33.08
N LYS C 100 -11.39 18.29 -31.76
CA LYS C 100 -11.07 19.48 -30.96
C LYS C 100 -9.68 20.04 -31.29
N ALA C 101 -8.75 19.15 -31.63
CA ALA C 101 -7.41 19.56 -31.99
C ALA C 101 -7.43 20.43 -33.24
N ALA C 102 -8.25 20.03 -34.21
CA ALA C 102 -8.37 20.76 -35.46
C ALA C 102 -8.78 22.21 -35.20
N ILE C 103 -9.66 22.41 -34.23
CA ILE C 103 -10.11 23.74 -33.90
C ILE C 103 -9.08 24.50 -33.08
N ASP C 104 -8.47 23.79 -32.13
CA ASP C 104 -7.46 24.37 -31.26
C ASP C 104 -6.32 24.96 -32.09
N ILE C 105 -5.85 24.20 -33.06
CA ILE C 105 -4.74 24.63 -33.90
C ILE C 105 -5.06 25.88 -34.71
N ALA C 106 -6.26 25.96 -35.26
CA ALA C 106 -6.65 27.14 -36.03
C ALA C 106 -6.69 28.36 -35.14
N CYS C 107 -7.17 28.19 -33.91
CA CYS C 107 -7.23 29.30 -32.97
C CYS C 107 -5.82 29.83 -32.65
N PHE C 108 -4.86 28.94 -32.47
CA PHE C 108 -3.50 29.40 -32.19
C PHE C 108 -2.90 30.07 -33.42
N ASP C 109 -3.23 29.55 -34.60
CA ASP C 109 -2.74 30.12 -35.83
C ASP C 109 -3.20 31.57 -35.90
N ILE C 110 -4.49 31.77 -35.67
CA ILE C 110 -5.10 33.09 -35.68
C ILE C 110 -4.47 33.96 -34.61
N MET C 111 -4.25 33.38 -33.43
CA MET C 111 -3.66 34.11 -32.32
C MET C 111 -2.27 34.64 -32.70
N GLY C 112 -1.46 33.76 -33.26
CA GLY C 112 -0.12 34.15 -33.65
C GLY C 112 -0.10 35.20 -34.74
N LYS C 113 -0.94 35.02 -35.75
CA LYS C 113 -1.02 35.98 -36.84
C LYS C 113 -1.49 37.32 -36.28
N LYS C 114 -2.49 37.27 -35.40
CA LYS C 114 -3.00 38.49 -34.80
C LYS C 114 -1.93 39.26 -34.03
N LEU C 115 -1.09 38.54 -33.29
CA LEU C 115 -0.03 39.20 -32.51
C LEU C 115 1.27 39.25 -33.28
N ASN C 116 1.21 38.86 -34.55
CA ASN C 116 2.38 38.83 -35.42
C ASN C 116 3.50 38.16 -34.64
N GLN C 117 3.27 36.90 -34.30
CA GLN C 117 4.25 36.16 -33.54
C GLN C 117 4.03 34.67 -33.78
N PRO C 118 5.10 33.87 -33.69
CA PRO C 118 4.92 32.43 -33.91
C PRO C 118 4.17 31.81 -32.72
N VAL C 119 3.50 30.70 -32.96
CA VAL C 119 2.74 30.02 -31.90
C VAL C 119 3.54 29.75 -30.63
N TYR C 120 4.74 29.20 -30.76
CA TYR C 120 5.52 28.88 -29.57
C TYR C 120 5.71 30.09 -28.65
N GLN C 121 5.61 31.29 -29.21
CA GLN C 121 5.76 32.47 -28.39
C GLN C 121 4.53 32.67 -27.49
N LEU C 122 3.41 32.07 -27.85
CA LEU C 122 2.19 32.20 -27.06
C LEU C 122 2.08 31.11 -25.99
N ILE C 123 2.98 30.13 -26.02
CA ILE C 123 2.90 29.07 -25.03
C ILE C 123 4.18 28.83 -24.24
N GLY C 124 4.95 29.89 -24.01
CA GLY C 124 6.17 29.71 -23.24
C GLY C 124 7.43 30.27 -23.89
N GLY C 125 7.33 30.67 -25.16
CA GLY C 125 8.48 31.21 -25.87
C GLY C 125 9.31 30.11 -26.49
N ARG C 126 10.42 30.48 -27.12
CA ARG C 126 11.27 29.48 -27.74
C ARG C 126 12.28 28.94 -26.72
N TYR C 127 12.38 27.62 -26.65
CA TYR C 127 13.34 27.03 -25.73
C TYR C 127 14.40 26.27 -26.50
N HIS C 128 13.97 25.48 -27.48
CA HIS C 128 14.89 24.70 -28.29
C HIS C 128 15.27 25.43 -29.57
N GLU C 129 16.46 25.12 -30.08
CA GLU C 129 16.93 25.71 -31.33
C GLU C 129 16.58 24.77 -32.46
N GLU C 130 16.78 23.48 -32.22
CA GLU C 130 16.51 22.45 -33.21
C GLU C 130 16.39 21.10 -32.51
N PHE C 131 15.86 20.10 -33.22
CA PHE C 131 15.73 18.74 -32.72
C PHE C 131 16.24 17.83 -33.83
N PRO C 132 16.87 16.71 -33.48
CA PRO C 132 17.33 15.83 -34.55
C PRO C 132 16.06 15.11 -35.02
N VAL C 133 16.05 14.63 -36.26
CA VAL C 133 14.87 13.92 -36.79
C VAL C 133 15.22 12.44 -36.83
N THR C 134 14.31 11.58 -36.38
CA THR C 134 14.62 10.16 -36.45
C THR C 134 13.75 9.51 -37.51
N HIS C 135 14.36 8.60 -38.27
CA HIS C 135 13.65 7.94 -39.36
C HIS C 135 12.87 6.71 -38.92
N VAL C 136 11.56 6.70 -39.17
CA VAL C 136 10.72 5.56 -38.80
C VAL C 136 10.67 4.52 -39.91
N LEU C 137 11.09 3.30 -39.58
CA LEU C 137 11.10 2.19 -40.53
C LEU C 137 9.82 1.36 -40.33
N SER C 138 8.95 1.35 -41.35
CA SER C 138 7.70 0.58 -41.27
C SER C 138 7.96 -0.93 -41.19
N ILE C 139 6.99 -1.64 -40.62
CA ILE C 139 7.11 -3.09 -40.46
C ILE C 139 7.45 -3.79 -41.79
N ALA C 140 8.60 -4.43 -41.84
CA ALA C 140 9.05 -5.13 -43.04
C ALA C 140 9.84 -6.35 -42.57
N ASP C 141 10.44 -7.07 -43.53
CA ASP C 141 11.23 -8.24 -43.20
C ASP C 141 12.58 -7.83 -42.63
N PRO C 142 13.17 -8.69 -41.77
CA PRO C 142 14.46 -8.47 -41.12
C PRO C 142 15.54 -7.81 -41.98
N GLU C 143 15.62 -8.17 -43.26
CA GLU C 143 16.64 -7.56 -44.10
C GLU C 143 16.14 -6.34 -44.87
N ASN C 144 14.82 -6.28 -45.05
CA ASN C 144 14.21 -5.16 -45.75
C ASN C 144 14.25 -3.91 -44.86
N MET C 145 14.26 -4.13 -43.55
CA MET C 145 14.32 -3.03 -42.60
C MET C 145 15.78 -2.65 -42.35
N ALA C 146 16.65 -3.66 -42.28
CA ALA C 146 18.07 -3.43 -42.06
C ALA C 146 18.60 -2.62 -43.22
N GLU C 147 18.01 -2.86 -44.40
CA GLU C 147 18.42 -2.16 -45.61
C GLU C 147 17.92 -0.71 -45.67
N GLU C 148 16.62 -0.51 -45.43
CA GLU C 148 16.06 0.84 -45.47
C GLU C 148 16.80 1.77 -44.54
N ALA C 149 17.39 1.21 -43.49
CA ALA C 149 18.15 1.99 -42.52
C ALA C 149 19.53 2.31 -43.08
N ALA C 150 20.08 1.36 -43.82
CA ALA C 150 21.39 1.55 -44.43
C ALA C 150 21.37 2.77 -45.34
N SER C 151 20.25 2.93 -46.05
CA SER C 151 20.07 4.04 -46.98
C SER C 151 20.03 5.39 -46.27
N MET C 152 19.05 5.55 -45.39
CA MET C 152 18.89 6.80 -44.64
C MET C 152 20.16 7.15 -43.88
N ILE C 153 20.93 6.13 -43.51
CA ILE C 153 22.19 6.37 -42.77
C ILE C 153 23.07 7.35 -43.54
N GLN C 154 23.21 7.11 -44.84
CA GLN C 154 24.04 7.95 -45.68
C GLN C 154 23.26 9.16 -46.21
N LYS C 155 22.59 9.84 -45.29
CA LYS C 155 21.81 11.03 -45.61
C LYS C 155 21.78 11.91 -44.38
N GLY C 156 22.60 11.55 -43.39
CA GLY C 156 22.68 12.32 -42.16
C GLY C 156 22.01 11.72 -40.94
N TYR C 157 20.96 10.94 -41.14
CA TYR C 157 20.22 10.32 -40.03
C TYR C 157 21.09 9.68 -38.96
N GLN C 158 20.81 10.05 -37.71
CA GLN C 158 21.56 9.57 -36.56
C GLN C 158 20.77 8.59 -35.69
N SER C 159 19.45 8.57 -35.84
CA SER C 159 18.62 7.67 -35.04
C SER C 159 17.40 7.15 -35.79
N PHE C 160 17.02 5.92 -35.48
CA PHE C 160 15.88 5.28 -36.12
C PHE C 160 14.86 4.71 -35.14
N LYS C 161 13.65 4.53 -35.65
CA LYS C 161 12.56 3.95 -34.86
C LYS C 161 12.03 2.77 -35.63
N MET C 162 12.14 1.58 -35.05
CA MET C 162 11.66 0.38 -35.71
C MET C 162 10.25 0.05 -35.25
N LYS C 163 9.33 -0.04 -36.20
CA LYS C 163 7.96 -0.43 -35.91
C LYS C 163 7.94 -1.96 -35.93
N VAL C 164 7.57 -2.58 -34.82
CA VAL C 164 7.52 -4.03 -34.77
C VAL C 164 6.17 -4.43 -34.16
N GLY C 165 6.05 -5.68 -33.74
CA GLY C 165 4.82 -6.12 -33.12
C GLY C 165 3.92 -7.11 -33.85
N THR C 166 4.47 -7.94 -34.72
CA THR C 166 3.65 -8.93 -35.42
C THR C 166 3.85 -10.26 -34.71
N ASN C 167 5.10 -10.54 -34.35
CA ASN C 167 5.44 -11.77 -33.65
C ASN C 167 6.79 -11.60 -32.94
N VAL C 168 6.76 -11.69 -31.61
CA VAL C 168 7.94 -11.54 -30.78
C VAL C 168 9.20 -12.18 -31.37
N LYS C 169 9.10 -13.45 -31.74
CA LYS C 169 10.26 -14.16 -32.28
C LYS C 169 10.74 -13.51 -33.58
N GLU C 170 9.81 -12.90 -34.32
CA GLU C 170 10.16 -12.26 -35.59
C GLU C 170 10.63 -10.82 -35.37
N ASP C 171 9.89 -10.08 -34.56
CA ASP C 171 10.25 -8.69 -34.28
C ASP C 171 11.69 -8.62 -33.80
N VAL C 172 12.07 -9.55 -32.92
CA VAL C 172 13.44 -9.58 -32.39
C VAL C 172 14.39 -9.80 -33.54
N LYS C 173 14.01 -10.71 -34.43
CA LYS C 173 14.79 -11.07 -35.62
C LYS C 173 15.17 -9.82 -36.40
N ARG C 174 14.24 -8.89 -36.52
CA ARG C 174 14.47 -7.64 -37.25
C ARG C 174 15.39 -6.66 -36.52
N ILE C 175 15.33 -6.63 -35.20
CA ILE C 175 16.14 -5.71 -34.41
C ILE C 175 17.66 -5.87 -34.57
N GLU C 176 18.23 -6.98 -34.12
CA GLU C 176 19.69 -7.14 -34.25
C GLU C 176 20.06 -7.03 -35.71
N ALA C 177 19.10 -7.33 -36.58
CA ALA C 177 19.33 -7.25 -38.01
C ALA C 177 19.80 -5.83 -38.35
N VAL C 178 19.00 -4.83 -38.02
CA VAL C 178 19.37 -3.44 -38.31
C VAL C 178 20.45 -2.93 -37.37
N ARG C 179 20.46 -3.41 -36.13
CA ARG C 179 21.47 -2.97 -35.17
C ARG C 179 22.86 -3.35 -35.70
N GLU C 180 22.97 -4.60 -36.14
CA GLU C 180 24.23 -5.11 -36.68
C GLU C 180 24.57 -4.32 -37.95
N ARG C 181 23.55 -4.12 -38.79
CA ARG C 181 23.67 -3.39 -40.04
C ARG C 181 24.13 -1.93 -39.93
N VAL C 182 23.81 -1.27 -38.81
CA VAL C 182 24.17 0.14 -38.63
C VAL C 182 25.25 0.45 -37.58
N GLY C 183 25.90 -0.58 -37.04
CA GLY C 183 26.92 -0.33 -36.04
C GLY C 183 26.35 -0.05 -34.66
N ASN C 184 27.17 0.47 -33.76
CA ASN C 184 26.74 0.74 -32.41
C ASN C 184 26.83 2.21 -31.99
N ASP C 185 26.62 3.12 -32.94
CA ASP C 185 26.66 4.54 -32.65
C ASP C 185 25.36 5.19 -33.13
N ILE C 186 24.59 4.43 -33.90
CA ILE C 186 23.30 4.87 -34.39
C ILE C 186 22.23 4.55 -33.35
N ALA C 187 21.52 5.58 -32.88
CA ALA C 187 20.48 5.38 -31.88
C ALA C 187 19.30 4.58 -32.47
N ILE C 188 18.76 3.67 -31.68
CA ILE C 188 17.63 2.86 -32.12
C ILE C 188 16.56 2.76 -31.03
N ARG C 189 15.31 3.07 -31.41
CA ARG C 189 14.18 2.99 -30.48
C ARG C 189 13.15 2.10 -31.16
N VAL C 190 12.44 1.29 -30.38
CA VAL C 190 11.46 0.41 -30.97
C VAL C 190 10.04 0.65 -30.46
N ASP C 191 9.11 0.65 -31.40
CA ASP C 191 7.71 0.89 -31.09
C ASP C 191 6.93 -0.35 -31.54
N VAL C 192 6.24 -1.01 -30.60
CA VAL C 192 5.52 -2.22 -30.96
C VAL C 192 4.02 -2.02 -31.15
N ASN C 193 3.57 -0.79 -30.98
CA ASN C 193 2.16 -0.47 -31.15
C ASN C 193 1.20 -1.51 -30.55
N GLN C 194 1.41 -1.86 -29.28
CA GLN C 194 0.57 -2.82 -28.55
C GLN C 194 0.74 -4.26 -28.97
N GLY C 195 1.55 -4.51 -29.98
CA GLY C 195 1.77 -5.86 -30.48
C GLY C 195 2.06 -7.02 -29.52
N TRP C 196 2.74 -6.80 -28.40
CA TRP C 196 3.01 -7.91 -27.50
C TRP C 196 1.87 -8.18 -26.52
N LYS C 197 0.85 -7.32 -26.54
CA LYS C 197 -0.35 -7.44 -25.72
C LYS C 197 -0.24 -7.37 -24.20
N ASN C 198 0.57 -8.24 -23.60
CA ASN C 198 0.69 -8.27 -22.14
C ASN C 198 2.14 -8.26 -21.65
N SER C 199 2.29 -8.25 -20.32
CA SER C 199 3.61 -8.22 -19.73
C SER C 199 4.41 -9.50 -19.88
N ALA C 200 3.75 -10.65 -19.93
CA ALA C 200 4.48 -11.90 -20.07
C ALA C 200 5.24 -11.90 -21.39
N ASN C 201 4.53 -11.70 -22.49
CA ASN C 201 5.17 -11.67 -23.80
C ASN C 201 6.26 -10.61 -23.86
N THR C 202 5.93 -9.42 -23.37
CA THR C 202 6.86 -8.30 -23.36
C THR C 202 8.16 -8.61 -22.62
N LEU C 203 8.05 -9.10 -21.39
CA LEU C 203 9.22 -9.41 -20.59
C LEU C 203 10.07 -10.48 -21.25
N THR C 204 9.42 -11.41 -21.95
CA THR C 204 10.14 -12.46 -22.63
C THR C 204 10.92 -11.83 -23.78
N ALA C 205 10.27 -10.94 -24.53
CA ALA C 205 10.93 -10.27 -25.64
C ALA C 205 12.12 -9.45 -25.15
N LEU C 206 11.92 -8.70 -24.07
CA LEU C 206 12.96 -7.83 -23.53
C LEU C 206 14.26 -8.53 -23.11
N ARG C 207 14.16 -9.76 -22.62
CA ARG C 207 15.37 -10.46 -22.19
C ARG C 207 16.26 -10.74 -23.40
N SER C 208 15.66 -10.79 -24.58
CA SER C 208 16.41 -11.05 -25.82
C SER C 208 16.86 -9.75 -26.49
N LEU C 209 16.67 -8.62 -25.82
CA LEU C 209 17.03 -7.33 -26.39
C LEU C 209 17.94 -6.49 -25.49
N GLY C 210 18.44 -7.09 -24.41
CA GLY C 210 19.29 -6.34 -23.50
C GLY C 210 20.65 -5.95 -24.06
N HIS C 211 21.18 -6.76 -24.96
CA HIS C 211 22.50 -6.51 -25.53
C HIS C 211 22.48 -5.57 -26.75
N LEU C 212 21.30 -5.34 -27.32
CA LEU C 212 21.20 -4.49 -28.50
C LEU C 212 21.21 -2.98 -28.26
N ASN C 213 21.25 -2.59 -27.00
CA ASN C 213 21.30 -1.17 -26.66
C ASN C 213 20.15 -0.31 -27.24
N ILE C 214 18.91 -0.67 -26.94
CA ILE C 214 17.76 0.09 -27.42
C ILE C 214 17.47 1.28 -26.50
N ASP C 215 17.24 2.45 -27.09
CA ASP C 215 16.96 3.66 -26.31
C ASP C 215 15.73 3.47 -25.44
N TRP C 216 14.68 2.91 -26.03
CA TRP C 216 13.46 2.67 -25.27
C TRP C 216 12.43 1.84 -26.04
N ILE C 217 11.56 1.16 -25.29
CA ILE C 217 10.50 0.35 -25.89
C ILE C 217 9.21 1.15 -25.76
N GLU C 218 8.52 1.30 -26.87
CA GLU C 218 7.28 2.07 -26.90
C GLU C 218 6.02 1.21 -26.96
N GLN C 219 5.07 1.53 -26.08
CA GLN C 219 3.78 0.85 -25.98
C GLN C 219 3.79 -0.62 -26.37
N PRO C 220 4.39 -1.48 -25.53
CA PRO C 220 4.42 -2.90 -25.87
C PRO C 220 3.09 -3.64 -25.66
N VAL C 221 2.27 -3.16 -24.70
CA VAL C 221 1.01 -3.82 -24.39
C VAL C 221 -0.23 -3.05 -24.88
N ILE C 222 -1.41 -3.66 -24.74
CA ILE C 222 -2.64 -2.98 -25.16
C ILE C 222 -2.79 -1.67 -24.40
N ALA C 223 -3.24 -0.65 -25.12
CA ALA C 223 -3.43 0.68 -24.61
C ALA C 223 -4.05 0.81 -23.22
N ASP C 224 -5.20 0.19 -23.03
CA ASP C 224 -5.88 0.29 -21.75
C ASP C 224 -5.17 -0.30 -20.53
N ASP C 225 -4.17 -1.15 -20.74
CA ASP C 225 -3.47 -1.76 -19.59
C ASP C 225 -2.26 -0.99 -19.07
N ILE C 226 -2.53 0.05 -18.28
CA ILE C 226 -1.47 0.82 -17.68
C ILE C 226 -0.83 -0.03 -16.59
N ASP C 227 -1.65 -0.85 -15.93
CA ASP C 227 -1.13 -1.72 -14.87
C ASP C 227 -0.02 -2.62 -15.42
N ALA C 228 -0.25 -3.21 -16.58
CA ALA C 228 0.76 -4.08 -17.18
C ALA C 228 2.06 -3.30 -17.40
N MET C 229 1.91 -2.05 -17.85
CA MET C 229 3.06 -1.21 -18.09
C MET C 229 3.88 -1.04 -16.80
N ALA C 230 3.22 -0.77 -15.68
CA ALA C 230 3.91 -0.60 -14.39
C ALA C 230 4.55 -1.92 -13.97
N HIS C 231 3.88 -3.03 -14.25
CA HIS C 231 4.44 -4.30 -13.88
C HIS C 231 5.71 -4.59 -14.66
N ILE C 232 5.68 -4.27 -15.95
CA ILE C 232 6.84 -4.46 -16.81
C ILE C 232 7.99 -3.57 -16.29
N ARG C 233 7.68 -2.30 -16.02
CA ARG C 233 8.69 -1.37 -15.55
C ARG C 233 9.36 -1.84 -14.25
N SER C 234 8.62 -2.59 -13.45
CA SER C 234 9.16 -3.06 -12.18
C SER C 234 10.18 -4.17 -12.38
N LYS C 235 10.15 -4.82 -13.54
CA LYS C 235 11.07 -5.92 -13.80
C LYS C 235 12.03 -5.78 -14.99
N THR C 236 12.26 -4.55 -15.45
CA THR C 236 13.18 -4.33 -16.56
C THR C 236 13.95 -3.03 -16.39
N ASP C 237 15.13 -2.95 -16.98
CA ASP C 237 15.92 -1.73 -16.88
C ASP C 237 15.90 -0.95 -18.20
N LEU C 238 15.08 -1.41 -19.15
CA LEU C 238 14.94 -0.72 -20.42
C LEU C 238 13.92 0.40 -20.24
N PRO C 239 14.25 1.61 -20.70
CA PRO C 239 13.30 2.72 -20.54
C PRO C 239 12.01 2.38 -21.26
N LEU C 240 10.88 2.75 -20.67
CA LEU C 240 9.59 2.45 -21.27
C LEU C 240 8.82 3.73 -21.62
N MET C 241 8.20 3.71 -22.80
CA MET C 241 7.42 4.86 -23.24
C MET C 241 5.97 4.45 -23.48
N ILE C 242 5.04 5.28 -23.01
CA ILE C 242 3.63 4.99 -23.24
C ILE C 242 3.13 5.91 -24.34
N ASP C 243 2.40 5.34 -25.29
CA ASP C 243 1.85 6.11 -26.40
C ASP C 243 0.32 5.99 -26.40
N GLU C 244 -0.21 4.97 -27.07
CA GLU C 244 -1.65 4.79 -27.11
C GLU C 244 -2.28 4.74 -25.72
N GLY C 245 -1.50 4.35 -24.72
CA GLY C 245 -2.02 4.30 -23.37
C GLY C 245 -2.24 5.67 -22.76
N LEU C 246 -1.75 6.72 -23.43
CA LEU C 246 -1.90 8.09 -22.96
C LEU C 246 -2.63 8.97 -23.95
N LYS C 247 -3.74 9.56 -23.53
CA LYS C 247 -4.47 10.45 -24.43
C LYS C 247 -4.64 11.80 -23.77
N SER C 248 -5.35 11.81 -22.64
CA SER C 248 -5.60 13.04 -21.89
C SER C 248 -5.01 12.95 -20.49
N SER C 249 -5.24 14.00 -19.69
CA SER C 249 -4.75 14.06 -18.33
C SER C 249 -5.28 12.91 -17.50
N ARG C 250 -6.39 12.32 -17.95
CA ARG C 250 -7.00 11.21 -17.25
C ARG C 250 -6.02 10.05 -17.11
N GLU C 251 -5.36 9.66 -18.20
CA GLU C 251 -4.42 8.57 -18.08
C GLU C 251 -3.08 9.08 -17.55
N MET C 252 -2.78 10.36 -17.77
CA MET C 252 -1.52 10.92 -17.27
C MET C 252 -1.53 10.75 -15.75
N ARG C 253 -2.67 11.05 -15.13
CA ARG C 253 -2.79 10.92 -13.69
C ARG C 253 -2.49 9.49 -13.25
N GLN C 254 -3.05 8.52 -13.96
CA GLN C 254 -2.86 7.12 -13.64
C GLN C 254 -1.40 6.71 -13.84
N ILE C 255 -0.78 7.19 -14.92
CA ILE C 255 0.61 6.85 -15.21
C ILE C 255 1.53 7.33 -14.09
N ILE C 256 1.28 8.54 -13.58
CA ILE C 256 2.07 9.10 -12.50
C ILE C 256 1.87 8.32 -11.20
N LYS C 257 0.61 8.05 -10.89
CA LYS C 257 0.23 7.33 -9.67
C LYS C 257 0.86 5.94 -9.60
N LEU C 258 0.79 5.20 -10.70
CA LEU C 258 1.32 3.85 -10.75
C LEU C 258 2.79 3.76 -11.20
N GLU C 259 3.38 4.89 -11.58
CA GLU C 259 4.78 4.90 -12.02
C GLU C 259 4.91 3.92 -13.18
N ALA C 260 4.02 4.06 -14.15
CA ALA C 260 3.99 3.16 -15.27
C ALA C 260 4.92 3.47 -16.43
N ALA C 261 5.62 4.59 -16.41
CA ALA C 261 6.47 4.89 -17.54
C ALA C 261 7.63 5.85 -17.32
N ASP C 262 8.65 5.72 -18.17
CA ASP C 262 9.81 6.58 -18.10
C ASP C 262 9.57 7.80 -18.96
N LYS C 263 8.75 7.61 -20.00
CA LYS C 263 8.42 8.70 -20.90
C LYS C 263 7.08 8.51 -21.57
N VAL C 264 6.51 9.62 -22.03
CA VAL C 264 5.23 9.58 -22.70
C VAL C 264 5.31 10.22 -24.07
N ASN C 265 4.44 9.75 -24.96
CA ASN C 265 4.38 10.25 -26.32
C ASN C 265 3.09 11.07 -26.44
N ILE C 266 3.23 12.40 -26.37
CA ILE C 266 2.08 13.28 -26.49
C ILE C 266 1.78 13.57 -27.95
N LYS C 267 0.51 13.47 -28.32
CA LYS C 267 0.09 13.75 -29.69
C LYS C 267 -1.11 14.67 -29.61
N LEU C 268 -1.05 15.78 -30.33
CA LEU C 268 -2.15 16.73 -30.33
C LEU C 268 -3.47 16.07 -30.66
N MET C 269 -3.45 15.08 -31.55
CA MET C 269 -4.67 14.38 -31.93
C MET C 269 -5.26 13.50 -30.82
N LYS C 270 -4.46 13.17 -29.82
CA LYS C 270 -4.95 12.34 -28.71
C LYS C 270 -5.49 13.15 -27.54
N CYS C 271 -5.02 14.38 -27.40
CA CYS C 271 -5.45 15.21 -26.27
C CYS C 271 -6.30 16.42 -26.62
N GLY C 272 -6.39 16.78 -27.89
CA GLY C 272 -7.21 17.91 -28.27
C GLY C 272 -6.48 19.18 -28.65
N GLY C 273 -5.24 19.04 -29.11
CA GLY C 273 -4.51 20.21 -29.54
C GLY C 273 -3.38 20.74 -28.69
N ILE C 274 -2.89 21.90 -29.11
CA ILE C 274 -1.78 22.60 -28.48
C ILE C 274 -1.99 22.87 -26.97
N TYR C 275 -3.09 23.50 -26.61
CA TYR C 275 -3.34 23.82 -25.20
C TYR C 275 -3.33 22.59 -24.29
N PRO C 276 -4.10 21.55 -24.64
CA PRO C 276 -4.11 20.35 -23.78
C PRO C 276 -2.72 19.67 -23.74
N ALA C 277 -1.98 19.76 -24.85
CA ALA C 277 -0.65 19.15 -24.91
C ALA C 277 0.29 19.86 -23.96
N VAL C 278 0.18 21.18 -23.89
CA VAL C 278 1.01 21.95 -22.99
C VAL C 278 0.71 21.54 -21.56
N LYS C 279 -0.57 21.32 -21.26
CA LYS C 279 -0.97 20.92 -19.91
C LYS C 279 -0.36 19.56 -19.57
N LEU C 280 -0.35 18.63 -20.53
CA LEU C 280 0.22 17.31 -20.30
C LEU C 280 1.72 17.42 -20.01
N ALA C 281 2.40 18.31 -20.74
CA ALA C 281 3.83 18.50 -20.54
C ALA C 281 4.10 18.99 -19.12
N HIS C 282 3.26 19.91 -18.66
CA HIS C 282 3.44 20.44 -17.32
C HIS C 282 3.18 19.35 -16.28
N GLN C 283 2.22 18.49 -16.56
CA GLN C 283 1.89 17.42 -15.64
C GLN C 283 3.04 16.41 -15.58
N ALA C 284 3.49 15.97 -16.75
CA ALA C 284 4.59 15.01 -16.82
C ALA C 284 5.83 15.56 -16.11
N GLU C 285 6.03 16.88 -16.22
CA GLU C 285 7.18 17.51 -15.60
C GLU C 285 7.18 17.35 -14.09
N MET C 286 6.02 17.43 -13.48
CA MET C 286 5.93 17.30 -12.03
C MET C 286 6.43 15.95 -11.54
N ALA C 287 6.31 14.92 -12.35
CA ALA C 287 6.75 13.58 -11.97
C ALA C 287 8.08 13.20 -12.57
N GLY C 288 8.71 14.12 -13.28
CA GLY C 288 9.98 13.82 -13.90
C GLY C 288 9.88 12.82 -15.03
N ILE C 289 8.74 12.84 -15.72
CA ILE C 289 8.53 11.95 -16.84
C ILE C 289 8.89 12.71 -18.12
N GLU C 290 9.86 12.20 -18.88
CA GLU C 290 10.27 12.86 -20.10
C GLU C 290 9.19 12.75 -21.16
N CYS C 291 9.03 13.81 -21.96
CA CYS C 291 8.02 13.82 -22.99
C CYS C 291 8.53 13.90 -24.40
N GLN C 292 7.73 13.38 -25.31
CA GLN C 292 8.01 13.40 -26.73
C GLN C 292 6.74 13.87 -27.39
N VAL C 293 6.86 14.64 -28.47
CA VAL C 293 5.68 15.05 -29.21
C VAL C 293 5.77 14.25 -30.49
N GLY C 294 4.85 13.30 -30.64
CA GLY C 294 4.82 12.46 -31.82
C GLY C 294 3.60 12.87 -32.61
N SER C 295 3.07 11.99 -33.44
CA SER C 295 1.91 12.37 -34.21
C SER C 295 1.36 11.22 -35.03
N MET C 296 0.26 11.49 -35.72
CA MET C 296 -0.33 10.54 -36.63
C MET C 296 0.37 11.06 -37.91
N VAL C 297 0.26 10.39 -39.04
CA VAL C 297 0.93 10.94 -40.21
C VAL C 297 0.14 12.18 -40.60
N GLU C 298 0.69 13.36 -40.29
CA GLU C 298 0.00 14.63 -40.54
C GLU C 298 0.63 15.60 -41.54
N SER C 299 -0.19 16.48 -42.10
CA SER C 299 0.28 17.48 -43.05
C SER C 299 1.08 18.54 -42.28
N SER C 300 1.59 19.53 -43.01
CA SER C 300 2.37 20.60 -42.41
C SER C 300 1.61 21.35 -41.33
N VAL C 301 0.29 21.43 -41.48
CA VAL C 301 -0.53 22.15 -40.51
C VAL C 301 -0.43 21.59 -39.08
N ALA C 302 -0.82 20.34 -38.89
CA ALA C 302 -0.77 19.76 -37.54
C ALA C 302 0.68 19.55 -37.11
N SER C 303 1.52 19.17 -38.07
CA SER C 303 2.92 18.93 -37.79
C SER C 303 3.60 20.16 -37.19
N SER C 304 3.37 21.33 -37.78
CA SER C 304 4.01 22.52 -37.22
C SER C 304 3.42 22.79 -35.85
N ALA C 305 2.11 22.59 -35.73
CA ALA C 305 1.45 22.78 -34.44
C ALA C 305 2.19 21.95 -33.39
N GLY C 306 2.47 20.70 -33.70
CA GLY C 306 3.18 19.83 -32.79
C GLY C 306 4.58 20.34 -32.45
N PHE C 307 5.29 20.83 -33.47
CA PHE C 307 6.65 21.34 -33.27
C PHE C 307 6.66 22.57 -32.38
N HIS C 308 5.68 23.44 -32.55
CA HIS C 308 5.59 24.64 -31.72
C HIS C 308 5.48 24.25 -30.25
N VAL C 309 4.73 23.20 -29.95
CA VAL C 309 4.63 22.76 -28.58
C VAL C 309 6.01 22.24 -28.16
N ALA C 310 6.59 21.37 -28.97
CA ALA C 310 7.89 20.79 -28.69
C ALA C 310 8.98 21.82 -28.44
N PHE C 311 9.11 22.78 -29.36
CA PHE C 311 10.13 23.81 -29.26
C PHE C 311 10.02 24.74 -28.05
N SER C 312 8.85 24.80 -27.44
CA SER C 312 8.64 25.68 -26.29
C SER C 312 8.83 25.02 -24.92
N LYS C 313 9.08 23.71 -24.89
CA LYS C 313 9.19 23.01 -23.60
C LYS C 313 10.45 22.20 -23.34
N LYS C 314 11.15 22.54 -22.26
CA LYS C 314 12.37 21.83 -21.88
C LYS C 314 12.11 20.34 -21.60
N ILE C 315 10.92 20.03 -21.08
CA ILE C 315 10.59 18.65 -20.74
C ILE C 315 10.40 17.80 -22.00
N ILE C 316 10.20 18.42 -23.15
CA ILE C 316 10.03 17.68 -24.40
C ILE C 316 11.40 17.54 -25.01
N THR C 317 11.94 16.33 -24.99
CA THR C 317 13.29 16.08 -25.47
C THR C 317 13.47 15.36 -26.80
N SER C 318 12.39 14.89 -27.39
CA SER C 318 12.51 14.24 -28.68
C SER C 318 11.24 14.58 -29.43
N VAL C 319 11.29 14.44 -30.75
CA VAL C 319 10.15 14.81 -31.56
C VAL C 319 9.96 13.77 -32.67
N GLU C 320 8.70 13.51 -33.03
CA GLU C 320 8.41 12.54 -34.08
C GLU C 320 7.21 12.95 -34.94
N LEU C 321 7.42 13.98 -35.76
CA LEU C 321 6.39 14.44 -36.67
C LEU C 321 7.08 14.49 -38.01
N THR C 322 6.85 13.47 -38.83
CA THR C 322 7.49 13.38 -40.13
C THR C 322 6.52 13.17 -41.29
N GLY C 323 5.26 13.49 -41.07
CA GLY C 323 4.28 13.34 -42.13
C GLY C 323 4.61 14.14 -43.38
N PRO C 324 4.94 15.44 -43.24
CA PRO C 324 5.27 16.27 -44.40
C PRO C 324 6.32 15.66 -45.33
N LEU C 325 7.19 14.83 -44.79
CA LEU C 325 8.19 14.23 -45.66
C LEU C 325 7.93 12.78 -46.02
N LYS C 326 6.67 12.36 -45.90
CA LYS C 326 6.26 11.02 -46.29
C LYS C 326 5.23 11.14 -47.41
N PHE C 327 4.64 12.33 -47.52
CA PHE C 327 3.65 12.62 -48.55
C PHE C 327 4.31 13.11 -49.83
N THR C 328 3.61 12.93 -50.95
CA THR C 328 4.11 13.39 -52.24
C THR C 328 3.50 14.76 -52.52
N LYS C 329 2.50 15.14 -51.73
CA LYS C 329 1.82 16.43 -51.84
C LYS C 329 1.44 16.88 -50.44
N ASP C 330 1.68 18.15 -50.14
CA ASP C 330 1.38 18.71 -48.82
C ASP C 330 0.62 20.00 -49.06
N ILE C 331 -0.34 20.33 -48.21
CA ILE C 331 -1.09 21.57 -48.40
C ILE C 331 -0.33 22.73 -47.78
N GLY C 332 0.73 22.39 -47.04
CA GLY C 332 1.54 23.39 -46.37
C GLY C 332 3.00 23.22 -46.75
N ASN C 333 3.86 24.12 -46.27
CA ASN C 333 5.26 24.10 -46.61
C ASN C 333 6.22 24.11 -45.41
N LEU C 334 5.98 23.26 -44.44
CA LEU C 334 6.86 23.20 -43.27
C LEU C 334 8.19 22.69 -43.80
N HIS C 335 9.25 23.43 -43.55
CA HIS C 335 10.56 23.05 -44.05
C HIS C 335 11.45 22.26 -43.11
N TYR C 336 11.92 21.11 -43.57
CA TYR C 336 12.81 20.27 -42.79
C TYR C 336 14.24 20.37 -43.32
N ASP C 337 15.19 20.57 -42.42
CA ASP C 337 16.60 20.64 -42.79
C ASP C 337 17.20 19.29 -42.39
N VAL C 338 16.61 18.21 -42.92
CA VAL C 338 17.05 16.86 -42.61
C VAL C 338 18.58 16.78 -42.48
N PRO C 339 19.08 16.11 -41.43
CA PRO C 339 18.34 15.44 -40.36
C PRO C 339 17.98 16.27 -39.13
N PHE C 340 17.46 17.48 -39.34
CA PHE C 340 17.07 18.35 -38.22
C PHE C 340 15.81 19.14 -38.56
N ILE C 341 15.15 19.69 -37.54
CA ILE C 341 13.99 20.54 -37.79
C ILE C 341 14.31 21.76 -36.99
N ARG C 342 14.05 22.92 -37.57
CA ARG C 342 14.27 24.17 -36.90
C ARG C 342 13.03 24.94 -37.31
N LEU C 343 12.44 25.68 -36.40
CA LEU C 343 11.25 26.43 -36.75
C LEU C 343 11.65 27.85 -37.15
N ASN C 344 10.90 28.43 -38.08
CA ASN C 344 11.21 29.78 -38.48
C ASN C 344 10.62 30.73 -37.44
N GLU C 345 10.64 32.02 -37.75
CA GLU C 345 10.15 33.06 -36.84
C GLU C 345 8.83 33.67 -37.33
N LYS C 346 8.21 33.03 -38.32
CA LYS C 346 6.98 33.56 -38.87
C LYS C 346 5.79 33.46 -37.91
N PRO C 347 4.83 34.39 -38.04
CA PRO C 347 3.64 34.40 -37.17
C PRO C 347 2.75 33.18 -37.32
N GLY C 348 2.04 32.86 -36.24
CA GLY C 348 1.15 31.71 -36.24
C GLY C 348 1.95 30.44 -36.46
N LEU C 349 1.43 29.56 -37.30
CA LEU C 349 2.11 28.30 -37.58
C LEU C 349 3.36 28.51 -38.43
N GLY C 350 3.55 29.75 -38.91
CA GLY C 350 4.71 30.08 -39.75
C GLY C 350 4.69 29.30 -41.05
N ILE C 351 3.49 28.96 -41.51
CA ILE C 351 3.31 28.17 -42.71
C ILE C 351 2.47 28.91 -43.75
N GLU C 352 2.57 28.47 -45.00
CA GLU C 352 1.76 29.02 -46.08
C GLU C 352 0.95 27.87 -46.68
N ILE C 353 -0.35 28.09 -46.85
CA ILE C 353 -1.21 27.06 -47.40
C ILE C 353 -1.41 27.25 -48.90
N ASN C 354 -1.16 26.20 -49.68
CA ASN C 354 -1.35 26.25 -51.11
C ASN C 354 -2.81 25.92 -51.41
N GLU C 355 -3.62 26.95 -51.61
CA GLU C 355 -5.04 26.76 -51.90
C GLU C 355 -5.28 25.73 -52.99
N ASP C 356 -4.50 25.79 -54.06
CA ASP C 356 -4.67 24.86 -55.17
C ASP C 356 -4.46 23.42 -54.75
N THR C 357 -3.43 23.17 -53.95
CA THR C 357 -3.15 21.82 -53.48
C THR C 357 -4.26 21.35 -52.54
N LEU C 358 -4.72 22.25 -51.67
CA LEU C 358 -5.79 21.91 -50.74
C LEU C 358 -7.02 21.45 -51.52
N GLN C 359 -7.44 22.30 -52.47
CA GLN C 359 -8.62 22.03 -53.27
C GLN C 359 -8.55 20.74 -54.09
N GLU C 360 -7.39 20.41 -54.63
CA GLU C 360 -7.30 19.20 -55.43
C GLU C 360 -7.29 17.94 -54.58
N LEU C 361 -6.96 18.09 -53.30
CA LEU C 361 -6.93 16.96 -52.38
C LEU C 361 -8.27 16.77 -51.66
N THR C 362 -9.12 17.80 -51.70
CA THR C 362 -10.42 17.74 -51.05
C THR C 362 -11.36 16.75 -51.72
N VAL C 363 -11.94 15.83 -50.94
CA VAL C 363 -12.89 14.86 -51.47
C VAL C 363 -14.31 15.42 -51.29
N PHE C 364 -14.52 16.16 -50.21
CA PHE C 364 -15.80 16.80 -49.95
C PHE C 364 -15.59 17.90 -48.91
N GLN C 365 -16.52 18.86 -48.85
CA GLN C 365 -16.36 19.97 -47.92
C GLN C 365 -17.68 20.63 -47.57
N ASP C 366 -17.60 21.57 -46.64
CA ASP C 366 -18.76 22.33 -46.18
C ASP C 366 -18.27 23.58 -45.47
N ILE C 367 -19.19 24.51 -45.22
CA ILE C 367 -18.86 25.74 -44.53
C ILE C 367 -19.92 25.95 -43.47
N VAL C 368 -19.52 26.44 -42.30
CA VAL C 368 -20.47 26.65 -41.24
C VAL C 368 -20.39 28.09 -40.77
N ARG C 369 -21.55 28.76 -40.74
CA ARG C 369 -21.63 30.15 -40.30
C ARG C 369 -22.85 30.36 -39.42
N MET D 1 14.68 40.56 -28.82
CA MET D 1 14.68 41.56 -27.70
C MET D 1 15.76 41.19 -26.68
N LYS D 2 16.31 42.20 -26.02
CA LYS D 2 17.36 41.97 -25.02
C LYS D 2 17.19 42.84 -23.78
N ILE D 3 17.45 42.26 -22.61
CA ILE D 3 17.38 43.03 -21.38
C ILE D 3 18.66 43.87 -21.33
N THR D 4 18.51 45.18 -21.16
CA THR D 4 19.65 46.07 -21.12
C THR D 4 20.01 46.50 -19.70
N ALA D 5 19.00 46.62 -18.85
CA ALA D 5 19.24 47.02 -17.47
C ALA D 5 18.10 46.62 -16.56
N ILE D 6 18.41 46.48 -15.27
CA ILE D 6 17.40 46.13 -14.29
C ILE D 6 17.59 46.99 -13.05
N HIS D 7 16.57 47.77 -12.71
CA HIS D 7 16.60 48.65 -11.55
C HIS D 7 15.96 47.92 -10.37
N LEU D 8 16.58 48.01 -9.21
CA LEU D 8 16.05 47.36 -8.02
C LEU D 8 15.69 48.42 -6.97
N TYR D 9 14.45 48.40 -6.53
CA TYR D 9 13.98 49.36 -5.53
C TYR D 9 13.51 48.66 -4.26
N ALA D 10 14.20 48.89 -3.15
CA ALA D 10 13.80 48.30 -1.88
C ALA D 10 12.87 49.32 -1.24
N ILE D 11 11.57 49.07 -1.36
CA ILE D 11 10.59 50.01 -0.81
C ILE D 11 9.85 49.48 0.40
N ARG D 12 8.99 50.33 0.95
CA ARG D 12 8.18 49.96 2.09
C ARG D 12 6.78 50.52 1.90
N LEU D 13 5.81 49.62 1.80
CA LEU D 13 4.42 50.01 1.59
C LEU D 13 3.74 50.20 2.94
N PRO D 14 3.28 51.43 3.23
CA PRO D 14 2.60 51.76 4.49
C PRO D 14 1.22 51.12 4.63
N LEU D 15 0.96 50.54 5.80
CA LEU D 15 -0.33 49.90 6.08
C LEU D 15 -1.24 50.75 6.98
N ARG D 16 -2.51 50.81 6.60
CA ARG D 16 -3.50 51.57 7.35
C ARG D 16 -3.60 51.06 8.78
N ASN D 17 -3.53 49.74 8.95
CA ASN D 17 -3.58 49.12 10.26
C ASN D 17 -2.64 47.92 10.33
N PRO D 18 -2.17 47.57 11.54
CA PRO D 18 -1.26 46.42 11.67
C PRO D 18 -1.90 45.11 11.22
N PHE D 19 -1.21 44.38 10.35
CA PHE D 19 -1.70 43.10 9.83
C PHE D 19 -1.23 42.00 10.80
N VAL D 20 -2.18 41.34 11.47
CA VAL D 20 -1.84 40.31 12.46
C VAL D 20 -2.23 38.88 12.09
N ILE D 21 -1.24 37.99 12.13
CA ILE D 21 -1.47 36.57 11.84
C ILE D 21 -0.84 35.70 12.92
N SER D 22 -0.95 34.39 12.75
CA SER D 22 -0.42 33.42 13.72
C SER D 22 1.05 33.59 14.13
N TYR D 23 1.94 33.78 13.17
CA TYR D 23 3.35 33.90 13.47
C TYR D 23 3.99 35.29 13.36
N GLY D 24 3.20 36.34 13.58
CA GLY D 24 3.76 37.68 13.50
C GLY D 24 2.79 38.83 13.25
N SER D 25 3.23 40.05 13.57
CA SER D 25 2.44 41.26 13.37
C SER D 25 3.21 42.20 12.43
N TYR D 26 2.49 42.83 11.51
CA TYR D 26 3.09 43.72 10.53
C TYR D 26 2.55 45.15 10.56
N SER D 27 3.44 46.13 10.73
CA SER D 27 3.03 47.54 10.77
C SER D 27 3.07 48.13 9.36
N ASP D 28 3.86 47.50 8.49
CA ASP D 28 3.99 47.92 7.09
C ASP D 28 4.50 46.72 6.30
N MET D 29 4.77 46.89 5.00
CA MET D 29 5.23 45.75 4.22
C MET D 29 6.41 46.01 3.29
N PRO D 30 7.60 45.50 3.65
CA PRO D 30 8.82 45.67 2.85
C PRO D 30 8.63 44.95 1.52
N SER D 31 9.13 45.53 0.44
CA SER D 31 8.98 44.92 -0.87
C SER D 31 10.12 45.32 -1.78
N ILE D 32 10.38 44.48 -2.78
CA ILE D 32 11.42 44.77 -3.75
C ILE D 32 10.74 44.96 -5.08
N ILE D 33 11.00 46.08 -5.73
CA ILE D 33 10.40 46.36 -7.02
C ILE D 33 11.49 46.31 -8.09
N VAL D 34 11.17 45.77 -9.26
CA VAL D 34 12.14 45.72 -10.32
C VAL D 34 11.61 46.43 -11.57
N LYS D 35 12.48 47.19 -12.22
CA LYS D 35 12.12 47.86 -13.47
C LYS D 35 13.09 47.25 -14.47
N MET D 36 12.53 46.57 -15.48
CA MET D 36 13.35 45.91 -16.48
C MET D 36 13.34 46.68 -17.80
N GLU D 37 14.53 47.07 -18.26
CA GLU D 37 14.68 47.82 -19.51
C GLU D 37 15.18 46.90 -20.61
N THR D 38 14.67 47.12 -21.82
CA THR D 38 15.03 46.33 -22.98
C THR D 38 15.61 47.20 -24.09
N ASP D 39 16.34 46.57 -25.01
CA ASP D 39 16.94 47.30 -26.12
C ASP D 39 15.86 47.92 -27.01
N GLU D 40 14.62 47.47 -26.85
CA GLU D 40 13.52 48.00 -27.65
C GLU D 40 12.77 49.12 -26.97
N GLY D 41 13.33 49.64 -25.88
CA GLY D 41 12.70 50.73 -25.15
C GLY D 41 11.49 50.36 -24.31
N ILE D 42 11.04 49.12 -24.42
CA ILE D 42 9.91 48.63 -23.65
C ILE D 42 10.34 48.32 -22.24
N ILE D 43 9.58 48.78 -21.25
CA ILE D 43 9.93 48.52 -19.86
C ILE D 43 8.85 47.77 -19.11
N GLY D 44 9.29 46.89 -18.20
CA GLY D 44 8.37 46.10 -17.42
C GLY D 44 8.64 46.19 -15.93
N TYR D 45 7.58 46.10 -15.13
CA TYR D 45 7.71 46.16 -13.69
C TYR D 45 7.38 44.82 -13.06
N GLY D 46 8.18 44.45 -12.08
CA GLY D 46 7.95 43.21 -11.36
C GLY D 46 8.05 43.51 -9.89
N GLU D 47 7.65 42.55 -9.06
CA GLU D 47 7.68 42.76 -7.62
C GLU D 47 7.95 41.47 -6.85
N GLY D 48 8.68 41.62 -5.75
CA GLY D 48 9.01 40.51 -4.90
C GLY D 48 8.79 40.92 -3.46
N VAL D 49 7.83 40.30 -2.79
CA VAL D 49 7.57 40.61 -1.40
C VAL D 49 7.81 39.32 -0.66
N ALA D 50 8.91 39.32 0.08
CA ALA D 50 9.35 38.15 0.82
C ALA D 50 8.72 37.96 2.18
N ASP D 51 8.48 36.69 2.51
CA ASP D 51 7.93 36.32 3.80
C ASP D 51 8.94 35.35 4.41
N ASP D 52 9.77 35.87 5.30
CA ASP D 52 10.80 35.10 5.97
C ASP D 52 10.31 33.77 6.53
N HIS D 53 9.09 33.78 7.06
CA HIS D 53 8.52 32.59 7.68
C HIS D 53 8.02 31.52 6.72
N VAL D 54 7.92 31.83 5.43
CA VAL D 54 7.41 30.87 4.46
C VAL D 54 8.44 30.32 3.47
N THR D 55 9.21 31.21 2.85
CA THR D 55 10.17 30.75 1.86
C THR D 55 11.62 30.98 2.29
N GLY D 56 11.78 31.53 3.49
CA GLY D 56 13.12 31.79 3.98
C GLY D 56 13.85 32.83 3.19
N GLU D 57 13.11 33.79 2.65
CA GLU D 57 13.71 34.89 1.90
C GLU D 57 13.35 36.13 2.70
N SER D 58 14.24 37.11 2.74
CA SER D 58 13.95 38.33 3.47
C SER D 58 14.01 39.48 2.49
N TRP D 59 13.58 40.66 2.95
CA TRP D 59 13.57 41.87 2.16
C TRP D 59 14.97 42.14 1.61
N GLU D 60 15.94 42.28 2.51
CA GLU D 60 17.31 42.55 2.08
C GLU D 60 17.95 41.39 1.30
N SER D 61 17.70 40.16 1.75
CA SER D 61 18.29 39.00 1.08
C SER D 61 17.81 38.89 -0.36
N THR D 62 16.54 39.18 -0.58
CA THR D 62 15.97 39.13 -1.93
C THR D 62 16.58 40.19 -2.82
N PHE D 63 16.75 41.38 -2.26
CA PHE D 63 17.32 42.50 -2.99
C PHE D 63 18.71 42.11 -3.51
N HIS D 64 19.51 41.51 -2.62
CA HIS D 64 20.85 41.12 -2.98
C HIS D 64 20.99 39.91 -3.89
N THR D 65 20.15 38.88 -3.73
CA THR D 65 20.29 37.73 -4.63
C THR D 65 19.87 38.21 -6.02
N LEU D 66 19.02 39.22 -6.07
CA LEU D 66 18.60 39.79 -7.36
C LEU D 66 19.79 40.56 -7.94
N LYS D 67 20.37 41.42 -7.11
CA LYS D 67 21.50 42.24 -7.52
C LYS D 67 22.77 41.52 -7.94
N HIS D 68 23.27 40.64 -7.08
CA HIS D 68 24.50 39.93 -7.36
C HIS D 68 24.41 38.57 -8.04
N THR D 69 23.25 37.91 -7.96
CA THR D 69 23.13 36.58 -8.54
C THR D 69 22.24 36.46 -9.77
N LEU D 70 20.98 36.83 -9.64
CA LEU D 70 20.07 36.72 -10.76
C LEU D 70 20.20 37.75 -11.90
N THR D 71 20.13 39.05 -11.59
CA THR D 71 20.21 40.06 -12.65
C THR D 71 21.45 40.05 -13.53
N PRO D 72 22.65 39.86 -12.94
CA PRO D 72 23.80 39.85 -13.84
C PRO D 72 23.72 38.77 -14.92
N ALA D 73 23.14 37.63 -14.57
CA ALA D 73 23.00 36.52 -15.52
C ALA D 73 21.87 36.76 -16.53
N LEU D 74 21.02 37.73 -16.26
CA LEU D 74 19.89 38.02 -17.14
C LEU D 74 20.13 39.14 -18.17
N ILE D 75 21.14 39.97 -17.95
CA ILE D 75 21.44 41.03 -18.89
C ILE D 75 21.76 40.42 -20.26
N GLY D 76 21.15 40.96 -21.31
CA GLY D 76 21.38 40.44 -22.64
C GLY D 76 20.46 39.28 -22.98
N GLN D 77 19.72 38.81 -21.97
CA GLN D 77 18.79 37.70 -22.16
C GLN D 77 17.44 38.23 -22.69
N ASN D 78 16.72 37.38 -23.43
CA ASN D 78 15.43 37.75 -24.01
C ASN D 78 14.24 37.48 -23.09
N PRO D 79 13.55 38.54 -22.63
CA PRO D 79 12.40 38.41 -21.73
C PRO D 79 11.15 37.79 -22.35
N MET D 80 11.15 37.64 -23.67
CA MET D 80 10.02 37.05 -24.39
C MET D 80 10.00 35.54 -24.23
N ASN D 81 11.16 34.95 -23.97
CA ASN D 81 11.25 33.50 -23.80
C ASN D 81 11.20 33.17 -22.33
N ILE D 82 9.99 33.19 -21.79
CA ILE D 82 9.76 32.94 -20.39
C ILE D 82 10.33 31.58 -19.89
N GLU D 83 10.14 30.52 -20.67
CA GLU D 83 10.63 29.20 -20.30
C GLU D 83 12.17 29.26 -20.18
N LYS D 84 12.80 29.96 -21.11
CA LYS D 84 14.25 30.12 -21.14
C LYS D 84 14.72 30.95 -19.93
N ILE D 85 14.02 32.06 -19.68
CA ILE D 85 14.35 32.94 -18.56
C ILE D 85 14.38 32.15 -17.26
N HIS D 86 13.37 31.31 -17.05
CA HIS D 86 13.30 30.49 -15.85
C HIS D 86 14.37 29.43 -15.81
N ASP D 87 14.73 28.91 -16.98
CA ASP D 87 15.76 27.89 -17.04
C ASP D 87 17.08 28.51 -16.58
N MET D 88 17.35 29.72 -17.07
CA MET D 88 18.57 30.42 -16.70
C MET D 88 18.61 30.66 -15.20
N MET D 89 17.54 31.19 -14.65
CA MET D 89 17.49 31.46 -13.21
C MET D 89 17.64 30.19 -12.37
N ASP D 90 16.92 29.14 -12.72
CA ASP D 90 17.00 27.88 -11.96
C ASP D 90 18.41 27.32 -12.01
N ASN D 91 19.06 27.46 -13.16
CA ASN D 91 20.41 26.97 -13.32
C ASN D 91 21.42 27.76 -12.51
N THR D 92 21.20 29.06 -12.34
CA THR D 92 22.16 29.84 -11.56
C THR D 92 21.89 29.72 -10.07
N ILE D 93 20.64 29.51 -9.68
CA ILE D 93 20.36 29.36 -8.25
C ILE D 93 19.06 28.59 -8.01
N TYR D 94 19.10 27.72 -7.00
CA TYR D 94 17.97 26.89 -6.61
C TYR D 94 17.03 27.68 -5.67
N GLY D 95 15.73 27.40 -5.75
CA GLY D 95 14.77 28.06 -4.88
C GLY D 95 14.63 29.55 -5.10
N VAL D 96 14.67 30.31 -4.02
CA VAL D 96 14.56 31.77 -4.12
C VAL D 96 13.35 32.16 -5.02
N PRO D 97 12.17 31.58 -4.73
CA PRO D 97 11.00 31.90 -5.55
C PRO D 97 10.56 33.36 -5.57
N THR D 98 10.67 34.06 -4.45
CA THR D 98 10.27 35.46 -4.42
C THR D 98 11.14 36.31 -5.34
N ALA D 99 12.45 36.09 -5.30
CA ALA D 99 13.33 36.87 -6.16
C ALA D 99 13.01 36.56 -7.61
N LYS D 100 12.83 35.28 -7.92
CA LYS D 100 12.53 34.88 -9.30
C LYS D 100 11.17 35.41 -9.78
N ALA D 101 10.22 35.50 -8.85
CA ALA D 101 8.89 36.01 -9.18
C ALA D 101 8.99 37.47 -9.64
N ALA D 102 9.82 38.26 -8.96
CA ALA D 102 9.99 39.66 -9.29
C ALA D 102 10.45 39.82 -10.73
N ILE D 103 11.30 38.91 -11.18
CA ILE D 103 11.80 38.96 -12.56
C ILE D 103 10.78 38.44 -13.54
N ASP D 104 10.11 37.35 -13.15
CA ASP D 104 9.11 36.72 -13.97
C ASP D 104 8.00 37.71 -14.33
N ILE D 105 7.53 38.45 -13.33
CA ILE D 105 6.46 39.41 -13.52
C ILE D 105 6.84 40.52 -14.49
N ALA D 106 8.05 41.07 -14.37
CA ALA D 106 8.51 42.12 -15.25
C ALA D 106 8.57 41.60 -16.69
N CYS D 107 9.02 40.36 -16.86
CA CYS D 107 9.09 39.79 -18.20
C CYS D 107 7.70 39.69 -18.84
N PHE D 108 6.69 39.30 -18.05
CA PHE D 108 5.35 39.20 -18.62
C PHE D 108 4.80 40.60 -18.91
N ASP D 109 5.15 41.56 -18.08
CA ASP D 109 4.69 42.92 -18.27
C ASP D 109 5.21 43.39 -19.63
N ILE D 110 6.51 43.19 -19.85
CA ILE D 110 7.15 43.55 -21.10
C ILE D 110 6.53 42.80 -22.25
N MET D 111 6.26 41.51 -22.04
CA MET D 111 5.67 40.69 -23.08
C MET D 111 4.32 41.26 -23.52
N GLY D 112 3.47 41.57 -22.52
CA GLY D 112 2.16 42.10 -22.81
C GLY D 112 2.21 43.45 -23.51
N LYS D 113 3.07 44.32 -23.02
CA LYS D 113 3.22 45.65 -23.62
C LYS D 113 3.71 45.48 -25.06
N LYS D 114 4.68 44.60 -25.25
CA LYS D 114 5.23 44.37 -26.57
C LYS D 114 4.15 43.90 -27.55
N LEU D 115 3.29 42.99 -27.12
CA LEU D 115 2.23 42.48 -27.99
C LEU D 115 0.94 43.28 -27.85
N ASN D 116 1.03 44.38 -27.11
CA ASN D 116 -0.12 45.24 -26.85
C ASN D 116 -1.28 44.35 -26.45
N GLN D 117 -1.12 43.65 -25.35
CA GLN D 117 -2.13 42.73 -24.89
C GLN D 117 -1.96 42.52 -23.39
N PRO D 118 -3.06 42.24 -22.68
CA PRO D 118 -2.93 42.02 -21.23
C PRO D 118 -2.24 40.69 -20.96
N VAL D 119 -1.59 40.56 -19.81
CA VAL D 119 -0.89 39.34 -19.46
C VAL D 119 -1.72 38.06 -19.60
N TYR D 120 -2.93 38.06 -19.06
CA TYR D 120 -3.76 36.87 -19.14
C TYR D 120 -3.91 36.33 -20.55
N GLN D 121 -3.78 37.21 -21.53
CA GLN D 121 -3.89 36.78 -22.91
C GLN D 121 -2.69 35.93 -23.33
N LEU D 122 -1.57 36.08 -22.62
CA LEU D 122 -0.38 35.31 -22.94
C LEU D 122 -0.33 33.97 -22.21
N ILE D 123 -1.26 33.74 -21.30
CA ILE D 123 -1.25 32.49 -20.57
C ILE D 123 -2.55 31.70 -20.60
N GLY D 124 -3.29 31.81 -21.69
CA GLY D 124 -4.54 31.08 -21.78
C GLY D 124 -5.77 31.90 -22.17
N GLY D 125 -5.62 33.22 -22.16
CA GLY D 125 -6.73 34.10 -22.51
C GLY D 125 -7.58 34.40 -21.30
N ARG D 126 -8.66 35.15 -21.50
CA ARG D 126 -9.54 35.48 -20.37
C ARG D 126 -10.58 34.39 -20.18
N TYR D 127 -10.73 33.93 -18.95
CA TYR D 127 -11.72 32.92 -18.68
C TYR D 127 -12.79 33.47 -17.76
N HIS D 128 -12.37 34.17 -16.71
CA HIS D 128 -13.29 34.75 -15.75
C HIS D 128 -13.62 36.20 -16.08
N GLU D 129 -14.80 36.63 -15.67
CA GLU D 129 -15.22 38.01 -15.89
C GLU D 129 -14.87 38.81 -14.63
N GLU D 130 -15.12 38.20 -13.48
CA GLU D 130 -14.86 38.85 -12.19
C GLU D 130 -14.79 37.78 -11.10
N PHE D 131 -14.30 38.16 -9.93
CA PHE D 131 -14.23 37.27 -8.77
C PHE D 131 -14.73 38.09 -7.60
N PRO D 132 -15.41 37.44 -6.65
CA PRO D 132 -15.86 38.22 -5.49
C PRO D 132 -14.61 38.44 -4.64
N VAL D 133 -14.59 39.48 -3.81
CA VAL D 133 -13.44 39.73 -2.96
C VAL D 133 -13.83 39.37 -1.54
N THR D 134 -12.97 38.64 -0.82
CA THR D 134 -13.32 38.30 0.56
C THR D 134 -12.45 39.11 1.51
N HIS D 135 -13.07 39.58 2.58
CA HIS D 135 -12.35 40.41 3.54
C HIS D 135 -11.63 39.60 4.61
N VAL D 136 -10.32 39.79 4.72
CA VAL D 136 -9.53 39.07 5.73
C VAL D 136 -9.49 39.82 7.05
N LEU D 137 -9.95 39.18 8.11
CA LEU D 137 -9.97 39.76 9.45
C LEU D 137 -8.74 39.29 10.22
N SER D 138 -7.84 40.23 10.54
CA SER D 138 -6.61 39.89 11.29
C SER D 138 -6.93 39.38 12.70
N ILE D 139 -6.01 38.59 13.25
CA ILE D 139 -6.19 38.04 14.59
C ILE D 139 -6.50 39.11 15.63
N ALA D 140 -7.68 39.02 16.22
CA ALA D 140 -8.12 39.96 17.23
C ALA D 140 -8.96 39.19 18.24
N ASP D 141 -9.56 39.91 19.19
CA ASP D 141 -10.40 39.30 20.20
C ASP D 141 -11.76 38.91 19.60
N PRO D 142 -12.39 37.86 20.16
CA PRO D 142 -13.69 37.34 19.72
C PRO D 142 -14.72 38.40 19.33
N GLU D 143 -14.78 39.52 20.04
CA GLU D 143 -15.76 40.53 19.67
C GLU D 143 -15.19 41.60 18.74
N ASN D 144 -13.87 41.75 18.77
CA ASN D 144 -13.21 42.72 17.92
C ASN D 144 -13.23 42.23 16.47
N MET D 145 -13.27 40.92 16.30
CA MET D 145 -13.33 40.34 14.97
C MET D 145 -14.77 40.26 14.50
N ALA D 146 -15.68 39.93 15.41
CA ALA D 146 -17.10 39.84 15.10
C ALA D 146 -17.57 41.21 14.65
N GLU D 147 -16.96 42.24 15.22
CA GLU D 147 -17.31 43.61 14.90
C GLU D 147 -16.77 44.06 13.55
N GLU D 148 -15.46 43.85 13.32
CA GLU D 148 -14.85 44.27 12.06
C GLU D 148 -15.59 43.67 10.87
N ALA D 149 -16.22 42.52 11.09
CA ALA D 149 -16.97 41.85 10.04
C ALA D 149 -18.32 42.53 9.86
N ALA D 150 -18.89 42.99 10.96
CA ALA D 150 -20.18 43.66 10.94
C ALA D 150 -20.08 44.89 10.04
N SER D 151 -18.95 45.58 10.12
CA SER D 151 -18.70 46.79 9.33
C SER D 151 -18.64 46.49 7.84
N MET D 152 -17.68 45.66 7.45
CA MET D 152 -17.50 45.31 6.05
C MET D 152 -18.77 44.72 5.46
N ILE D 153 -19.60 44.10 6.30
CA ILE D 153 -20.85 43.51 5.83
C ILE D 153 -21.68 44.55 5.09
N GLN D 154 -21.80 45.74 5.70
CA GLN D 154 -22.58 46.82 5.12
C GLN D 154 -21.75 47.64 4.12
N LYS D 155 -21.07 46.94 3.23
CA LYS D 155 -20.24 47.56 2.20
C LYS D 155 -20.20 46.63 1.00
N GLY D 156 -21.07 45.62 1.04
CA GLY D 156 -21.15 44.67 -0.05
C GLY D 156 -20.53 43.30 0.18
N TYR D 157 -19.50 43.24 1.01
CA TYR D 157 -18.81 41.97 1.29
C TYR D 157 -19.73 40.78 1.57
N GLN D 158 -19.48 39.69 0.86
CA GLN D 158 -20.27 38.48 0.97
C GLN D 158 -19.54 37.33 1.67
N SER D 159 -18.21 37.43 1.77
CA SER D 159 -17.43 36.37 2.41
C SER D 159 -16.21 36.89 3.15
N PHE D 160 -15.89 36.23 4.26
CA PHE D 160 -14.75 36.62 5.08
C PHE D 160 -13.79 35.48 5.37
N LYS D 161 -12.57 35.87 5.73
CA LYS D 161 -11.52 34.92 6.07
C LYS D 161 -11.01 35.29 7.45
N MET D 162 -11.18 34.39 8.41
CA MET D 162 -10.72 34.67 9.75
C MET D 162 -9.34 34.08 9.97
N LYS D 163 -8.40 34.93 10.38
CA LYS D 163 -7.05 34.48 10.69
C LYS D 163 -7.09 34.05 12.16
N VAL D 164 -6.77 32.81 12.44
CA VAL D 164 -6.75 32.32 13.82
C VAL D 164 -5.45 31.58 14.05
N GLY D 165 -5.38 30.82 15.13
CA GLY D 165 -4.17 30.05 15.40
C GLY D 165 -3.30 30.41 16.58
N THR D 166 -3.86 31.03 17.61
CA THR D 166 -3.05 31.38 18.78
C THR D 166 -3.31 30.33 19.84
N ASN D 167 -4.58 29.94 19.98
CA ASN D 167 -4.99 28.92 20.94
C ASN D 167 -6.34 28.35 20.53
N VAL D 168 -6.34 27.05 20.24
CA VAL D 168 -7.55 26.34 19.81
C VAL D 168 -8.81 26.75 20.57
N LYS D 169 -8.75 26.75 21.90
CA LYS D 169 -9.91 27.10 22.70
C LYS D 169 -10.34 28.54 22.45
N GLU D 170 -9.38 29.40 22.11
CA GLU D 170 -9.67 30.80 21.84
C GLU D 170 -10.08 31.03 20.40
N ASP D 171 -9.34 30.45 19.47
CA ASP D 171 -9.66 30.59 18.05
C ASP D 171 -11.11 30.20 17.81
N VAL D 172 -11.55 29.10 18.42
CA VAL D 172 -12.93 28.65 18.26
C VAL D 172 -13.87 29.73 18.79
N LYS D 173 -13.49 30.29 19.93
CA LYS D 173 -14.25 31.33 20.60
C LYS D 173 -14.58 32.47 19.62
N ARG D 174 -13.60 32.82 18.79
CA ARG D 174 -13.76 33.89 17.81
C ARG D 174 -14.67 33.51 16.63
N ILE D 175 -14.64 32.25 16.22
CA ILE D 175 -15.44 31.80 15.09
C ILE D 175 -16.97 31.95 15.24
N GLU D 176 -17.58 31.22 16.17
CA GLU D 176 -19.04 31.34 16.32
C GLU D 176 -19.37 32.79 16.63
N ALA D 177 -18.40 33.50 17.20
CA ALA D 177 -18.59 34.90 17.52
C ALA D 177 -19.00 35.65 16.26
N VAL D 178 -18.17 35.59 15.22
CA VAL D 178 -18.49 36.29 13.97
C VAL D 178 -19.58 35.58 13.19
N ARG D 179 -19.63 34.25 13.28
CA ARG D 179 -20.66 33.50 12.55
C ARG D 179 -22.04 33.94 13.04
N GLU D 180 -22.19 34.01 14.35
CA GLU D 180 -23.45 34.41 14.96
C GLU D 180 -23.73 35.87 14.58
N ARG D 181 -22.69 36.69 14.66
CA ARG D 181 -22.75 38.11 14.32
C ARG D 181 -23.16 38.44 12.88
N VAL D 182 -22.83 37.55 11.93
CA VAL D 182 -23.17 37.81 10.52
C VAL D 182 -24.24 36.93 9.88
N GLY D 183 -24.93 36.13 10.69
CA GLY D 183 -25.98 35.29 10.13
C GLY D 183 -25.43 34.03 9.48
N ASN D 184 -26.26 33.35 8.70
CA ASN D 184 -25.85 32.11 8.07
C ASN D 184 -25.90 32.14 6.54
N ASP D 185 -25.64 33.31 5.96
CA ASP D 185 -25.64 33.46 4.50
C ASP D 185 -24.29 34.04 4.05
N ILE D 186 -23.54 34.53 5.03
CA ILE D 186 -22.23 35.10 4.78
C ILE D 186 -21.20 33.97 4.81
N ALA D 187 -20.48 33.79 3.71
CA ALA D 187 -19.45 32.74 3.64
C ALA D 187 -18.29 33.03 4.60
N ILE D 188 -17.81 31.99 5.27
CA ILE D 188 -16.68 32.15 6.19
C ILE D 188 -15.65 31.04 6.00
N ARG D 189 -14.39 31.45 5.84
CA ARG D 189 -13.28 30.51 5.67
C ARG D 189 -12.27 30.86 6.74
N VAL D 190 -11.61 29.86 7.32
CA VAL D 190 -10.64 30.12 8.36
C VAL D 190 -9.24 29.65 8.00
N ASP D 191 -8.27 30.51 8.31
CA ASP D 191 -6.87 30.25 8.03
C ASP D 191 -6.13 30.28 9.37
N VAL D 192 -5.48 29.17 9.73
CA VAL D 192 -4.80 29.13 11.02
C VAL D 192 -3.29 29.32 10.92
N ASN D 193 -2.81 29.51 9.70
CA ASN D 193 -1.38 29.71 9.49
C ASN D 193 -0.48 28.80 10.34
N GLN D 194 -0.73 27.49 10.28
CA GLN D 194 0.06 26.49 11.01
C GLN D 194 -0.14 26.48 12.51
N GLY D 195 -0.94 27.41 13.03
CA GLY D 195 -1.20 27.50 14.46
C GLY D 195 -1.54 26.25 15.27
N TRP D 196 -2.26 25.28 14.72
CA TRP D 196 -2.58 24.10 15.52
C TRP D 196 -1.47 23.05 15.52
N LYS D 197 -0.43 23.28 14.73
CA LYS D 197 0.74 22.40 14.64
C LYS D 197 0.60 20.98 14.12
N ASN D 198 -0.25 20.17 14.76
CA ASN D 198 -0.42 18.78 14.36
C ASN D 198 -1.86 18.36 14.17
N SER D 199 -2.05 17.10 13.77
CA SER D 199 -3.38 16.59 13.52
C SER D 199 -4.22 16.39 14.78
N ALA D 200 -3.59 16.07 15.90
CA ALA D 200 -4.37 15.86 17.13
C ALA D 200 -5.09 17.15 17.50
N ASN D 201 -4.35 18.25 17.63
CA ASN D 201 -4.97 19.53 17.98
C ASN D 201 -6.02 19.94 16.95
N THR D 202 -5.66 19.80 15.67
CA THR D 202 -6.54 20.15 14.58
C THR D 202 -7.87 19.39 14.62
N LEU D 203 -7.80 18.07 14.74
CA LEU D 203 -9.01 17.26 14.77
C LEU D 203 -9.88 17.61 15.97
N THR D 204 -9.23 17.99 17.07
CA THR D 204 -9.99 18.36 18.26
C THR D 204 -10.71 19.66 17.96
N ALA D 205 -10.01 20.62 17.37
CA ALA D 205 -10.62 21.89 17.02
C ALA D 205 -11.80 21.71 16.06
N LEU D 206 -11.59 20.89 15.03
CA LEU D 206 -12.62 20.66 14.02
C LEU D 206 -13.95 20.10 14.53
N ARG D 207 -13.91 19.27 15.57
CA ARG D 207 -15.15 18.71 16.07
C ARG D 207 -16.02 19.79 16.69
N SER D 208 -15.39 20.90 17.09
CA SER D 208 -16.11 22.03 17.68
C SER D 208 -16.49 23.06 16.62
N LEU D 209 -16.28 22.75 15.35
CA LEU D 209 -16.60 23.68 14.27
C LEU D 209 -17.50 23.10 13.19
N GLY D 210 -18.04 21.91 13.42
CA GLY D 210 -18.89 21.29 12.42
C GLY D 210 -20.21 21.98 12.17
N HIS D 211 -20.76 22.62 13.20
CA HIS D 211 -22.05 23.30 13.09
C HIS D 211 -21.96 24.73 12.56
N LEU D 212 -20.77 25.30 12.53
CA LEU D 212 -20.62 26.68 12.07
C LEU D 212 -20.58 26.88 10.56
N ASN D 213 -20.64 25.78 9.81
CA ASN D 213 -20.63 25.88 8.35
C ASN D 213 -19.44 26.64 7.73
N ILE D 214 -18.22 26.20 8.02
CA ILE D 214 -17.04 26.85 7.47
C ILE D 214 -16.73 26.31 6.06
N ASP D 215 -16.45 27.20 5.13
CA ASP D 215 -16.15 26.80 3.75
C ASP D 215 -14.94 25.88 3.69
N TRP D 216 -13.89 26.23 4.44
CA TRP D 216 -12.70 25.39 4.48
C TRP D 216 -11.68 25.86 5.52
N ILE D 217 -10.86 24.91 5.98
CA ILE D 217 -9.82 25.20 6.94
C ILE D 217 -8.50 25.28 6.18
N GLU D 218 -7.78 26.36 6.39
CA GLU D 218 -6.52 26.57 5.70
C GLU D 218 -5.28 26.32 6.57
N GLN D 219 -4.35 25.55 6.02
CA GLN D 219 -3.08 25.21 6.66
C GLN D 219 -3.13 25.15 8.19
N PRO D 220 -3.78 24.12 8.75
CA PRO D 220 -3.85 24.04 10.21
C PRO D 220 -2.56 23.58 10.88
N VAL D 221 -1.75 22.78 10.17
CA VAL D 221 -0.51 22.24 10.75
C VAL D 221 0.75 22.87 10.19
N ILE D 222 1.92 22.53 10.75
CA ILE D 222 3.18 23.08 10.27
C ILE D 222 3.36 22.74 8.79
N ALA D 223 3.86 23.71 8.04
CA ALA D 223 4.08 23.60 6.62
C ALA D 223 4.67 22.30 6.11
N ASP D 224 5.78 21.88 6.69
CA ASP D 224 6.43 20.66 6.23
C ASP D 224 5.65 19.36 6.41
N ASP D 225 4.64 19.35 7.27
CA ASP D 225 3.90 18.11 7.48
C ASP D 225 2.71 17.86 6.56
N ILE D 226 3.01 17.39 5.36
CA ILE D 226 1.96 17.09 4.41
C ILE D 226 1.25 15.82 4.89
N ASP D 227 2.02 14.92 5.50
CA ASP D 227 1.46 13.67 6.01
C ASP D 227 0.34 13.96 7.02
N ALA D 228 0.57 14.91 7.92
CA ALA D 228 -0.45 15.25 8.90
C ALA D 228 -1.72 15.74 8.19
N MET D 229 -1.51 16.51 7.13
CA MET D 229 -2.62 17.04 6.37
C MET D 229 -3.47 15.90 5.80
N ALA D 230 -2.83 14.87 5.24
CA ALA D 230 -3.55 13.73 4.68
C ALA D 230 -4.26 12.97 5.79
N HIS D 231 -3.62 12.89 6.95
CA HIS D 231 -4.23 12.17 8.05
C HIS D 231 -5.49 12.88 8.52
N ILE D 232 -5.41 14.20 8.60
CA ILE D 232 -6.56 15.00 8.99
C ILE D 232 -7.68 14.81 7.97
N ARG D 233 -7.33 14.91 6.69
CA ARG D 233 -8.33 14.77 5.63
C ARG D 233 -9.04 13.41 5.68
N SER D 234 -8.36 12.40 6.19
CA SER D 234 -8.95 11.07 6.25
C SER D 234 -9.99 10.97 7.34
N LYS D 235 -9.96 11.89 8.29
CA LYS D 235 -10.90 11.85 9.41
C LYS D 235 -11.82 13.05 9.59
N THR D 236 -12.00 13.86 8.54
CA THR D 236 -12.89 15.02 8.64
C THR D 236 -13.62 15.27 7.33
N ASP D 237 -14.80 15.88 7.39
CA ASP D 237 -15.53 16.18 6.17
C ASP D 237 -15.46 17.67 5.82
N LEU D 238 -14.63 18.41 6.55
CA LEU D 238 -14.43 19.82 6.28
C LEU D 238 -13.37 19.95 5.18
N PRO D 239 -13.65 20.74 4.15
CA PRO D 239 -12.67 20.90 3.06
C PRO D 239 -11.37 21.43 3.63
N LEU D 240 -10.24 20.92 3.14
CA LEU D 240 -8.94 21.37 3.62
C LEU D 240 -8.13 22.05 2.53
N MET D 241 -7.48 23.15 2.89
CA MET D 241 -6.64 23.88 1.94
C MET D 241 -5.21 23.95 2.44
N ILE D 242 -4.26 23.72 1.54
CA ILE D 242 -2.85 23.80 1.92
C ILE D 242 -2.29 25.09 1.37
N ASP D 243 -1.57 25.83 2.21
CA ASP D 243 -0.95 27.09 1.81
C ASP D 243 0.56 27.00 1.97
N GLU D 244 1.08 27.32 3.15
CA GLU D 244 2.51 27.25 3.37
C GLU D 244 3.10 25.88 3.03
N GLY D 245 2.27 24.84 3.07
CA GLY D 245 2.76 23.52 2.75
C GLY D 245 3.02 23.33 1.27
N LEU D 246 2.59 24.29 0.46
CA LEU D 246 2.77 24.24 -0.98
C LEU D 246 3.56 25.41 -1.52
N LYS D 247 4.68 25.14 -2.17
CA LYS D 247 5.45 26.23 -2.73
C LYS D 247 5.65 25.99 -4.22
N SER D 248 6.32 24.89 -4.54
CA SER D 248 6.60 24.52 -5.93
C SER D 248 5.99 23.17 -6.27
N SER D 249 6.21 22.72 -7.49
CA SER D 249 5.70 21.44 -7.96
C SER D 249 6.17 20.29 -7.09
N ARG D 250 7.27 20.51 -6.38
CA ARG D 250 7.82 19.51 -5.50
C ARG D 250 6.81 19.07 -4.46
N GLU D 251 6.17 20.02 -3.79
CA GLU D 251 5.17 19.62 -2.81
C GLU D 251 3.84 19.32 -3.48
N MET D 252 3.60 19.90 -4.66
CA MET D 252 2.35 19.63 -5.37
C MET D 252 2.29 18.13 -5.65
N ARG D 253 3.43 17.58 -6.08
CA ARG D 253 3.51 16.16 -6.36
C ARG D 253 3.16 15.33 -5.14
N GLN D 254 3.70 15.72 -4.00
CA GLN D 254 3.45 15.01 -2.76
C GLN D 254 1.97 15.13 -2.34
N ILE D 255 1.41 16.32 -2.50
CA ILE D 255 0.01 16.54 -2.13
C ILE D 255 -0.93 15.64 -2.95
N ILE D 256 -0.63 15.50 -4.22
CA ILE D 256 -1.43 14.66 -5.10
C ILE D 256 -1.29 13.19 -4.73
N LYS D 257 -0.05 12.76 -4.53
CA LYS D 257 0.27 11.38 -4.19
C LYS D 257 -0.41 10.94 -2.90
N LEU D 258 -0.33 11.78 -1.87
CA LEU D 258 -0.91 11.45 -0.57
C LEU D 258 -2.37 11.91 -0.39
N GLU D 259 -2.91 12.59 -1.38
CA GLU D 259 -4.30 13.07 -1.28
C GLU D 259 -4.43 13.91 -0.02
N ALA D 260 -3.50 14.84 0.14
CA ALA D 260 -3.47 15.65 1.33
C ALA D 260 -4.38 16.88 1.35
N ALA D 261 -5.02 17.22 0.25
CA ALA D 261 -5.84 18.43 0.28
C ALA D 261 -6.96 18.52 -0.73
N ASP D 262 -7.97 19.32 -0.39
CA ASP D 262 -9.11 19.54 -1.27
C ASP D 262 -8.79 20.71 -2.17
N LYS D 263 -7.97 21.62 -1.67
CA LYS D 263 -7.58 22.80 -2.45
C LYS D 263 -6.23 23.34 -2.02
N VAL D 264 -5.61 24.08 -2.94
CA VAL D 264 -4.30 24.67 -2.68
C VAL D 264 -4.33 26.16 -2.88
N ASN D 265 -3.45 26.85 -2.15
CA ASN D 265 -3.34 28.29 -2.24
C ASN D 265 -2.03 28.60 -2.96
N ILE D 266 -2.12 28.93 -4.24
CA ILE D 266 -0.93 29.24 -5.02
C ILE D 266 -0.59 30.73 -4.84
N LYS D 267 0.69 31.01 -4.62
CA LYS D 267 1.16 32.37 -4.47
C LYS D 267 2.39 32.53 -5.35
N LEU D 268 2.38 33.54 -6.21
CA LEU D 268 3.50 33.78 -7.10
C LEU D 268 4.82 33.86 -6.32
N MET D 269 4.78 34.42 -5.12
CA MET D 269 5.97 34.55 -4.30
C MET D 269 6.52 33.21 -3.79
N LYS D 270 5.67 32.17 -3.78
CA LYS D 270 6.11 30.87 -3.29
C LYS D 270 6.64 29.96 -4.39
N CYS D 271 6.22 30.20 -5.63
CA CYS D 271 6.64 29.35 -6.73
C CYS D 271 7.54 30.00 -7.78
N GLY D 272 7.68 31.33 -7.74
CA GLY D 272 8.55 31.97 -8.70
C GLY D 272 7.89 32.75 -9.82
N GLY D 273 6.66 33.19 -9.58
CA GLY D 273 5.98 33.97 -10.59
C GLY D 273 4.83 33.34 -11.36
N ILE D 274 4.40 34.09 -12.36
CA ILE D 274 3.31 33.72 -13.26
C ILE D 274 3.47 32.37 -13.94
N TYR D 275 4.61 32.15 -14.61
CA TYR D 275 4.80 30.91 -15.32
C TYR D 275 4.74 29.67 -14.42
N PRO D 276 5.48 29.68 -13.29
CA PRO D 276 5.43 28.52 -12.40
C PRO D 276 4.02 28.32 -11.80
N ALA D 277 3.31 29.43 -11.58
CA ALA D 277 1.95 29.37 -11.01
C ALA D 277 1.02 28.69 -12.00
N VAL D 278 1.16 29.01 -13.28
CA VAL D 278 0.34 28.39 -14.30
C VAL D 278 0.59 26.89 -14.31
N LYS D 279 1.85 26.49 -14.17
CA LYS D 279 2.20 25.07 -14.16
C LYS D 279 1.55 24.37 -12.97
N LEU D 280 1.53 25.02 -11.82
CA LEU D 280 0.90 24.45 -10.63
C LEU D 280 -0.59 24.25 -10.87
N ALA D 281 -1.23 25.22 -11.51
CA ALA D 281 -2.66 25.16 -11.79
C ALA D 281 -2.95 23.95 -12.68
N HIS D 282 -2.09 23.74 -13.68
CA HIS D 282 -2.29 22.62 -14.58
C HIS D 282 -2.09 21.30 -13.84
N GLN D 283 -1.15 21.28 -12.91
CA GLN D 283 -0.88 20.08 -12.14
C GLN D 283 -2.06 19.78 -11.21
N ALA D 284 -2.51 20.79 -10.46
CA ALA D 284 -3.63 20.61 -9.55
C ALA D 284 -4.87 20.13 -10.33
N GLU D 285 -5.02 20.62 -11.55
CA GLU D 285 -6.16 20.25 -12.37
C GLU D 285 -6.21 18.76 -12.65
N MET D 286 -5.05 18.16 -12.87
CA MET D 286 -4.99 16.74 -13.19
C MET D 286 -5.57 15.89 -12.05
N ALA D 287 -5.46 16.36 -10.82
CA ALA D 287 -5.95 15.62 -9.67
C ALA D 287 -7.29 16.12 -9.16
N GLY D 288 -7.87 17.09 -9.85
CA GLY D 288 -9.15 17.63 -9.40
C GLY D 288 -9.03 18.43 -8.12
N ILE D 289 -7.88 19.05 -7.91
CA ILE D 289 -7.67 19.88 -6.72
C ILE D 289 -7.98 21.32 -7.10
N GLU D 290 -8.94 21.93 -6.41
CA GLU D 290 -9.30 23.31 -6.71
C GLU D 290 -8.19 24.25 -6.26
N CYS D 291 -7.99 25.32 -7.02
CA CYS D 291 -6.94 26.27 -6.71
C CYS D 291 -7.42 27.65 -6.37
N GLN D 292 -6.59 28.35 -5.60
CA GLN D 292 -6.85 29.72 -5.21
C GLN D 292 -5.54 30.46 -5.44
N VAL D 293 -5.62 31.71 -5.87
CA VAL D 293 -4.40 32.49 -6.01
C VAL D 293 -4.48 33.48 -4.87
N GLY D 294 -3.60 33.30 -3.90
CA GLY D 294 -3.56 34.19 -2.74
C GLY D 294 -2.31 35.03 -2.89
N SER D 295 -1.79 35.56 -1.79
CA SER D 295 -0.59 36.37 -1.89
C SER D 295 -0.07 36.80 -0.54
N MET D 296 1.06 37.50 -0.57
CA MET D 296 1.63 38.08 0.63
C MET D 296 0.99 39.47 0.48
N VAL D 297 1.10 40.35 1.46
CA VAL D 297 0.47 41.66 1.25
C VAL D 297 1.33 42.36 0.20
N GLU D 298 0.81 42.43 -1.02
CA GLU D 298 1.56 43.01 -2.15
C GLU D 298 0.97 44.27 -2.81
N SER D 299 1.84 45.03 -3.47
CA SER D 299 1.42 46.26 -4.15
C SER D 299 0.64 45.85 -5.40
N SER D 300 0.19 46.85 -6.16
CA SER D 300 -0.57 46.62 -7.38
C SER D 300 0.20 45.77 -8.39
N VAL D 301 1.52 45.90 -8.39
CA VAL D 301 2.33 45.15 -9.34
C VAL D 301 2.18 43.63 -9.22
N ALA D 302 2.52 43.06 -8.08
CA ALA D 302 2.41 41.61 -7.93
C ALA D 302 0.94 41.19 -7.88
N SER D 303 0.12 42.02 -7.24
CA SER D 303 -1.29 41.73 -7.15
C SER D 303 -1.95 41.55 -8.51
N SER D 304 -1.66 42.44 -9.46
CA SER D 304 -2.28 42.27 -10.77
C SER D 304 -1.71 41.02 -11.41
N ALA D 305 -0.42 40.79 -11.22
CA ALA D 305 0.22 39.60 -11.77
C ALA D 305 -0.57 38.38 -11.30
N GLY D 306 -0.90 38.34 -10.01
CA GLY D 306 -1.66 37.22 -9.48
C GLY D 306 -3.04 37.10 -10.10
N PHE D 307 -3.71 38.24 -10.28
CA PHE D 307 -5.05 38.25 -10.87
C PHE D 307 -5.04 37.75 -12.30
N HIS D 308 -4.02 38.13 -13.06
CA HIS D 308 -3.92 37.68 -14.44
C HIS D 308 -3.86 36.16 -14.51
N VAL D 309 -3.16 35.55 -13.57
CA VAL D 309 -3.11 34.10 -13.56
C VAL D 309 -4.52 33.59 -13.23
N ALA D 310 -5.10 34.13 -12.15
CA ALA D 310 -6.43 33.74 -11.71
C ALA D 310 -7.49 33.84 -12.80
N PHE D 311 -7.55 35.00 -13.45
CA PHE D 311 -8.55 35.24 -14.49
C PHE D 311 -8.43 34.36 -15.73
N SER D 312 -7.27 33.74 -15.93
CA SER D 312 -7.07 32.90 -17.10
C SER D 312 -7.32 31.41 -16.87
N LYS D 313 -7.60 31.00 -15.65
CA LYS D 313 -7.77 29.59 -15.35
C LYS D 313 -9.07 29.14 -14.69
N LYS D 314 -9.79 28.23 -15.34
CA LYS D 314 -11.03 27.70 -14.81
C LYS D 314 -10.83 26.99 -13.46
N ILE D 315 -9.67 26.35 -13.29
CA ILE D 315 -9.40 25.62 -12.06
C ILE D 315 -9.19 26.56 -10.86
N ILE D 316 -8.95 27.84 -11.14
CA ILE D 316 -8.77 28.81 -10.05
C ILE D 316 -10.15 29.40 -9.76
N THR D 317 -10.71 29.04 -8.62
CA THR D 317 -12.07 29.48 -8.28
C THR D 317 -12.24 30.55 -7.20
N SER D 318 -11.15 30.96 -6.57
CA SER D 318 -11.28 32.00 -5.57
C SER D 318 -9.98 32.76 -5.64
N VAL D 319 -9.99 33.99 -5.12
CA VAL D 319 -8.82 34.83 -5.21
C VAL D 319 -8.64 35.59 -3.90
N GLU D 320 -7.38 35.82 -3.51
CA GLU D 320 -7.09 36.52 -2.26
C GLU D 320 -5.87 37.42 -2.36
N LEU D 321 -6.01 38.50 -3.11
CA LEU D 321 -4.94 39.48 -3.28
C LEU D 321 -5.59 40.80 -2.94
N THR D 322 -5.39 41.27 -1.72
CA THR D 322 -6.00 42.52 -1.28
C THR D 322 -5.01 43.52 -0.71
N GLY D 323 -3.73 43.36 -1.04
CA GLY D 323 -2.73 44.29 -0.56
C GLY D 323 -3.01 45.74 -0.98
N PRO D 324 -3.31 45.99 -2.27
CA PRO D 324 -3.57 47.36 -2.74
C PRO D 324 -4.60 48.11 -1.91
N LEU D 325 -5.53 47.39 -1.30
CA LEU D 325 -6.52 48.07 -0.50
C LEU D 325 -6.30 47.99 1.01
N LYS D 326 -5.06 47.71 1.41
CA LYS D 326 -4.68 47.68 2.82
C LYS D 326 -3.63 48.75 3.05
N PHE D 327 -3.00 49.18 1.96
CA PHE D 327 -1.97 50.21 2.01
C PHE D 327 -2.57 51.61 1.91
N THR D 328 -1.85 52.60 2.42
CA THR D 328 -2.30 53.98 2.35
C THR D 328 -1.64 54.63 1.13
N LYS D 329 -0.65 53.95 0.56
CA LYS D 329 0.08 54.41 -0.62
C LYS D 329 0.43 53.18 -1.46
N ASP D 330 0.23 53.28 -2.77
CA ASP D 330 0.51 52.17 -3.68
C ASP D 330 1.33 52.74 -4.81
N ILE D 331 2.28 51.98 -5.35
CA ILE D 331 3.07 52.51 -6.47
C ILE D 331 2.34 52.28 -7.78
N GLY D 332 1.26 51.50 -7.70
CA GLY D 332 0.46 51.18 -8.87
C GLY D 332 -0.99 51.56 -8.64
N ASN D 333 -1.82 51.38 -9.67
CA ASN D 333 -3.22 51.75 -9.58
C ASN D 333 -4.20 50.65 -9.97
N LEU D 334 -4.02 49.45 -9.42
CA LEU D 334 -4.93 48.36 -9.72
C LEU D 334 -6.26 48.75 -9.12
N HIS D 335 -7.31 48.76 -9.93
CA HIS D 335 -8.62 49.18 -9.46
C HIS D 335 -9.56 48.07 -9.00
N TYR D 336 -10.06 48.21 -7.77
CA TYR D 336 -11.01 47.25 -7.22
C TYR D 336 -12.41 47.85 -7.20
N ASP D 337 -13.38 47.07 -7.68
CA ASP D 337 -14.78 47.48 -7.67
C ASP D 337 -15.43 46.73 -6.51
N VAL D 338 -14.87 46.91 -5.32
CA VAL D 338 -15.36 46.22 -4.12
C VAL D 338 -16.89 46.13 -4.12
N PRO D 339 -17.44 44.95 -3.81
CA PRO D 339 -16.75 43.71 -3.45
C PRO D 339 -16.40 42.76 -4.61
N PHE D 340 -15.84 43.30 -5.69
CA PHE D 340 -15.44 42.46 -6.82
C PHE D 340 -14.15 42.98 -7.45
N ILE D 341 -13.49 42.14 -8.25
CA ILE D 341 -12.30 42.59 -8.96
C ILE D 341 -12.59 42.18 -10.38
N ARG D 342 -12.29 43.07 -11.31
CA ARG D 342 -12.46 42.80 -12.71
C ARG D 342 -11.19 43.37 -13.29
N LEU D 343 -10.59 42.70 -14.25
CA LEU D 343 -9.38 43.21 -14.84
C LEU D 343 -9.72 44.01 -16.08
N ASN D 344 -8.94 45.05 -16.35
CA ASN D 344 -9.18 45.83 -17.53
C ASN D 344 -8.59 45.10 -18.73
N GLU D 345 -8.56 45.76 -19.88
CA GLU D 345 -8.05 45.19 -21.12
C GLU D 345 -6.70 45.79 -21.52
N LYS D 346 -6.07 46.53 -20.61
CA LYS D 346 -4.80 47.17 -20.92
C LYS D 346 -3.65 46.18 -21.07
N PRO D 347 -2.66 46.54 -21.89
CA PRO D 347 -1.50 45.67 -22.13
C PRO D 347 -0.66 45.42 -20.89
N GLY D 348 0.01 44.26 -20.89
CA GLY D 348 0.86 43.90 -19.77
C GLY D 348 0.04 43.77 -18.51
N LEU D 349 0.55 44.31 -17.41
CA LEU D 349 -0.17 44.23 -16.15
C LEU D 349 -1.38 45.16 -16.14
N GLY D 350 -1.51 45.97 -17.18
CA GLY D 350 -2.63 46.91 -17.28
C GLY D 350 -2.62 47.93 -16.15
N ILE D 351 -1.42 48.24 -15.67
CA ILE D 351 -1.24 49.15 -14.56
C ILE D 351 -0.34 50.33 -14.92
N GLU D 352 -0.43 51.39 -14.14
CA GLU D 352 0.42 52.56 -14.34
C GLU D 352 1.21 52.77 -13.04
N ILE D 353 2.52 52.95 -13.16
CA ILE D 353 3.36 53.16 -12.00
C ILE D 353 3.60 54.64 -11.74
N ASN D 354 3.34 55.07 -10.52
CA ASN D 354 3.56 56.46 -10.15
C ASN D 354 5.02 56.60 -9.71
N GLU D 355 5.88 57.05 -10.61
CA GLU D 355 7.30 57.23 -10.32
C GLU D 355 7.53 57.96 -8.99
N ASP D 356 6.77 59.03 -8.75
CA ASP D 356 6.93 59.81 -7.54
C ASP D 356 6.66 58.99 -6.28
N THR D 357 5.61 58.20 -6.31
CA THR D 357 5.28 57.37 -5.17
C THR D 357 6.35 56.30 -4.97
N LEU D 358 6.82 55.72 -6.07
CA LEU D 358 7.86 54.69 -5.98
C LEU D 358 9.09 55.26 -5.29
N GLN D 359 9.56 56.39 -5.81
CA GLN D 359 10.74 57.04 -5.28
C GLN D 359 10.65 57.44 -3.82
N GLU D 360 9.48 57.91 -3.37
CA GLU D 360 9.37 58.32 -1.99
C GLU D 360 9.30 57.14 -1.04
N LEU D 361 8.94 55.98 -1.55
CA LEU D 361 8.85 54.77 -0.75
C LEU D 361 10.16 53.97 -0.74
N THR D 362 11.05 54.28 -1.68
CA THR D 362 12.33 53.60 -1.79
C THR D 362 13.25 53.93 -0.62
N VAL D 363 13.78 52.89 0.04
CA VAL D 363 14.70 53.08 1.15
C VAL D 363 16.14 53.03 0.60
N PHE D 364 16.36 52.20 -0.42
CA PHE D 364 17.65 52.09 -1.08
C PHE D 364 17.45 51.43 -2.44
N GLN D 365 18.40 51.61 -3.34
CA GLN D 365 18.27 51.06 -4.68
C GLN D 365 19.60 50.87 -5.38
N ASP D 366 19.52 50.25 -6.56
CA ASP D 366 20.70 50.00 -7.38
C ASP D 366 20.24 49.70 -8.79
N ILE D 367 21.19 49.70 -9.73
CA ILE D 367 20.88 49.42 -11.12
C ILE D 367 21.92 48.42 -11.61
N VAL D 368 21.49 47.46 -12.43
CA VAL D 368 22.43 46.47 -12.92
C VAL D 368 22.38 46.44 -14.44
N ARG D 369 23.56 46.59 -15.05
CA ARG D 369 23.68 46.56 -16.50
C ARG D 369 24.89 45.74 -16.93
N MET E 1 25.12 33.57 30.39
CA MET E 1 25.97 34.16 29.32
C MET E 1 25.10 34.89 28.32
N LYS E 2 25.64 35.93 27.70
CA LYS E 2 24.88 36.70 26.72
C LYS E 2 25.72 37.10 25.53
N ILE E 3 25.11 37.06 24.34
CA ILE E 3 25.81 37.46 23.12
C ILE E 3 25.79 38.98 23.12
N THR E 4 26.97 39.58 23.00
CA THR E 4 27.06 41.04 23.00
C THR E 4 27.24 41.63 21.61
N ALA E 5 27.91 40.89 20.73
CA ALA E 5 28.13 41.37 19.38
C ALA E 5 28.44 40.22 18.45
N ILE E 6 28.19 40.44 17.16
CA ILE E 6 28.48 39.44 16.14
C ILE E 6 29.11 40.13 14.94
N HIS E 7 30.33 39.72 14.61
CA HIS E 7 31.04 40.29 13.48
C HIS E 7 30.81 39.39 12.28
N LEU E 8 30.58 40.00 11.11
CA LEU E 8 30.36 39.24 9.89
C LEU E 8 31.45 39.58 8.88
N TYR E 9 32.13 38.55 8.39
CA TYR E 9 33.21 38.74 7.43
C TYR E 9 32.89 38.00 6.14
N ALA E 10 32.72 38.73 5.05
CA ALA E 10 32.48 38.10 3.76
C ALA E 10 33.86 37.93 3.14
N ILE E 11 34.40 36.71 3.21
CA ILE E 11 35.73 36.45 2.68
C ILE E 11 35.72 35.59 1.42
N ARG E 12 36.91 35.36 0.88
CA ARG E 12 37.07 34.53 -0.30
C ARG E 12 38.32 33.67 -0.09
N LEU E 13 38.11 32.37 -0.05
CA LEU E 13 39.20 31.43 0.14
C LEU E 13 39.76 31.02 -1.23
N PRO E 14 41.04 31.32 -1.48
CA PRO E 14 41.71 31.00 -2.75
C PRO E 14 41.96 29.50 -2.94
N LEU E 15 41.65 29.00 -4.14
CA LEU E 15 41.82 27.58 -4.46
C LEU E 15 43.05 27.32 -5.32
N ARG E 16 43.81 26.29 -4.97
CA ARG E 16 45.01 25.92 -5.73
C ARG E 16 44.66 25.61 -7.19
N ASN E 17 43.52 24.95 -7.40
CA ASN E 17 43.06 24.59 -8.74
C ASN E 17 41.53 24.71 -8.82
N PRO E 18 40.99 24.94 -10.03
CA PRO E 18 39.53 25.07 -10.19
C PRO E 18 38.79 23.77 -9.80
N PHE E 19 37.79 23.91 -8.92
CA PHE E 19 36.99 22.77 -8.48
C PHE E 19 35.84 22.58 -9.47
N VAL E 20 35.83 21.46 -10.19
CA VAL E 20 34.80 21.20 -11.20
C VAL E 20 33.81 20.06 -10.89
N ILE E 21 32.53 20.38 -10.94
CA ILE E 21 31.48 19.39 -10.69
C ILE E 21 30.41 19.46 -11.79
N SER E 22 29.37 18.65 -11.65
CA SER E 22 28.30 18.59 -12.65
C SER E 22 27.63 19.91 -13.03
N TYR E 23 27.29 20.74 -12.03
CA TYR E 23 26.59 21.99 -12.31
C TYR E 23 27.39 23.28 -12.14
N GLY E 24 28.71 23.23 -12.34
CA GLY E 24 29.51 24.44 -12.21
C GLY E 24 31.00 24.27 -11.92
N SER E 25 31.76 25.32 -12.21
CA SER E 25 33.21 25.33 -11.98
C SER E 25 33.55 26.45 -10.99
N TYR E 26 34.46 26.17 -10.06
CA TYR E 26 34.85 27.13 -9.03
C TYR E 26 36.35 27.46 -9.03
N SER E 27 36.66 28.75 -9.16
CA SER E 27 38.06 29.21 -9.16
C SER E 27 38.51 29.52 -7.74
N ASP E 28 37.54 29.78 -6.86
CA ASP E 28 37.80 30.08 -5.44
C ASP E 28 36.50 29.82 -4.68
N MET E 29 36.47 30.10 -3.37
CA MET E 29 35.26 29.82 -2.63
C MET E 29 34.81 30.92 -1.67
N PRO E 30 33.73 31.63 -2.03
CA PRO E 30 33.19 32.71 -1.19
C PRO E 30 32.68 32.09 0.11
N SER E 31 32.87 32.80 1.22
CA SER E 31 32.43 32.30 2.51
C SER E 31 32.08 33.42 3.48
N ILE E 32 31.21 33.12 4.44
CA ILE E 32 30.85 34.11 5.43
C ILE E 32 31.36 33.58 6.76
N ILE E 33 32.14 34.40 7.45
CA ILE E 33 32.68 34.01 8.75
C ILE E 33 32.02 34.86 9.83
N VAL E 34 31.75 34.25 10.98
CA VAL E 34 31.14 35.00 12.06
C VAL E 34 31.99 34.91 13.33
N LYS E 35 32.14 36.04 14.02
CA LYS E 35 32.86 36.06 15.29
C LYS E 35 31.80 36.48 16.29
N MET E 36 31.53 35.62 17.25
CA MET E 36 30.52 35.89 18.25
C MET E 36 31.14 36.27 19.59
N GLU E 37 30.80 37.46 20.09
CA GLU E 37 31.32 37.94 21.36
C GLU E 37 30.26 37.81 22.45
N THR E 38 30.71 37.44 23.65
CA THR E 38 29.82 37.27 24.78
C THR E 38 30.20 38.19 25.95
N ASP E 39 29.26 38.43 26.85
CA ASP E 39 29.52 39.29 27.99
C ASP E 39 30.61 38.70 28.89
N GLU E 40 30.93 37.43 28.68
CA GLU E 40 31.98 36.78 29.49
C GLU E 40 33.34 36.81 28.81
N GLY E 41 33.48 37.61 27.75
CA GLY E 41 34.75 37.70 27.07
C GLY E 41 35.12 36.52 26.18
N ILE E 42 34.33 35.45 26.24
CA ILE E 42 34.57 34.28 25.43
C ILE E 42 34.09 34.51 24.00
N ILE E 43 34.93 34.17 23.02
CA ILE E 43 34.53 34.37 21.64
C ILE E 43 34.50 33.07 20.83
N GLY E 44 33.55 33.00 19.91
CA GLY E 44 33.43 31.81 19.07
C GLY E 44 33.40 32.15 17.60
N TYR E 45 33.92 31.24 16.79
CA TYR E 45 33.91 31.43 15.34
C TYR E 45 32.98 30.45 14.66
N GLY E 46 32.26 30.93 13.67
CA GLY E 46 31.36 30.10 12.91
C GLY E 46 31.59 30.39 11.45
N GLU E 47 31.03 29.56 10.58
CA GLU E 47 31.21 29.75 9.16
C GLU E 47 30.01 29.28 8.37
N GLY E 48 29.74 30.01 7.30
CA GLY E 48 28.65 29.67 6.42
C GLY E 48 29.14 29.79 4.99
N VAL E 49 29.18 28.67 4.28
CA VAL E 49 29.60 28.69 2.89
C VAL E 49 28.39 28.20 2.10
N ALA E 50 27.79 29.13 1.38
CA ALA E 50 26.60 28.88 0.61
C ALA E 50 26.81 28.30 -0.78
N ASP E 51 25.91 27.40 -1.15
CA ASP E 51 25.91 26.79 -2.47
C ASP E 51 24.55 27.12 -3.09
N ASP E 52 24.54 28.11 -3.96
CA ASP E 52 23.33 28.57 -4.63
C ASP E 52 22.52 27.44 -5.23
N HIS E 53 23.22 26.45 -5.78
CA HIS E 53 22.56 25.35 -6.43
C HIS E 53 21.93 24.29 -5.54
N VAL E 54 22.22 24.33 -4.25
CA VAL E 54 21.69 23.34 -3.33
C VAL E 54 20.64 23.85 -2.35
N THR E 55 20.95 24.93 -1.65
CA THR E 55 20.03 25.48 -0.66
C THR E 55 19.43 26.81 -1.07
N GLY E 56 19.77 27.28 -2.25
CA GLY E 56 19.25 28.55 -2.70
C GLY E 56 19.69 29.74 -1.86
N GLU E 57 20.88 29.64 -1.28
CA GLU E 57 21.46 30.71 -0.49
C GLU E 57 22.71 31.13 -1.25
N SER E 58 23.03 32.41 -1.24
CA SER E 58 24.22 32.89 -1.93
C SER E 58 25.13 33.57 -0.92
N TRP E 59 26.34 33.85 -1.35
CA TRP E 59 27.34 34.51 -0.52
C TRP E 59 26.78 35.80 0.07
N GLU E 60 26.38 36.72 -0.81
CA GLU E 60 25.83 37.98 -0.34
C GLU E 60 24.50 37.83 0.41
N SER E 61 23.62 36.95 -0.08
CA SER E 61 22.32 36.78 0.57
C SER E 61 22.48 36.27 1.98
N THR E 62 23.43 35.37 2.19
CA THR E 62 23.69 34.82 3.52
C THR E 62 24.20 35.89 4.46
N PHE E 63 25.11 36.71 3.96
CA PHE E 63 25.69 37.79 4.73
C PHE E 63 24.57 38.70 5.26
N HIS E 64 23.67 39.07 4.37
CA HIS E 64 22.58 39.95 4.74
C HIS E 64 21.48 39.34 5.61
N THR E 65 21.11 38.08 5.40
CA THR E 65 20.07 37.53 6.27
C THR E 65 20.67 37.38 7.66
N LEU E 66 21.99 37.26 7.73
CA LEU E 66 22.66 37.16 9.03
C LEU E 66 22.62 38.55 9.67
N LYS E 67 23.01 39.55 8.88
CA LYS E 67 23.07 40.94 9.35
C LYS E 67 21.75 41.57 9.76
N HIS E 68 20.75 41.51 8.88
CA HIS E 68 19.48 42.15 9.16
C HIS E 68 18.39 41.29 9.80
N THR E 69 18.49 39.97 9.67
CA THR E 69 17.44 39.10 10.20
C THR E 69 17.81 38.24 11.41
N LEU E 70 18.85 37.41 11.27
CA LEU E 70 19.24 36.55 12.37
C LEU E 70 20.00 37.19 13.54
N THR E 71 21.11 37.88 13.26
CA THR E 71 21.90 38.45 14.35
C THR E 71 21.18 39.46 15.26
N PRO E 72 20.36 40.36 14.70
CA PRO E 72 19.70 41.28 15.62
C PRO E 72 18.82 40.58 16.65
N ALA E 73 18.21 39.47 16.26
CA ALA E 73 17.36 38.71 17.17
C ALA E 73 18.17 37.88 18.17
N LEU E 74 19.46 37.72 17.91
CA LEU E 74 20.32 36.91 18.77
C LEU E 74 21.07 37.68 19.84
N ILE E 75 21.20 38.99 19.67
CA ILE E 75 21.90 39.81 20.66
C ILE E 75 21.20 39.68 22.00
N GLY E 76 21.98 39.43 23.06
CA GLY E 76 21.39 39.28 24.38
C GLY E 76 20.94 37.86 24.66
N GLN E 77 20.97 37.03 23.63
CA GLN E 77 20.56 35.63 23.75
C GLN E 77 21.75 34.78 24.27
N ASN E 78 21.43 33.68 24.95
CA ASN E 78 22.46 32.79 25.52
C ASN E 78 22.92 31.67 24.57
N PRO E 79 24.18 31.72 24.12
CA PRO E 79 24.73 30.72 23.21
C PRO E 79 24.91 29.31 23.79
N MET E 80 24.76 29.19 25.10
CA MET E 80 24.89 27.90 25.77
C MET E 80 23.65 27.05 25.57
N ASN E 81 22.51 27.68 25.32
CA ASN E 81 21.25 26.97 25.10
C ASN E 81 21.04 26.80 23.61
N ILE E 82 21.74 25.82 23.05
CA ILE E 82 21.68 25.54 21.63
C ILE E 82 20.25 25.28 21.10
N GLU E 83 19.45 24.50 21.83
CA GLU E 83 18.09 24.19 21.42
C GLU E 83 17.29 25.51 21.34
N LYS E 84 17.51 26.39 22.32
CA LYS E 84 16.83 27.68 22.37
C LYS E 84 17.28 28.57 21.21
N ILE E 85 18.58 28.61 20.98
CA ILE E 85 19.15 29.42 19.90
C ILE E 85 18.49 29.05 18.57
N HIS E 86 18.39 27.75 18.29
CA HIS E 86 17.76 27.30 17.06
C HIS E 86 16.27 27.60 17.03
N ASP E 87 15.62 27.53 18.18
CA ASP E 87 14.20 27.83 18.23
C ASP E 87 13.98 29.29 17.83
N MET E 88 14.81 30.17 18.36
CA MET E 88 14.73 31.59 18.04
C MET E 88 14.95 31.82 16.54
N MET E 89 16.00 31.24 15.98
CA MET E 89 16.27 31.41 14.56
C MET E 89 15.14 30.85 13.69
N ASP E 90 14.67 29.64 13.98
CA ASP E 90 13.59 29.06 13.19
C ASP E 90 12.32 29.90 13.24
N ASN E 91 12.08 30.50 14.41
CA ASN E 91 10.91 31.33 14.59
C ASN E 91 11.01 32.63 13.81
N THR E 92 12.21 33.18 13.68
CA THR E 92 12.34 34.43 12.95
C THR E 92 12.41 34.20 11.45
N ILE E 93 12.96 33.07 11.03
CA ILE E 93 13.01 32.79 9.60
C ILE E 93 13.07 31.30 9.29
N TYR E 94 12.36 30.91 8.24
CA TYR E 94 12.31 29.51 7.81
C TYR E 94 13.49 29.18 6.88
N GLY E 95 13.99 27.94 6.95
CA GLY E 95 15.09 27.54 6.08
C GLY E 95 16.41 28.24 6.34
N VAL E 96 17.04 28.75 5.28
CA VAL E 96 18.30 29.46 5.42
C VAL E 96 19.28 28.65 6.31
N PRO E 97 19.46 27.35 5.99
CA PRO E 97 20.36 26.52 6.79
C PRO E 97 21.82 26.97 6.85
N THR E 98 22.35 27.51 5.75
CA THR E 98 23.75 27.95 5.77
C THR E 98 23.96 29.11 6.74
N ALA E 99 23.05 30.08 6.71
CA ALA E 99 23.19 31.22 7.62
C ALA E 99 23.09 30.73 9.05
N LYS E 100 22.13 29.85 9.32
CA LYS E 100 21.94 29.33 10.67
C LYS E 100 23.13 28.49 11.13
N ALA E 101 23.77 27.81 10.19
CA ALA E 101 24.91 26.96 10.50
C ALA E 101 26.05 27.82 11.03
N ALA E 102 26.25 28.96 10.39
CA ALA E 102 27.31 29.87 10.77
C ALA E 102 27.16 30.26 12.23
N ILE E 103 25.94 30.49 12.67
CA ILE E 103 25.69 30.87 14.04
C ILE E 103 25.81 29.70 14.99
N ASP E 104 25.28 28.56 14.55
CA ASP E 104 25.28 27.33 15.33
C ASP E 104 26.71 26.95 15.70
N ILE E 105 27.61 27.02 14.72
CA ILE E 105 29.00 26.64 14.93
C ILE E 105 29.70 27.56 15.95
N ALA E 106 29.47 28.86 15.84
CA ALA E 106 30.09 29.80 16.78
C ALA E 106 29.60 29.50 18.19
N CYS E 107 28.32 29.17 18.33
CA CYS E 107 27.77 28.87 19.64
C CYS E 107 28.46 27.65 20.26
N PHE E 108 28.72 26.62 19.45
CA PHE E 108 29.37 25.43 19.98
C PHE E 108 30.83 25.72 20.31
N ASP E 109 31.45 26.59 19.51
CA ASP E 109 32.83 26.97 19.76
C ASP E 109 32.90 27.60 21.14
N ILE E 110 32.02 28.56 21.39
CA ILE E 110 31.93 29.26 22.65
C ILE E 110 31.64 28.27 23.78
N MET E 111 30.72 27.35 23.52
CA MET E 111 30.35 26.36 24.51
C MET E 111 31.55 25.53 24.93
N GLY E 112 32.30 25.04 23.95
CA GLY E 112 33.48 24.23 24.22
C GLY E 112 34.57 25.00 24.94
N LYS E 113 34.82 26.23 24.50
CA LYS E 113 35.83 27.05 25.14
C LYS E 113 35.39 27.31 26.58
N LYS E 114 34.12 27.64 26.78
CA LYS E 114 33.60 27.91 28.10
C LYS E 114 33.79 26.73 29.04
N LEU E 115 33.53 25.52 28.55
CA LEU E 115 33.67 24.33 29.39
C LEU E 115 35.07 23.71 29.24
N ASN E 116 35.95 24.42 28.53
CA ASN E 116 37.30 23.94 28.29
C ASN E 116 37.22 22.49 27.85
N GLN E 117 36.57 22.28 26.72
CA GLN E 117 36.37 20.94 26.22
C GLN E 117 36.13 21.03 24.72
N PRO E 118 36.50 19.98 23.97
CA PRO E 118 36.28 20.03 22.51
C PRO E 118 34.78 19.86 22.21
N VAL E 119 34.33 20.40 21.09
CA VAL E 119 32.93 20.30 20.70
C VAL E 119 32.34 18.90 20.77
N TYR E 120 33.03 17.91 20.20
CA TYR E 120 32.49 16.55 20.23
C TYR E 120 32.11 16.08 21.63
N GLN E 121 32.73 16.65 22.64
CA GLN E 121 32.42 16.26 24.00
C GLN E 121 31.05 16.78 24.41
N LEU E 122 30.55 17.80 23.72
CA LEU E 122 29.23 18.36 24.04
C LEU E 122 28.12 17.67 23.26
N ILE E 123 28.47 16.81 22.33
CA ILE E 123 27.44 16.14 21.54
C ILE E 123 27.51 14.62 21.54
N GLY E 124 27.98 14.02 22.62
CA GLY E 124 28.07 12.57 22.68
C GLY E 124 29.42 12.02 23.05
N GLY E 125 30.44 12.88 23.10
CA GLY E 125 31.77 12.43 23.44
C GLY E 125 32.52 11.94 22.22
N ARG E 126 33.75 11.46 22.40
CA ARG E 126 34.52 10.96 21.28
C ARG E 126 34.21 9.49 21.05
N TYR E 127 33.94 9.15 19.79
CA TYR E 127 33.66 7.77 19.47
C TYR E 127 34.72 7.21 18.54
N HIS E 128 35.10 7.99 17.53
CA HIS E 128 36.10 7.59 16.57
C HIS E 128 37.48 8.12 16.94
N GLU E 129 38.51 7.39 16.52
CA GLU E 129 39.87 7.80 16.78
C GLU E 129 40.36 8.57 15.57
N GLU E 130 40.02 8.07 14.39
CA GLU E 130 40.43 8.68 13.13
C GLU E 130 39.51 8.18 12.00
N PHE E 131 39.58 8.85 10.85
CA PHE E 131 38.82 8.46 9.67
C PHE E 131 39.80 8.53 8.50
N PRO E 132 39.65 7.64 7.51
CA PRO E 132 40.58 7.74 6.39
C PRO E 132 40.08 8.92 5.56
N VAL E 133 40.94 9.56 4.77
CA VAL E 133 40.53 10.69 3.95
C VAL E 133 40.46 10.20 2.51
N THR E 134 39.39 10.53 1.79
CA THR E 134 39.32 10.09 0.40
C THR E 134 39.53 11.29 -0.51
N HIS E 135 40.28 11.08 -1.59
CA HIS E 135 40.59 12.18 -2.51
C HIS E 135 39.55 12.38 -3.61
N VAL E 136 38.97 13.57 -3.66
CA VAL E 136 37.94 13.88 -4.67
C VAL E 136 38.57 14.38 -5.97
N LEU E 137 38.31 13.66 -7.05
CA LEU E 137 38.83 14.03 -8.38
C LEU E 137 37.76 14.82 -9.15
N SER E 138 38.04 16.11 -9.40
CA SER E 138 37.09 16.95 -10.13
C SER E 138 36.85 16.46 -11.56
N ILE E 139 35.70 16.82 -12.12
CA ILE E 139 35.35 16.41 -13.49
C ILE E 139 36.43 16.78 -14.49
N ALA E 140 37.03 15.76 -15.10
CA ALA E 140 38.07 15.96 -16.10
C ALA E 140 37.92 14.87 -17.16
N ASP E 141 38.87 14.80 -18.08
CA ASP E 141 38.84 13.80 -19.14
C ASP E 141 39.28 12.44 -18.58
N PRO E 142 38.76 11.35 -19.19
CA PRO E 142 39.05 9.96 -18.81
C PRO E 142 40.49 9.66 -18.38
N GLU E 143 41.47 10.27 -19.06
CA GLU E 143 42.85 10.01 -18.68
C GLU E 143 43.42 11.04 -17.71
N ASN E 144 42.79 12.22 -17.70
CA ASN E 144 43.21 13.30 -16.80
C ASN E 144 42.79 12.96 -15.37
N MET E 145 41.73 12.17 -15.24
CA MET E 145 41.25 11.75 -13.93
C MET E 145 41.98 10.49 -13.51
N ALA E 146 42.22 9.58 -14.47
CA ALA E 146 42.94 8.34 -14.18
C ALA E 146 44.33 8.69 -13.68
N GLU E 147 44.86 9.79 -14.21
CA GLU E 147 46.18 10.27 -13.84
C GLU E 147 46.23 10.93 -12.46
N GLU E 148 45.34 11.88 -12.21
CA GLU E 148 45.31 12.57 -10.92
C GLU E 148 45.21 11.59 -9.76
N ALA E 149 44.62 10.43 -10.04
CA ALA E 149 44.46 9.39 -9.03
C ALA E 149 45.78 8.62 -8.87
N ALA E 150 46.49 8.46 -9.97
CA ALA E 150 47.77 7.76 -9.95
C ALA E 150 48.74 8.48 -9.00
N SER E 151 48.67 9.82 -9.03
CA SER E 151 49.52 10.67 -8.21
C SER E 151 49.22 10.49 -6.71
N MET E 152 47.99 10.84 -6.32
CA MET E 152 47.56 10.74 -4.94
C MET E 152 47.77 9.32 -4.39
N ILE E 153 47.74 8.33 -5.28
CA ILE E 153 47.93 6.95 -4.87
C ILE E 153 49.24 6.80 -4.11
N GLN E 154 50.30 7.39 -4.67
CA GLN E 154 51.63 7.33 -4.06
C GLN E 154 51.83 8.44 -3.03
N LYS E 155 50.86 8.57 -2.13
CA LYS E 155 50.90 9.58 -1.07
C LYS E 155 50.08 9.03 0.09
N GLY E 156 49.73 7.76 0.00
CA GLY E 156 48.97 7.10 1.05
C GLY E 156 47.49 6.87 0.79
N TYR E 157 46.87 7.73 -0.02
CA TYR E 157 45.43 7.62 -0.31
C TYR E 157 44.98 6.21 -0.66
N GLN E 158 43.92 5.78 0.03
CA GLN E 158 43.35 4.44 -0.14
C GLN E 158 41.99 4.45 -0.86
N SER E 159 41.34 5.60 -0.94
CA SER E 159 40.03 5.67 -1.61
C SER E 159 39.81 7.00 -2.31
N PHE E 160 39.10 6.95 -3.42
CA PHE E 160 38.81 8.14 -4.21
C PHE E 160 37.33 8.32 -4.52
N LYS E 161 36.96 9.55 -4.84
CA LYS E 161 35.60 9.90 -5.19
C LYS E 161 35.65 10.58 -6.55
N MET E 162 35.02 9.97 -7.54
CA MET E 162 35.00 10.56 -8.88
C MET E 162 33.76 11.39 -9.10
N LYS E 163 33.95 12.67 -9.44
CA LYS E 163 32.84 13.56 -9.74
C LYS E 163 32.53 13.33 -11.21
N VAL E 164 31.30 12.91 -11.51
CA VAL E 164 30.92 12.71 -12.91
C VAL E 164 29.57 13.39 -13.14
N GLY E 165 28.92 13.04 -14.24
CA GLY E 165 27.61 13.63 -14.52
C GLY E 165 27.45 14.61 -15.67
N THR E 166 28.30 14.53 -16.69
CA THR E 166 28.15 15.44 -17.83
C THR E 166 27.45 14.68 -18.94
N ASN E 167 27.84 13.42 -19.10
CA ASN E 167 27.24 12.56 -20.10
C ASN E 167 27.51 11.10 -19.75
N VAL E 168 26.42 10.36 -19.49
CA VAL E 168 26.49 8.95 -19.13
C VAL E 168 27.55 8.15 -19.90
N LYS E 169 27.53 8.24 -21.22
CA LYS E 169 28.48 7.50 -22.03
C LYS E 169 29.92 7.94 -21.75
N GLU E 170 30.08 9.20 -21.35
CA GLU E 170 31.40 9.74 -21.04
C GLU E 170 31.81 9.46 -19.60
N ASP E 171 30.90 9.74 -18.68
CA ASP E 171 31.18 9.51 -17.27
C ASP E 171 31.66 8.08 -17.07
N VAL E 172 31.00 7.13 -17.73
CA VAL E 172 31.38 5.72 -17.62
C VAL E 172 32.81 5.56 -18.12
N LYS E 173 33.07 6.22 -19.24
CA LYS E 173 34.37 6.19 -19.88
C LYS E 173 35.48 6.51 -18.88
N ARG E 174 35.24 7.49 -18.02
CA ARG E 174 36.20 7.90 -17.01
C ARG E 174 36.37 6.89 -15.87
N ILE E 175 35.29 6.21 -15.51
CA ILE E 175 35.34 5.25 -14.40
C ILE E 175 36.32 4.08 -14.56
N GLU E 176 36.07 3.19 -15.52
CA GLU E 176 36.98 2.04 -15.70
C GLU E 176 38.38 2.58 -15.98
N ALA E 177 38.43 3.81 -16.49
CA ALA E 177 39.70 4.44 -16.78
C ALA E 177 40.54 4.47 -15.51
N VAL E 178 40.02 5.10 -14.44
CA VAL E 178 40.75 5.18 -13.18
C VAL E 178 40.74 3.84 -12.43
N ARG E 179 39.68 3.06 -12.60
CA ARG E 179 39.62 1.78 -11.90
C ARG E 179 40.76 0.91 -12.40
N GLU E 180 40.92 0.86 -13.71
CA GLU E 180 41.97 0.06 -14.32
C GLU E 180 43.32 0.61 -13.88
N ARG E 181 43.43 1.94 -13.93
CA ARG E 181 44.63 2.68 -13.56
C ARG E 181 45.12 2.46 -12.12
N VAL E 182 44.20 2.20 -11.18
CA VAL E 182 44.56 2.01 -9.77
C VAL E 182 44.42 0.61 -9.19
N GLY E 183 44.18 -0.39 -10.04
CA GLY E 183 44.05 -1.73 -9.52
C GLY E 183 42.69 -2.00 -8.91
N ASN E 184 42.57 -3.10 -8.16
CA ASN E 184 41.29 -3.47 -7.56
C ASN E 184 41.31 -3.56 -6.04
N ASP E 185 42.11 -2.70 -5.41
CA ASP E 185 42.20 -2.67 -3.96
C ASP E 185 41.94 -1.26 -3.46
N ILE E 186 41.96 -0.32 -4.39
CA ILE E 186 41.70 1.08 -4.10
C ILE E 186 40.17 1.30 -4.15
N ALA E 187 39.60 1.77 -3.05
CA ALA E 187 38.16 2.02 -2.99
C ALA E 187 37.77 3.19 -3.90
N ILE E 188 36.65 3.04 -4.60
CA ILE E 188 36.17 4.08 -5.51
C ILE E 188 34.68 4.34 -5.32
N ARG E 189 34.31 5.60 -5.12
CA ARG E 189 32.91 5.99 -4.97
C ARG E 189 32.65 7.06 -6.03
N VAL E 190 31.46 7.06 -6.61
CA VAL E 190 31.16 8.05 -7.63
C VAL E 190 29.97 8.95 -7.27
N ASP E 191 30.15 10.24 -7.51
CA ASP E 191 29.16 11.25 -7.23
C ASP E 191 28.81 11.92 -8.55
N VAL E 192 27.55 11.85 -8.94
CA VAL E 192 27.14 12.46 -10.20
C VAL E 192 26.44 13.80 -10.07
N ASN E 193 26.32 14.28 -8.84
CA ASN E 193 25.68 15.56 -8.59
C ASN E 193 24.45 15.83 -9.47
N GLN E 194 23.49 14.91 -9.44
CA GLN E 194 22.24 15.02 -10.18
C GLN E 194 22.36 14.88 -11.68
N GLY E 195 23.59 14.74 -12.16
CA GLY E 195 23.83 14.63 -13.59
C GLY E 195 22.99 13.70 -14.46
N TRP E 196 22.57 12.55 -13.94
CA TRP E 196 21.78 11.66 -14.79
C TRP E 196 20.29 11.99 -14.78
N LYS E 197 19.91 12.97 -13.98
CA LYS E 197 18.53 13.46 -13.92
C LYS E 197 17.41 12.52 -13.45
N ASN E 198 17.21 11.40 -14.13
CA ASN E 198 16.15 10.46 -13.79
C ASN E 198 16.60 9.01 -13.64
N SER E 199 15.66 8.14 -13.29
CA SER E 199 15.96 6.74 -13.07
C SER E 199 16.28 5.95 -14.34
N ALA E 200 15.71 6.36 -15.46
CA ALA E 200 15.97 5.65 -16.71
C ALA E 200 17.46 5.77 -17.05
N ASN E 201 17.96 7.00 -17.14
CA ASN E 201 19.36 7.21 -17.46
C ASN E 201 20.25 6.52 -16.44
N THR E 202 19.91 6.70 -15.16
CA THR E 202 20.68 6.14 -14.06
C THR E 202 20.80 4.62 -14.15
N LEU E 203 19.67 3.94 -14.31
CA LEU E 203 19.67 2.48 -14.40
C LEU E 203 20.47 1.99 -15.61
N THR E 204 20.44 2.76 -16.70
CA THR E 204 21.19 2.40 -17.89
C THR E 204 22.67 2.50 -17.56
N ALA E 205 23.06 3.60 -16.91
CA ALA E 205 24.46 3.80 -16.54
C ALA E 205 24.94 2.69 -15.60
N LEU E 206 24.12 2.36 -14.61
CA LEU E 206 24.48 1.36 -13.62
C LEU E 206 24.76 -0.03 -14.17
N ARG E 207 24.08 -0.42 -15.24
CA ARG E 207 24.31 -1.74 -15.79
C ARG E 207 25.72 -1.84 -16.37
N SER E 208 26.28 -0.69 -16.74
CA SER E 208 27.63 -0.64 -17.31
C SER E 208 28.68 -0.43 -16.22
N LEU E 209 28.27 -0.47 -14.96
CA LEU E 209 29.20 -0.25 -13.85
C LEU E 209 29.19 -1.36 -12.81
N GLY E 210 28.54 -2.47 -13.11
CA GLY E 210 28.47 -3.55 -12.16
C GLY E 210 29.79 -4.27 -11.91
N HIS E 211 30.63 -4.34 -12.92
CA HIS E 211 31.91 -5.03 -12.82
C HIS E 211 33.04 -4.19 -12.23
N LEU E 212 32.86 -2.88 -12.16
CA LEU E 212 33.90 -2.00 -11.65
C LEU E 212 34.02 -1.91 -10.13
N ASN E 213 33.12 -2.58 -9.42
CA ASN E 213 33.18 -2.60 -7.96
C ASN E 213 33.13 -1.22 -7.27
N ILE E 214 32.09 -0.43 -7.56
CA ILE E 214 31.97 0.89 -6.96
C ILE E 214 31.33 0.79 -5.57
N ASP E 215 31.92 1.48 -4.59
CA ASP E 215 31.39 1.47 -3.24
C ASP E 215 29.95 1.96 -3.17
N TRP E 216 29.66 3.05 -3.89
CA TRP E 216 28.31 3.59 -3.94
C TRP E 216 28.16 4.73 -4.94
N ILE E 217 26.92 4.91 -5.42
CA ILE E 217 26.60 5.97 -6.36
C ILE E 217 25.91 7.06 -5.56
N GLU E 218 26.41 8.28 -5.73
CA GLU E 218 25.87 9.41 -5.00
C GLU E 218 24.99 10.32 -5.86
N GLN E 219 23.82 10.66 -5.32
CA GLN E 219 22.84 11.56 -5.95
C GLN E 219 22.84 11.53 -7.47
N PRO E 220 22.35 10.44 -8.07
CA PRO E 220 22.34 10.37 -9.54
C PRO E 220 21.24 11.19 -10.21
N VAL E 221 20.14 11.42 -9.52
CA VAL E 221 19.01 12.17 -10.07
C VAL E 221 18.83 13.57 -9.46
N ILE E 222 17.90 14.35 -10.00
CA ILE E 222 17.66 15.69 -9.47
C ILE E 222 17.25 15.61 -8.02
N ALA E 223 17.78 16.53 -7.23
CA ALA E 223 17.54 16.61 -5.79
C ALA E 223 16.11 16.34 -5.32
N ASP E 224 15.16 17.07 -5.89
CA ASP E 224 13.77 16.92 -5.47
C ASP E 224 13.12 15.57 -5.70
N ASP E 225 13.70 14.74 -6.58
CA ASP E 225 13.10 13.44 -6.85
C ASP E 225 13.52 12.28 -5.96
N ILE E 226 12.95 12.22 -4.76
CA ILE E 226 13.26 11.14 -3.84
C ILE E 226 12.61 9.88 -4.36
N ASP E 227 11.46 10.03 -5.02
CA ASP E 227 10.74 8.89 -5.57
C ASP E 227 11.61 8.16 -6.58
N ALA E 228 12.30 8.90 -7.44
CA ALA E 228 13.15 8.27 -8.44
C ALA E 228 14.23 7.47 -7.73
N MET E 229 14.75 8.03 -6.64
CA MET E 229 15.81 7.37 -5.89
C MET E 229 15.32 6.01 -5.38
N ALA E 230 14.11 5.96 -4.83
CA ALA E 230 13.54 4.71 -4.34
C ALA E 230 13.31 3.73 -5.48
N HIS E 231 12.90 4.25 -6.62
CA HIS E 231 12.67 3.38 -7.76
C HIS E 231 13.98 2.77 -8.22
N ILE E 232 15.04 3.58 -8.23
CA ILE E 232 16.34 3.09 -8.63
C ILE E 232 16.76 2.00 -7.65
N ARG E 233 16.64 2.30 -6.36
CA ARG E 233 17.05 1.35 -5.34
C ARG E 233 16.33 0.02 -5.43
N SER E 234 15.11 0.05 -5.97
CA SER E 234 14.34 -1.18 -6.10
C SER E 234 14.86 -2.08 -7.22
N LYS E 235 15.64 -1.52 -8.14
CA LYS E 235 16.15 -2.29 -9.28
C LYS E 235 17.67 -2.38 -9.43
N THR E 236 18.42 -2.12 -8.38
CA THR E 236 19.87 -2.18 -8.44
C THR E 236 20.47 -2.70 -7.13
N ASP E 237 21.63 -3.32 -7.20
CA ASP E 237 22.27 -3.82 -5.98
C ASP E 237 23.45 -2.95 -5.59
N LEU E 238 23.60 -1.83 -6.28
CA LEU E 238 24.67 -0.89 -5.95
C LEU E 238 24.16 0.01 -4.82
N PRO E 239 24.97 0.19 -3.78
CA PRO E 239 24.53 1.05 -2.66
C PRO E 239 24.26 2.46 -3.19
N LEU E 240 23.22 3.10 -2.69
CA LEU E 240 22.88 4.45 -3.12
C LEU E 240 22.98 5.46 -1.99
N MET E 241 23.53 6.63 -2.30
CA MET E 241 23.66 7.69 -1.31
C MET E 241 22.93 8.92 -1.80
N ILE E 242 22.19 9.57 -0.89
CA ILE E 242 21.48 10.78 -1.24
C ILE E 242 22.23 11.96 -0.64
N ASP E 243 22.45 12.99 -1.45
CA ASP E 243 23.14 14.18 -0.99
C ASP E 243 22.22 15.39 -1.11
N GLU E 244 22.23 16.03 -2.29
CA GLU E 244 21.39 17.20 -2.48
C GLU E 244 19.92 16.94 -2.17
N GLY E 245 19.52 15.67 -2.26
CA GLY E 245 18.14 15.31 -1.97
C GLY E 245 17.82 15.38 -0.49
N LEU E 246 18.85 15.54 0.34
CA LEU E 246 18.69 15.60 1.79
C LEU E 246 19.20 16.91 2.36
N LYS E 247 18.34 17.65 3.06
CA LYS E 247 18.79 18.88 3.67
C LYS E 247 18.45 18.87 5.15
N SER E 248 17.17 18.79 5.45
CA SER E 248 16.70 18.77 6.83
C SER E 248 15.93 17.48 7.11
N SER E 249 15.40 17.38 8.33
CA SER E 249 14.62 16.22 8.75
C SER E 249 13.41 16.02 7.83
N ARG E 250 13.00 17.09 7.15
CA ARG E 250 11.86 17.02 6.25
C ARG E 250 12.08 15.96 5.17
N GLU E 251 13.24 15.98 4.53
CA GLU E 251 13.47 14.97 3.51
C GLU E 251 13.96 13.67 4.14
N MET E 252 14.56 13.76 5.32
CA MET E 252 15.01 12.54 6.00
C MET E 252 13.78 11.66 6.22
N ARG E 253 12.69 12.28 6.66
CA ARG E 253 11.46 11.55 6.92
C ARG E 253 11.00 10.83 5.66
N GLN E 254 11.04 11.53 4.54
CA GLN E 254 10.61 10.98 3.27
C GLN E 254 11.53 9.84 2.82
N ILE E 255 12.83 10.01 3.01
CA ILE E 255 13.80 9.01 2.64
C ILE E 255 13.57 7.70 3.40
N ILE E 256 13.25 7.82 4.69
CA ILE E 256 12.98 6.65 5.52
C ILE E 256 11.67 5.97 5.11
N LYS E 257 10.65 6.78 4.89
CA LYS E 257 9.32 6.29 4.51
C LYS E 257 9.32 5.52 3.19
N LEU E 258 10.02 6.07 2.20
CA LEU E 258 10.09 5.46 0.89
C LEU E 258 11.29 4.50 0.70
N GLU E 259 12.15 4.39 1.71
CA GLU E 259 13.32 3.51 1.61
C GLU E 259 14.10 3.91 0.35
N ALA E 260 14.38 5.20 0.23
CA ALA E 260 15.06 5.72 -0.94
C ALA E 260 16.57 5.64 -0.94
N ALA E 261 17.19 5.28 0.18
CA ALA E 261 18.64 5.27 0.17
C ALA E 261 19.33 4.34 1.16
N ASP E 262 20.56 3.98 0.83
CA ASP E 262 21.36 3.13 1.69
C ASP E 262 22.16 4.01 2.65
N LYS E 263 22.45 5.23 2.20
CA LYS E 263 23.19 6.17 3.00
C LYS E 263 22.92 7.59 2.62
N VAL E 264 23.16 8.50 3.56
CA VAL E 264 22.92 9.91 3.33
C VAL E 264 24.18 10.72 3.61
N ASN E 265 24.30 11.83 2.91
CA ASN E 265 25.43 12.72 3.05
C ASN E 265 24.93 13.94 3.80
N ILE E 266 25.25 14.03 5.09
CA ILE E 266 24.82 15.16 5.91
C ILE E 266 25.86 16.27 5.78
N LYS E 267 25.39 17.51 5.61
CA LYS E 267 26.28 18.66 5.51
C LYS E 267 25.71 19.76 6.40
N LEU E 268 26.55 20.29 7.28
CA LEU E 268 26.09 21.32 8.22
C LEU E 268 25.43 22.47 7.51
N MET E 269 25.92 22.79 6.32
CA MET E 269 25.38 23.89 5.53
C MET E 269 23.97 23.61 4.98
N LYS E 270 23.59 22.34 4.91
CA LYS E 270 22.28 21.99 4.39
C LYS E 270 21.21 21.90 5.47
N CYS E 271 21.62 21.63 6.71
CA CYS E 271 20.67 21.47 7.80
C CYS E 271 20.70 22.53 8.88
N GLY E 272 21.70 23.40 8.87
CA GLY E 272 21.74 24.43 9.88
C GLY E 272 22.75 24.24 11.00
N GLY E 273 23.79 23.47 10.75
CA GLY E 273 24.81 23.31 11.77
C GLY E 273 24.92 21.99 12.52
N ILE E 274 25.76 22.02 13.53
CA ILE E 274 26.05 20.89 14.39
C ILE E 274 24.83 20.24 15.03
N TYR E 275 24.01 21.04 15.72
CA TYR E 275 22.85 20.48 16.39
C TYR E 275 21.88 19.78 15.44
N PRO E 276 21.49 20.44 14.33
CA PRO E 276 20.57 19.78 13.38
C PRO E 276 21.21 18.53 12.77
N ALA E 277 22.52 18.57 12.55
CA ALA E 277 23.23 17.44 11.96
C ALA E 277 23.17 16.25 12.91
N VAL E 278 23.33 16.50 14.20
CA VAL E 278 23.26 15.43 15.19
C VAL E 278 21.86 14.79 15.16
N LYS E 279 20.84 15.63 15.01
CA LYS E 279 19.46 15.15 14.97
C LYS E 279 19.26 14.24 13.74
N LEU E 280 19.84 14.62 12.61
CA LEU E 280 19.74 13.82 11.39
C LEU E 280 20.41 12.46 11.60
N ALA E 281 21.57 12.45 12.24
CA ALA E 281 22.29 11.20 12.51
C ALA E 281 21.43 10.26 13.36
N HIS E 282 20.76 10.81 14.37
CA HIS E 282 19.92 10.00 15.23
C HIS E 282 18.73 9.48 14.45
N GLN E 283 18.21 10.29 13.53
CA GLN E 283 17.08 9.87 12.73
C GLN E 283 17.49 8.77 11.77
N ALA E 284 18.59 8.97 11.06
CA ALA E 284 19.08 7.96 10.11
C ALA E 284 19.35 6.65 10.85
N GLU E 285 19.83 6.75 12.08
CA GLU E 285 20.15 5.56 12.86
C GLU E 285 18.93 4.68 13.10
N MET E 286 17.78 5.29 13.32
CA MET E 286 16.56 4.55 13.58
C MET E 286 16.19 3.64 12.41
N ALA E 287 16.58 4.03 11.20
CA ALA E 287 16.23 3.26 10.02
C ALA E 287 17.41 2.45 9.47
N GLY E 288 18.53 2.48 10.18
CA GLY E 288 19.67 1.74 9.74
C GLY E 288 20.28 2.32 8.48
N ILE E 289 20.16 3.63 8.32
CA ILE E 289 20.74 4.31 7.17
C ILE E 289 22.12 4.85 7.58
N GLU E 290 23.17 4.42 6.89
CA GLU E 290 24.51 4.88 7.22
C GLU E 290 24.68 6.34 6.84
N CYS E 291 25.43 7.07 7.64
CA CYS E 291 25.66 8.48 7.38
C CYS E 291 27.09 8.85 7.07
N GLN E 292 27.22 9.96 6.34
CA GLN E 292 28.50 10.50 6.00
C GLN E 292 28.38 11.99 6.28
N VAL E 293 29.46 12.61 6.74
CA VAL E 293 29.44 14.04 6.93
C VAL E 293 30.32 14.58 5.82
N GLY E 294 29.70 15.25 4.86
CA GLY E 294 30.44 15.82 3.76
C GLY E 294 30.44 17.31 3.97
N SER E 295 30.60 18.09 2.90
CA SER E 295 30.60 19.53 3.05
C SER E 295 30.73 20.26 1.73
N MET E 296 30.64 21.58 1.82
CA MET E 296 30.84 22.42 0.65
C MET E 296 32.34 22.67 0.83
N VAL E 297 33.01 23.28 -0.13
CA VAL E 297 34.44 23.50 0.10
C VAL E 297 34.54 24.56 1.20
N GLU E 298 34.86 24.11 2.43
CA GLU E 298 34.91 25.01 3.59
C GLU E 298 36.27 25.22 4.27
N SER E 299 36.40 26.34 4.98
CA SER E 299 37.64 26.63 5.69
C SER E 299 37.73 25.72 6.92
N SER E 300 38.80 25.86 7.68
CA SER E 300 39.01 25.06 8.87
C SER E 300 37.87 25.19 9.88
N VAL E 301 37.23 26.35 9.90
CA VAL E 301 36.14 26.58 10.85
C VAL E 301 34.96 25.61 10.69
N ALA E 302 34.31 25.60 9.53
CA ALA E 302 33.17 24.72 9.32
C ALA E 302 33.65 23.28 9.25
N SER E 303 34.80 23.08 8.62
CA SER E 303 35.36 21.74 8.46
C SER E 303 35.54 21.05 9.81
N SER E 304 36.12 21.74 10.78
CA SER E 304 36.31 21.10 12.09
C SER E 304 34.95 20.84 12.70
N ALA E 305 34.03 21.79 12.54
CA ALA E 305 32.67 21.64 13.05
C ALA E 305 32.10 20.32 12.51
N GLY E 306 32.29 20.07 11.21
CA GLY E 306 31.80 18.85 10.62
C GLY E 306 32.43 17.61 11.20
N PHE E 307 33.74 17.66 11.42
CA PHE E 307 34.49 16.53 11.99
C PHE E 307 34.05 16.22 13.40
N HIS E 308 33.79 17.25 14.19
CA HIS E 308 33.34 17.05 15.56
C HIS E 308 32.06 16.25 15.58
N VAL E 309 31.16 16.53 14.64
CA VAL E 309 29.92 15.76 14.57
C VAL E 309 30.30 14.32 14.18
N ALA E 310 31.08 14.18 13.12
CA ALA E 310 31.50 12.86 12.63
C ALA E 310 32.16 12.00 13.70
N PHE E 311 33.15 12.57 14.38
CA PHE E 311 33.89 11.85 15.41
C PHE E 311 33.07 11.40 16.61
N SER E 312 31.92 12.03 16.82
CA SER E 312 31.07 11.68 17.96
C SER E 312 29.98 10.66 17.69
N LYS E 313 29.84 10.24 16.44
CA LYS E 313 28.76 9.31 16.10
C LYS E 313 29.12 8.00 15.40
N LYS E 314 28.76 6.88 16.02
CA LYS E 314 29.00 5.57 15.44
C LYS E 314 28.32 5.39 14.08
N ILE E 315 27.14 6.00 13.90
CA ILE E 315 26.41 5.86 12.65
C ILE E 315 27.10 6.61 11.50
N ILE E 316 28.02 7.51 11.81
CA ILE E 316 28.74 8.24 10.77
C ILE E 316 30.01 7.43 10.47
N THR E 317 30.04 6.79 9.31
CA THR E 317 31.14 5.92 8.94
C THR E 317 32.14 6.40 7.90
N SER E 318 31.90 7.57 7.33
CA SER E 318 32.83 8.10 6.35
C SER E 318 32.74 9.60 6.47
N VAL E 319 33.77 10.28 5.99
CA VAL E 319 33.83 11.72 6.12
C VAL E 319 34.38 12.33 4.83
N GLU E 320 33.88 13.51 4.46
CA GLU E 320 34.33 14.19 3.25
C GLU E 320 34.41 15.71 3.41
N LEU E 321 35.36 16.15 4.22
CA LEU E 321 35.59 17.58 4.44
C LEU E 321 37.05 17.79 4.14
N THR E 322 37.34 18.27 2.93
CA THR E 322 38.73 18.48 2.53
C THR E 322 39.02 19.89 2.03
N GLY E 323 38.15 20.84 2.37
CA GLY E 323 38.36 22.21 1.96
C GLY E 323 39.70 22.77 2.41
N PRO E 324 40.06 22.62 3.70
CA PRO E 324 41.34 23.16 4.19
C PRO E 324 42.56 22.75 3.36
N LEU E 325 42.50 21.59 2.71
CA LEU E 325 43.64 21.17 1.92
C LEU E 325 43.48 21.36 0.42
N LYS E 326 42.57 22.25 0.05
CA LYS E 326 42.35 22.59 -1.36
C LYS E 326 42.64 24.08 -1.53
N PHE E 327 42.65 24.80 -0.42
CA PHE E 327 42.93 26.23 -0.40
C PHE E 327 44.43 26.50 -0.25
N THR E 328 44.86 27.68 -0.72
CA THR E 328 46.26 28.07 -0.62
C THR E 328 46.41 28.94 0.63
N LYS E 329 45.27 29.36 1.19
CA LYS E 329 45.24 30.17 2.41
C LYS E 329 44.00 29.77 3.21
N ASP E 330 44.18 29.59 4.52
CA ASP E 330 43.08 29.19 5.39
C ASP E 330 43.09 30.15 6.58
N ILE E 331 41.92 30.50 7.09
CA ILE E 331 41.89 31.40 8.25
C ILE E 331 42.08 30.59 9.54
N GLY E 332 42.03 29.28 9.40
CA GLY E 332 42.20 28.40 10.55
C GLY E 332 43.32 27.41 10.30
N ASN E 333 43.63 26.60 11.29
CA ASN E 333 44.72 25.64 11.19
C ASN E 333 44.33 24.19 11.52
N LEU E 334 43.25 23.70 10.93
CA LEU E 334 42.85 22.32 11.18
C LEU E 334 43.94 21.45 10.55
N HIS E 335 44.52 20.56 11.36
CA HIS E 335 45.59 19.72 10.87
C HIS E 335 45.20 18.34 10.35
N TYR E 336 45.62 18.04 9.11
CA TYR E 336 45.35 16.75 8.52
C TYR E 336 46.62 15.91 8.48
N ASP E 337 46.50 14.65 8.92
CA ASP E 337 47.62 13.72 8.89
C ASP E 337 47.38 12.80 7.70
N VAL E 338 47.24 13.40 6.52
CA VAL E 338 46.97 12.66 5.29
C VAL E 338 47.74 11.34 5.25
N PRO E 339 47.06 10.25 4.88
CA PRO E 339 45.65 10.13 4.50
C PRO E 339 44.65 9.86 5.63
N PHE E 340 44.76 10.58 6.75
CA PHE E 340 43.84 10.40 7.87
C PHE E 340 43.54 11.74 8.54
N ILE E 341 42.45 11.79 9.31
CA ILE E 341 42.16 13.01 10.07
C ILE E 341 41.97 12.49 11.47
N ARG E 342 42.52 13.21 12.43
CA ARG E 342 42.37 12.85 13.82
C ARG E 342 42.14 14.21 14.43
N LEU E 343 41.22 14.29 15.38
CA LEU E 343 40.96 15.57 16.01
C LEU E 343 41.79 15.68 17.28
N ASN E 344 42.21 16.90 17.59
CA ASN E 344 42.97 17.11 18.81
C ASN E 344 42.02 17.16 20.00
N GLU E 345 42.54 17.50 21.16
CA GLU E 345 41.76 17.55 22.39
C GLU E 345 41.50 18.98 22.84
N LYS E 346 41.79 19.94 21.98
CA LYS E 346 41.60 21.34 22.34
C LYS E 346 40.13 21.76 22.48
N PRO E 347 39.86 22.74 23.34
CA PRO E 347 38.49 23.23 23.57
C PRO E 347 37.82 23.84 22.35
N GLY E 348 36.50 23.77 22.32
CA GLY E 348 35.75 24.31 21.20
C GLY E 348 36.12 23.57 19.93
N LEU E 349 36.30 24.32 18.85
CA LEU E 349 36.65 23.73 17.56
C LEU E 349 38.10 23.25 17.56
N GLY E 350 38.83 23.56 18.63
CA GLY E 350 40.23 23.15 18.74
C GLY E 350 41.10 23.75 17.66
N ILE E 351 40.70 24.93 17.20
CA ILE E 351 41.37 25.63 16.12
C ILE E 351 41.85 27.01 16.55
N GLU E 352 42.76 27.59 15.79
CA GLU E 352 43.26 28.93 16.06
C GLU E 352 43.02 29.75 14.79
N ILE E 353 42.43 30.93 14.94
CA ILE E 353 42.16 31.79 13.81
C ILE E 353 43.25 32.83 13.61
N ASN E 354 43.79 32.90 12.40
CA ASN E 354 44.83 33.86 12.09
C ASN E 354 44.15 35.16 11.67
N GLU E 355 44.01 36.09 12.61
CA GLU E 355 43.38 37.39 12.35
C GLU E 355 43.87 38.05 11.07
N ASP E 356 45.19 38.01 10.85
CA ASP E 356 45.76 38.64 9.65
C ASP E 356 45.24 37.99 8.37
N THR E 357 45.19 36.67 8.34
CA THR E 357 44.70 35.97 7.16
C THR E 357 43.22 36.29 6.95
N LEU E 358 42.46 36.31 8.04
CA LEU E 358 41.03 36.60 7.95
C LEU E 358 40.81 37.96 7.32
N GLN E 359 41.51 38.96 7.86
CA GLN E 359 41.39 40.32 7.38
C GLN E 359 41.81 40.53 5.94
N GLU E 360 42.85 39.84 5.49
CA GLU E 360 43.27 40.02 4.10
C GLU E 360 42.34 39.33 3.11
N LEU E 361 41.58 38.36 3.59
CA LEU E 361 40.64 37.65 2.74
C LEU E 361 39.25 38.31 2.74
N THR E 362 39.00 39.17 3.71
CA THR E 362 37.71 39.86 3.82
C THR E 362 37.46 40.87 2.69
N VAL E 363 36.33 40.75 2.00
CA VAL E 363 36.00 41.65 0.92
C VAL E 363 35.15 42.80 1.48
N PHE E 364 34.33 42.48 2.47
CA PHE E 364 33.50 43.47 3.16
C PHE E 364 33.04 42.88 4.48
N GLN E 365 32.66 43.74 5.43
CA GLN E 365 32.25 43.26 6.74
C GLN E 365 31.34 44.23 7.47
N ASP E 366 30.86 43.79 8.61
CA ASP E 366 29.98 44.60 9.45
C ASP E 366 29.98 44.00 10.84
N ILE E 367 29.43 44.74 11.79
CA ILE E 367 29.33 44.27 13.17
C ILE E 367 27.92 44.56 13.65
N VAL E 368 27.35 43.65 14.41
CA VAL E 368 26.00 43.86 14.90
C VAL E 368 25.96 43.77 16.41
N ARG E 369 25.41 44.79 17.04
CA ARG E 369 25.30 44.83 18.50
C ARG E 369 23.94 45.36 18.93
N MET F 1 39.85 10.32 31.45
CA MET F 1 39.19 9.85 32.70
C MET F 1 38.94 8.35 32.63
N LYS F 2 38.95 7.68 33.77
CA LYS F 2 38.71 6.24 33.82
C LYS F 2 37.85 5.83 34.98
N ILE F 3 36.96 4.86 34.75
CA ILE F 3 36.10 4.36 35.81
C ILE F 3 36.98 3.41 36.63
N THR F 4 37.04 3.63 37.93
CA THR F 4 37.87 2.81 38.80
C THR F 4 37.06 1.78 39.58
N ALA F 5 35.83 2.14 39.92
CA ALA F 5 34.97 1.24 40.67
C ALA F 5 33.50 1.62 40.54
N ILE F 6 32.64 0.64 40.75
CA ILE F 6 31.20 0.88 40.68
C ILE F 6 30.53 0.14 41.84
N HIS F 7 29.85 0.91 42.69
CA HIS F 7 29.15 0.35 43.83
C HIS F 7 27.70 0.12 43.44
N LEU F 8 27.14 -1.02 43.84
CA LEU F 8 25.76 -1.35 43.54
C LEU F 8 24.97 -1.48 44.82
N TYR F 9 23.89 -0.72 44.93
CA TYR F 9 23.05 -0.75 46.12
C TYR F 9 21.63 -1.16 45.77
N ALA F 10 21.21 -2.30 46.29
CA ALA F 10 19.85 -2.76 46.05
C ALA F 10 19.04 -2.19 47.21
N ILE F 11 18.32 -1.11 46.96
CA ILE F 11 17.53 -0.48 48.00
C ILE F 11 16.03 -0.63 47.83
N ARG F 12 15.29 -0.10 48.79
CA ARG F 12 13.84 -0.13 48.76
C ARG F 12 13.31 1.22 49.26
N LEU F 13 12.65 1.93 48.36
CA LEU F 13 12.09 3.23 48.67
C LEU F 13 10.68 3.06 49.22
N PRO F 14 10.44 3.47 50.48
CA PRO F 14 9.13 3.37 51.14
C PRO F 14 8.07 4.32 50.58
N LEU F 15 6.88 3.79 50.32
CA LEU F 15 5.78 4.59 49.78
C LEU F 15 4.75 4.97 50.83
N ARG F 16 4.33 6.24 50.80
CA ARG F 16 3.33 6.74 51.74
C ARG F 16 2.03 5.94 51.62
N ASN F 17 1.66 5.58 50.40
CA ASN F 17 0.44 4.79 50.15
C ASN F 17 0.68 3.80 49.00
N PRO F 18 -0.08 2.70 48.97
CA PRO F 18 0.09 1.71 47.89
C PRO F 18 -0.22 2.30 46.51
N PHE F 19 0.70 2.11 45.57
CA PHE F 19 0.54 2.61 44.19
C PHE F 19 -0.20 1.52 43.39
N VAL F 20 -1.42 1.82 42.95
CA VAL F 20 -2.22 0.84 42.20
C VAL F 20 -2.46 1.16 40.73
N ILE F 21 -2.13 0.20 39.87
CA ILE F 21 -2.34 0.34 38.43
C ILE F 21 -3.02 -0.91 37.87
N SER F 22 -3.22 -0.93 36.56
CA SER F 22 -3.89 -2.04 35.89
C SER F 22 -3.34 -3.45 36.15
N TYR F 23 -2.02 -3.61 36.08
CA TYR F 23 -1.43 -4.94 36.27
C TYR F 23 -0.67 -5.19 37.58
N GLY F 24 -1.05 -4.50 38.66
CA GLY F 24 -0.38 -4.71 39.93
C GLY F 24 -0.49 -3.61 40.97
N SER F 25 -0.22 -3.97 42.22
CA SER F 25 -0.26 -3.04 43.35
C SER F 25 1.12 -2.98 43.99
N TYR F 26 1.57 -1.79 44.36
CA TYR F 26 2.90 -1.59 44.96
C TYR F 26 2.86 -0.95 46.35
N SER F 27 3.46 -1.63 47.34
CA SER F 27 3.50 -1.13 48.71
C SER F 27 4.76 -0.29 48.91
N ASP F 28 5.77 -0.53 48.07
CA ASP F 28 7.03 0.21 48.11
C ASP F 28 7.70 0.05 46.74
N MET F 29 8.91 0.56 46.58
CA MET F 29 9.55 0.46 45.26
C MET F 29 11.01 0.04 45.28
N PRO F 30 11.30 -1.19 44.87
CA PRO F 30 12.66 -1.71 44.83
C PRO F 30 13.44 -0.92 43.79
N SER F 31 14.71 -0.67 44.05
CA SER F 31 15.53 0.09 43.12
C SER F 31 16.99 -0.27 43.24
N ILE F 32 17.75 -0.06 42.17
CA ILE F 32 19.17 -0.33 42.18
C ILE F 32 19.86 1.01 42.00
N ILE F 33 20.78 1.32 42.91
CA ILE F 33 21.50 2.58 42.84
C ILE F 33 22.96 2.28 42.51
N VAL F 34 23.58 3.11 41.69
CA VAL F 34 24.97 2.90 41.36
C VAL F 34 25.81 4.12 41.70
N LYS F 35 26.99 3.89 42.27
CA LYS F 35 27.91 4.98 42.57
C LYS F 35 29.11 4.66 41.71
N MET F 36 29.44 5.57 40.80
CA MET F 36 30.56 5.36 39.90
C MET F 36 31.77 6.21 40.30
N GLU F 37 32.90 5.56 40.56
CA GLU F 37 34.13 6.24 40.94
C GLU F 37 35.10 6.31 39.76
N THR F 38 35.79 7.44 39.65
CA THR F 38 36.74 7.67 38.57
C THR F 38 38.14 7.95 39.10
N ASP F 39 39.15 7.75 38.25
CA ASP F 39 40.53 8.00 38.66
C ASP F 39 40.74 9.46 39.02
N GLU F 40 39.80 10.32 38.64
CA GLU F 40 39.93 11.75 38.95
C GLU F 40 39.18 12.14 40.22
N GLY F 41 38.76 11.16 41.00
CA GLY F 41 38.07 11.45 42.24
C GLY F 41 36.63 11.90 42.11
N ILE F 42 36.18 12.14 40.88
CA ILE F 42 34.82 12.58 40.63
C ILE F 42 33.87 11.38 40.68
N ILE F 43 32.78 11.53 41.42
CA ILE F 43 31.82 10.42 41.52
C ILE F 43 30.43 10.76 40.99
N GLY F 44 29.80 9.77 40.38
CA GLY F 44 28.47 9.97 39.82
C GLY F 44 27.47 8.94 40.32
N TYR F 45 26.21 9.36 40.44
CA TYR F 45 25.16 8.46 40.89
C TYR F 45 24.19 8.17 39.77
N GLY F 46 23.79 6.91 39.68
CA GLY F 46 22.83 6.49 38.67
C GLY F 46 21.78 5.64 39.34
N GLU F 47 20.69 5.39 38.65
CA GLU F 47 19.64 4.59 39.23
C GLU F 47 18.92 3.76 38.19
N GLY F 48 18.49 2.58 38.61
CA GLY F 48 17.76 1.68 37.76
C GLY F 48 16.59 1.12 38.54
N VAL F 49 15.36 1.44 38.14
CA VAL F 49 14.20 0.91 38.80
C VAL F 49 13.47 0.09 37.74
N ALA F 50 13.52 -1.23 37.95
CA ALA F 50 12.94 -2.17 37.02
C ALA F 50 11.46 -2.44 37.19
N ASP F 51 10.79 -2.62 36.06
CA ASP F 51 9.38 -2.94 36.04
C ASP F 51 9.27 -4.24 35.25
N ASP F 52 9.13 -5.34 35.99
CA ASP F 52 9.04 -6.67 35.42
C ASP F 52 8.02 -6.75 34.30
N HIS F 53 6.91 -6.05 34.46
CA HIS F 53 5.84 -6.11 33.48
C HIS F 53 6.06 -5.33 32.19
N VAL F 54 7.10 -4.50 32.15
CA VAL F 54 7.35 -3.68 30.96
C VAL F 54 8.59 -4.05 30.17
N THR F 55 9.72 -4.18 30.84
CA THR F 55 10.97 -4.50 30.15
C THR F 55 11.49 -5.89 30.49
N GLY F 56 10.77 -6.61 31.33
CA GLY F 56 11.22 -7.94 31.69
C GLY F 56 12.51 -7.96 32.49
N GLU F 57 12.72 -6.91 33.28
CA GLU F 57 13.90 -6.83 34.13
C GLU F 57 13.32 -6.77 35.53
N SER F 58 14.01 -7.38 36.49
CA SER F 58 13.54 -7.36 37.87
C SER F 58 14.60 -6.69 38.72
N TRP F 59 14.24 -6.42 39.97
CA TRP F 59 15.12 -5.78 40.93
C TRP F 59 16.41 -6.58 41.05
N GLU F 60 16.30 -7.85 41.42
CA GLU F 60 17.48 -8.71 41.56
C GLU F 60 18.20 -8.97 40.23
N SER F 61 17.46 -9.22 39.16
CA SER F 61 18.08 -9.49 37.86
C SER F 61 18.91 -8.31 37.40
N THR F 62 18.40 -7.09 37.62
CA THR F 62 19.13 -5.88 37.21
C THR F 62 20.42 -5.73 37.99
N PHE F 63 20.33 -6.00 39.30
CA PHE F 63 21.48 -5.90 40.17
C PHE F 63 22.58 -6.81 39.64
N HIS F 64 22.22 -8.05 39.33
CA HIS F 64 23.19 -9.01 38.83
C HIS F 64 23.70 -8.80 37.41
N THR F 65 22.88 -8.34 36.47
CA THR F 65 23.42 -8.13 35.14
C THR F 65 24.38 -6.95 35.22
N LEU F 66 24.15 -6.07 36.20
CA LEU F 66 25.05 -4.93 36.39
C LEU F 66 26.36 -5.45 36.98
N LYS F 67 26.24 -6.28 38.01
CA LYS F 67 27.39 -6.84 38.69
C LYS F 67 28.29 -7.75 37.89
N HIS F 68 27.70 -8.76 37.26
CA HIS F 68 28.49 -9.73 36.50
C HIS F 68 28.68 -9.49 35.01
N THR F 69 27.80 -8.68 34.40
CA THR F 69 27.89 -8.46 32.96
C THR F 69 28.34 -7.07 32.52
N LEU F 70 27.59 -6.06 32.91
CA LEU F 70 27.93 -4.69 32.51
C LEU F 70 29.11 -4.02 33.21
N THR F 71 29.11 -3.96 34.55
CA THR F 71 30.20 -3.27 35.24
C THR F 71 31.61 -3.79 34.99
N PRO F 72 31.80 -5.12 34.97
CA PRO F 72 33.18 -5.56 34.72
C PRO F 72 33.74 -5.06 33.38
N ALA F 73 32.88 -4.96 32.37
CA ALA F 73 33.31 -4.48 31.06
C ALA F 73 33.51 -2.95 31.02
N LEU F 74 33.02 -2.26 32.04
CA LEU F 74 33.13 -0.80 32.09
C LEU F 74 34.31 -0.26 32.88
N ILE F 75 34.90 -1.10 33.73
CA ILE F 75 36.05 -0.65 34.52
C ILE F 75 37.17 -0.24 33.56
N GLY F 76 37.77 0.91 33.80
CA GLY F 76 38.84 1.38 32.94
C GLY F 76 38.31 2.17 31.75
N GLN F 77 37.00 2.13 31.56
CA GLN F 77 36.37 2.84 30.45
C GLN F 77 36.13 4.31 30.82
N ASN F 78 36.11 5.17 29.82
CA ASN F 78 35.90 6.61 30.02
C ASN F 78 34.43 7.04 30.01
N PRO F 79 33.91 7.50 31.16
CA PRO F 79 32.51 7.94 31.28
C PRO F 79 32.15 9.21 30.51
N MET F 80 33.16 9.92 30.02
CA MET F 80 32.93 11.15 29.26
C MET F 80 32.46 10.85 27.83
N ASN F 81 32.81 9.67 27.32
CA ASN F 81 32.41 9.27 25.98
C ASN F 81 31.14 8.46 26.06
N ILE F 82 30.03 9.17 26.21
CA ILE F 82 28.73 8.53 26.34
C ILE F 82 28.38 7.59 25.18
N GLU F 83 28.63 8.02 23.96
CA GLU F 83 28.35 7.20 22.77
C GLU F 83 29.15 5.87 22.86
N LYS F 84 30.41 5.99 23.28
CA LYS F 84 31.31 4.84 23.43
C LYS F 84 30.81 3.93 24.55
N ILE F 85 30.44 4.51 25.69
CA ILE F 85 29.94 3.75 26.84
C ILE F 85 28.76 2.90 26.41
N HIS F 86 27.82 3.48 25.67
CA HIS F 86 26.66 2.75 25.20
C HIS F 86 27.01 1.68 24.17
N ASP F 87 28.02 1.97 23.35
CA ASP F 87 28.44 1.00 22.35
C ASP F 87 28.97 -0.24 23.06
N MET F 88 29.78 -0.01 24.09
CA MET F 88 30.34 -1.11 24.87
C MET F 88 29.23 -1.95 25.50
N MET F 89 28.30 -1.29 26.18
CA MET F 89 27.20 -2.00 26.82
C MET F 89 26.36 -2.80 25.82
N ASP F 90 25.97 -2.16 24.71
CA ASP F 90 25.16 -2.85 23.70
C ASP F 90 25.88 -4.05 23.13
N ASN F 91 27.19 -3.93 22.97
CA ASN F 91 28.00 -5.01 22.42
C ASN F 91 28.11 -6.18 23.40
N THR F 92 28.15 -5.90 24.70
CA THR F 92 28.25 -6.99 25.66
C THR F 92 26.90 -7.62 25.93
N ILE F 93 25.83 -6.83 25.87
CA ILE F 93 24.50 -7.41 26.09
C ILE F 93 23.37 -6.61 25.41
N TYR F 94 22.41 -7.34 24.85
CA TYR F 94 21.27 -6.75 24.16
C TYR F 94 20.17 -6.40 25.16
N GLY F 95 19.44 -5.31 24.88
CA GLY F 95 18.34 -4.90 25.75
C GLY F 95 18.76 -4.45 27.13
N VAL F 96 18.08 -4.98 28.16
CA VAL F 96 18.41 -4.63 29.55
C VAL F 96 18.50 -3.08 29.68
N PRO F 97 17.48 -2.37 29.21
CA PRO F 97 17.52 -0.90 29.29
C PRO F 97 17.61 -0.31 30.70
N THR F 98 16.94 -0.93 31.66
CA THR F 98 16.99 -0.41 33.03
C THR F 98 18.40 -0.47 33.61
N ALA F 99 19.08 -1.59 33.39
CA ALA F 99 20.43 -1.72 33.90
C ALA F 99 21.33 -0.70 33.22
N LYS F 100 21.20 -0.57 31.91
CA LYS F 100 22.02 0.38 31.16
C LYS F 100 21.73 1.83 31.55
N ALA F 101 20.47 2.10 31.91
CA ALA F 101 20.07 3.45 32.32
C ALA F 101 20.81 3.86 33.59
N ALA F 102 20.92 2.92 34.51
CA ALA F 102 21.60 3.16 35.77
C ALA F 102 23.02 3.63 35.53
N ILE F 103 23.68 3.02 34.56
CA ILE F 103 25.05 3.39 34.24
C ILE F 103 25.12 4.69 33.46
N ASP F 104 24.18 4.85 32.53
CA ASP F 104 24.11 6.05 31.71
C ASP F 104 23.98 7.30 32.57
N ILE F 105 23.08 7.24 33.54
CA ILE F 105 22.84 8.37 34.43
C ILE F 105 24.07 8.78 35.24
N ALA F 106 24.76 7.79 35.81
CA ALA F 106 25.98 8.07 36.60
C ALA F 106 27.04 8.73 35.71
N CYS F 107 27.14 8.30 34.46
CA CYS F 107 28.12 8.88 33.55
C CYS F 107 27.81 10.35 33.28
N PHE F 108 26.53 10.68 33.13
CA PHE F 108 26.17 12.08 32.89
C PHE F 108 26.37 12.92 34.14
N ASP F 109 26.14 12.31 35.30
CA ASP F 109 26.32 12.99 36.57
C ASP F 109 27.80 13.39 36.64
N ILE F 110 28.67 12.42 36.39
CA ILE F 110 30.11 12.64 36.41
C ILE F 110 30.49 13.69 35.38
N MET F 111 29.90 13.59 34.20
CA MET F 111 30.20 14.54 33.13
C MET F 111 29.88 15.97 33.55
N GLY F 112 28.68 16.15 34.13
CA GLY F 112 28.27 17.46 34.56
C GLY F 112 29.14 18.01 35.69
N LYS F 113 29.45 17.16 36.66
CA LYS F 113 30.29 17.58 37.78
C LYS F 113 31.66 17.94 37.24
N LYS F 114 32.19 17.12 36.35
CA LYS F 114 33.49 17.38 35.75
C LYS F 114 33.54 18.73 35.04
N LEU F 115 32.49 19.06 34.29
CA LEU F 115 32.46 20.33 33.58
C LEU F 115 31.77 21.42 34.39
N ASN F 116 31.48 21.11 35.65
CA ASN F 116 30.81 22.04 36.55
C ASN F 116 29.64 22.64 35.81
N GLN F 117 28.72 21.78 35.42
CA GLN F 117 27.58 22.20 34.65
C GLN F 117 26.45 21.19 34.84
N PRO F 118 25.19 21.66 34.76
CA PRO F 118 24.07 20.72 34.94
C PRO F 118 23.97 19.81 33.70
N VAL F 119 23.41 18.62 33.90
CA VAL F 119 23.28 17.67 32.81
C VAL F 119 22.62 18.23 31.55
N TYR F 120 21.49 18.93 31.70
CA TYR F 120 20.81 19.46 30.52
C TYR F 120 21.74 20.30 29.64
N GLN F 121 22.78 20.85 30.22
CA GLN F 121 23.70 21.65 29.43
C GLN F 121 24.53 20.76 28.51
N LEU F 122 24.66 19.48 28.84
CA LEU F 122 25.43 18.57 28.00
C LEU F 122 24.59 17.92 26.89
N ILE F 123 23.29 18.15 26.92
CA ILE F 123 22.44 17.54 25.91
C ILE F 123 21.55 18.52 25.16
N GLY F 124 22.02 19.75 24.96
CA GLY F 124 21.21 20.71 24.23
C GLY F 124 20.98 22.04 24.94
N GLY F 125 21.37 22.13 26.21
CA GLY F 125 21.17 23.35 26.96
C GLY F 125 19.79 23.42 27.58
N ARG F 126 19.49 24.52 28.26
CA ARG F 126 18.17 24.66 28.87
C ARG F 126 17.18 25.24 27.88
N TYR F 127 16.03 24.61 27.77
CA TYR F 127 15.03 25.13 26.86
C TYR F 127 13.79 25.57 27.64
N HIS F 128 13.37 24.76 28.59
CA HIS F 128 12.21 25.05 29.42
C HIS F 128 12.60 25.72 30.73
N GLU F 129 11.68 26.53 31.26
CA GLU F 129 11.91 27.19 32.53
C GLU F 129 11.30 26.33 33.62
N GLU F 130 10.13 25.80 33.35
CA GLU F 130 9.40 24.97 34.31
C GLU F 130 8.35 24.14 33.57
N PHE F 131 7.80 23.15 34.25
CA PHE F 131 6.73 22.30 33.70
C PHE F 131 5.68 22.19 34.79
N PRO F 132 4.40 22.12 34.42
CA PRO F 132 3.40 21.98 35.50
C PRO F 132 3.49 20.52 35.92
N VAL F 133 3.09 20.20 37.14
CA VAL F 133 3.13 18.82 37.60
C VAL F 133 1.70 18.30 37.62
N THR F 134 1.47 17.09 37.11
CA THR F 134 0.11 16.57 37.14
C THR F 134 0.03 15.46 38.17
N HIS F 135 -1.07 15.42 38.92
CA HIS F 135 -1.25 14.42 39.97
C HIS F 135 -1.86 13.12 39.49
N VAL F 136 -1.13 12.01 39.68
CA VAL F 136 -1.62 10.70 39.26
C VAL F 136 -2.47 10.04 40.34
N LEU F 137 -3.72 9.74 39.99
CA LEU F 137 -4.66 9.09 40.91
C LEU F 137 -4.67 7.58 40.66
N SER F 138 -4.18 6.80 41.63
CA SER F 138 -4.14 5.35 41.50
C SER F 138 -5.54 4.73 41.38
N ILE F 139 -5.62 3.56 40.76
CA ILE F 139 -6.89 2.87 40.57
C ILE F 139 -7.66 2.71 41.89
N ALA F 140 -8.83 3.34 41.96
CA ALA F 140 -9.67 3.28 43.14
C ALA F 140 -11.12 3.28 42.67
N ASP F 141 -12.05 3.35 43.62
CA ASP F 141 -13.48 3.39 43.30
C ASP F 141 -13.87 4.78 42.78
N PRO F 142 -14.90 4.82 41.92
CA PRO F 142 -15.43 6.05 41.31
C PRO F 142 -15.47 7.28 42.20
N GLU F 143 -15.82 7.10 43.48
CA GLU F 143 -15.87 8.26 44.35
C GLU F 143 -14.59 8.46 45.14
N ASN F 144 -13.81 7.39 45.29
CA ASN F 144 -12.54 7.47 46.00
C ASN F 144 -11.52 8.22 45.15
N MET F 145 -11.71 8.16 43.83
CA MET F 145 -10.82 8.85 42.91
C MET F 145 -11.30 10.28 42.72
N ALA F 146 -12.62 10.46 42.64
CA ALA F 146 -13.21 11.78 42.48
C ALA F 146 -12.82 12.64 43.67
N GLU F 147 -12.70 11.97 44.82
CA GLU F 147 -12.33 12.63 46.07
C GLU F 147 -10.85 13.01 46.15
N GLU F 148 -9.96 12.04 45.89
CA GLU F 148 -8.52 12.30 45.95
C GLU F 148 -8.14 13.47 45.07
N ALA F 149 -8.93 13.70 44.02
CA ALA F 149 -8.70 14.80 43.10
C ALA F 149 -9.19 16.11 43.71
N ALA F 150 -10.29 16.01 44.45
CA ALA F 150 -10.87 17.20 45.09
C ALA F 150 -9.84 17.81 46.04
N SER F 151 -9.09 16.94 46.72
CA SER F 151 -8.05 17.35 47.67
C SER F 151 -6.90 18.09 46.99
N MET F 152 -6.21 17.40 46.09
CA MET F 152 -5.08 17.97 45.38
C MET F 152 -5.49 19.25 44.65
N ILE F 153 -6.76 19.36 44.28
CA ILE F 153 -7.25 20.55 43.59
C ILE F 153 -6.91 21.80 44.40
N GLN F 154 -7.20 21.73 45.70
CA GLN F 154 -6.94 22.86 46.59
C GLN F 154 -5.52 22.85 47.13
N LYS F 155 -4.57 22.70 46.20
CA LYS F 155 -3.15 22.69 46.54
C LYS F 155 -2.39 23.18 45.33
N GLY F 156 -3.13 23.73 44.36
CA GLY F 156 -2.54 24.26 43.15
C GLY F 156 -2.66 23.42 41.89
N TYR F 157 -2.73 22.10 42.04
CA TYR F 157 -2.83 21.20 40.90
C TYR F 157 -3.83 21.61 39.83
N GLN F 158 -3.35 21.66 38.59
CA GLN F 158 -4.18 22.05 37.45
C GLN F 158 -4.54 20.88 36.52
N SER F 159 -3.84 19.75 36.63
CA SER F 159 -4.15 18.60 35.78
C SER F 159 -3.92 17.28 36.49
N PHE F 160 -4.74 16.29 36.14
CA PHE F 160 -4.66 14.96 36.74
C PHE F 160 -4.58 13.84 35.72
N LYS F 161 -4.09 12.69 36.17
CA LYS F 161 -3.96 11.51 35.33
C LYS F 161 -4.66 10.39 36.06
N MET F 162 -5.72 9.87 35.45
CA MET F 162 -6.45 8.77 36.07
C MET F 162 -5.97 7.43 35.56
N LYS F 163 -5.56 6.56 36.49
CA LYS F 163 -5.11 5.23 36.15
C LYS F 163 -6.38 4.38 36.10
N VAL F 164 -6.68 3.78 34.97
CA VAL F 164 -7.86 2.92 34.85
C VAL F 164 -7.46 1.61 34.20
N GLY F 165 -8.45 0.85 33.73
CA GLY F 165 -8.13 -0.41 33.07
C GLY F 165 -8.48 -1.72 33.74
N THR F 166 -9.47 -1.74 34.62
CA THR F 166 -9.84 -3.01 35.26
C THR F 166 -11.06 -3.54 34.52
N ASN F 167 -11.98 -2.63 34.20
CA ASN F 167 -13.19 -2.98 33.48
C ASN F 167 -13.78 -1.75 32.81
N VAL F 168 -13.82 -1.76 31.49
CA VAL F 168 -14.34 -0.65 30.70
C VAL F 168 -15.59 0.02 31.28
N LYS F 169 -16.60 -0.77 31.62
CA LYS F 169 -17.83 -0.22 32.18
C LYS F 169 -17.56 0.49 33.52
N GLU F 170 -16.54 0.02 34.24
CA GLU F 170 -16.19 0.61 35.53
C GLU F 170 -15.24 1.80 35.37
N ASP F 171 -14.20 1.62 34.56
CA ASP F 171 -13.24 2.69 34.34
C ASP F 171 -13.97 3.95 33.90
N VAL F 172 -14.95 3.80 33.01
CA VAL F 172 -15.71 4.94 32.53
C VAL F 172 -16.43 5.57 33.71
N LYS F 173 -17.00 4.71 34.55
CA LYS F 173 -17.73 5.10 35.73
C LYS F 173 -16.91 6.09 36.57
N ARG F 174 -15.62 5.82 36.69
CA ARG F 174 -14.71 6.66 37.46
C ARG F 174 -14.40 8.01 36.79
N ILE F 175 -14.32 8.01 35.45
CA ILE F 175 -13.99 9.24 34.73
C ILE F 175 -14.94 10.42 34.92
N GLU F 176 -16.19 10.31 34.46
CA GLU F 176 -17.12 11.43 34.62
C GLU F 176 -17.25 11.74 36.10
N ALA F 177 -16.98 10.73 36.93
CA ALA F 177 -17.04 10.91 38.36
C ALA F 177 -16.13 12.07 38.76
N VAL F 178 -14.84 11.96 38.43
CA VAL F 178 -13.87 13.02 38.77
C VAL F 178 -14.03 14.25 37.87
N ARG F 179 -14.43 14.03 36.62
CA ARG F 179 -14.61 15.16 35.72
C ARG F 179 -15.68 16.09 36.27
N GLU F 180 -16.80 15.49 36.68
CA GLU F 180 -17.91 16.25 37.24
C GLU F 180 -17.45 16.91 38.53
N ARG F 181 -16.75 16.14 39.35
CA ARG F 181 -16.21 16.57 40.64
C ARG F 181 -15.24 17.77 40.57
N VAL F 182 -14.49 17.91 39.46
CA VAL F 182 -13.51 19.00 39.33
C VAL F 182 -13.82 20.09 38.32
N GLY F 183 -15.04 20.10 37.79
CA GLY F 183 -15.38 21.14 36.82
C GLY F 183 -14.82 20.85 35.44
N ASN F 184 -14.84 21.87 34.58
CA ASN F 184 -14.37 21.71 33.21
C ASN F 184 -13.19 22.60 32.83
N ASP F 185 -12.31 22.87 33.79
CA ASP F 185 -11.14 23.70 33.54
C ASP F 185 -9.89 22.95 33.98
N ILE F 186 -10.11 21.86 34.71
CA ILE F 186 -9.03 21.02 35.20
C ILE F 186 -8.72 19.99 34.11
N ALA F 187 -7.48 19.96 33.65
CA ALA F 187 -7.06 19.01 32.62
C ALA F 187 -7.08 17.58 33.15
N ILE F 188 -7.55 16.67 32.31
CA ILE F 188 -7.61 15.26 32.69
C ILE F 188 -7.10 14.35 31.58
N ARG F 189 -6.15 13.47 31.91
CA ARG F 189 -5.60 12.52 30.97
C ARG F 189 -5.80 11.14 31.60
N VAL F 190 -6.09 10.14 30.78
CA VAL F 190 -6.30 8.81 31.31
C VAL F 190 -5.32 7.78 30.77
N ASP F 191 -4.80 6.96 31.66
CA ASP F 191 -3.83 5.91 31.33
C ASP F 191 -4.47 4.57 31.71
N VAL F 192 -4.62 3.68 30.74
CA VAL F 192 -5.24 2.40 31.04
C VAL F 192 -4.25 1.24 31.17
N ASN F 193 -2.96 1.55 31.03
CA ASN F 193 -1.93 0.53 31.17
C ASN F 193 -2.30 -0.81 30.54
N GLN F 194 -2.64 -0.77 29.24
CA GLN F 194 -3.00 -1.96 28.47
C GLN F 194 -4.32 -2.62 28.84
N GLY F 195 -4.97 -2.11 29.89
CA GLY F 195 -6.23 -2.68 30.35
C GLY F 195 -7.32 -3.05 29.36
N TRP F 196 -7.51 -2.31 28.29
CA TRP F 196 -8.58 -2.66 27.35
C TRP F 196 -8.18 -3.71 26.32
N LYS F 197 -6.91 -4.12 26.37
CA LYS F 197 -6.36 -5.17 25.50
C LYS F 197 -6.34 -4.96 23.97
N ASN F 198 -7.51 -4.75 23.37
CA ASN F 198 -7.60 -4.59 21.93
C ASN F 198 -8.38 -3.36 21.48
N SER F 199 -8.44 -3.17 20.16
CA SER F 199 -9.12 -2.03 19.59
C SER F 199 -10.64 -2.06 19.71
N ALA F 200 -11.23 -3.24 19.73
CA ALA F 200 -12.67 -3.32 19.84
C ALA F 200 -13.10 -2.74 21.19
N ASN F 201 -12.54 -3.26 22.28
CA ASN F 201 -12.90 -2.76 23.60
C ASN F 201 -12.60 -1.27 23.71
N THR F 202 -11.42 -0.88 23.24
CA THR F 202 -10.99 0.51 23.29
C THR F 202 -11.95 1.45 22.58
N LEU F 203 -12.29 1.13 21.34
CA LEU F 203 -13.19 1.97 20.59
C LEU F 203 -14.56 2.08 21.25
N THR F 204 -14.99 0.99 21.90
CA THR F 204 -16.27 1.00 22.58
C THR F 204 -16.18 1.97 23.76
N ALA F 205 -15.09 1.87 24.51
CA ALA F 205 -14.88 2.75 25.65
C ALA F 205 -14.85 4.22 25.23
N LEU F 206 -14.08 4.49 24.18
CA LEU F 206 -13.94 5.85 23.69
C LEU F 206 -15.22 6.58 23.28
N ARG F 207 -16.20 5.85 22.76
CA ARG F 207 -17.43 6.50 22.36
C ARG F 207 -18.17 7.04 23.58
N SER F 208 -17.89 6.46 24.73
CA SER F 208 -18.52 6.88 25.99
C SER F 208 -17.69 7.94 26.70
N LEU F 209 -16.63 8.41 26.05
CA LEU F 209 -15.75 9.41 26.67
C LEU F 209 -15.54 10.67 25.81
N GLY F 210 -16.32 10.80 24.75
CA GLY F 210 -16.16 11.96 23.88
C GLY F 210 -16.58 13.28 24.49
N HIS F 211 -17.57 13.24 25.37
CA HIS F 211 -18.07 14.47 26.00
C HIS F 211 -17.29 14.91 27.24
N LEU F 212 -16.45 14.04 27.79
CA LEU F 212 -15.70 14.38 29.00
C LEU F 212 -14.43 15.21 28.79
N ASN F 213 -14.12 15.50 27.53
CA ASN F 213 -12.95 16.33 27.24
C ASN F 213 -11.60 15.83 27.79
N ILE F 214 -11.23 14.60 27.45
CA ILE F 214 -9.97 14.04 27.93
C ILE F 214 -8.81 14.49 27.03
N ASP F 215 -7.71 14.93 27.63
CA ASP F 215 -6.55 15.38 26.89
C ASP F 215 -6.01 14.28 25.98
N TRP F 216 -5.90 13.06 26.52
CA TRP F 216 -5.43 11.93 25.73
C TRP F 216 -5.56 10.59 26.44
N ILE F 217 -5.66 9.53 25.65
CA ILE F 217 -5.77 8.17 26.18
C ILE F 217 -4.40 7.53 26.04
N GLU F 218 -3.90 6.98 27.14
CA GLU F 218 -2.59 6.37 27.16
C GLU F 218 -2.62 4.85 27.14
N GLN F 219 -1.81 4.27 26.26
CA GLN F 219 -1.66 2.82 26.10
C GLN F 219 -2.91 2.01 26.45
N PRO F 220 -3.95 2.06 25.59
CA PRO F 220 -5.16 1.30 25.89
C PRO F 220 -5.07 -0.21 25.61
N VAL F 221 -4.21 -0.59 24.67
CA VAL F 221 -4.06 -2.01 24.30
C VAL F 221 -2.74 -2.61 24.78
N ILE F 222 -2.59 -3.93 24.61
CA ILE F 222 -1.36 -4.61 25.00
C ILE F 222 -0.17 -3.99 24.28
N ALA F 223 0.92 -3.84 25.02
CA ALA F 223 2.15 -3.24 24.53
C ALA F 223 2.58 -3.63 23.13
N ASP F 224 2.69 -4.93 22.88
CA ASP F 224 3.16 -5.40 21.58
C ASP F 224 2.29 -5.06 20.37
N ASP F 225 1.03 -4.70 20.59
CA ASP F 225 0.16 -4.41 19.47
C ASP F 225 0.16 -2.96 18.99
N ILE F 226 1.17 -2.59 18.22
CA ILE F 226 1.26 -1.26 17.67
C ILE F 226 0.20 -1.14 16.56
N ASP F 227 -0.05 -2.24 15.88
CA ASP F 227 -1.05 -2.25 14.81
C ASP F 227 -2.41 -1.83 15.34
N ALA F 228 -2.79 -2.39 16.50
CA ALA F 228 -4.07 -2.06 17.09
C ALA F 228 -4.12 -0.56 17.37
N MET F 229 -2.99 -0.02 17.82
CA MET F 229 -2.93 1.40 18.13
C MET F 229 -3.23 2.24 16.88
N ALA F 230 -2.62 1.86 15.75
CA ALA F 230 -2.85 2.60 14.50
C ALA F 230 -4.31 2.44 14.05
N HIS F 231 -4.88 1.26 14.28
CA HIS F 231 -6.25 1.05 13.87
C HIS F 231 -7.17 1.94 14.70
N ILE F 232 -6.88 2.01 16.00
CA ILE F 232 -7.68 2.85 16.88
C ILE F 232 -7.57 4.31 16.40
N ARG F 233 -6.35 4.76 16.17
CA ARG F 233 -6.12 6.13 15.75
C ARG F 233 -6.85 6.47 14.45
N SER F 234 -7.09 5.47 13.61
CA SER F 234 -7.78 5.73 12.36
C SER F 234 -9.27 5.96 12.55
N LYS F 235 -9.82 5.56 13.70
CA LYS F 235 -11.25 5.71 13.96
C LYS F 235 -11.64 6.53 15.17
N THR F 236 -10.75 7.38 15.67
CA THR F 236 -11.08 8.21 16.81
C THR F 236 -10.41 9.58 16.71
N ASP F 237 -11.01 10.60 17.32
CA ASP F 237 -10.40 11.92 17.29
C ASP F 237 -9.76 12.28 18.63
N LEU F 238 -9.71 11.31 19.54
CA LEU F 238 -9.06 11.51 20.83
C LEU F 238 -7.56 11.29 20.65
N PRO F 239 -6.72 12.20 21.15
CA PRO F 239 -5.28 12.02 21.01
C PRO F 239 -4.85 10.72 21.67
N LEU F 240 -3.92 10.00 21.04
CA LEU F 240 -3.45 8.75 21.62
C LEU F 240 -1.97 8.80 21.98
N MET F 241 -1.64 8.22 23.13
CA MET F 241 -0.25 8.18 23.57
C MET F 241 0.15 6.74 23.78
N ILE F 242 1.36 6.41 23.31
CA ILE F 242 1.88 5.07 23.48
C ILE F 242 2.92 5.10 24.61
N ASP F 243 2.85 4.15 25.53
CA ASP F 243 3.79 4.06 26.64
C ASP F 243 4.52 2.73 26.58
N GLU F 244 3.96 1.70 27.20
CA GLU F 244 4.60 0.38 27.20
C GLU F 244 4.91 -0.11 25.77
N GLY F 245 4.17 0.39 24.79
CA GLY F 245 4.41 -0.02 23.42
C GLY F 245 5.69 0.55 22.86
N LEU F 246 6.27 1.52 23.57
CA LEU F 246 7.51 2.16 23.14
C LEU F 246 8.64 1.97 24.13
N LYS F 247 9.75 1.39 23.69
CA LYS F 247 10.88 1.23 24.60
C LYS F 247 12.12 1.83 23.97
N SER F 248 12.52 1.31 22.80
CA SER F 248 13.69 1.80 22.10
C SER F 248 13.31 2.30 20.70
N SER F 249 14.31 2.73 19.94
CA SER F 249 14.09 3.22 18.58
C SER F 249 13.43 2.16 17.70
N ARG F 250 13.55 0.91 18.12
CA ARG F 250 12.96 -0.19 17.37
C ARG F 250 11.46 -0.01 17.22
N GLU F 251 10.77 0.31 18.33
CA GLU F 251 9.35 0.51 18.20
C GLU F 251 9.03 1.92 17.72
N MET F 252 9.94 2.86 17.99
CA MET F 252 9.72 4.23 17.54
C MET F 252 9.60 4.19 16.01
N ARG F 253 10.47 3.41 15.38
CA ARG F 253 10.44 3.30 13.92
C ARG F 253 9.08 2.79 13.44
N GLN F 254 8.58 1.78 14.13
CA GLN F 254 7.30 1.19 13.78
C GLN F 254 6.16 2.17 14.00
N ILE F 255 6.20 2.90 15.11
CA ILE F 255 5.17 3.88 15.42
C ILE F 255 5.08 4.96 14.34
N ILE F 256 6.22 5.40 13.86
CA ILE F 256 6.27 6.43 12.81
C ILE F 256 5.75 5.89 11.50
N LYS F 257 6.19 4.69 11.13
CA LYS F 257 5.81 4.03 9.89
C LYS F 257 4.32 3.79 9.80
N LEU F 258 3.72 3.31 10.89
CA LEU F 258 2.31 3.00 10.91
C LEU F 258 1.44 4.17 11.38
N GLU F 259 2.05 5.27 11.80
CA GLU F 259 1.28 6.42 12.28
C GLU F 259 0.39 5.94 13.43
N ALA F 260 0.99 5.24 14.38
CA ALA F 260 0.24 4.68 15.48
C ALA F 260 -0.04 5.59 16.67
N ALA F 261 0.53 6.78 16.70
CA ALA F 261 0.30 7.62 17.87
C ALA F 261 0.48 9.11 17.70
N ASP F 262 -0.19 9.86 18.57
CA ASP F 262 -0.10 11.32 18.56
C ASP F 262 1.05 11.74 19.46
N LYS F 263 1.33 10.91 20.46
CA LYS F 263 2.41 11.19 21.38
C LYS F 263 2.96 9.94 22.01
N VAL F 264 4.21 10.04 22.48
CA VAL F 264 4.88 8.93 23.11
C VAL F 264 5.34 9.28 24.51
N ASN F 265 5.42 8.28 25.37
CA ASN F 265 5.85 8.45 26.74
C ASN F 265 7.25 7.82 26.83
N ILE F 266 8.28 8.65 26.83
CA ILE F 266 9.66 8.17 26.92
C ILE F 266 10.04 8.01 28.38
N LYS F 267 10.66 6.88 28.71
CA LYS F 267 11.12 6.63 30.08
C LYS F 267 12.55 6.12 30.00
N LEU F 268 13.45 6.77 30.74
CA LEU F 268 14.85 6.37 30.74
C LEU F 268 15.02 4.88 31.00
N MET F 269 14.18 4.32 31.87
CA MET F 269 14.24 2.91 32.19
C MET F 269 13.84 1.98 31.04
N LYS F 270 13.13 2.51 30.03
CA LYS F 270 12.71 1.68 28.90
C LYS F 270 13.68 1.72 27.74
N CYS F 271 14.47 2.79 27.64
CA CYS F 271 15.40 2.93 26.52
C CYS F 271 16.88 2.89 26.89
N GLY F 272 17.20 2.93 28.17
CA GLY F 272 18.60 2.85 28.55
C GLY F 272 19.26 4.15 28.98
N GLY F 273 18.46 5.09 29.46
CA GLY F 273 19.05 6.32 29.94
C GLY F 273 18.87 7.59 29.15
N ILE F 274 19.58 8.62 29.62
CA ILE F 274 19.57 9.95 29.04
C ILE F 274 19.91 9.99 27.55
N TYR F 275 21.04 9.40 27.17
CA TYR F 275 21.46 9.45 25.76
C TYR F 275 20.42 8.82 24.83
N PRO F 276 19.97 7.60 25.11
CA PRO F 276 18.98 6.96 24.23
C PRO F 276 17.66 7.76 24.22
N ALA F 277 17.31 8.36 25.36
CA ALA F 277 16.08 9.15 25.44
C ALA F 277 16.16 10.37 24.54
N VAL F 278 17.34 10.99 24.49
CA VAL F 278 17.52 12.15 23.63
C VAL F 278 17.35 11.73 22.16
N LYS F 279 17.87 10.55 21.83
CA LYS F 279 17.76 10.04 20.46
C LYS F 279 16.28 9.83 20.09
N LEU F 280 15.50 9.28 21.04
CA LEU F 280 14.08 9.06 20.80
C LEU F 280 13.36 10.40 20.55
N ALA F 281 13.71 11.42 21.31
CA ALA F 281 13.09 12.73 21.17
C ALA F 281 13.38 13.28 19.78
N HIS F 282 14.60 13.08 19.31
CA HIS F 282 14.97 13.58 18.00
C HIS F 282 14.22 12.81 16.91
N GLN F 283 14.02 11.53 17.14
CA GLN F 283 13.32 10.71 16.18
C GLN F 283 11.84 11.10 16.13
N ALA F 284 11.22 11.23 17.30
CA ALA F 284 9.82 11.61 17.38
C ALA F 284 9.61 12.97 16.71
N GLU F 285 10.60 13.84 16.87
CA GLU F 285 10.50 15.18 16.29
C GLU F 285 10.37 15.15 14.78
N MET F 286 11.09 14.25 14.14
CA MET F 286 11.05 14.15 12.69
C MET F 286 9.62 13.86 12.17
N ALA F 287 8.83 13.15 12.96
CA ALA F 287 7.47 12.81 12.55
C ALA F 287 6.40 13.70 13.19
N GLY F 288 6.83 14.69 13.95
CA GLY F 288 5.89 15.59 14.59
C GLY F 288 5.11 14.90 15.70
N ILE F 289 5.73 13.94 16.35
CA ILE F 289 5.10 13.22 17.43
C ILE F 289 5.52 13.90 18.73
N GLU F 290 4.56 14.38 19.51
CA GLU F 290 4.89 15.04 20.77
C GLU F 290 5.36 14.02 21.80
N CYS F 291 6.33 14.44 22.61
CA CYS F 291 6.90 13.56 23.62
C CYS F 291 6.65 13.98 25.04
N GLN F 292 6.66 12.98 25.91
CA GLN F 292 6.50 13.19 27.34
C GLN F 292 7.58 12.34 27.99
N VAL F 293 8.16 12.84 29.07
CA VAL F 293 9.13 12.05 29.79
C VAL F 293 8.41 11.62 31.06
N GLY F 294 8.10 10.33 31.13
CA GLY F 294 7.43 9.80 32.30
C GLY F 294 8.45 8.98 33.06
N SER F 295 8.01 8.01 33.84
CA SER F 295 8.96 7.21 34.60
C SER F 295 8.30 6.11 35.40
N MET F 296 9.13 5.31 36.05
CA MET F 296 8.64 4.27 36.92
C MET F 296 8.70 5.06 38.23
N VAL F 297 8.17 4.55 39.32
CA VAL F 297 8.26 5.35 40.54
C VAL F 297 9.74 5.37 40.94
N GLU F 298 10.42 6.47 40.68
CA GLU F 298 11.85 6.58 40.94
C GLU F 298 12.31 7.62 41.98
N SER F 299 13.50 7.40 42.53
CA SER F 299 14.07 8.30 43.53
C SER F 299 14.53 9.56 42.82
N SER F 300 15.06 10.50 43.58
CA SER F 300 15.54 11.77 43.05
C SER F 300 16.57 11.59 41.97
N VAL F 301 17.36 10.53 42.07
CA VAL F 301 18.43 10.28 41.09
C VAL F 301 17.92 10.12 39.64
N ALA F 302 17.08 9.11 39.41
CA ALA F 302 16.57 8.90 38.05
C ALA F 302 15.59 10.00 37.67
N SER F 303 14.82 10.46 38.64
CA SER F 303 13.85 11.52 38.41
C SER F 303 14.50 12.77 37.87
N SER F 304 15.60 13.22 38.48
CA SER F 304 16.25 14.42 37.97
C SER F 304 16.80 14.11 36.58
N ALA F 305 17.36 12.91 36.41
CA ALA F 305 17.90 12.52 35.11
C ALA F 305 16.80 12.73 34.05
N GLY F 306 15.60 12.27 34.37
CA GLY F 306 14.50 12.43 33.44
C GLY F 306 14.15 13.89 33.14
N PHE F 307 14.15 14.71 34.19
CA PHE F 307 13.85 16.14 34.06
C PHE F 307 14.89 16.85 33.20
N HIS F 308 16.15 16.46 33.35
CA HIS F 308 17.22 17.09 32.55
C HIS F 308 16.97 16.85 31.06
N VAL F 309 16.50 15.67 30.72
CA VAL F 309 16.19 15.39 29.33
C VAL F 309 15.00 16.28 28.92
N ALA F 310 13.95 16.26 29.74
CA ALA F 310 12.75 17.03 29.48
C ALA F 310 13.00 18.52 29.29
N PHE F 311 13.72 19.12 30.24
CA PHE F 311 14.04 20.55 30.21
C PHE F 311 14.89 21.00 29.03
N SER F 312 15.58 20.07 28.38
CA SER F 312 16.43 20.43 27.25
C SER F 312 15.79 20.30 25.87
N LYS F 313 14.57 19.78 25.81
CA LYS F 313 13.93 19.55 24.52
C LYS F 313 12.55 20.17 24.27
N LYS F 314 12.48 20.99 23.23
CA LYS F 314 11.21 21.63 22.85
C LYS F 314 10.11 20.63 22.51
N ILE F 315 10.50 19.47 21.96
CA ILE F 315 9.53 18.45 21.58
C ILE F 315 8.92 17.76 22.81
N ILE F 316 9.56 17.90 23.96
CA ILE F 316 9.01 17.29 25.18
C ILE F 316 8.13 18.35 25.83
N THR F 317 6.82 18.15 25.77
CA THR F 317 5.86 19.12 26.29
C THR F 317 5.15 18.81 27.61
N SER F 318 5.38 17.64 28.16
CA SER F 318 4.75 17.33 29.44
C SER F 318 5.72 16.42 30.16
N VAL F 319 5.57 16.33 31.47
CA VAL F 319 6.48 15.55 32.25
C VAL F 319 5.71 14.78 33.33
N GLU F 320 6.16 13.57 33.64
CA GLU F 320 5.51 12.74 34.66
C GLU F 320 6.48 11.94 35.53
N LEU F 321 7.26 12.64 36.33
CA LEU F 321 8.21 12.01 37.24
C LEU F 321 7.86 12.56 38.62
N THR F 322 7.13 11.76 39.40
CA THR F 322 6.70 12.21 40.72
C THR F 322 7.05 11.24 41.83
N GLY F 323 8.00 10.35 41.57
CA GLY F 323 8.40 9.40 42.59
C GLY F 323 8.89 10.06 43.87
N PRO F 324 9.79 11.07 43.78
CA PRO F 324 10.30 11.74 44.99
C PRO F 324 9.22 12.24 45.93
N LEU F 325 8.04 12.56 45.40
CA LEU F 325 6.99 13.04 46.28
C LEU F 325 5.92 12.00 46.62
N LYS F 326 6.27 10.73 46.45
CA LYS F 326 5.36 9.63 46.78
C LYS F 326 6.02 8.80 47.87
N PHE F 327 7.33 8.97 48.00
CA PHE F 327 8.12 8.26 48.99
C PHE F 327 8.17 9.03 50.32
N THR F 328 8.38 8.30 51.41
CA THR F 328 8.48 8.91 52.74
C THR F 328 9.97 9.13 53.04
N LYS F 329 10.83 8.54 52.22
CA LYS F 329 12.29 8.68 52.35
C LYS F 329 12.89 8.66 50.95
N ASP F 330 13.81 9.58 50.69
CA ASP F 330 14.46 9.67 49.38
C ASP F 330 15.96 9.72 49.63
N ILE F 331 16.76 9.13 48.75
CA ILE F 331 18.20 9.18 48.94
C ILE F 331 18.75 10.48 48.37
N GLY F 332 17.89 11.19 47.65
CA GLY F 332 18.30 12.45 47.04
C GLY F 332 17.37 13.57 47.47
N ASN F 333 17.66 14.79 47.03
CA ASN F 333 16.86 15.94 47.42
C ASN F 333 16.34 16.79 46.25
N LEU F 334 15.75 16.14 45.24
CA LEU F 334 15.22 16.90 44.12
C LEU F 334 14.06 17.72 44.66
N HIS F 335 14.12 19.04 44.46
CA HIS F 335 13.09 19.91 44.99
C HIS F 335 11.93 20.25 44.04
N TYR F 336 10.71 20.01 44.51
CA TYR F 336 9.52 20.32 43.73
C TYR F 336 8.81 21.54 44.30
N ASP F 337 8.48 22.49 43.43
CA ASP F 337 7.76 23.69 43.83
C ASP F 337 6.30 23.48 43.42
N VAL F 338 5.73 22.38 43.90
CA VAL F 338 4.35 22.01 43.56
C VAL F 338 3.45 23.24 43.48
N PRO F 339 2.63 23.33 42.42
CA PRO F 339 2.47 22.38 41.32
C PRO F 339 3.39 22.60 40.10
N PHE F 340 4.68 22.83 40.32
CA PHE F 340 5.62 23.02 39.22
C PHE F 340 6.96 22.38 39.54
N ILE F 341 7.79 22.15 38.52
CA ILE F 341 9.13 21.64 38.77
C ILE F 341 9.99 22.60 38.01
N ARG F 342 11.09 23.01 38.62
CA ARG F 342 12.04 23.89 37.98
C ARG F 342 13.35 23.26 38.37
N LEU F 343 14.31 23.21 37.45
CA LEU F 343 15.59 22.62 37.79
C LEU F 343 16.54 23.70 38.24
N ASN F 344 17.42 23.36 39.17
CA ASN F 344 18.40 24.34 39.63
C ASN F 344 19.51 24.40 38.59
N GLU F 345 20.58 25.11 38.93
CA GLU F 345 21.72 25.30 38.02
C GLU F 345 22.94 24.52 38.49
N LYS F 346 22.75 23.61 39.44
CA LYS F 346 23.87 22.85 39.98
C LYS F 346 24.44 21.86 38.99
N PRO F 347 25.74 21.55 39.12
CA PRO F 347 26.41 20.60 38.22
C PRO F 347 25.87 19.17 38.30
N GLY F 348 26.01 18.44 37.20
CA GLY F 348 25.53 17.07 37.13
C GLY F 348 24.02 17.03 37.33
N LEU F 349 23.55 16.09 38.12
CA LEU F 349 22.13 15.97 38.39
C LEU F 349 21.64 17.08 39.30
N GLY F 350 22.56 17.91 39.81
CA GLY F 350 22.20 19.00 40.69
C GLY F 350 21.53 18.53 41.97
N ILE F 351 21.90 17.33 42.40
CA ILE F 351 21.33 16.70 43.57
C ILE F 351 22.41 16.36 44.61
N GLU F 352 21.98 16.12 45.84
CA GLU F 352 22.88 15.72 46.92
C GLU F 352 22.36 14.39 47.44
N ILE F 353 23.25 13.42 47.59
CA ILE F 353 22.88 12.11 48.09
C ILE F 353 23.14 11.99 49.59
N ASN F 354 22.12 11.59 50.33
CA ASN F 354 22.26 11.41 51.76
C ASN F 354 22.78 9.99 52.01
N GLU F 355 24.09 9.86 52.19
CA GLU F 355 24.71 8.56 52.45
C GLU F 355 23.97 7.74 53.51
N ASP F 356 23.57 8.40 54.60
CA ASP F 356 22.89 7.70 55.68
C ASP F 356 21.58 7.10 55.22
N THR F 357 20.80 7.87 54.46
CA THR F 357 19.52 7.39 53.96
C THR F 357 19.75 6.22 52.99
N LEU F 358 20.76 6.36 52.13
CA LEU F 358 21.07 5.32 51.15
C LEU F 358 21.36 4.01 51.86
N GLN F 359 22.28 4.08 52.83
CA GLN F 359 22.69 2.92 53.58
C GLN F 359 21.57 2.25 54.37
N GLU F 360 20.65 3.03 54.95
CA GLU F 360 19.58 2.41 55.72
C GLU F 360 18.54 1.75 54.82
N LEU F 361 18.47 2.17 53.56
CA LEU F 361 17.52 1.61 52.63
C LEU F 361 18.09 0.42 51.86
N THR F 362 19.42 0.28 51.88
CA THR F 362 20.09 -0.82 51.20
C THR F 362 19.79 -2.20 51.82
N VAL F 363 19.34 -3.14 50.99
CA VAL F 363 19.04 -4.49 51.48
C VAL F 363 20.28 -5.36 51.28
N PHE F 364 21.02 -5.09 50.21
CA PHE F 364 22.26 -5.81 49.92
C PHE F 364 23.06 -5.00 48.92
N GLN F 365 24.37 -5.23 48.85
CA GLN F 365 25.21 -4.46 47.96
C GLN F 365 26.50 -5.18 47.59
N ASP F 366 27.25 -4.56 46.68
CA ASP F 366 28.52 -5.09 46.22
C ASP F 366 29.30 -3.98 45.57
N ILE F 367 30.59 -4.22 45.33
CA ILE F 367 31.45 -3.24 44.68
C ILE F 367 32.21 -3.98 43.58
N VAL F 368 32.39 -3.33 42.44
CA VAL F 368 33.11 -3.97 41.35
C VAL F 368 34.27 -3.10 40.92
N ARG F 369 35.45 -3.69 40.88
CA ARG F 369 36.66 -2.98 40.47
C ARG F 369 37.52 -3.86 39.55
N MET G 1 -40.26 -25.66 -20.07
CA MET G 1 -39.65 -27.02 -19.99
C MET G 1 -39.45 -27.39 -18.52
N LYS G 2 -39.51 -28.69 -18.21
CA LYS G 2 -39.34 -29.15 -16.83
C LYS G 2 -38.51 -30.43 -16.76
N ILE G 3 -37.65 -30.51 -15.75
CA ILE G 3 -36.84 -31.71 -15.56
C ILE G 3 -37.77 -32.73 -14.92
N THR G 4 -37.86 -33.91 -15.52
CA THR G 4 -38.73 -34.95 -15.00
C THR G 4 -37.98 -36.02 -14.23
N ALA G 5 -36.76 -36.29 -14.63
CA ALA G 5 -35.94 -37.30 -13.97
C ALA G 5 -34.46 -37.11 -14.26
N ILE G 6 -33.63 -37.63 -13.35
CA ILE G 6 -32.19 -37.55 -13.51
C ILE G 6 -31.58 -38.88 -13.14
N HIS G 7 -30.89 -39.50 -14.10
CA HIS G 7 -30.23 -40.78 -13.89
C HIS G 7 -28.79 -40.52 -13.50
N LEU G 8 -28.28 -41.27 -12.53
CA LEU G 8 -26.91 -41.12 -12.09
C LEU G 8 -26.17 -42.41 -12.32
N TYR G 9 -25.06 -42.33 -13.05
CA TYR G 9 -24.25 -43.51 -13.35
C TYR G 9 -22.84 -43.34 -12.82
N ALA G 10 -22.46 -44.19 -11.86
CA ALA G 10 -21.12 -44.13 -11.33
C ALA G 10 -20.32 -45.10 -12.18
N ILE G 11 -19.56 -44.58 -13.13
CA ILE G 11 -18.77 -45.42 -14.01
C ILE G 11 -17.27 -45.35 -13.78
N ARG G 12 -16.54 -46.15 -14.54
CA ARG G 12 -15.09 -46.17 -14.47
C ARG G 12 -14.53 -46.27 -15.88
N LEU G 13 -13.82 -45.23 -16.29
CA LEU G 13 -13.22 -45.17 -17.61
C LEU G 13 -11.82 -45.80 -17.58
N PRO G 14 -11.61 -46.89 -18.32
CA PRO G 14 -10.33 -47.59 -18.38
C PRO G 14 -9.23 -46.81 -19.11
N LEU G 15 -8.04 -46.77 -18.50
CA LEU G 15 -6.90 -46.05 -19.07
C LEU G 15 -5.88 -46.99 -19.72
N ARG G 16 -5.41 -46.61 -20.90
CA ARG G 16 -4.43 -47.39 -21.64
C ARG G 16 -3.15 -47.56 -20.80
N ASN G 17 -2.76 -46.51 -20.10
CA ASN G 17 -1.58 -46.53 -19.24
C ASN G 17 -1.81 -45.71 -17.97
N PRO G 18 -1.09 -46.03 -16.88
CA PRO G 18 -1.26 -45.29 -15.62
C PRO G 18 -0.90 -43.81 -15.78
N PHE G 19 -1.80 -42.93 -15.35
CA PHE G 19 -1.59 -41.48 -15.41
C PHE G 19 -0.86 -41.05 -14.12
N VAL G 20 0.37 -40.59 -14.25
CA VAL G 20 1.16 -40.18 -13.07
C VAL G 20 1.46 -38.69 -12.94
N ILE G 21 1.12 -38.14 -11.78
CA ILE G 21 1.36 -36.72 -11.48
C ILE G 21 2.01 -36.58 -10.11
N SER G 22 2.25 -35.34 -9.70
CA SER G 22 2.90 -35.04 -8.42
C SER G 22 2.28 -35.68 -7.17
N TYR G 23 0.97 -35.62 -7.03
CA TYR G 23 0.30 -36.16 -5.84
C TYR G 23 -0.49 -37.46 -6.01
N GLY G 24 -0.10 -38.30 -6.95
CA GLY G 24 -0.82 -39.56 -7.15
C GLY G 24 -0.70 -40.24 -8.50
N SER G 25 -1.02 -41.53 -8.53
CA SER G 25 -0.97 -42.34 -9.75
C SER G 25 -2.37 -42.90 -10.02
N TYR G 26 -2.79 -42.88 -11.29
CA TYR G 26 -4.12 -43.36 -11.68
C TYR G 26 -4.10 -44.49 -12.70
N SER G 27 -4.74 -45.61 -12.35
CA SER G 27 -4.80 -46.77 -13.24
C SER G 27 -6.03 -46.69 -14.13
N ASP G 28 -7.02 -45.91 -13.68
CA ASP G 28 -8.27 -45.69 -14.43
C ASP G 28 -8.90 -44.41 -13.90
N MET G 29 -10.09 -44.06 -14.36
CA MET G 29 -10.69 -42.82 -13.90
C MET G 29 -12.17 -42.90 -13.55
N PRO G 30 -12.49 -42.86 -12.26
CA PRO G 30 -13.87 -42.92 -11.78
C PRO G 30 -14.60 -41.66 -12.26
N SER G 31 -15.87 -41.80 -12.60
CA SER G 31 -16.62 -40.66 -13.08
C SER G 31 -18.11 -40.82 -12.82
N ILE G 32 -18.82 -39.71 -12.72
CA ILE G 32 -20.26 -39.75 -12.50
C ILE G 32 -20.89 -39.17 -13.75
N ILE G 33 -21.81 -39.92 -14.34
CA ILE G 33 -22.51 -39.46 -15.53
C ILE G 33 -23.96 -39.19 -15.19
N VAL G 34 -24.53 -38.13 -15.76
CA VAL G 34 -25.92 -37.82 -15.49
C VAL G 34 -26.71 -37.77 -16.78
N LYS G 35 -27.92 -38.33 -16.76
CA LYS G 35 -28.81 -38.27 -17.92
C LYS G 35 -30.01 -37.50 -17.39
N MET G 36 -30.28 -36.35 -18.00
CA MET G 36 -31.38 -35.51 -17.57
C MET G 36 -32.56 -35.60 -18.53
N GLU G 37 -33.71 -36.00 -18.01
CA GLU G 37 -34.93 -36.12 -18.81
C GLU G 37 -35.87 -34.94 -18.55
N THR G 38 -36.51 -34.48 -19.61
CA THR G 38 -37.43 -33.35 -19.54
C THR G 38 -38.83 -33.73 -20.00
N ASP G 39 -39.83 -32.94 -19.60
CA ASP G 39 -41.21 -33.21 -19.98
C ASP G 39 -41.38 -33.12 -21.50
N GLU G 40 -40.40 -32.54 -22.18
CA GLU G 40 -40.48 -32.41 -23.64
C GLU G 40 -39.76 -33.53 -24.36
N GLY G 41 -39.40 -34.59 -23.64
CA GLY G 41 -38.72 -35.72 -24.26
C GLY G 41 -37.26 -35.51 -24.62
N ILE G 42 -36.77 -34.28 -24.48
CA ILE G 42 -35.40 -33.96 -24.79
C ILE G 42 -34.50 -34.40 -23.63
N ILE G 43 -33.41 -35.09 -23.96
CA ILE G 43 -32.51 -35.56 -22.91
C ILE G 43 -31.08 -34.99 -23.04
N GLY G 44 -30.46 -34.73 -21.89
CA GLY G 44 -29.12 -34.18 -21.89
C GLY G 44 -28.17 -34.99 -21.03
N TYR G 45 -26.90 -35.02 -21.44
CA TYR G 45 -25.90 -35.74 -20.68
C TYR G 45 -24.89 -34.79 -20.04
N GLY G 46 -24.56 -35.09 -18.80
CA GLY G 46 -23.58 -34.29 -18.09
C GLY G 46 -22.58 -35.21 -17.44
N GLU G 47 -21.47 -34.66 -16.98
CA GLU G 47 -20.46 -35.49 -16.35
C GLU G 47 -19.74 -34.76 -15.24
N GLY G 48 -19.38 -35.53 -14.21
CA GLY G 48 -18.65 -34.99 -13.09
C GLY G 48 -17.53 -35.95 -12.75
N VAL G 49 -16.29 -35.50 -12.90
CA VAL G 49 -15.15 -36.34 -12.56
C VAL G 49 -14.43 -35.59 -11.45
N ALA G 50 -14.53 -36.16 -10.26
CA ALA G 50 -13.96 -35.57 -9.07
C ALA G 50 -12.49 -35.86 -8.82
N ASP G 51 -11.80 -34.85 -8.31
CA ASP G 51 -10.39 -34.98 -7.96
C ASP G 51 -10.31 -34.62 -6.47
N ASP G 52 -10.24 -35.64 -5.65
CA ASP G 52 -10.18 -35.48 -4.20
C ASP G 52 -9.13 -34.48 -3.76
N HIS G 53 -8.00 -34.46 -4.46
CA HIS G 53 -6.91 -33.58 -4.09
C HIS G 53 -7.06 -32.12 -4.47
N VAL G 54 -8.07 -31.79 -5.27
CA VAL G 54 -8.27 -30.42 -5.70
C VAL G 54 -9.50 -29.72 -5.16
N THR G 55 -10.66 -30.36 -5.27
CA THR G 55 -11.89 -29.75 -4.79
C THR G 55 -12.47 -30.46 -3.58
N GLY G 56 -11.80 -31.49 -3.11
CA GLY G 56 -12.29 -32.21 -1.95
C GLY G 56 -13.60 -32.94 -2.20
N GLU G 57 -13.81 -33.38 -3.43
CA GLU G 57 -15.00 -34.14 -3.80
C GLU G 57 -14.46 -35.48 -4.25
N SER G 58 -15.20 -36.55 -3.96
CA SER G 58 -14.77 -37.87 -4.37
C SER G 58 -15.83 -38.45 -5.29
N TRP G 59 -15.49 -39.58 -5.90
CA TRP G 59 -16.37 -40.28 -6.80
C TRP G 59 -17.69 -40.59 -6.12
N GLU G 60 -17.63 -41.32 -5.01
CA GLU G 60 -18.85 -41.66 -4.26
C GLU G 60 -19.54 -40.44 -3.65
N SER G 61 -18.77 -39.52 -3.07
CA SER G 61 -19.36 -38.33 -2.46
C SER G 61 -20.14 -37.52 -3.48
N THR G 62 -19.60 -37.39 -4.68
CA THR G 62 -20.27 -36.62 -5.74
C THR G 62 -21.58 -37.28 -6.15
N PHE G 63 -21.55 -38.60 -6.25
CA PHE G 63 -22.72 -39.37 -6.64
C PHE G 63 -23.84 -39.08 -5.64
N HIS G 64 -23.50 -39.16 -4.36
CA HIS G 64 -24.48 -38.93 -3.32
C HIS G 64 -24.97 -37.49 -3.12
N THR G 65 -24.08 -36.50 -3.26
CA THR G 65 -24.60 -35.14 -3.08
C THR G 65 -25.52 -34.85 -4.27
N LEU G 66 -25.28 -35.53 -5.39
CA LEU G 66 -26.14 -35.34 -6.56
C LEU G 66 -27.49 -36.02 -6.26
N LYS G 67 -27.42 -37.25 -5.79
CA LYS G 67 -28.61 -38.02 -5.47
C LYS G 67 -29.52 -37.50 -4.38
N HIS G 68 -28.95 -37.19 -3.22
CA HIS G 68 -29.74 -36.73 -2.10
C HIS G 68 -29.89 -35.23 -1.89
N THR G 69 -28.97 -34.44 -2.46
CA THR G 69 -29.01 -32.99 -2.26
C THR G 69 -29.40 -32.16 -3.46
N LEU G 70 -28.62 -32.27 -4.54
CA LEU G 70 -28.90 -31.47 -5.74
C LEU G 70 -30.08 -31.91 -6.61
N THR G 71 -30.12 -33.17 -7.05
CA THR G 71 -31.20 -33.59 -7.94
C THR G 71 -32.62 -33.44 -7.41
N PRO G 72 -32.86 -33.81 -6.14
CA PRO G 72 -34.23 -33.64 -5.67
C PRO G 72 -34.74 -32.20 -5.78
N ALA G 73 -33.85 -31.24 -5.56
CA ALA G 73 -34.24 -29.84 -5.66
C ALA G 73 -34.39 -29.35 -7.09
N LEU G 74 -33.89 -30.13 -8.05
CA LEU G 74 -33.95 -29.75 -9.46
C LEU G 74 -35.13 -30.31 -10.24
N ILE G 75 -35.77 -31.35 -9.71
CA ILE G 75 -36.93 -31.93 -10.38
C ILE G 75 -38.01 -30.85 -10.51
N GLY G 76 -38.57 -30.72 -11.72
CA GLY G 76 -39.61 -29.72 -11.94
C GLY G 76 -39.02 -28.38 -12.32
N GLN G 77 -37.70 -28.26 -12.22
CA GLN G 77 -37.02 -27.01 -12.55
C GLN G 77 -36.74 -26.95 -14.05
N ASN G 78 -36.65 -25.73 -14.59
CA ASN G 78 -36.41 -25.52 -16.02
C ASN G 78 -34.91 -25.43 -16.38
N PRO G 79 -34.41 -26.42 -17.15
CA PRO G 79 -33.00 -26.45 -17.56
C PRO G 79 -32.58 -25.37 -18.54
N MET G 80 -33.55 -24.66 -19.11
CA MET G 80 -33.26 -23.58 -20.06
C MET G 80 -32.76 -22.31 -19.34
N ASN G 81 -33.14 -22.16 -18.07
CA ASN G 81 -32.72 -21.00 -17.30
C ASN G 81 -31.48 -21.35 -16.49
N ILE G 82 -30.35 -21.34 -17.19
CA ILE G 82 -29.09 -21.70 -16.59
C ILE G 82 -28.73 -20.88 -15.34
N GLU G 83 -28.94 -19.57 -15.39
CA GLU G 83 -28.66 -18.68 -14.26
C GLU G 83 -29.51 -19.12 -13.05
N LYS G 84 -30.77 -19.46 -13.32
CA LYS G 84 -31.70 -19.89 -12.29
C LYS G 84 -31.27 -21.25 -11.71
N ILE G 85 -30.92 -22.18 -12.60
CA ILE G 85 -30.47 -23.52 -12.19
C ILE G 85 -29.31 -23.39 -11.22
N HIS G 86 -28.33 -22.56 -11.55
CA HIS G 86 -27.19 -22.36 -10.66
C HIS G 86 -27.56 -21.68 -9.36
N ASP G 87 -28.52 -20.77 -9.42
CA ASP G 87 -28.94 -20.07 -8.21
C ASP G 87 -29.55 -21.10 -7.26
N MET G 88 -30.37 -22.00 -7.79
CA MET G 88 -30.99 -23.04 -6.97
C MET G 88 -29.93 -23.91 -6.33
N MET G 89 -28.99 -24.42 -7.14
CA MET G 89 -27.93 -25.27 -6.62
C MET G 89 -27.09 -24.56 -5.54
N ASP G 90 -26.65 -23.34 -5.82
CA ASP G 90 -25.84 -22.60 -4.85
C ASP G 90 -26.60 -22.38 -3.54
N ASN G 91 -27.90 -22.13 -3.64
CA ASN G 91 -28.73 -21.92 -2.46
C ASN G 91 -28.89 -23.18 -1.65
N THR G 92 -28.97 -24.34 -2.30
CA THR G 92 -29.13 -25.58 -1.54
C THR G 92 -27.80 -26.06 -0.97
N ILE G 93 -26.70 -25.82 -1.68
CA ILE G 93 -25.40 -26.24 -1.17
C ILE G 93 -24.23 -25.41 -1.69
N TYR G 94 -23.28 -25.12 -0.82
CA TYR G 94 -22.11 -24.32 -1.15
C TYR G 94 -21.02 -25.20 -1.76
N GLY G 95 -20.24 -24.64 -2.68
CA GLY G 95 -19.15 -25.40 -3.30
C GLY G 95 -19.61 -26.58 -4.15
N VAL G 96 -18.98 -27.74 -3.94
CA VAL G 96 -19.32 -28.94 -4.68
C VAL G 96 -19.37 -28.61 -6.20
N PRO G 97 -18.30 -27.99 -6.72
CA PRO G 97 -18.29 -27.63 -8.14
C PRO G 97 -18.40 -28.82 -9.13
N THR G 98 -17.78 -29.95 -8.80
CA THR G 98 -17.84 -31.10 -9.70
C THR G 98 -19.26 -31.63 -9.84
N ALA G 99 -19.98 -31.73 -8.71
CA ALA G 99 -21.34 -32.20 -8.77
C ALA G 99 -22.20 -31.22 -9.58
N LYS G 100 -22.02 -29.94 -9.32
CA LYS G 100 -22.80 -28.92 -10.04
C LYS G 100 -22.46 -28.87 -11.52
N ALA G 101 -21.21 -29.18 -11.85
CA ALA G 101 -20.78 -29.18 -13.25
C ALA G 101 -21.52 -30.26 -14.03
N ALA G 102 -21.70 -31.42 -13.41
CA ALA G 102 -22.39 -32.53 -14.03
C ALA G 102 -23.79 -32.12 -14.44
N ILE G 103 -24.45 -31.34 -13.59
CA ILE G 103 -25.79 -30.88 -13.90
C ILE G 103 -25.79 -29.75 -14.92
N ASP G 104 -24.83 -28.84 -14.77
CA ASP G 104 -24.69 -27.71 -15.66
C ASP G 104 -24.55 -28.18 -17.12
N ILE G 105 -23.68 -29.15 -17.32
CA ILE G 105 -23.42 -29.68 -18.65
C ILE G 105 -24.65 -30.29 -19.30
N ALA G 106 -25.40 -31.10 -18.54
CA ALA G 106 -26.62 -31.73 -19.08
C ALA G 106 -27.63 -30.64 -19.48
N CYS G 107 -27.71 -29.57 -18.69
CA CYS G 107 -28.64 -28.49 -19.00
C CYS G 107 -28.27 -27.83 -20.34
N PHE G 108 -26.98 -27.62 -20.57
CA PHE G 108 -26.57 -27.00 -21.83
C PHE G 108 -26.78 -27.96 -23.00
N ASP G 109 -26.60 -29.25 -22.75
CA ASP G 109 -26.79 -30.26 -23.79
C ASP G 109 -28.24 -30.16 -24.22
N ILE G 110 -29.14 -30.18 -23.24
CA ILE G 110 -30.58 -30.08 -23.51
C ILE G 110 -30.90 -28.77 -24.21
N MET G 111 -30.27 -27.69 -23.75
CA MET G 111 -30.51 -26.38 -24.35
C MET G 111 -30.15 -26.38 -25.83
N GLY G 112 -28.97 -26.91 -26.15
CA GLY G 112 -28.52 -26.97 -27.53
C GLY G 112 -29.40 -27.85 -28.39
N LYS G 113 -29.77 -29.02 -27.87
CA LYS G 113 -30.61 -29.94 -28.62
C LYS G 113 -31.96 -29.27 -28.85
N LYS G 114 -32.49 -28.63 -27.82
CA LYS G 114 -33.77 -27.95 -27.92
C LYS G 114 -33.76 -26.88 -29.01
N LEU G 115 -32.67 -26.10 -29.08
CA LEU G 115 -32.59 -25.04 -30.09
C LEU G 115 -31.88 -25.54 -31.35
N ASN G 116 -31.64 -26.84 -31.40
CA ASN G 116 -30.96 -27.46 -32.53
C ASN G 116 -29.74 -26.61 -32.86
N GLN G 117 -28.85 -26.51 -31.89
CA GLN G 117 -27.67 -25.69 -32.06
C GLN G 117 -26.58 -26.22 -31.13
N PRO G 118 -25.30 -26.05 -31.52
CA PRO G 118 -24.23 -26.53 -30.64
C PRO G 118 -24.11 -25.62 -29.40
N VAL G 119 -23.61 -26.18 -28.31
CA VAL G 119 -23.48 -25.41 -27.08
C VAL G 119 -22.77 -24.07 -27.23
N TYR G 120 -21.63 -24.04 -27.91
CA TYR G 120 -20.90 -22.79 -28.06
C TYR G 120 -21.77 -21.66 -28.62
N GLN G 121 -22.81 -22.02 -29.34
CA GLN G 121 -23.68 -21.01 -29.91
C GLN G 121 -24.52 -20.35 -28.81
N LEU G 122 -24.69 -21.04 -27.68
CA LEU G 122 -25.48 -20.47 -26.58
C LEU G 122 -24.63 -19.63 -25.62
N ILE G 123 -23.33 -19.64 -25.81
CA ILE G 123 -22.47 -18.87 -24.91
C ILE G 123 -21.53 -17.91 -25.61
N GLY G 124 -21.94 -17.35 -26.73
CA GLY G 124 -21.07 -16.41 -27.43
C GLY G 124 -20.82 -16.69 -28.89
N GLY G 125 -21.23 -17.88 -29.35
CA GLY G 125 -21.03 -18.23 -30.75
C GLY G 125 -19.67 -18.86 -30.96
N ARG G 126 -19.33 -19.20 -32.20
CA ARG G 126 -18.03 -19.79 -32.48
C ARG G 126 -16.99 -18.72 -32.71
N TYR G 127 -15.87 -18.82 -32.04
CA TYR G 127 -14.82 -17.85 -32.25
C TYR G 127 -13.59 -18.50 -32.87
N HIS G 128 -13.24 -19.68 -32.35
CA HIS G 128 -12.08 -20.42 -32.85
C HIS G 128 -12.49 -21.46 -33.89
N GLU G 129 -11.56 -21.76 -34.78
CA GLU G 129 -11.80 -22.78 -35.81
C GLU G 129 -11.24 -24.10 -35.29
N GLU G 130 -10.07 -24.02 -34.67
CA GLU G 130 -9.40 -25.21 -34.14
C GLU G 130 -8.35 -24.77 -33.11
N PHE G 131 -7.85 -25.74 -32.34
CA PHE G 131 -6.80 -25.49 -31.35
C PHE G 131 -5.79 -26.60 -31.53
N PRO G 132 -4.50 -26.32 -31.32
CA PRO G 132 -3.54 -27.42 -31.46
C PRO G 132 -3.69 -28.25 -30.19
N VAL G 133 -3.33 -29.52 -30.23
CA VAL G 133 -3.44 -30.37 -29.05
C VAL G 133 -2.03 -30.59 -28.52
N THR G 134 -1.84 -30.46 -27.21
CA THR G 134 -0.49 -30.69 -26.69
C THR G 134 -0.48 -32.01 -25.93
N HIS G 135 0.60 -32.77 -26.08
CA HIS G 135 0.71 -34.06 -25.43
C HIS G 135 1.29 -34.01 -24.02
N VAL G 136 0.53 -34.48 -23.04
CA VAL G 136 0.98 -34.48 -21.65
C VAL G 136 1.77 -35.73 -21.32
N LEU G 137 3.02 -35.54 -20.89
CA LEU G 137 3.91 -36.64 -20.51
C LEU G 137 3.88 -36.83 -19.00
N SER G 138 3.35 -37.97 -18.55
CA SER G 138 3.26 -38.28 -17.12
C SER G 138 4.63 -38.39 -16.47
N ILE G 139 4.68 -38.13 -15.16
CA ILE G 139 5.95 -38.20 -14.41
C ILE G 139 6.67 -39.54 -14.62
N ALA G 140 7.85 -39.45 -15.22
CA ALA G 140 8.67 -40.63 -15.48
C ALA G 140 10.13 -40.23 -15.32
N ASP G 141 11.03 -41.15 -15.64
CA ASP G 141 12.46 -40.89 -15.54
C ASP G 141 12.91 -40.00 -16.70
N PRO G 142 13.97 -39.20 -16.47
CA PRO G 142 14.55 -38.28 -17.45
C PRO G 142 14.62 -38.79 -18.89
N GLU G 143 14.93 -40.06 -19.07
CA GLU G 143 15.00 -40.57 -20.43
C GLU G 143 13.70 -41.21 -20.90
N ASN G 144 12.88 -41.63 -19.94
CA ASN G 144 11.60 -42.25 -20.25
C ASN G 144 10.62 -41.18 -20.74
N MET G 145 10.85 -39.95 -20.29
CA MET G 145 10.01 -38.83 -20.70
C MET G 145 10.55 -38.25 -22.02
N ALA G 146 11.87 -38.17 -22.12
CA ALA G 146 12.51 -37.66 -23.32
C ALA G 146 12.12 -38.53 -24.49
N GLU G 147 11.94 -39.83 -24.20
CA GLU G 147 11.57 -40.81 -25.20
C GLU G 147 10.10 -40.72 -25.63
N GLU G 148 9.19 -40.73 -24.65
CA GLU G 148 7.76 -40.66 -24.96
C GLU G 148 7.44 -39.45 -25.83
N ALA G 149 8.27 -38.42 -25.73
CA ALA G 149 8.09 -37.21 -26.52
C ALA G 149 8.62 -37.43 -27.93
N ALA G 150 9.69 -38.20 -28.03
CA ALA G 150 10.28 -38.49 -29.32
C ALA G 150 9.26 -39.18 -30.21
N SER G 151 8.46 -40.05 -29.60
CA SER G 151 7.43 -40.82 -30.30
C SER G 151 6.31 -39.91 -30.83
N MET G 152 5.62 -39.23 -29.92
CA MET G 152 4.53 -38.33 -30.30
C MET G 152 5.00 -37.28 -31.30
N ILE G 153 6.28 -36.94 -31.26
CA ILE G 153 6.83 -35.95 -32.19
C ILE G 153 6.52 -36.34 -33.63
N GLN G 154 6.77 -37.62 -33.94
CA GLN G 154 6.53 -38.15 -35.28
C GLN G 154 5.08 -38.60 -35.47
N LYS G 155 4.16 -37.73 -35.08
CA LYS G 155 2.74 -38.01 -35.19
C LYS G 155 2.02 -36.67 -35.33
N GLY G 156 2.81 -35.62 -35.55
CA GLY G 156 2.27 -34.28 -35.73
C GLY G 156 2.40 -33.32 -34.55
N TYR G 157 2.42 -33.86 -33.33
CA TYR G 157 2.51 -33.04 -32.14
C TYR G 157 3.55 -31.94 -32.19
N GLN G 158 3.12 -30.72 -31.88
CA GLN G 158 3.98 -29.53 -31.91
C GLN G 158 4.33 -29.00 -30.52
N SER G 159 3.58 -29.40 -29.49
CA SER G 159 3.87 -28.94 -28.13
C SER G 159 3.58 -29.99 -27.07
N PHE G 160 4.37 -29.98 -26.00
CA PHE G 160 4.22 -30.94 -24.91
C PHE G 160 4.14 -30.28 -23.55
N LYS G 161 3.59 -31.03 -22.59
CA LYS G 161 3.45 -30.57 -21.22
C LYS G 161 4.10 -31.62 -20.35
N MET G 162 5.15 -31.23 -19.64
CA MET G 162 5.83 -32.16 -18.75
C MET G 162 5.31 -32.05 -17.32
N LYS G 163 4.84 -33.17 -16.79
CA LYS G 163 4.35 -33.22 -15.42
C LYS G 163 5.60 -33.47 -14.58
N VAL G 164 5.90 -32.56 -13.64
CA VAL G 164 7.06 -32.75 -12.77
C VAL G 164 6.62 -32.49 -11.33
N GLY G 165 7.59 -32.31 -10.44
CA GLY G 165 7.26 -32.02 -9.05
C GLY G 165 7.54 -33.06 -7.98
N THR G 166 8.51 -33.94 -8.19
CA THR G 166 8.82 -34.94 -7.17
C THR G 166 10.04 -34.43 -6.41
N ASN G 167 10.99 -33.89 -7.16
CA ASN G 167 12.21 -33.35 -6.58
C ASN G 167 12.86 -32.36 -7.56
N VAL G 168 12.93 -31.10 -7.14
CA VAL G 168 13.52 -30.04 -7.96
C VAL G 168 14.76 -30.46 -8.75
N LYS G 169 15.73 -31.05 -8.07
CA LYS G 169 16.96 -31.47 -8.73
C LYS G 169 16.69 -32.52 -9.80
N GLU G 170 15.64 -33.31 -9.59
CA GLU G 170 15.28 -34.37 -10.53
C GLU G 170 14.38 -33.84 -11.65
N ASP G 171 13.36 -33.08 -11.28
CA ASP G 171 12.43 -32.52 -12.25
C ASP G 171 13.22 -31.76 -13.32
N VAL G 172 14.21 -30.98 -12.88
CA VAL G 172 15.03 -30.22 -13.81
C VAL G 172 15.74 -31.18 -14.74
N LYS G 173 16.26 -32.26 -14.15
CA LYS G 173 16.98 -33.30 -14.86
C LYS G 173 16.16 -33.79 -16.07
N ARG G 174 14.86 -33.94 -15.87
CA ARG G 174 13.96 -34.39 -16.93
C ARG G 174 13.71 -33.35 -18.02
N ILE G 175 13.68 -32.07 -17.65
CA ILE G 175 13.40 -31.01 -18.62
C ILE G 175 14.39 -30.88 -19.77
N GLU G 176 15.65 -30.52 -19.50
CA GLU G 176 16.61 -30.38 -20.60
C GLU G 176 16.72 -31.70 -21.32
N ALA G 177 16.39 -32.78 -20.61
CA ALA G 177 16.42 -34.11 -21.19
C ALA G 177 15.53 -34.12 -22.44
N VAL G 178 14.25 -33.78 -22.27
CA VAL G 178 13.32 -33.76 -23.41
C VAL G 178 13.54 -32.56 -24.31
N ARG G 179 13.97 -31.43 -23.74
CA ARG G 179 14.21 -30.25 -24.54
C ARG G 179 15.29 -30.55 -25.57
N GLU G 180 16.38 -31.16 -25.08
CA GLU G 180 17.51 -31.51 -25.94
C GLU G 180 17.03 -32.54 -26.97
N ARG G 181 16.27 -33.52 -26.48
CA ARG G 181 15.72 -34.60 -27.29
C ARG G 181 14.80 -34.16 -28.44
N VAL G 182 14.09 -33.04 -28.27
CA VAL G 182 13.15 -32.56 -29.30
C VAL G 182 13.52 -31.29 -30.05
N GLY G 183 14.75 -30.81 -29.86
CA GLY G 183 15.15 -29.60 -30.56
C GLY G 183 14.63 -28.34 -29.91
N ASN G 184 14.70 -27.22 -30.63
CA ASN G 184 14.25 -25.94 -30.08
C ASN G 184 13.12 -25.28 -30.85
N ASP G 185 12.23 -26.09 -31.42
CA ASP G 185 11.09 -25.57 -32.16
C ASP G 185 9.80 -26.15 -31.60
N ILE G 186 9.97 -27.17 -30.77
CA ILE G 186 8.86 -27.85 -30.13
C ILE G 186 8.53 -27.10 -28.84
N ALA G 187 7.30 -26.63 -28.72
CA ALA G 187 6.87 -25.90 -27.52
C ALA G 187 6.83 -26.82 -26.30
N ILE G 188 7.29 -26.31 -25.17
CA ILE G 188 7.30 -27.09 -23.94
C ILE G 188 6.79 -26.27 -22.76
N ARG G 189 5.80 -26.81 -22.04
CA ARG G 189 5.23 -26.17 -20.87
C ARG G 189 5.36 -27.17 -19.73
N VAL G 190 5.64 -26.69 -18.52
CA VAL G 190 5.79 -27.59 -17.38
C VAL G 190 4.79 -27.33 -16.27
N ASP G 191 4.21 -28.42 -15.77
CA ASP G 191 3.24 -28.37 -14.70
C ASP G 191 3.81 -29.15 -13.51
N VAL G 192 3.96 -28.49 -12.37
CA VAL G 192 4.51 -29.16 -11.22
C VAL G 192 3.49 -29.60 -10.18
N ASN G 193 2.22 -29.34 -10.47
CA ASN G 193 1.14 -29.72 -9.57
C ASN G 193 1.49 -29.52 -8.09
N GLN G 194 1.86 -28.29 -7.74
CA GLN G 194 2.19 -27.90 -6.36
C GLN G 194 3.48 -28.50 -5.81
N GLY G 195 4.12 -29.36 -6.58
CA GLY G 195 5.34 -30.02 -6.15
C GLY G 195 6.46 -29.23 -5.47
N TRP G 196 6.70 -27.98 -5.87
CA TRP G 196 7.78 -27.23 -5.23
C TRP G 196 7.36 -26.55 -3.92
N LYS G 197 6.07 -26.65 -3.59
CA LYS G 197 5.51 -26.11 -2.36
C LYS G 197 5.54 -24.60 -2.10
N ASN G 198 6.72 -24.00 -2.09
CA ASN G 198 6.87 -22.58 -1.81
C ASN G 198 7.71 -21.81 -2.84
N SER G 199 7.80 -20.50 -2.64
CA SER G 199 8.53 -19.65 -3.55
C SER G 199 10.05 -19.83 -3.52
N ALA G 200 10.60 -20.21 -2.37
CA ALA G 200 12.04 -20.39 -2.30
C ALA G 200 12.45 -21.52 -3.23
N ASN G 201 11.85 -22.70 -3.06
CA ASN G 201 12.18 -23.84 -3.92
C ASN G 201 11.92 -23.50 -5.39
N THR G 202 10.78 -22.89 -5.65
CA THR G 202 10.39 -22.51 -7.00
C THR G 202 11.41 -21.59 -7.67
N LEU G 203 11.77 -20.51 -7.00
CA LEU G 203 12.73 -19.57 -7.57
C LEU G 203 14.08 -20.22 -7.81
N THR G 204 14.45 -21.17 -6.95
CA THR G 204 15.72 -21.87 -7.13
C THR G 204 15.61 -22.71 -8.40
N ALA G 205 14.51 -23.43 -8.55
CA ALA G 205 14.30 -24.26 -9.73
C ALA G 205 14.33 -23.42 -11.00
N LEU G 206 13.62 -22.31 -10.99
CA LEU G 206 13.52 -21.43 -12.15
C LEU G 206 14.84 -20.88 -12.69
N ARG G 207 15.81 -20.62 -11.81
CA ARG G 207 17.07 -20.09 -12.29
C ARG G 207 17.79 -21.14 -13.15
N SER G 208 17.47 -22.41 -12.93
CA SER G 208 18.08 -23.50 -13.68
C SER G 208 17.26 -23.85 -14.93
N LEU G 209 16.23 -23.05 -15.21
CA LEU G 209 15.38 -23.32 -16.38
C LEU G 209 15.25 -22.13 -17.33
N GLY G 210 16.05 -21.10 -17.13
CA GLY G 210 15.95 -19.93 -17.99
C GLY G 210 16.39 -20.13 -19.42
N HIS G 211 17.36 -21.02 -19.63
CA HIS G 211 17.88 -21.29 -20.95
C HIS G 211 17.09 -22.32 -21.77
N LEU G 212 16.21 -23.07 -21.12
CA LEU G 212 15.44 -24.10 -21.80
C LEU G 212 14.21 -23.61 -22.57
N ASN G 213 13.93 -22.31 -22.50
CA ASN G 213 12.81 -21.74 -23.24
C ASN G 213 11.43 -22.38 -22.95
N ILE G 214 11.02 -22.40 -21.69
CA ILE G 214 9.73 -22.97 -21.32
C ILE G 214 8.62 -21.94 -21.53
N ASP G 215 7.51 -22.36 -22.14
CA ASP G 215 6.38 -21.46 -22.38
C ASP G 215 5.84 -20.90 -21.08
N TRP G 216 5.67 -21.76 -20.08
CA TRP G 216 5.18 -21.32 -18.79
C TRP G 216 5.24 -22.40 -17.70
N ILE G 217 5.32 -21.96 -16.44
CA ILE G 217 5.37 -22.87 -15.30
C ILE G 217 3.98 -22.86 -14.69
N GLU G 218 3.43 -24.04 -14.49
CA GLU G 218 2.10 -24.20 -13.96
C GLU G 218 2.08 -24.64 -12.49
N GLN G 219 1.29 -23.91 -11.70
CA GLN G 219 1.10 -24.18 -10.28
C GLN G 219 2.30 -24.80 -9.57
N PRO G 220 3.36 -24.00 -9.35
CA PRO G 220 4.54 -24.57 -8.67
C PRO G 220 4.39 -24.74 -7.15
N VAL G 221 3.55 -23.91 -6.53
CA VAL G 221 3.36 -23.97 -5.08
C VAL G 221 2.01 -24.56 -4.66
N ILE G 222 1.81 -24.76 -3.36
CA ILE G 222 0.55 -25.29 -2.86
C ILE G 222 -0.60 -24.38 -3.27
N ALA G 223 -1.69 -25.01 -3.66
CA ALA G 223 -2.88 -24.32 -4.12
C ALA G 223 -3.30 -23.08 -3.34
N ASP G 224 -3.44 -23.22 -2.03
CA ASP G 224 -3.89 -22.09 -1.22
C ASP G 224 -2.98 -20.87 -1.17
N ASP G 225 -1.72 -21.02 -1.56
CA ASP G 225 -0.82 -19.89 -1.48
C ASP G 225 -0.74 -19.01 -2.72
N ILE G 226 -1.72 -18.12 -2.86
CA ILE G 226 -1.74 -17.21 -3.98
C ILE G 226 -0.65 -16.16 -3.75
N ASP G 227 -0.43 -15.83 -2.49
CA ASP G 227 0.60 -14.84 -2.14
C ASP G 227 1.96 -15.29 -2.65
N ALA G 228 2.28 -16.57 -2.45
CA ALA G 228 3.56 -17.08 -2.90
C ALA G 228 3.67 -16.92 -4.42
N MET G 229 2.55 -17.15 -5.11
CA MET G 229 2.52 -17.04 -6.56
C MET G 229 2.88 -15.61 -6.99
N ALA G 230 2.30 -14.62 -6.32
CA ALA G 230 2.57 -13.21 -6.64
C ALA G 230 4.03 -12.88 -6.33
N HIS G 231 4.55 -13.45 -5.25
CA HIS G 231 5.93 -13.18 -4.89
C HIS G 231 6.85 -13.75 -5.96
N ILE G 232 6.54 -14.96 -6.42
CA ILE G 232 7.34 -15.58 -7.45
C ILE G 232 7.30 -14.71 -8.70
N ARG G 233 6.10 -14.31 -9.11
CA ARG G 233 5.93 -13.50 -10.30
C ARG G 233 6.71 -12.18 -10.23
N SER G 234 6.92 -11.68 -9.02
CA SER G 234 7.65 -10.43 -8.87
C SER G 234 9.15 -10.60 -9.12
N LYS G 235 9.66 -11.84 -9.05
CA LYS G 235 11.08 -12.09 -9.24
C LYS G 235 11.48 -13.02 -10.38
N THR G 236 10.59 -13.22 -11.35
CA THR G 236 10.92 -14.08 -12.48
C THR G 236 10.31 -13.56 -13.77
N ASP G 237 10.92 -13.87 -14.90
CA ASP G 237 10.36 -13.43 -16.18
C ASP G 237 9.70 -14.58 -16.92
N LEU G 238 9.59 -15.73 -16.27
CA LEU G 238 8.92 -16.89 -16.86
C LEU G 238 7.42 -16.72 -16.63
N PRO G 239 6.61 -16.92 -17.67
CA PRO G 239 5.16 -16.77 -17.50
C PRO G 239 4.67 -17.77 -16.45
N LEU G 240 3.74 -17.35 -15.61
CA LEU G 240 3.21 -18.25 -14.59
C LEU G 240 1.72 -18.52 -14.79
N MET G 241 1.33 -19.78 -14.58
CA MET G 241 -0.06 -20.17 -14.70
C MET G 241 -0.53 -20.76 -13.40
N ILE G 242 -1.73 -20.37 -12.97
CA ILE G 242 -2.30 -20.91 -11.75
C ILE G 242 -3.38 -21.93 -12.14
N ASP G 243 -3.35 -23.10 -11.51
CA ASP G 243 -4.32 -24.14 -11.76
C ASP G 243 -5.10 -24.45 -10.48
N GLU G 244 -4.59 -25.37 -9.67
CA GLU G 244 -5.28 -25.73 -8.43
C GLU G 244 -5.57 -24.51 -7.55
N GLY G 245 -4.79 -23.45 -7.72
CA GLY G 245 -5.02 -22.26 -6.93
C GLY G 245 -6.26 -21.50 -7.35
N LEU G 246 -6.84 -21.88 -8.49
CA LEU G 246 -8.03 -21.24 -9.01
C LEU G 246 -9.19 -22.20 -9.16
N LYS G 247 -10.31 -21.91 -8.51
CA LYS G 247 -11.46 -22.78 -8.63
C LYS G 247 -12.66 -21.96 -9.08
N SER G 248 -13.06 -21.00 -8.24
CA SER G 248 -14.19 -20.13 -8.53
C SER G 248 -13.75 -18.66 -8.58
N SER G 249 -14.71 -17.77 -8.82
CA SER G 249 -14.44 -16.34 -8.88
C SER G 249 -13.79 -15.84 -7.58
N ARG G 250 -13.98 -16.59 -6.51
CA ARG G 250 -13.40 -16.21 -5.22
C ARG G 250 -11.89 -16.08 -5.32
N GLU G 251 -11.21 -17.06 -5.92
CA GLU G 251 -9.78 -16.93 -6.04
C GLU G 251 -9.41 -16.07 -7.24
N MET G 252 -10.26 -16.03 -8.25
CA MET G 252 -9.99 -15.20 -9.42
C MET G 252 -9.84 -13.76 -8.92
N ARG G 253 -10.73 -13.36 -8.02
CA ARG G 253 -10.66 -12.00 -7.49
C ARG G 253 -9.32 -11.72 -6.83
N GLN G 254 -8.86 -12.69 -6.04
CA GLN G 254 -7.60 -12.58 -5.35
C GLN G 254 -6.44 -12.54 -6.32
N ILE G 255 -6.47 -13.39 -7.34
CA ILE G 255 -5.42 -13.44 -8.35
C ILE G 255 -5.27 -12.09 -9.06
N ILE G 256 -6.39 -11.46 -9.37
CA ILE G 256 -6.37 -10.16 -10.05
C ILE G 256 -5.84 -9.07 -9.13
N LYS G 257 -6.31 -9.08 -7.88
CA LYS G 257 -5.91 -8.09 -6.89
C LYS G 257 -4.42 -8.11 -6.59
N LEU G 258 -3.87 -9.32 -6.44
CA LEU G 258 -2.46 -9.48 -6.12
C LEU G 258 -1.57 -9.63 -7.34
N GLU G 259 -2.15 -9.68 -8.53
CA GLU G 259 -1.37 -9.84 -9.77
C GLU G 259 -0.52 -11.10 -9.62
N ALA G 260 -1.18 -12.19 -9.25
CA ALA G 260 -0.48 -13.44 -9.00
C ALA G 260 -0.19 -14.31 -10.21
N ALA G 261 -0.73 -13.98 -11.38
CA ALA G 261 -0.51 -14.86 -12.51
C ALA G 261 -0.62 -14.25 -13.89
N ASP G 262 0.05 -14.90 -14.84
CA ASP G 262 0.01 -14.46 -16.24
C ASP G 262 -1.14 -15.14 -16.93
N LYS G 263 -1.47 -16.34 -16.44
CA LYS G 263 -2.57 -17.10 -17.01
C LYS G 263 -3.19 -18.05 -16.01
N VAL G 264 -4.44 -18.43 -16.28
CA VAL G 264 -5.15 -19.34 -15.42
C VAL G 264 -5.64 -20.55 -16.17
N ASN G 265 -5.77 -21.65 -15.46
CA ASN G 265 -6.24 -22.90 -16.04
C ASN G 265 -7.66 -23.13 -15.50
N ILE G 266 -8.66 -22.84 -16.32
CA ILE G 266 -10.05 -23.02 -15.92
C ILE G 266 -10.48 -24.46 -16.21
N LYS G 267 -11.15 -25.07 -15.24
CA LYS G 267 -11.65 -26.43 -15.40
C LYS G 267 -13.10 -26.47 -14.93
N LEU G 268 -13.99 -26.95 -15.79
CA LEU G 268 -15.40 -27.01 -15.44
C LEU G 268 -15.62 -27.70 -14.10
N MET G 269 -14.83 -28.72 -13.80
CA MET G 269 -14.95 -29.43 -12.55
C MET G 269 -14.55 -28.61 -11.30
N LYS G 270 -13.79 -27.52 -11.50
CA LYS G 270 -13.38 -26.70 -10.38
C LYS G 270 -14.33 -25.55 -10.10
N CYS G 271 -15.04 -25.10 -11.12
CA CYS G 271 -15.96 -23.97 -10.96
C CYS G 271 -17.46 -24.28 -11.04
N GLY G 272 -17.81 -25.48 -11.47
CA GLY G 272 -19.22 -25.80 -11.54
C GLY G 272 -19.83 -25.81 -12.93
N GLY G 273 -19.02 -26.05 -13.95
CA GLY G 273 -19.57 -26.13 -15.28
C GLY G 273 -19.33 -25.00 -16.27
N ILE G 274 -20.02 -25.13 -17.40
CA ILE G 274 -19.95 -24.18 -18.50
C ILE G 274 -20.25 -22.73 -18.12
N TYR G 275 -21.39 -22.50 -17.46
CA TYR G 275 -21.77 -21.13 -17.11
C TYR G 275 -20.74 -20.45 -16.21
N PRO G 276 -20.33 -21.10 -15.11
CA PRO G 276 -19.34 -20.48 -14.22
C PRO G 276 -17.99 -20.28 -14.95
N ALA G 277 -17.66 -21.20 -15.84
CA ALA G 277 -16.40 -21.10 -16.59
C ALA G 277 -16.41 -19.88 -17.49
N VAL G 278 -17.55 -19.60 -18.11
CA VAL G 278 -17.68 -18.44 -18.98
C VAL G 278 -17.48 -17.18 -18.13
N LYS G 279 -18.04 -17.18 -16.92
CA LYS G 279 -17.92 -16.02 -16.04
C LYS G 279 -16.43 -15.78 -15.68
N LEU G 280 -15.70 -16.86 -15.43
CA LEU G 280 -14.28 -16.75 -15.12
C LEU G 280 -13.51 -16.15 -16.29
N ALA G 281 -13.84 -16.58 -17.50
CA ALA G 281 -13.18 -16.08 -18.70
C ALA G 281 -13.41 -14.58 -18.83
N HIS G 282 -14.63 -14.14 -18.53
CA HIS G 282 -14.94 -12.73 -18.61
C HIS G 282 -14.19 -11.94 -17.56
N GLN G 283 -14.04 -12.54 -16.38
CA GLN G 283 -13.33 -11.88 -15.30
C GLN G 283 -11.85 -11.78 -15.63
N ALA G 284 -11.26 -12.89 -16.06
CA ALA G 284 -9.84 -12.90 -16.42
C ALA G 284 -9.56 -11.88 -17.52
N GLU G 285 -10.52 -11.73 -18.44
CA GLU G 285 -10.36 -10.79 -19.54
C GLU G 285 -10.19 -9.36 -19.07
N MET G 286 -10.93 -8.99 -18.03
CA MET G 286 -10.85 -7.63 -17.52
C MET G 286 -9.45 -7.27 -17.04
N ALA G 287 -8.68 -8.27 -16.59
CA ALA G 287 -7.33 -8.02 -16.10
C ALA G 287 -6.24 -8.41 -17.10
N GLY G 288 -6.67 -8.83 -18.30
CA GLY G 288 -5.71 -9.21 -19.32
C GLY G 288 -4.97 -10.49 -18.96
N ILE G 289 -5.66 -11.38 -18.25
CA ILE G 289 -5.06 -12.65 -17.85
C ILE G 289 -5.51 -13.68 -18.90
N GLU G 290 -4.55 -14.31 -19.56
CA GLU G 290 -4.89 -15.31 -20.57
C GLU G 290 -5.44 -16.57 -19.90
N CYS G 291 -6.41 -17.19 -20.56
CA CYS G 291 -7.03 -18.39 -20.03
C CYS G 291 -6.80 -19.64 -20.85
N GLN G 292 -6.87 -20.76 -20.15
CA GLN G 292 -6.74 -22.06 -20.76
C GLN G 292 -7.86 -22.90 -20.17
N VAL G 293 -8.45 -23.78 -20.97
CA VAL G 293 -9.47 -24.66 -20.45
C VAL G 293 -8.79 -26.02 -20.39
N GLY G 294 -8.53 -26.47 -19.18
CA GLY G 294 -7.91 -27.76 -18.99
C GLY G 294 -8.98 -28.70 -18.47
N SER G 295 -8.60 -29.74 -17.75
CA SER G 295 -9.60 -30.67 -17.24
C SER G 295 -8.99 -31.77 -16.40
N MET G 296 -9.86 -32.60 -15.84
CA MET G 296 -9.43 -33.76 -15.08
C MET G 296 -9.50 -34.77 -16.22
N VAL G 297 -9.02 -35.99 -16.03
CA VAL G 297 -9.11 -36.91 -17.17
C VAL G 297 -10.60 -37.25 -17.33
N GLU G 298 -11.23 -36.64 -18.34
CA GLU G 298 -12.67 -36.80 -18.56
C GLU G 298 -13.12 -37.49 -19.86
N SER G 299 -14.33 -38.05 -19.84
CA SER G 299 -14.88 -38.71 -21.02
C SER G 299 -15.28 -37.65 -22.03
N SER G 300 -15.79 -38.09 -23.16
CA SER G 300 -16.21 -37.19 -24.23
C SER G 300 -17.24 -36.16 -23.76
N VAL G 301 -18.08 -36.55 -22.81
CA VAL G 301 -19.11 -35.65 -22.30
C VAL G 301 -18.58 -34.34 -21.70
N ALA G 302 -17.77 -34.42 -20.66
CA ALA G 302 -17.23 -33.21 -20.04
C ALA G 302 -16.20 -32.55 -20.96
N SER G 303 -15.44 -33.38 -21.65
CA SER G 303 -14.43 -32.89 -22.58
C SER G 303 -15.02 -31.98 -23.64
N SER G 304 -16.12 -32.40 -24.27
CA SER G 304 -16.71 -31.52 -25.28
C SER G 304 -17.24 -30.27 -24.61
N ALA G 305 -17.83 -30.43 -23.42
CA ALA G 305 -18.34 -29.28 -22.69
C ALA G 305 -17.21 -28.26 -22.54
N GLY G 306 -16.03 -28.74 -22.16
CA GLY G 306 -14.90 -27.85 -22.02
C GLY G 306 -14.51 -27.16 -23.32
N PHE G 307 -14.51 -27.91 -24.42
CA PHE G 307 -14.15 -27.38 -25.72
C PHE G 307 -15.14 -26.33 -26.19
N HIS G 308 -16.42 -26.53 -25.89
CA HIS G 308 -17.43 -25.55 -26.29
C HIS G 308 -17.16 -24.20 -25.64
N VAL G 309 -16.72 -24.22 -24.38
CA VAL G 309 -16.39 -22.99 -23.71
C VAL G 309 -15.16 -22.39 -24.40
N ALA G 310 -14.14 -23.21 -24.60
CA ALA G 310 -12.89 -22.77 -25.23
C ALA G 310 -13.09 -22.16 -26.61
N PHE G 311 -13.83 -22.87 -27.47
CA PHE G 311 -14.09 -22.41 -28.83
C PHE G 311 -14.90 -21.12 -28.94
N SER G 312 -15.59 -20.75 -27.87
CA SER G 312 -16.40 -19.53 -27.91
C SER G 312 -15.73 -18.28 -27.36
N LYS G 313 -14.52 -18.41 -26.83
CA LYS G 313 -13.86 -17.27 -26.22
C LYS G 313 -12.47 -16.89 -26.69
N LYS G 314 -12.32 -15.66 -27.17
CA LYS G 314 -11.04 -15.16 -27.64
C LYS G 314 -9.97 -15.17 -26.55
N ILE G 315 -10.37 -14.95 -25.30
CA ILE G 315 -9.43 -14.93 -24.18
C ILE G 315 -8.87 -16.32 -23.87
N ILE G 316 -9.54 -17.37 -24.35
CA ILE G 316 -9.05 -18.72 -24.12
C ILE G 316 -8.14 -19.07 -25.31
N THR G 317 -6.83 -19.12 -25.05
CA THR G 317 -5.86 -19.36 -26.11
C THR G 317 -5.19 -20.73 -26.18
N SER G 318 -5.49 -21.61 -25.24
CA SER G 318 -4.91 -22.94 -25.29
C SER G 318 -5.92 -23.86 -24.65
N VAL G 319 -5.80 -25.14 -24.95
CA VAL G 319 -6.77 -26.10 -24.45
C VAL G 319 -6.05 -27.37 -24.02
N GLU G 320 -6.54 -28.01 -22.95
CA GLU G 320 -5.94 -29.25 -22.46
C GLU G 320 -6.96 -30.27 -21.96
N LEU G 321 -7.74 -30.81 -22.89
CA LEU G 321 -8.74 -31.83 -22.57
C LEU G 321 -8.40 -32.99 -23.49
N THR G 322 -7.73 -33.99 -22.94
CA THR G 322 -7.31 -35.14 -23.74
C THR G 322 -7.73 -36.47 -23.14
N GLY G 323 -8.71 -36.45 -22.24
CA GLY G 323 -9.17 -37.70 -21.65
C GLY G 323 -9.66 -38.71 -22.67
N PRO G 324 -10.52 -38.30 -23.62
CA PRO G 324 -11.04 -39.23 -24.62
C PRO G 324 -9.97 -40.03 -25.35
N LEU G 325 -8.77 -39.47 -25.47
CA LEU G 325 -7.73 -40.22 -26.16
C LEU G 325 -6.71 -40.86 -25.25
N LYS G 326 -7.09 -41.07 -23.99
CA LYS G 326 -6.22 -41.74 -23.01
C LYS G 326 -6.95 -43.00 -22.56
N PHE G 327 -8.25 -43.03 -22.79
CA PHE G 327 -9.09 -44.16 -22.42
C PHE G 327 -9.15 -45.19 -23.53
N THR G 328 -9.43 -46.44 -23.16
CA THR G 328 -9.53 -47.53 -24.13
C THR G 328 -11.01 -47.71 -24.48
N LYS G 329 -11.88 -47.05 -23.70
CA LYS G 329 -13.33 -47.10 -23.91
C LYS G 329 -13.90 -45.74 -23.49
N ASP G 330 -14.77 -45.19 -24.32
CA ASP G 330 -15.38 -43.89 -24.04
C ASP G 330 -16.88 -44.06 -24.20
N ILE G 331 -17.69 -43.35 -23.41
CA ILE G 331 -19.14 -43.48 -23.54
C ILE G 331 -19.63 -42.53 -24.62
N GLY G 332 -18.72 -41.67 -25.09
CA GLY G 332 -19.07 -40.71 -26.12
C GLY G 332 -18.11 -40.84 -27.28
N ASN G 333 -18.35 -40.04 -28.32
CA ASN G 333 -17.51 -40.10 -29.53
C ASN G 333 -16.94 -38.76 -29.97
N LEU G 334 -16.34 -38.01 -29.05
CA LEU G 334 -15.76 -36.72 -29.43
C LEU G 334 -14.59 -37.05 -30.35
N HIS G 335 -14.59 -36.47 -31.54
CA HIS G 335 -13.53 -36.77 -32.50
C HIS G 335 -12.36 -35.80 -32.52
N TYR G 336 -11.16 -36.35 -32.39
CA TYR G 336 -9.93 -35.56 -32.43
C TYR G 336 -9.21 -35.77 -33.75
N ASP G 337 -8.81 -34.68 -34.40
CA ASP G 337 -8.06 -34.74 -35.65
C ASP G 337 -6.60 -34.46 -35.28
N VAL G 338 -6.07 -35.25 -34.35
CA VAL G 338 -4.70 -35.10 -33.87
C VAL G 338 -3.76 -34.68 -35.00
N PRO G 339 -2.91 -33.68 -34.77
CA PRO G 339 -2.76 -32.90 -33.53
C PRO G 339 -3.62 -31.64 -33.40
N PHE G 340 -4.91 -31.75 -33.72
CA PHE G 340 -5.82 -30.60 -33.61
C PHE G 340 -7.19 -31.05 -33.12
N ILE G 341 -8.00 -30.12 -32.64
CA ILE G 341 -9.37 -30.45 -32.25
C ILE G 341 -10.17 -29.41 -32.97
N ARG G 342 -11.27 -29.84 -33.56
CA ARG G 342 -12.16 -28.93 -34.25
C ARG G 342 -13.52 -29.45 -33.78
N LEU G 343 -14.45 -28.56 -33.51
CA LEU G 343 -15.75 -29.01 -33.07
C LEU G 343 -16.69 -29.08 -34.25
N ASN G 344 -17.61 -30.04 -34.23
CA ASN G 344 -18.55 -30.15 -35.32
C ASN G 344 -19.65 -29.11 -35.10
N GLU G 345 -20.69 -29.19 -35.92
CA GLU G 345 -21.80 -28.23 -35.86
C GLU G 345 -23.06 -28.86 -35.27
N LYS G 346 -22.92 -30.03 -34.68
CA LYS G 346 -24.08 -30.73 -34.13
C LYS G 346 -24.66 -30.07 -32.90
N PRO G 347 -25.98 -30.22 -32.68
CA PRO G 347 -26.66 -29.62 -31.53
C PRO G 347 -26.17 -30.13 -30.18
N GLY G 348 -26.30 -29.29 -29.15
CA GLY G 348 -25.87 -29.64 -27.82
C GLY G 348 -24.38 -29.89 -27.80
N LEU G 349 -23.96 -30.94 -27.11
CA LEU G 349 -22.55 -31.28 -27.04
C LEU G 349 -22.04 -31.85 -28.36
N GLY G 350 -22.95 -32.05 -29.32
CA GLY G 350 -22.56 -32.59 -30.62
C GLY G 350 -21.94 -33.98 -30.53
N ILE G 351 -22.37 -34.72 -29.52
CA ILE G 351 -21.86 -36.05 -29.23
C ILE G 351 -22.97 -37.10 -29.24
N GLU G 352 -22.58 -38.37 -29.36
CA GLU G 352 -23.53 -39.48 -29.32
C GLU G 352 -23.07 -40.40 -28.20
N ILE G 353 -24.00 -40.78 -27.33
CA ILE G 353 -23.68 -41.66 -26.21
C ILE G 353 -23.99 -43.11 -26.54
N ASN G 354 -23.00 -43.97 -26.36
CA ASN G 354 -23.19 -45.40 -26.60
C ASN G 354 -23.76 -46.03 -25.34
N GLU G 355 -25.08 -46.18 -25.29
CA GLU G 355 -25.73 -46.78 -24.14
C GLU G 355 -25.06 -48.06 -23.65
N ASP G 356 -24.67 -48.92 -24.58
CA ASP G 356 -24.04 -50.19 -24.21
C ASP G 356 -22.73 -49.96 -23.47
N THR G 357 -21.91 -49.04 -23.97
CA THR G 357 -20.64 -48.75 -23.33
C THR G 357 -20.89 -48.16 -21.93
N LEU G 358 -21.86 -47.26 -21.84
CA LEU G 358 -22.19 -46.62 -20.57
C LEU G 358 -22.55 -47.68 -19.53
N GLN G 359 -23.48 -48.53 -19.91
CA GLN G 359 -23.95 -49.58 -19.03
C GLN G 359 -22.88 -50.57 -18.59
N GLU G 360 -21.95 -50.93 -19.48
CA GLU G 360 -20.93 -51.88 -19.07
C GLU G 360 -19.88 -51.26 -18.15
N LEU G 361 -19.78 -49.93 -18.20
CA LEU G 361 -18.81 -49.23 -17.36
C LEU G 361 -19.41 -48.82 -16.01
N THR G 362 -20.73 -48.84 -15.91
CA THR G 362 -21.44 -48.48 -14.68
C THR G 362 -21.18 -49.48 -13.54
N VAL G 363 -20.76 -48.99 -12.38
CA VAL G 363 -20.51 -49.85 -11.24
C VAL G 363 -21.77 -49.88 -10.37
N PHE G 364 -22.48 -48.75 -10.33
CA PHE G 364 -23.73 -48.64 -9.60
C PHE G 364 -24.49 -47.41 -10.10
N GLN G 365 -25.79 -47.38 -9.89
CA GLN G 365 -26.58 -46.26 -10.39
C GLN G 365 -27.88 -46.07 -9.63
N ASP G 366 -28.60 -45.00 -9.97
CA ASP G 366 -29.87 -44.68 -9.36
C ASP G 366 -30.60 -43.69 -10.25
N ILE G 367 -31.88 -43.48 -9.98
CA ILE G 367 -32.68 -42.56 -10.75
C ILE G 367 -33.45 -41.69 -9.76
N VAL G 368 -33.59 -40.40 -10.05
CA VAL G 368 -34.29 -39.53 -9.14
C VAL G 368 -35.40 -38.82 -9.87
N ARG G 369 -36.61 -38.92 -9.31
CA ARG G 369 -37.78 -38.29 -9.90
C ARG G 369 -38.64 -37.63 -8.82
N MET H 1 -24.72 -18.41 -41.63
CA MET H 1 -25.52 -17.18 -41.90
C MET H 1 -24.59 -16.04 -42.27
N LYS H 2 -25.08 -15.12 -43.10
CA LYS H 2 -24.26 -14.00 -43.53
C LYS H 2 -25.06 -12.70 -43.59
N ILE H 3 -24.42 -11.60 -43.19
CA ILE H 3 -25.06 -10.30 -43.24
C ILE H 3 -24.99 -9.86 -44.69
N THR H 4 -26.15 -9.52 -45.26
CA THR H 4 -26.21 -9.10 -46.66
C THR H 4 -26.32 -7.60 -46.82
N ALA H 5 -26.99 -6.94 -45.88
CA ALA H 5 -27.15 -5.50 -45.94
C ALA H 5 -27.49 -4.92 -44.59
N ILE H 6 -27.19 -3.64 -44.41
CA ILE H 6 -27.49 -2.96 -43.16
C ILE H 6 -28.06 -1.58 -43.48
N HIS H 7 -29.28 -1.34 -43.04
CA HIS H 7 -29.96 -0.07 -43.27
C HIS H 7 -29.72 0.81 -42.05
N LEU H 8 -29.44 2.09 -42.28
CA LEU H 8 -29.22 3.03 -41.19
C LEU H 8 -30.27 4.13 -41.26
N TYR H 9 -30.97 4.32 -40.14
CA TYR H 9 -32.01 5.33 -40.07
C TYR H 9 -31.69 6.33 -38.98
N ALA H 10 -31.47 7.59 -39.36
CA ALA H 10 -31.21 8.63 -38.38
C ALA H 10 -32.58 9.22 -38.06
N ILE H 11 -33.16 8.82 -36.93
CA ILE H 11 -34.49 9.30 -36.55
C ILE H 11 -34.48 10.25 -35.37
N ARG H 12 -35.66 10.75 -35.02
CA ARG H 12 -35.83 11.64 -33.89
C ARG H 12 -37.11 11.25 -33.15
N LEU H 13 -36.95 10.80 -31.92
CA LEU H 13 -38.08 10.39 -31.10
C LEU H 13 -38.61 11.60 -30.33
N PRO H 14 -39.87 11.97 -30.58
CA PRO H 14 -40.51 13.11 -29.91
C PRO H 14 -40.82 12.87 -28.44
N LEU H 15 -40.48 13.85 -27.60
CA LEU H 15 -40.71 13.75 -26.16
C LEU H 15 -41.91 14.55 -25.69
N ARG H 16 -42.73 13.94 -24.82
CA ARG H 16 -43.91 14.60 -24.28
C ARG H 16 -43.53 15.89 -23.54
N ASN H 17 -42.42 15.86 -22.82
CA ASN H 17 -41.93 17.03 -22.08
C ASN H 17 -40.41 17.07 -22.13
N PRO H 18 -39.82 18.28 -21.99
CA PRO H 18 -38.35 18.42 -22.01
C PRO H 18 -37.67 17.65 -20.88
N PHE H 19 -36.70 16.81 -21.23
CA PHE H 19 -35.94 16.02 -20.26
C PHE H 19 -34.77 16.88 -19.75
N VAL H 20 -34.79 17.23 -18.47
CA VAL H 20 -33.74 18.09 -17.91
C VAL H 20 -32.80 17.42 -16.88
N ILE H 21 -31.51 17.52 -17.13
CA ILE H 21 -30.50 16.97 -16.24
C ILE H 21 -29.40 18.00 -15.96
N SER H 22 -28.40 17.60 -15.19
CA SER H 22 -27.30 18.49 -14.81
C SER H 22 -26.57 19.22 -15.96
N TYR H 23 -26.23 18.49 -17.01
CA TYR H 23 -25.48 19.10 -18.12
C TYR H 23 -26.24 19.35 -19.43
N GLY H 24 -27.56 19.56 -19.35
CA GLY H 24 -28.31 19.82 -20.57
C GLY H 24 -29.81 19.55 -20.52
N SER H 25 -30.53 20.15 -21.47
CA SER H 25 -31.98 19.99 -21.58
C SER H 25 -32.31 19.38 -22.95
N TYR H 26 -33.26 18.44 -22.96
CA TYR H 26 -33.64 17.75 -24.21
C TYR H 26 -35.12 17.90 -24.56
N SER H 27 -35.39 18.40 -25.76
CA SER H 27 -36.76 18.59 -26.23
C SER H 27 -37.24 17.34 -26.96
N ASP H 28 -36.28 16.54 -27.45
CA ASP H 28 -36.57 15.28 -28.15
C ASP H 28 -35.31 14.42 -28.09
N MET H 29 -35.30 13.26 -28.74
CA MET H 29 -34.12 12.43 -28.66
C MET H 29 -33.65 11.82 -29.97
N PRO H 30 -32.54 12.32 -30.52
CA PRO H 30 -31.98 11.82 -31.78
C PRO H 30 -31.53 10.37 -31.57
N SER H 31 -31.72 9.52 -32.58
CA SER H 31 -31.33 8.13 -32.46
C SER H 31 -30.97 7.52 -33.80
N ILE H 32 -30.14 6.49 -33.78
CA ILE H 32 -29.77 5.81 -35.00
C ILE H 32 -30.33 4.41 -34.90
N ILE H 33 -31.09 4.01 -35.90
CA ILE H 33 -31.69 2.68 -35.93
C ILE H 33 -31.03 1.86 -37.04
N VAL H 34 -30.80 0.58 -36.78
CA VAL H 34 -30.20 -0.25 -37.80
C VAL H 34 -31.07 -1.46 -38.10
N LYS H 35 -31.21 -1.78 -39.39
CA LYS H 35 -31.96 -2.96 -39.79
C LYS H 35 -30.92 -3.84 -40.47
N MET H 36 -30.70 -5.02 -39.91
CA MET H 36 -29.70 -5.94 -40.43
C MET H 36 -30.35 -7.09 -41.19
N GLU H 37 -29.97 -7.22 -42.48
CA GLU H 37 -30.51 -8.28 -43.33
C GLU H 37 -29.48 -9.40 -43.49
N THR H 38 -29.98 -10.64 -43.51
CA THR H 38 -29.13 -11.80 -43.64
C THR H 38 -29.50 -12.64 -44.87
N ASP H 39 -28.58 -13.46 -45.34
CA ASP H 39 -28.84 -14.30 -46.50
C ASP H 39 -29.97 -15.29 -46.24
N GLU H 40 -30.34 -15.45 -44.96
CA GLU H 40 -31.42 -16.37 -44.61
C GLU H 40 -32.77 -15.67 -44.47
N GLY H 41 -32.85 -14.42 -44.93
CA GLY H 41 -34.10 -13.69 -44.85
C GLY H 41 -34.49 -13.17 -43.47
N ILE H 42 -33.74 -13.57 -42.45
CA ILE H 42 -34.00 -13.13 -41.10
C ILE H 42 -33.48 -11.72 -40.89
N ILE H 43 -34.30 -10.84 -40.31
CA ILE H 43 -33.86 -9.47 -40.08
C ILE H 43 -33.86 -9.08 -38.60
N GLY H 44 -32.88 -8.26 -38.22
CA GLY H 44 -32.77 -7.81 -36.86
C GLY H 44 -32.70 -6.30 -36.73
N TYR H 45 -33.22 -5.77 -35.65
CA TYR H 45 -33.18 -4.34 -35.42
C TYR H 45 -32.27 -4.01 -34.24
N GLY H 46 -31.51 -2.94 -34.41
CA GLY H 46 -30.62 -2.49 -33.36
C GLY H 46 -30.79 -1.00 -33.22
N GLU H 47 -30.25 -0.44 -32.15
CA GLU H 47 -30.38 1.00 -31.93
C GLU H 47 -29.17 1.57 -31.23
N GLY H 48 -28.85 2.80 -31.59
CA GLY H 48 -27.75 3.50 -30.98
C GLY H 48 -28.21 4.93 -30.69
N VAL H 49 -28.26 5.28 -29.41
CA VAL H 49 -28.64 6.63 -29.04
C VAL H 49 -27.43 7.18 -28.31
N ALA H 50 -26.78 8.12 -28.98
CA ALA H 50 -25.58 8.76 -28.48
C ALA H 50 -25.78 9.92 -27.53
N ASP H 51 -24.90 9.99 -26.53
CA ASP H 51 -24.90 11.07 -25.57
C ASP H 51 -23.51 11.70 -25.66
N ASP H 52 -23.44 12.83 -26.37
CA ASP H 52 -22.19 13.55 -26.58
C ASP H 52 -21.41 13.78 -25.30
N HIS H 53 -22.12 14.04 -24.20
CA HIS H 53 -21.49 14.32 -22.93
C HIS H 53 -20.92 13.13 -22.17
N VAL H 54 -21.25 11.92 -22.60
CA VAL H 54 -20.76 10.74 -21.91
C VAL H 54 -19.73 9.92 -22.65
N THR H 55 -20.01 9.56 -23.90
CA THR H 55 -19.10 8.74 -24.68
C THR H 55 -18.45 9.50 -25.83
N GLY H 56 -18.75 10.78 -25.95
CA GLY H 56 -18.17 11.56 -27.02
C GLY H 56 -18.59 11.11 -28.41
N GLU H 57 -19.81 10.59 -28.51
CA GLU H 57 -20.36 10.16 -29.78
C GLU H 57 -21.58 11.05 -29.98
N SER H 58 -21.85 11.42 -31.22
CA SER H 58 -22.99 12.26 -31.52
C SER H 58 -23.90 11.53 -32.47
N TRP H 59 -25.10 12.08 -32.66
CA TRP H 59 -26.10 11.49 -33.55
C TRP H 59 -25.51 11.29 -34.95
N GLU H 60 -25.05 12.38 -35.56
CA GLU H 60 -24.47 12.28 -36.88
C GLU H 60 -23.17 11.47 -36.92
N SER H 61 -22.31 11.66 -35.92
CA SER H 61 -21.03 10.94 -35.90
C SER H 61 -21.25 9.44 -35.83
N THR H 62 -22.24 9.02 -35.06
CA THR H 62 -22.54 7.60 -34.93
C THR H 62 -23.04 7.03 -36.25
N PHE H 63 -23.91 7.79 -36.91
CA PHE H 63 -24.47 7.37 -38.18
C PHE H 63 -23.33 7.10 -39.17
N HIS H 64 -22.39 8.02 -39.24
CA HIS H 64 -21.28 7.88 -40.16
C HIS H 64 -20.23 6.84 -39.81
N THR H 65 -19.89 6.65 -38.52
CA THR H 65 -18.91 5.64 -38.23
C THR H 65 -19.55 4.28 -38.52
N LEU H 66 -20.88 4.22 -38.45
CA LEU H 66 -21.57 2.97 -38.76
C LEU H 66 -21.51 2.77 -40.27
N LYS H 67 -21.84 3.82 -41.01
CA LYS H 67 -21.86 3.78 -42.46
C LYS H 67 -20.53 3.53 -43.16
N HIS H 68 -19.52 4.32 -42.82
CA HIS H 68 -18.22 4.19 -43.47
C HIS H 68 -17.18 3.30 -42.81
N THR H 69 -17.32 3.03 -41.52
CA THR H 69 -16.32 2.25 -40.80
C THR H 69 -16.74 0.85 -40.35
N LEU H 70 -17.80 0.77 -39.56
CA LEU H 70 -18.26 -0.52 -39.05
C LEU H 70 -19.03 -1.42 -40.03
N THR H 71 -20.11 -0.92 -40.62
CA THR H 71 -20.90 -1.76 -41.52
C THR H 71 -20.17 -2.38 -42.73
N PRO H 72 -19.31 -1.60 -43.41
CA PRO H 72 -18.64 -2.22 -44.55
C PRO H 72 -17.81 -3.45 -44.15
N ALA H 73 -17.23 -3.42 -42.96
CA ALA H 73 -16.43 -4.55 -42.48
C ALA H 73 -17.30 -5.72 -41.98
N LEU H 74 -18.59 -5.48 -41.79
CA LEU H 74 -19.49 -6.50 -41.29
C LEU H 74 -20.26 -7.27 -42.36
N ILE H 75 -20.33 -6.72 -43.57
CA ILE H 75 -21.03 -7.40 -44.66
C ILE H 75 -20.37 -8.75 -44.90
N GLY H 76 -21.18 -9.80 -45.01
CA GLY H 76 -20.63 -11.13 -45.23
C GLY H 76 -20.25 -11.83 -43.94
N GLN H 77 -20.27 -11.08 -42.84
CA GLN H 77 -19.92 -11.62 -41.53
C GLN H 77 -21.14 -12.32 -40.90
N ASN H 78 -20.88 -13.31 -40.05
CA ASN H 78 -21.95 -14.07 -39.39
C ASN H 78 -22.43 -13.47 -38.05
N PRO H 79 -23.68 -12.99 -38.00
CA PRO H 79 -24.24 -12.38 -36.79
C PRO H 79 -24.47 -13.34 -35.61
N MET H 80 -24.37 -14.64 -35.88
CA MET H 80 -24.56 -15.65 -34.85
C MET H 80 -23.34 -15.74 -33.93
N ASN H 81 -22.18 -15.36 -34.44
CA ASN H 81 -20.95 -15.40 -33.67
C ASN H 81 -20.69 -14.04 -33.06
N ILE H 82 -21.41 -13.76 -31.97
CA ILE H 82 -21.32 -12.49 -31.29
C ILE H 82 -19.89 -12.12 -30.85
N GLU H 83 -19.15 -13.06 -30.29
CA GLU H 83 -17.78 -12.81 -29.85
C GLU H 83 -16.94 -12.37 -31.06
N LYS H 84 -17.14 -13.05 -32.19
CA LYS H 84 -16.42 -12.75 -33.43
C LYS H 84 -16.81 -11.36 -33.96
N ILE H 85 -18.11 -11.08 -33.97
CA ILE H 85 -18.62 -9.79 -34.44
C ILE H 85 -17.94 -8.65 -33.68
N HIS H 86 -17.88 -8.78 -32.35
CA HIS H 86 -17.23 -7.75 -31.54
C HIS H 86 -15.73 -7.68 -31.78
N ASP H 87 -15.11 -8.83 -32.03
CA ASP H 87 -13.68 -8.84 -32.29
C ASP H 87 -13.41 -8.03 -33.57
N MET H 88 -14.22 -8.26 -34.60
CA MET H 88 -14.08 -7.54 -35.86
C MET H 88 -14.25 -6.04 -35.64
N MET H 89 -15.31 -5.63 -34.96
CA MET H 89 -15.54 -4.21 -34.70
C MET H 89 -14.40 -3.58 -33.89
N ASP H 90 -13.99 -4.22 -32.81
CA ASP H 90 -12.90 -3.67 -31.97
C ASP H 90 -11.61 -3.54 -32.78
N ASN H 91 -11.37 -4.49 -33.66
CA ASN H 91 -10.17 -4.46 -34.49
C ASN H 91 -10.20 -3.33 -35.50
N THR H 92 -11.39 -2.99 -36.02
CA THR H 92 -11.46 -1.93 -37.02
C THR H 92 -11.50 -0.56 -36.36
N ILE H 93 -12.08 -0.48 -35.17
CA ILE H 93 -12.11 0.82 -34.49
C ILE H 93 -12.21 0.68 -32.97
N TYR H 94 -11.49 1.55 -32.27
CA TYR H 94 -11.47 1.56 -30.81
C TYR H 94 -12.63 2.38 -30.26
N GLY H 95 -13.18 1.98 -29.12
CA GLY H 95 -14.27 2.73 -28.51
C GLY H 95 -15.58 2.73 -29.27
N VAL H 96 -16.15 3.92 -29.47
CA VAL H 96 -17.39 4.04 -30.23
C VAL H 96 -18.42 2.98 -29.73
N PRO H 97 -18.64 2.92 -28.41
CA PRO H 97 -19.59 1.94 -27.88
C PRO H 97 -21.03 2.07 -28.37
N THR H 98 -21.51 3.29 -28.56
CA THR H 98 -22.89 3.46 -29.03
C THR H 98 -23.10 2.88 -30.42
N ALA H 99 -22.16 3.13 -31.32
CA ALA H 99 -22.28 2.61 -32.66
C ALA H 99 -22.24 1.10 -32.62
N LYS H 100 -21.32 0.55 -31.83
CA LYS H 100 -21.17 -0.89 -31.73
C LYS H 100 -22.40 -1.54 -31.08
N ALA H 101 -23.04 -0.81 -30.18
CA ALA H 101 -24.22 -1.31 -29.49
C ALA H 101 -25.34 -1.53 -30.50
N ALA H 102 -25.49 -0.58 -31.40
CA ALA H 102 -26.51 -0.64 -32.41
C ALA H 102 -26.40 -1.94 -33.21
N ILE H 103 -25.17 -2.32 -33.53
CA ILE H 103 -24.95 -3.54 -34.29
C ILE H 103 -25.12 -4.78 -33.44
N ASP H 104 -24.62 -4.71 -32.21
CA ASP H 104 -24.70 -5.82 -31.26
C ASP H 104 -26.15 -6.23 -31.05
N ILE H 105 -27.02 -5.25 -30.84
CA ILE H 105 -28.42 -5.50 -30.60
C ILE H 105 -29.12 -6.19 -31.77
N ALA H 106 -28.84 -5.72 -32.99
CA ALA H 106 -29.45 -6.32 -34.17
C ALA H 106 -29.02 -7.78 -34.28
N CYS H 107 -27.74 -8.05 -33.99
CA CYS H 107 -27.25 -9.42 -34.06
C CYS H 107 -27.99 -10.32 -33.08
N PHE H 108 -28.26 -9.85 -31.87
CA PHE H 108 -28.98 -10.67 -30.91
C PHE H 108 -30.43 -10.85 -31.33
N ASP H 109 -31.00 -9.82 -31.93
CA ASP H 109 -32.37 -9.89 -32.41
C ASP H 109 -32.46 -11.03 -33.42
N ILE H 110 -31.54 -11.00 -34.39
CA ILE H 110 -31.47 -12.02 -35.43
C ILE H 110 -31.23 -13.39 -34.79
N MET H 111 -30.33 -13.45 -33.82
CA MET H 111 -30.03 -14.70 -33.14
C MET H 111 -31.27 -15.30 -32.50
N GLY H 112 -32.01 -14.48 -31.77
CA GLY H 112 -33.23 -14.93 -31.11
C GLY H 112 -34.30 -15.36 -32.09
N LYS H 113 -34.51 -14.57 -33.14
CA LYS H 113 -35.50 -14.91 -34.15
C LYS H 113 -35.09 -16.23 -34.80
N LYS H 114 -33.81 -16.36 -35.14
CA LYS H 114 -33.31 -17.57 -35.77
C LYS H 114 -33.56 -18.80 -34.91
N LEU H 115 -33.32 -18.70 -33.60
CA LEU H 115 -33.55 -19.84 -32.71
C LEU H 115 -34.96 -19.82 -32.11
N ASN H 116 -35.79 -18.92 -32.61
CA ASN H 116 -37.16 -18.77 -32.12
C ASN H 116 -37.12 -18.77 -30.60
N GLN H 117 -36.44 -17.78 -30.06
CA GLN H 117 -36.28 -17.70 -28.62
C GLN H 117 -36.00 -16.24 -28.26
N PRO H 118 -36.40 -15.82 -27.05
CA PRO H 118 -36.12 -14.42 -26.67
C PRO H 118 -34.63 -14.23 -26.38
N VAL H 119 -34.13 -13.02 -26.56
CA VAL H 119 -32.72 -12.73 -26.32
C VAL H 119 -32.19 -13.23 -24.98
N TYR H 120 -32.90 -12.96 -23.89
CA TYR H 120 -32.41 -13.38 -22.58
C TYR H 120 -32.08 -14.87 -22.52
N GLN H 121 -32.70 -15.66 -23.39
CA GLN H 121 -32.44 -17.08 -23.39
C GLN H 121 -31.06 -17.37 -23.98
N LEU H 122 -30.51 -16.43 -24.74
CA LEU H 122 -29.19 -16.62 -25.33
C LEU H 122 -28.07 -16.11 -24.42
N ILE H 123 -28.43 -15.45 -23.33
CA ILE H 123 -27.41 -14.94 -22.44
C ILE H 123 -27.55 -15.37 -20.98
N GLY H 124 -28.05 -16.57 -20.74
CA GLY H 124 -28.18 -17.03 -19.37
C GLY H 124 -29.57 -17.51 -18.99
N GLY H 125 -30.56 -17.27 -19.84
CA GLY H 125 -31.92 -17.69 -19.56
C GLY H 125 -32.66 -16.63 -18.74
N ARG H 126 -33.90 -16.91 -18.38
CA ARG H 126 -34.67 -15.95 -17.58
C ARG H 126 -34.39 -16.17 -16.10
N TYR H 127 -34.11 -15.08 -15.40
CA TYR H 127 -33.86 -15.18 -13.98
C TYR H 127 -34.91 -14.41 -13.20
N HIS H 128 -35.23 -13.22 -13.67
CA HIS H 128 -36.23 -12.37 -13.03
C HIS H 128 -37.60 -12.53 -13.68
N GLU H 129 -38.64 -12.29 -12.89
CA GLU H 129 -40.00 -12.37 -13.40
C GLU H 129 -40.43 -10.97 -13.79
N GLU H 130 -40.07 -10.01 -12.96
CA GLU H 130 -40.43 -8.61 -13.19
C GLU H 130 -39.51 -7.70 -12.35
N PHE H 131 -39.51 -6.41 -12.66
CA PHE H 131 -38.74 -5.41 -11.93
C PHE H 131 -39.68 -4.25 -11.68
N PRO H 132 -39.54 -3.57 -10.53
CA PRO H 132 -40.44 -2.44 -10.33
C PRO H 132 -39.87 -1.32 -11.20
N VAL H 133 -40.69 -0.36 -11.60
CA VAL H 133 -40.21 0.75 -12.42
C VAL H 133 -40.13 1.98 -11.53
N THR H 134 -39.04 2.74 -11.61
CA THR H 134 -38.95 3.93 -10.78
C THR H 134 -39.09 5.16 -11.67
N HIS H 135 -39.82 6.16 -11.18
CA HIS H 135 -40.06 7.36 -11.97
C HIS H 135 -39.00 8.43 -11.81
N VAL H 136 -38.35 8.81 -12.92
CA VAL H 136 -37.30 9.83 -12.88
C VAL H 136 -37.89 11.25 -13.01
N LEU H 137 -37.61 12.07 -11.99
CA LEU H 137 -38.08 13.44 -11.97
C LEU H 137 -36.98 14.38 -12.48
N SER H 138 -37.19 15.00 -13.64
CA SER H 138 -36.20 15.91 -14.21
C SER H 138 -35.95 17.13 -13.32
N ILE H 139 -34.77 17.74 -13.46
CA ILE H 139 -34.39 18.90 -12.67
C ILE H 139 -35.45 20.01 -12.75
N ALA H 140 -36.06 20.32 -11.61
CA ALA H 140 -37.07 21.36 -11.54
C ALA H 140 -36.92 22.05 -10.19
N ASP H 141 -37.85 22.95 -9.89
CA ASP H 141 -37.83 23.66 -8.61
C ASP H 141 -38.32 22.76 -7.48
N PRO H 142 -37.83 23.00 -6.25
CA PRO H 142 -38.18 22.24 -5.04
C PRO H 142 -39.65 21.80 -4.92
N GLU H 143 -40.58 22.66 -5.33
CA GLU H 143 -41.98 22.26 -5.23
C GLU H 143 -42.54 21.67 -6.51
N ASN H 144 -41.87 21.97 -7.62
CA ASN H 144 -42.27 21.44 -8.92
C ASN H 144 -41.90 19.96 -9.02
N MET H 145 -40.86 19.57 -8.27
CA MET H 145 -40.44 18.18 -8.24
C MET H 145 -41.23 17.44 -7.17
N ALA H 146 -41.48 18.10 -6.04
CA ALA H 146 -42.25 17.48 -4.94
C ALA H 146 -43.63 17.16 -5.47
N GLU H 147 -44.11 18.00 -6.37
CA GLU H 147 -45.43 17.84 -6.98
C GLU H 147 -45.49 16.71 -8.01
N GLU H 148 -44.56 16.71 -8.98
CA GLU H 148 -44.55 15.68 -10.02
C GLU H 148 -44.50 14.29 -9.41
N ALA H 149 -43.96 14.19 -8.19
CA ALA H 149 -43.86 12.92 -7.49
C ALA H 149 -45.21 12.58 -6.84
N ALA H 150 -45.89 13.62 -6.38
CA ALA H 150 -47.20 13.45 -5.76
C ALA H 150 -48.16 12.78 -6.75
N SER H 151 -48.05 13.19 -8.02
CA SER H 151 -48.90 12.67 -9.09
C SER H 151 -48.63 11.20 -9.36
N MET H 152 -47.40 10.88 -9.76
CA MET H 152 -47.01 9.51 -10.06
C MET H 152 -47.28 8.59 -8.87
N ILE H 153 -47.27 9.14 -7.66
CA ILE H 153 -47.52 8.35 -6.47
C ILE H 153 -48.86 7.62 -6.59
N GLN H 154 -49.89 8.37 -7.01
CA GLN H 154 -51.23 7.81 -7.17
C GLN H 154 -51.41 7.16 -8.53
N LYS H 155 -50.46 6.31 -8.89
CA LYS H 155 -50.50 5.60 -10.16
C LYS H 155 -49.73 4.29 -9.96
N GLY H 156 -49.42 4.00 -8.70
CA GLY H 156 -48.71 2.77 -8.37
C GLY H 156 -47.23 2.90 -8.02
N TYR H 157 -46.55 3.90 -8.60
CA TYR H 157 -45.13 4.11 -8.37
C TYR H 157 -44.69 4.01 -6.91
N GLN H 158 -43.68 3.19 -6.67
CA GLN H 158 -43.16 2.95 -5.33
C GLN H 158 -41.78 3.59 -5.09
N SER H 159 -41.07 3.97 -6.16
CA SER H 159 -39.76 4.59 -6.00
C SER H 159 -39.48 5.63 -7.06
N PHE H 160 -38.73 6.66 -6.66
CA PHE H 160 -38.38 7.74 -7.57
C PHE H 160 -36.89 8.03 -7.61
N LYS H 161 -36.48 8.69 -8.68
CA LYS H 161 -35.10 9.09 -8.88
C LYS H 161 -35.09 10.59 -9.14
N MET H 162 -34.45 11.34 -8.25
CA MET H 162 -34.38 12.78 -8.42
C MET H 162 -33.10 13.19 -9.12
N LYS H 163 -33.24 13.90 -10.23
CA LYS H 163 -32.09 14.40 -10.97
C LYS H 163 -31.75 15.74 -10.31
N VAL H 164 -30.53 15.87 -9.79
CA VAL H 164 -30.12 17.12 -9.17
C VAL H 164 -28.74 17.51 -9.72
N GLY H 165 -28.07 18.43 -9.06
CA GLY H 165 -26.74 18.81 -9.50
C GLY H 165 -26.52 20.20 -10.11
N THR H 166 -27.33 21.18 -9.75
CA THR H 166 -27.14 22.53 -10.29
C THR H 166 -26.43 23.34 -9.21
N ASN H 167 -26.85 23.14 -7.97
CA ASN H 167 -26.26 23.82 -6.84
C ASN H 167 -26.58 23.08 -5.55
N VAL H 168 -25.54 22.57 -4.90
CA VAL H 168 -25.67 21.82 -3.66
C VAL H 168 -26.73 22.35 -2.70
N LYS H 169 -26.67 23.64 -2.39
CA LYS H 169 -27.63 24.25 -1.48
C LYS H 169 -29.05 24.14 -2.02
N GLU H 170 -29.18 24.14 -3.35
CA GLU H 170 -30.49 24.06 -3.99
C GLU H 170 -30.95 22.62 -4.15
N ASP H 171 -30.05 21.77 -4.66
CA ASP H 171 -30.37 20.37 -4.86
C ASP H 171 -30.92 19.78 -3.56
N VAL H 172 -30.27 20.10 -2.43
CA VAL H 172 -30.71 19.60 -1.13
C VAL H 172 -32.11 20.09 -0.87
N LYS H 173 -32.33 21.36 -1.19
CA LYS H 173 -33.61 22.02 -1.01
C LYS H 173 -34.74 21.18 -1.63
N ARG H 174 -34.47 20.64 -2.81
CA ARG H 174 -35.45 19.83 -3.54
C ARG H 174 -35.69 18.45 -2.90
N ILE H 175 -34.64 17.86 -2.33
CA ILE H 175 -34.76 16.52 -1.74
C ILE H 175 -35.77 16.38 -0.58
N GLU H 176 -35.53 17.03 0.55
CA GLU H 176 -36.47 16.89 1.67
C GLU H 176 -37.85 17.36 1.20
N ALA H 177 -37.85 18.22 0.18
CA ALA H 177 -39.09 18.73 -0.38
C ALA H 177 -39.95 17.54 -0.80
N VAL H 178 -39.44 16.69 -1.69
CA VAL H 178 -40.20 15.54 -2.16
C VAL H 178 -40.26 14.43 -1.10
N ARG H 179 -39.21 14.31 -0.28
CA ARG H 179 -39.21 13.28 0.74
C ARG H 179 -40.37 13.54 1.70
N GLU H 180 -40.50 14.79 2.12
CA GLU H 180 -41.56 15.19 3.04
C GLU H 180 -42.91 14.97 2.34
N ARG H 181 -42.97 15.41 1.08
CA ARG H 181 -44.16 15.30 0.24
C ARG H 181 -44.68 13.87 0.01
N VAL H 182 -43.80 12.87 0.02
CA VAL H 182 -44.20 11.48 -0.23
C VAL H 182 -44.13 10.51 0.95
N GLY H 183 -43.91 11.02 2.14
CA GLY H 183 -43.83 10.14 3.29
C GLY H 183 -42.50 9.43 3.40
N ASN H 184 -42.43 8.40 4.24
CA ASN H 184 -41.19 7.66 4.45
C ASN H 184 -41.26 6.18 4.10
N ASP H 185 -42.03 5.86 3.07
CA ASP H 185 -42.16 4.48 2.61
C ASP H 185 -41.86 4.40 1.12
N ILE H 186 -41.82 5.57 0.50
CA ILE H 186 -41.51 5.69 -0.92
C ILE H 186 -39.99 5.75 -1.07
N ALA H 187 -39.43 4.82 -1.83
CA ALA H 187 -37.98 4.79 -2.05
C ALA H 187 -37.53 5.98 -2.90
N ILE H 188 -36.40 6.57 -2.52
CA ILE H 188 -35.86 7.72 -3.23
C ILE H 188 -34.36 7.56 -3.49
N ARG H 189 -33.95 7.72 -4.74
CA ARG H 189 -32.55 7.64 -5.12
C ARG H 189 -32.22 8.96 -5.82
N VAL H 190 -31.02 9.47 -5.63
CA VAL H 190 -30.65 10.72 -6.27
C VAL H 190 -29.46 10.60 -7.21
N ASP H 191 -29.59 11.21 -8.38
CA ASP H 191 -28.55 11.20 -9.39
C ASP H 191 -28.14 12.64 -9.66
N VAL H 192 -26.88 12.96 -9.43
CA VAL H 192 -26.43 14.32 -9.62
C VAL H 192 -25.68 14.56 -10.93
N ASN H 193 -25.58 13.53 -11.75
CA ASN H 193 -24.90 13.65 -13.04
C ASN H 193 -23.63 14.52 -13.00
N GLN H 194 -22.71 14.18 -12.11
CA GLN H 194 -21.43 14.87 -11.97
C GLN H 194 -21.52 16.28 -11.40
N GLY H 195 -22.74 16.74 -11.15
CA GLY H 195 -22.95 18.09 -10.64
C GLY H 195 -22.12 18.61 -9.46
N TRP H 196 -21.75 17.77 -8.51
CA TRP H 196 -20.97 18.29 -7.39
C TRP H 196 -19.46 18.34 -7.66
N LYS H 197 -19.07 17.85 -8.83
CA LYS H 197 -17.67 17.87 -9.28
C LYS H 197 -16.60 17.10 -8.50
N ASN H 198 -16.44 17.43 -7.21
CA ASN H 198 -15.42 16.79 -6.39
C ASN H 198 -15.93 16.24 -5.05
N SER H 199 -15.02 15.62 -4.31
CA SER H 199 -15.38 15.02 -3.03
C SER H 199 -15.68 16.01 -1.92
N ALA H 200 -15.07 17.18 -1.96
CA ALA H 200 -15.33 18.17 -0.93
C ALA H 200 -16.79 18.58 -0.99
N ASN H 201 -17.25 19.06 -2.15
CA ASN H 201 -18.64 19.47 -2.29
C ASN H 201 -19.58 18.32 -1.96
N THR H 202 -19.26 17.14 -2.50
CA THR H 202 -20.08 15.95 -2.29
C THR H 202 -20.26 15.60 -0.82
N LEU H 203 -19.15 15.53 -0.09
CA LEU H 203 -19.20 15.19 1.32
C LEU H 203 -19.97 16.22 2.13
N THR H 204 -19.89 17.48 1.71
CA THR H 204 -20.62 18.53 2.39
C THR H 204 -22.11 18.29 2.15
N ALA H 205 -22.48 18.02 0.90
CA ALA H 205 -23.88 17.78 0.56
C ALA H 205 -24.42 16.58 1.33
N LEU H 206 -23.65 15.50 1.37
CA LEU H 206 -24.07 14.28 2.04
C LEU H 206 -24.38 14.40 3.52
N ARG H 207 -23.69 15.29 4.23
CA ARG H 207 -23.95 15.44 5.65
C ARG H 207 -25.34 16.02 5.87
N SER H 208 -25.86 16.72 4.87
CA SER H 208 -27.18 17.33 4.95
C SER H 208 -28.26 16.39 4.40
N LEU H 209 -27.88 15.15 4.08
CA LEU H 209 -28.83 14.19 3.53
C LEU H 209 -28.88 12.87 4.27
N GLY H 210 -28.26 12.81 5.44
CA GLY H 210 -28.26 11.57 6.20
C GLY H 210 -29.60 11.17 6.79
N HIS H 211 -30.42 12.16 7.13
CA HIS H 211 -31.73 11.91 7.73
C HIS H 211 -32.85 11.62 6.72
N LEU H 212 -32.62 11.93 5.45
CA LEU H 212 -33.65 11.74 4.43
C LEU H 212 -33.80 10.32 3.91
N ASN H 213 -32.95 9.41 4.37
CA ASN H 213 -33.03 8.01 3.96
C ASN H 213 -32.96 7.75 2.43
N ILE H 214 -31.89 8.22 1.79
CA ILE H 214 -31.74 8.03 0.35
C ILE H 214 -31.13 6.65 0.05
N ASP H 215 -31.72 5.94 -0.91
CA ASP H 215 -31.23 4.62 -1.27
C ASP H 215 -29.77 4.66 -1.72
N TRP H 216 -29.43 5.64 -2.54
CA TRP H 216 -28.06 5.80 -3.01
C TRP H 216 -27.83 7.08 -3.80
N ILE H 217 -26.58 7.55 -3.79
CA ILE H 217 -26.20 8.74 -4.53
C ILE H 217 -25.51 8.27 -5.79
N GLU H 218 -25.95 8.82 -6.92
CA GLU H 218 -25.39 8.42 -8.21
C GLU H 218 -24.45 9.47 -8.80
N GLN H 219 -23.29 9.01 -9.25
CA GLN H 219 -22.27 9.84 -9.90
C GLN H 219 -22.22 11.30 -9.43
N PRO H 220 -21.76 11.54 -8.20
CA PRO H 220 -21.71 12.92 -7.71
C PRO H 220 -20.57 13.76 -8.28
N VAL H 221 -19.48 13.11 -8.67
CA VAL H 221 -18.31 13.83 -9.20
C VAL H 221 -18.11 13.64 -10.70
N ILE H 222 -17.13 14.37 -11.27
CA ILE H 222 -16.87 14.24 -12.70
C ILE H 222 -16.50 12.81 -13.03
N ALA H 223 -17.01 12.34 -14.17
CA ALA H 223 -16.79 10.99 -14.64
C ALA H 223 -15.39 10.42 -14.49
N ASP H 224 -14.40 11.14 -15.00
CA ASP H 224 -13.03 10.64 -14.94
C ASP H 224 -12.42 10.45 -13.55
N ASP H 225 -13.01 11.05 -12.52
CA ASP H 225 -12.44 10.92 -11.19
C ASP H 225 -12.93 9.74 -10.35
N ILE H 226 -12.40 8.56 -10.62
CA ILE H 226 -12.77 7.37 -9.87
C ILE H 226 -12.14 7.48 -8.49
N ASP H 227 -10.96 8.10 -8.42
CA ASP H 227 -10.28 8.29 -7.15
C ASP H 227 -11.14 9.07 -6.17
N ALA H 228 -11.77 10.14 -6.65
CA ALA H 228 -12.63 10.94 -5.78
C ALA H 228 -13.76 10.07 -5.25
N MET H 229 -14.29 9.21 -6.12
CA MET H 229 -15.39 8.33 -5.74
C MET H 229 -14.96 7.43 -4.57
N ALA H 230 -13.76 6.85 -4.66
CA ALA H 230 -13.26 5.99 -3.58
C ALA H 230 -13.03 6.79 -2.31
N HIS H 231 -12.57 8.03 -2.45
CA HIS H 231 -12.34 8.84 -1.29
C HIS H 231 -13.67 9.16 -0.61
N ILE H 232 -14.69 9.44 -1.40
CA ILE H 232 -15.99 9.73 -0.85
C ILE H 232 -16.49 8.48 -0.11
N ARG H 233 -16.39 7.34 -0.77
CA ARG H 233 -16.85 6.09 -0.17
C ARG H 233 -16.18 5.77 1.14
N SER H 234 -14.95 6.24 1.31
CA SER H 234 -14.22 5.98 2.55
C SER H 234 -14.73 6.82 3.72
N LYS H 235 -15.47 7.89 3.42
CA LYS H 235 -15.98 8.77 4.49
C LYS H 235 -17.49 8.95 4.57
N THR H 236 -18.26 8.03 3.99
CA THR H 236 -19.71 8.13 4.03
C THR H 236 -20.35 6.75 4.14
N ASP H 237 -21.54 6.67 4.72
CA ASP H 237 -22.22 5.39 4.82
C ASP H 237 -23.39 5.30 3.84
N LEU H 238 -23.50 6.29 2.97
CA LEU H 238 -24.53 6.29 1.94
C LEU H 238 -24.02 5.45 0.78
N PRO H 239 -24.85 4.53 0.27
CA PRO H 239 -24.41 3.71 -0.86
C PRO H 239 -24.08 4.62 -2.05
N LEU H 240 -23.02 4.28 -2.79
CA LEU H 240 -22.63 5.07 -3.93
C LEU H 240 -22.72 4.30 -5.24
N MET H 241 -23.22 4.95 -6.28
CA MET H 241 -23.33 4.32 -7.58
C MET H 241 -22.55 5.12 -8.61
N ILE H 242 -21.81 4.42 -9.46
CA ILE H 242 -21.05 5.08 -10.51
C ILE H 242 -21.78 4.88 -11.83
N ASP H 243 -21.94 5.96 -12.58
CA ASP H 243 -22.60 5.89 -13.88
C ASP H 243 -21.63 6.33 -14.97
N GLU H 244 -21.59 7.63 -15.24
CA GLU H 244 -20.70 8.12 -16.28
C GLU H 244 -19.25 7.70 -16.06
N GLY H 245 -18.90 7.40 -14.82
CA GLY H 245 -17.55 6.98 -14.53
C GLY H 245 -17.26 5.57 -15.03
N LEU H 246 -18.31 4.85 -15.43
CA LEU H 246 -18.17 3.48 -15.92
C LEU H 246 -18.66 3.32 -17.35
N LYS H 247 -17.78 2.86 -18.24
CA LYS H 247 -18.22 2.65 -19.61
C LYS H 247 -17.91 1.22 -20.03
N SER H 248 -16.63 0.87 -20.01
CA SER H 248 -16.20 -0.47 -20.37
C SER H 248 -15.47 -1.15 -19.21
N SER H 249 -15.00 -2.37 -19.44
CA SER H 249 -14.27 -3.12 -18.44
C SER H 249 -13.05 -2.36 -17.95
N ARG H 250 -12.58 -1.41 -18.75
CA ARG H 250 -11.42 -0.61 -18.40
C ARG H 250 -11.65 0.12 -17.08
N GLU H 251 -12.79 0.78 -16.94
CA GLU H 251 -13.02 1.47 -15.69
C GLU H 251 -13.56 0.51 -14.64
N MET H 252 -14.20 -0.57 -15.07
CA MET H 252 -14.71 -1.55 -14.12
C MET H 252 -13.52 -2.06 -13.33
N ARG H 253 -12.42 -2.34 -14.03
CA ARG H 253 -11.22 -2.85 -13.36
C ARG H 253 -10.75 -1.87 -12.29
N GLN H 254 -10.75 -0.60 -12.63
CA GLN H 254 -10.31 0.44 -11.73
C GLN H 254 -11.25 0.57 -10.52
N ILE H 255 -12.55 0.48 -10.79
CA ILE H 255 -13.54 0.59 -9.73
C ILE H 255 -13.37 -0.54 -8.70
N ILE H 256 -13.08 -1.74 -9.18
CA ILE H 256 -12.88 -2.89 -8.31
C ILE H 256 -11.58 -2.74 -7.51
N LYS H 257 -10.52 -2.32 -8.20
CA LYS H 257 -9.21 -2.15 -7.57
C LYS H 257 -9.21 -1.12 -6.45
N LEU H 258 -9.86 0.01 -6.69
CA LEU H 258 -9.91 1.09 -5.72
C LEU H 258 -11.12 1.02 -4.79
N GLU H 259 -12.02 0.07 -5.01
CA GLU H 259 -13.23 -0.05 -4.17
C GLU H 259 -13.95 1.30 -4.20
N ALA H 260 -14.19 1.80 -5.41
CA ALA H 260 -14.83 3.09 -5.57
C ALA H 260 -16.34 3.12 -5.53
N ALA H 261 -17.00 1.97 -5.53
CA ALA H 261 -18.44 2.02 -5.56
C ALA H 261 -19.20 0.82 -4.99
N ASP H 262 -20.44 1.08 -4.57
CA ASP H 262 -21.28 0.03 -4.03
C ASP H 262 -22.07 -0.60 -5.17
N LYS H 263 -22.31 0.19 -6.21
CA LYS H 263 -23.05 -0.27 -7.36
C LYS H 263 -22.71 0.51 -8.61
N VAL H 264 -22.93 -0.12 -9.75
CA VAL H 264 -22.65 0.49 -11.04
C VAL H 264 -23.88 0.51 -11.91
N ASN H 265 -23.94 1.50 -12.78
CA ASN H 265 -25.04 1.66 -13.71
C ASN H 265 -24.52 1.29 -15.10
N ILE H 266 -24.86 0.10 -15.56
CA ILE H 266 -24.43 -0.36 -16.87
C ILE H 266 -25.42 0.12 -17.92
N LYS H 267 -24.90 0.64 -19.03
CA LYS H 267 -25.75 1.09 -20.14
C LYS H 267 -25.16 0.53 -21.41
N LEU H 268 -26.01 -0.12 -22.21
CA LEU H 268 -25.54 -0.74 -23.46
C LEU H 268 -24.82 0.25 -24.33
N MET H 269 -25.28 1.50 -24.31
CA MET H 269 -24.67 2.56 -25.12
C MET H 269 -23.27 2.96 -24.65
N LYS H 270 -22.92 2.62 -23.41
CA LYS H 270 -21.60 2.97 -22.88
C LYS H 270 -20.57 1.88 -23.08
N CYS H 271 -21.03 0.63 -23.20
CA CYS H 271 -20.11 -0.48 -23.33
C CYS H 271 -20.13 -1.22 -24.66
N GLY H 272 -21.08 -0.91 -25.52
CA GLY H 272 -21.11 -1.58 -26.81
C GLY H 272 -22.16 -2.66 -26.99
N GLY H 273 -23.23 -2.61 -26.20
CA GLY H 273 -24.27 -3.60 -26.37
C GLY H 273 -24.45 -4.68 -25.34
N ILE H 274 -25.31 -5.63 -25.69
CA ILE H 274 -25.67 -6.77 -24.86
C ILE H 274 -24.48 -7.60 -24.39
N TYR H 275 -23.66 -8.07 -25.33
CA TYR H 275 -22.53 -8.92 -24.97
C TYR H 275 -21.56 -8.25 -23.98
N PRO H 276 -21.13 -7.01 -24.28
CA PRO H 276 -20.21 -6.33 -23.36
C PRO H 276 -20.87 -6.08 -22.00
N ALA H 277 -22.17 -5.80 -22.01
CA ALA H 277 -22.91 -5.55 -20.77
C ALA H 277 -22.93 -6.81 -19.89
N VAL H 278 -23.10 -7.96 -20.52
CA VAL H 278 -23.09 -9.23 -19.78
C VAL H 278 -21.71 -9.42 -19.14
N LYS H 279 -20.66 -9.07 -19.87
CA LYS H 279 -19.31 -9.23 -19.35
C LYS H 279 -19.11 -8.32 -18.12
N LEU H 280 -19.64 -7.10 -18.17
CA LEU H 280 -19.54 -6.18 -17.05
C LEU H 280 -20.24 -6.74 -15.83
N ALA H 281 -21.42 -7.32 -16.04
CA ALA H 281 -22.20 -7.91 -14.94
C ALA H 281 -21.40 -9.03 -14.27
N HIS H 282 -20.74 -9.85 -15.08
CA HIS H 282 -19.95 -10.94 -14.53
C HIS H 282 -18.75 -10.40 -13.78
N GLN H 283 -18.18 -9.30 -14.26
CA GLN H 283 -17.04 -8.70 -13.60
C GLN H 283 -17.47 -8.09 -12.26
N ALA H 284 -18.55 -7.32 -12.28
CA ALA H 284 -19.03 -6.69 -11.06
C ALA H 284 -19.37 -7.77 -10.01
N GLU H 285 -19.90 -8.89 -10.49
CA GLU H 285 -20.27 -9.97 -9.60
C GLU H 285 -19.09 -10.50 -8.79
N MET H 286 -17.93 -10.58 -9.42
CA MET H 286 -16.74 -11.08 -8.75
C MET H 286 -16.38 -10.24 -7.52
N ALA H 287 -16.70 -8.95 -7.56
CA ALA H 287 -16.36 -8.06 -6.46
C ALA H 287 -17.55 -7.74 -5.57
N GLY H 288 -18.69 -8.38 -5.82
CA GLY H 288 -19.85 -8.12 -5.01
C GLY H 288 -20.41 -6.72 -5.21
N ILE H 289 -20.24 -6.19 -6.42
CA ILE H 289 -20.76 -4.88 -6.75
C ILE H 289 -22.13 -5.06 -7.41
N GLU H 290 -23.18 -4.49 -6.83
CA GLU H 290 -24.51 -4.62 -7.40
C GLU H 290 -24.62 -3.81 -8.70
N CYS H 291 -25.37 -4.35 -9.65
CA CYS H 291 -25.54 -3.67 -10.92
C CYS H 291 -26.95 -3.23 -11.23
N GLN H 292 -27.02 -2.21 -12.07
CA GLN H 292 -28.28 -1.68 -12.54
C GLN H 292 -28.11 -1.52 -14.04
N VAL H 293 -29.18 -1.75 -14.79
CA VAL H 293 -29.11 -1.52 -16.22
C VAL H 293 -29.94 -0.27 -16.43
N GLY H 294 -29.27 0.82 -16.77
CA GLY H 294 -29.96 2.08 -17.02
C GLY H 294 -29.92 2.31 -18.51
N SER H 295 -30.01 3.56 -18.94
CA SER H 295 -29.97 3.83 -20.36
C SER H 295 -30.03 5.32 -20.68
N MET H 296 -29.91 5.61 -21.96
CA MET H 296 -30.04 6.98 -22.43
C MET H 296 -31.54 6.93 -22.77
N VAL H 297 -32.17 8.05 -23.07
CA VAL H 297 -33.59 7.94 -23.38
C VAL H 297 -33.68 7.21 -24.73
N GLU H 298 -34.05 5.92 -24.67
CA GLU H 298 -34.10 5.07 -25.86
C GLU H 298 -35.47 4.53 -26.30
N SER H 299 -35.58 4.17 -27.57
CA SER H 299 -36.82 3.62 -28.10
C SER H 299 -36.97 2.19 -27.59
N SER H 300 -38.06 1.54 -27.98
CA SER H 300 -38.32 0.17 -27.56
C SER H 300 -37.21 -0.78 -27.94
N VAL H 301 -36.52 -0.49 -29.04
CA VAL H 301 -35.46 -1.37 -29.51
C VAL H 301 -34.31 -1.54 -28.52
N ALA H 302 -33.62 -0.45 -28.16
CA ALA H 302 -32.51 -0.56 -27.22
C ALA H 302 -33.04 -0.88 -25.83
N SER H 303 -34.19 -0.30 -25.48
CA SER H 303 -34.79 -0.52 -24.17
C SER H 303 -35.02 -2.00 -23.90
N SER H 304 -35.61 -2.72 -24.86
CA SER H 304 -35.84 -4.16 -24.64
C SER H 304 -34.51 -4.85 -24.53
N ALA H 305 -33.56 -4.46 -25.38
CA ALA H 305 -32.22 -5.03 -25.34
C ALA H 305 -31.69 -4.93 -23.90
N GLY H 306 -31.86 -3.75 -23.29
CA GLY H 306 -31.39 -3.55 -21.94
C GLY H 306 -32.08 -4.46 -20.94
N PHE H 307 -33.39 -4.59 -21.09
CA PHE H 307 -34.20 -5.44 -20.19
C PHE H 307 -33.80 -6.91 -20.29
N HIS H 308 -33.53 -7.37 -21.51
CA HIS H 308 -33.12 -8.75 -21.70
C HIS H 308 -31.85 -9.05 -20.92
N VAL H 309 -30.94 -8.10 -20.87
CA VAL H 309 -29.72 -8.29 -20.10
C VAL H 309 -30.13 -8.33 -18.62
N ALA H 310 -30.90 -7.32 -18.19
CA ALA H 310 -31.34 -7.22 -16.81
C ALA H 310 -32.06 -8.47 -16.32
N PHE H 311 -33.05 -8.94 -17.08
CA PHE H 311 -33.83 -10.10 -16.70
C PHE H 311 -33.07 -11.41 -16.60
N SER H 312 -31.90 -11.47 -17.23
CA SER H 312 -31.10 -12.69 -17.21
C SER H 312 -30.03 -12.76 -16.14
N LYS H 313 -29.86 -11.69 -15.37
CA LYS H 313 -28.82 -11.67 -14.35
C LYS H 313 -29.21 -11.37 -12.90
N LYS H 314 -28.90 -12.32 -12.01
CA LYS H 314 -29.18 -12.13 -10.58
C LYS H 314 -28.47 -10.91 -9.99
N ILE H 315 -27.28 -10.60 -10.49
CA ILE H 315 -26.52 -9.46 -9.98
C ILE H 315 -27.14 -8.12 -10.38
N ILE H 316 -28.05 -8.14 -11.35
CA ILE H 316 -28.71 -6.89 -11.76
C ILE H 316 -30.00 -6.79 -10.95
N THR H 317 -30.02 -5.88 -9.99
CA THR H 317 -31.14 -5.73 -9.08
C THR H 317 -32.09 -4.57 -9.27
N SER H 318 -31.80 -3.68 -10.21
CA SER H 318 -32.69 -2.57 -10.45
C SER H 318 -32.55 -2.25 -11.92
N VAL H 319 -33.55 -1.56 -12.46
CA VAL H 319 -33.56 -1.27 -13.87
C VAL H 319 -34.04 0.16 -14.09
N GLU H 320 -33.50 0.84 -15.10
CA GLU H 320 -33.89 2.21 -15.40
C GLU H 320 -33.92 2.51 -16.91
N LEU H 321 -34.87 1.89 -17.60
CA LEU H 321 -35.05 2.12 -19.02
C LEU H 321 -36.50 2.53 -19.18
N THR H 322 -36.74 3.82 -19.30
CA THR H 322 -38.11 4.32 -19.41
C THR H 322 -38.34 5.22 -20.62
N GLY H 323 -37.45 5.13 -21.62
CA GLY H 323 -37.61 5.94 -22.80
C GLY H 323 -38.95 5.72 -23.51
N PRO H 324 -39.34 4.45 -23.76
CA PRO H 324 -40.61 4.18 -24.44
C PRO H 324 -41.82 4.89 -23.83
N LEU H 325 -41.77 5.18 -22.54
CA LEU H 325 -42.91 5.85 -21.94
C LEU H 325 -42.71 7.34 -21.68
N LYS H 326 -41.75 7.92 -22.40
CA LYS H 326 -41.48 9.36 -22.31
C LYS H 326 -41.73 9.97 -23.68
N PHE H 327 -41.73 9.10 -24.70
CA PHE H 327 -41.96 9.52 -26.08
C PHE H 327 -43.46 9.50 -26.42
N THR H 328 -43.84 10.31 -27.40
CA THR H 328 -45.21 10.37 -27.86
C THR H 328 -45.38 9.44 -29.06
N LYS H 329 -44.24 8.99 -29.60
CA LYS H 329 -44.21 8.06 -30.73
C LYS H 329 -43.01 7.13 -30.55
N ASP H 330 -43.22 5.84 -30.76
CA ASP H 330 -42.16 4.85 -30.60
C ASP H 330 -42.17 4.00 -31.86
N ILE H 331 -41.00 3.57 -32.33
CA ILE H 331 -40.96 2.73 -33.52
C ILE H 331 -41.22 1.26 -33.14
N GLY H 332 -41.23 1.01 -31.82
CA GLY H 332 -41.45 -0.33 -31.33
C GLY H 332 -42.60 -0.34 -30.34
N ASN H 333 -42.96 -1.53 -29.86
CA ASN H 333 -44.07 -1.68 -28.94
C ASN H 333 -43.75 -2.43 -27.64
N LEU H 334 -42.66 -2.04 -26.97
CA LEU H 334 -42.32 -2.68 -25.71
C LEU H 334 -43.44 -2.31 -24.72
N HIS H 335 -44.05 -3.32 -24.13
CA HIS H 335 -45.13 -3.05 -23.21
C HIS H 335 -44.77 -2.97 -21.72
N TYR H 336 -45.19 -1.87 -21.10
CA TYR H 336 -44.94 -1.68 -19.68
C TYR H 336 -46.23 -1.85 -18.89
N ASP H 337 -46.18 -2.64 -17.82
CA ASP H 337 -47.32 -2.85 -16.94
C ASP H 337 -47.09 -1.98 -15.71
N VAL H 338 -46.89 -0.69 -15.94
CA VAL H 338 -46.63 0.26 -14.87
C VAL H 338 -47.44 -0.05 -13.62
N PRO H 339 -46.79 -0.04 -12.43
CA PRO H 339 -45.38 0.24 -12.19
C PRO H 339 -44.41 -0.96 -12.24
N PHE H 340 -44.53 -1.81 -13.25
CA PHE H 340 -43.64 -2.96 -13.38
C PHE H 340 -43.31 -3.23 -14.84
N ILE H 341 -42.25 -3.98 -15.09
CA ILE H 341 -41.93 -4.37 -16.47
C ILE H 341 -41.80 -5.86 -16.38
N ARG H 342 -42.34 -6.55 -17.37
CA ARG H 342 -42.24 -7.99 -17.43
C ARG H 342 -41.97 -8.20 -18.89
N LEU H 343 -41.08 -9.11 -19.22
CA LEU H 343 -40.79 -9.35 -20.63
C LEU H 343 -41.64 -10.50 -21.12
N ASN H 344 -42.04 -10.43 -22.39
CA ASN H 344 -42.83 -11.51 -22.96
C ASN H 344 -41.89 -12.66 -23.32
N GLU H 345 -42.43 -13.66 -24.01
CA GLU H 345 -41.69 -14.84 -24.40
C GLU H 345 -41.39 -14.86 -25.89
N LYS H 346 -41.62 -13.75 -26.56
CA LYS H 346 -41.39 -13.69 -28.00
C LYS H 346 -39.92 -13.76 -28.40
N PRO H 347 -39.63 -14.30 -29.60
CA PRO H 347 -38.26 -14.44 -30.09
C PRO H 347 -37.54 -13.11 -30.30
N GLY H 348 -36.21 -13.14 -30.18
CA GLY H 348 -35.41 -11.94 -30.35
C GLY H 348 -35.77 -10.92 -29.28
N LEU H 349 -35.90 -9.67 -29.70
CA LEU H 349 -36.24 -8.60 -28.77
C LEU H 349 -37.71 -8.68 -28.34
N GLY H 350 -38.46 -9.60 -28.97
CA GLY H 350 -39.87 -9.78 -28.65
C GLY H 350 -40.69 -8.53 -28.92
N ILE H 351 -40.24 -7.76 -29.91
CA ILE H 351 -40.86 -6.51 -30.28
C ILE H 351 -41.30 -6.51 -31.75
N GLU H 352 -42.17 -5.58 -32.09
CA GLU H 352 -42.63 -5.41 -33.47
C GLU H 352 -42.34 -3.98 -33.88
N ILE H 353 -41.71 -3.81 -35.03
CA ILE H 353 -41.36 -2.48 -35.52
C ILE H 353 -42.41 -1.95 -36.48
N ASN H 354 -42.92 -0.75 -36.21
CA ASN H 354 -43.92 -0.14 -37.08
C ASN H 354 -43.18 0.61 -38.17
N GLU H 355 -43.04 -0.02 -39.33
CA GLU H 355 -42.35 0.59 -40.47
C GLU H 355 -42.79 2.03 -40.76
N ASP H 356 -44.10 2.27 -40.68
CA ASP H 356 -44.62 3.61 -40.95
C ASP H 356 -44.10 4.63 -39.95
N THR H 357 -44.08 4.28 -38.67
CA THR H 357 -43.60 5.18 -37.65
C THR H 357 -42.10 5.43 -37.85
N LEU H 358 -41.36 4.37 -38.16
CA LEU H 358 -39.92 4.49 -38.38
C LEU H 358 -39.65 5.49 -39.49
N GLN H 359 -40.31 5.28 -40.63
CA GLN H 359 -40.14 6.13 -41.78
C GLN H 359 -40.51 7.59 -41.57
N GLU H 360 -41.56 7.85 -40.80
CA GLU H 360 -41.94 9.25 -40.59
C GLU H 360 -41.01 9.96 -39.62
N LEU H 361 -40.29 9.18 -38.81
CA LEU H 361 -39.36 9.76 -37.85
C LEU H 361 -37.95 9.91 -38.44
N THR H 362 -37.69 9.22 -39.54
CA THR H 362 -36.38 9.27 -40.20
C THR H 362 -36.07 10.64 -40.83
N VAL H 363 -34.93 11.22 -40.48
CA VAL H 363 -34.53 12.50 -41.03
C VAL H 363 -33.66 12.27 -42.27
N PHE H 364 -32.89 11.19 -42.23
CA PHE H 364 -32.03 10.81 -43.35
C PHE H 364 -31.62 9.35 -43.17
N GLN H 365 -31.24 8.69 -44.26
CA GLN H 365 -30.87 7.29 -44.16
C GLN H 365 -29.96 6.84 -45.28
N ASP H 366 -29.51 5.59 -45.18
CA ASP H 366 -28.64 4.99 -46.18
C ASP H 366 -28.69 3.49 -46.01
N ILE H 367 -28.14 2.77 -46.98
CA ILE H 367 -28.10 1.32 -46.94
C ILE H 367 -26.70 0.90 -47.32
N VAL H 368 -26.17 -0.12 -46.65
CA VAL H 368 -24.83 -0.57 -46.97
C VAL H 368 -24.82 -2.04 -47.30
N ARG H 369 -24.27 -2.37 -48.46
CA ARG H 369 -24.19 -3.75 -48.91
C ARG H 369 -22.81 -4.07 -49.51
#